data_7OK0
#
_entry.id   7OK0
#
_cell.length_a   1.00
_cell.length_b   1.00
_cell.length_c   1.00
_cell.angle_alpha   90.00
_cell.angle_beta   90.00
_cell.angle_gamma   90.00
#
_symmetry.space_group_name_H-M   'P 1'
#
loop_
_entity.id
_entity.type
_entity.pdbx_description
1 polymer "DNA-directed RNA polymerase subunit A'"
2 polymer 'DNA-directed RNA polymerase subunit B'
3 polymer "DNA-directed RNA polymerase subunit A''"
4 polymer 'DNA-directed RNA polymerase subunit D'
5 polymer 'DNA-directed RNA polymerase subunit E'
6 polymer 'DNA-directed RNA polymerase, subunit F'
7 polymer 'DNA-directed RNA polymerase, subunit G'
8 polymer 'DNA-directed RNA polymerase subunit H'
9 polymer 'DNA-directed RNA polymerase subunit K'
10 polymer 'DNA-directed RNA polymerase subunit L'
11 polymer 'DNA-directed RNA polymerase subunit N'
12 polymer 'DNA-directed RNA polymerase subunit P'
13 polymer 'Conserved protein'
14 non-polymer 'MAGNESIUM ION'
15 non-polymer 'ZINC ION'
16 non-polymer 'FE3-S4 CLUSTER'
#
loop_
_entity_poly.entity_id
_entity_poly.type
_entity_poly.pdbx_seq_one_letter_code
_entity_poly.pdbx_strand_id
1 'polypeptide(L)'
;MSEKIIRGVKFGVLSPNEIRQMSVTAIITSEVYDEDGTPIEGGVMDPKLGVIEPGQKCPVCGNTLAGCPGHFGHIELIKP
VIHIGYVKHIYDFLRSTCWRCGRIKIKEQDLERYKRIYNAIKLRWPSAARRLVEYIKKISIKNLECPHCGEKQFKIKLEK
PYNFNEERNGSIVKLSPSEIRDRLERIPDSDVELLGYDPKSSRPEWMILTVLPVPPITIRPSITIESGIRAEDDLTHKLV
DIIRLNERLKESIEAGAPQLIIEDLWDLLQYHVATYFDNEIPGLPPAKHRSGRPLRTLAQRLKGKEGRFRGNLSGKRVDF
SARTVISPDPNLSIDEVGIPYTIARMLTVPERVTNINIERIRQYIINGPDKWPGANYVIKPDGRRIDLRYVKDRKELASS
ITAGYVVERHLVDGDVVLFNRQPSLHRISMMAHKVRVLPGRTFRLNLLDCPPYNADFDGDEMNLHVPQSEEAIAEARELM
LVHKNIITPRYGGPIIGGGQDYISGAYLLSVKTTLLTVEEVATILGVTDFVGELGEPAILAPKPYYTGKQVISLFLPKDF
NFHGPANISKGPRACKDEICPHDSFIVIKNGLLLEGVFDKKAIGNQQPESMLHWSIREYGTEYGKWLMDNVFKMFIRFLE
MRGFTMTLEDITIPDEAQNEITTKIKEGYSQVDEYIRKFNEGQLEPIPGRTIEESLESYILDTLDKLRKVAGEIATKYLD
PFNNVYIMAITGARGSELNITQMTALLGQQSVRGERIRRGYRERTLSLFKYGDIAPEARGFVKNSFMRGLSPYEMFFHAA
GGREGLVDTAVKTSQSGYMQRRLINALSDLRIEYDGTVRSLYGDIVQVVYGDDAVHPMYSAHSKSVNVNRVIERVIGWKR
;
A
2 'polypeptide(L)'
;MLDTESRWAIAESFFKTRGLVRQHLDSFNDFLRNKLQQVIYEQGEIVTEVPGLKIKLGKIRYEKPSIRETDKGPMREITP
MEARLRNLTYSSPIFLSMIPVENNIEGEPIEIYIGDLPIMLKSVADPTSNLPIDKLIEIGEDPKDPGGYFIVNGSEKVII
AQEDLATNRVLVDYGKSGSNITHVAKVTSSAAGYRVQVMIERLKDSTIQISFATVPGRIPFAIIMRALGFVTDRDIVYAV
SLDPQIQNELLPSLEQASSITSAEEALDFIGNRVAIGQKRENRIQKAEQVIDKYFLPHLGTSPEDRKKKGYYLASAVNKI
LELYLGRREPDDKDHYANKRVRLAGDLFTSLFRVAFKAFVKDLVYQLEKSKVRGRRLSLTALVRADIITERIRHALATGN
WVGGRTGVSQLLDRTNWLSMLSHLRRVVSSLARGQPNFEARDLHGTQWGRMCPFETPEGPNSGLVKNLALLAQVSVGINE
SVVERVAYELGVVSVEDVIRRISEQNEDVEKYMSWSKVYLNGRLLGYYEDGKELAKKIRESRRQGKLSDEVNVAYIATDY
LNEVHINCDAGRVRRPLIIVNNGTPLVDTEDIKKLKNGEITFDDLVKQGKIEFIDAEEEENAYVALNPQDLTPDHTHLEI
WPSAILGIIASIIPYPEHNQSPRNTYQSAMAKQSLGLYASNYQIRTDTRAHLLHYPQMPLVQTRMLGVIGYNDRPAGANA
ILAIMSYTGYNMEDSIIMNKSSIERGMYRSTFFRLYSTEEVKYPGGQEDKIITPEAGVKGYKGKDYYRLLEDNGVVSPEV
EVKGGDVLIGKVSPPRFLQEFKELSPEQAKRDTSIVTRHGENGIVDLVLITETLEGNKLVKVRVRDLRIPEIGDKFATRH
GQKGVVGILIDQVDMPYTAKGIVPDIILNPHALPSRMTIGQIMEAIGGKYAALSGKPVDATPFLETPKLQEMQKEILKLG
HLPDSTEVVYDGRTGQKLKSRILFGIVYYQKLHHMVADKMHARARGPVQILTRQPTEGRAREGGLRFGEMERDCLIGFGT
AMLIKDRLLDNSDKAVVYICDQCGYVGWYDRSKNRYVCPVHGDKSVLHPVTVSYAFKLLIQELMSMVISPRLILGEKVNL
GGASNE
;
B
3 'polypeptide(L)'
;MIDEKLKGYIDKRLNEIKDKIPDKLHEDLRAAIMDINGVELTEEDIDRIIDLTIREYQQSLIEPGEAIGVVTAQSVGEPG
TQMTLRTFHFAGIRELNVTLGLPRLIEIVDARKVPSTPMMTIYLTDEYKTDKDKALDIARRIEYTRVENVVSSVSVDISN
MSITLQFDQEMLKDKGVSIEEIKKIITKLKLGEIRIEDNDEYSFTIYFEKIDSIMALFKMREKILNTKIKGVKGIKRAIV
QKKGDEYVIITDGSNLEGIMNVTGVDINKIQTNNIHEVEEVLGIEAARELISREIKKVLEEQGLDVDMRHIVLVSDIMTR
TGDIRQIGRHGVTGEKSSVLARAAFEVTVKHLLDAAARGEREEFKGVIENIIIGQPIRLGTGIVELTMKPNMR
;
C
4 'polypeptide(L)'
;MPISLIERNGLRLRLVLENYPLEFVNSIRRASILYVPVMAVDEVYFIENNSPLYDEILAHRLALVPFVSDEALEHYRPPE
ECAECKENCDGCYNRVYLDVEAKDQPLMIYSRDLKSEDQMITPVSGAIPIVLLGSKQKISLEARLRLGYGKEHIKYSPVS
VSIVRYYPKVTVLGNCEKAVEVCPEGVFAMENNKLVVKNELSCILCEECLKYCAGSVSIESVENKFILEIESVGSLKPER
ILIEASKSLLRKLSELKSKLEAGK
;
D
5 'polypeptide(L)'
;MFKLVRAKGIVRIPPEYFGQSVDEIAIKILRQEYQEKLIKDIGVVLGIVNAKASEEGFIIFGDGATYHEVEFDMLVYTPI
IHEVIEGEVSQVDNYGVYVNMGPVDGLVHISQITDDNLKFDSNRGILIGEKSKKSIQKGDRVRAMIISASMSSGRLPRIA
LTMKQPYLGKIEWINQEIAKASK
;
E
6 'polypeptide(L)'
;MSYSLKTIEEHFVPYSIAKKYIKELIDTGSSSNLIQKTFDYLNSISRCDEDSASKIMKELEEIVKREDVRAVLASICPTT
VEEVRSVLVIDPSTIYSTEQIQKIIEIIKKYVES
;
F
7 'polypeptide(L)'
;MKEMMQGTCKISSIEKGALKNLYVVKMDCDNDLKIEFDITKELSIFSKDEEVTFIISREKPEYSEKDFCAHGYLFLERQQ
EDGSFIDEISLYGLIVKILSKNGLINSKLFKMMDHVYYCVKKKAHHHHHH
;
G
8 'polypeptide(L)'
;MRSSSKKKIDISNHELVPKHEILQLEEAYKLVKELGIKPEQLPWIRASDPVAKSIGAKPGDIIKITRKSPFTGESVTYRY
VITG
;
H
9 'polypeptide(L)'
;MTIDKINEIFKENWKNKLTKYEIARIISARALQLSMGALPLIDTSNLKSDDVISIAEEELKRGVLPITIRRIYPNGQVEL
ISVRKIENR
;
K
10 'polypeptide(L)'
;MEIKVIKEEQNYLELQIDGEEHTIGNLLKGMLLKVPGVKFAAYSLPHPLITSITIKILTDGSISAREALIKAIELAENYA
NLFIDEVKKI
;
L
11 'polypeptide(L)' MIIPIRCFTCGAVVADKWEPFSNRVMGGEDPEKVLTELGVNRYCCRRMLLSHVNIIREIIHYTRPI N
12 'polypeptide(L)' MAKYRCGKCWKELDDDQLKTLPGVRCPYCGYRIIYMVRKPTVKIVKAI P
13 'polypeptide(L)'
;MSEDDSKKEPEPEETEAEIKHEEISREEDDEGGEFSTVTISDIEMLLKDTEIWDKLLRNELSIEEAKKMFDDVARSYSKA
DKKKRRVEKKPKKGKVTKKSDEEEE
;
Q
#
loop_
_chem_comp.id
_chem_comp.type
_chem_comp.name
_chem_comp.formula
F3S non-polymer 'FE3-S4 CLUSTER' 'Fe3 S4'
MG non-polymer 'MAGNESIUM ION' 'Mg 2'
ZN non-polymer 'ZINC ION' 'Zn 2'
#
# COMPACT_ATOMS: atom_id res chain seq x y z
N MET A 1 7.06 54.61 -3.91
CA MET A 1 6.41 53.34 -3.60
C MET A 1 7.43 52.21 -3.66
N SER A 2 7.27 51.21 -2.80
CA SER A 2 8.20 50.11 -2.69
C SER A 2 7.45 48.78 -2.69
N GLU A 3 8.15 47.73 -3.12
CA GLU A 3 7.58 46.38 -3.04
C GLU A 3 7.71 45.84 -1.62
N LYS A 4 6.63 45.28 -1.09
CA LYS A 4 6.52 44.92 0.31
C LYS A 4 6.27 43.41 0.45
N ILE A 5 6.10 42.99 1.70
CA ILE A 5 5.75 41.61 2.04
C ILE A 5 4.61 41.64 3.05
N ILE A 6 3.91 40.51 3.15
CA ILE A 6 2.84 40.37 4.14
C ILE A 6 3.47 40.07 5.49
N ARG A 7 3.17 40.91 6.48
CA ARG A 7 3.75 40.78 7.81
C ARG A 7 2.77 40.25 8.85
N GLY A 8 1.48 40.44 8.65
CA GLY A 8 0.49 39.94 9.57
C GLY A 8 -0.90 40.13 9.02
N VAL A 9 -1.87 39.48 9.67
CA VAL A 9 -3.27 39.57 9.30
C VAL A 9 -4.06 39.95 10.53
N LYS A 10 -4.89 40.98 10.42
CA LYS A 10 -5.77 41.42 11.49
C LYS A 10 -7.20 41.07 11.12
N PHE A 11 -7.82 40.22 11.93
CA PHE A 11 -9.17 39.76 11.66
C PHE A 11 -10.20 40.70 12.29
N GLY A 12 -11.47 40.34 12.17
CA GLY A 12 -12.53 41.16 12.71
C GLY A 12 -13.84 40.86 12.01
N VAL A 13 -14.85 41.67 12.36
CA VAL A 13 -16.18 41.56 11.79
C VAL A 13 -16.40 42.74 10.87
N LEU A 14 -16.86 42.45 9.65
CA LEU A 14 -16.94 43.47 8.61
C LEU A 14 -18.15 44.36 8.84
N SER A 15 -17.94 45.67 8.93
CA SER A 15 -19.00 46.59 9.31
C SER A 15 -20.00 46.76 8.18
N PRO A 16 -21.29 46.91 8.50
CA PRO A 16 -22.29 47.17 7.44
C PRO A 16 -22.01 48.43 6.65
N ASN A 17 -21.55 49.49 7.31
CA ASN A 17 -21.15 50.69 6.58
C ASN A 17 -19.94 50.41 5.69
N GLU A 18 -19.01 49.60 6.18
CA GLU A 18 -17.85 49.24 5.37
C GLU A 18 -18.25 48.38 4.18
N ILE A 19 -19.21 47.47 4.37
CA ILE A 19 -19.76 46.71 3.25
C ILE A 19 -20.39 47.65 2.23
N ARG A 20 -21.16 48.63 2.71
CA ARG A 20 -21.82 49.56 1.81
C ARG A 20 -20.79 50.36 1.00
N GLN A 21 -19.72 50.81 1.66
CA GLN A 21 -18.77 51.69 0.99
C GLN A 21 -17.75 50.93 0.13
N MET A 22 -17.51 49.64 0.40
CA MET A 22 -16.61 48.89 -0.47
C MET A 22 -17.29 48.38 -1.72
N SER A 23 -18.62 48.35 -1.73
CA SER A 23 -19.35 47.81 -2.86
C SER A 23 -19.36 48.81 -4.03
N VAL A 24 -19.54 48.27 -5.24
CA VAL A 24 -19.60 49.08 -6.43
C VAL A 24 -21.03 49.24 -6.95
N THR A 25 -21.86 48.20 -6.85
CA THR A 25 -23.25 48.26 -7.27
C THR A 25 -24.15 47.67 -6.19
N ALA A 26 -25.43 48.02 -6.26
CA ALA A 26 -26.45 47.48 -5.36
C ALA A 26 -27.34 46.53 -6.16
N ILE A 27 -27.51 45.33 -5.64
CA ILE A 27 -28.27 44.30 -6.35
C ILE A 27 -29.75 44.50 -6.05
N ILE A 28 -30.53 44.83 -7.08
CA ILE A 28 -31.92 45.23 -6.91
C ILE A 28 -32.87 44.23 -7.58
N THR A 29 -32.52 43.71 -8.75
CA THR A 29 -33.42 42.84 -9.48
C THR A 29 -33.21 41.38 -9.07
N SER A 30 -34.12 40.52 -9.53
CA SER A 30 -34.14 39.13 -9.12
C SER A 30 -33.98 38.13 -10.26
N GLU A 31 -33.83 38.58 -11.50
CA GLU A 31 -33.60 37.68 -12.62
C GLU A 31 -32.12 37.68 -12.98
N VAL A 32 -31.56 36.48 -13.16
CA VAL A 32 -30.13 36.36 -13.42
C VAL A 32 -29.77 36.87 -14.81
N TYR A 33 -30.62 36.62 -15.81
CA TYR A 33 -30.40 37.14 -17.14
C TYR A 33 -31.71 37.22 -17.89
N ASP A 34 -31.71 38.00 -18.98
CA ASP A 34 -32.85 38.12 -19.88
C ASP A 34 -32.37 37.86 -21.29
N GLU A 35 -33.07 36.97 -22.00
CA GLU A 35 -32.72 36.55 -23.37
C GLU A 35 -31.22 36.35 -23.52
N ASP A 36 -30.63 35.63 -22.57
CA ASP A 36 -29.18 35.37 -22.49
C ASP A 36 -28.38 36.65 -22.31
N GLY A 37 -29.01 37.71 -21.82
CA GLY A 37 -28.32 38.95 -21.53
C GLY A 37 -27.78 39.01 -20.12
N THR A 38 -26.70 38.27 -19.87
CA THR A 38 -26.05 38.32 -18.55
C THR A 38 -25.62 39.73 -18.12
N PRO A 39 -25.25 40.67 -19.02
CA PRO A 39 -24.90 42.02 -18.54
C PRO A 39 -26.09 42.83 -18.04
N ILE A 40 -27.25 42.17 -17.83
CA ILE A 40 -28.42 42.85 -17.29
C ILE A 40 -28.04 43.58 -16.01
N GLU A 41 -28.45 44.86 -15.92
CA GLU A 41 -28.07 45.68 -14.79
C GLU A 41 -28.80 45.23 -13.53
N GLY A 42 -28.08 45.25 -12.41
CA GLY A 42 -28.65 44.94 -11.11
C GLY A 42 -28.75 43.47 -10.79
N GLY A 43 -28.33 42.58 -11.68
CA GLY A 43 -28.38 41.16 -11.42
C GLY A 43 -27.11 40.66 -10.75
N VAL A 44 -27.14 39.36 -10.41
CA VAL A 44 -25.95 38.75 -9.81
C VAL A 44 -24.82 38.65 -10.82
N MET A 45 -25.14 38.55 -12.11
CA MET A 45 -24.14 38.50 -13.17
C MET A 45 -23.86 39.86 -13.77
N ASP A 46 -23.99 40.93 -13.00
CA ASP A 46 -23.68 42.26 -13.49
C ASP A 46 -22.20 42.34 -13.86
N PRO A 47 -21.85 42.88 -15.03
CA PRO A 47 -20.43 42.91 -15.43
C PRO A 47 -19.56 43.76 -14.53
N LYS A 48 -20.15 44.67 -13.74
CA LYS A 48 -19.36 45.50 -12.85
C LYS A 48 -18.66 44.71 -11.77
N LEU A 49 -19.16 43.52 -11.43
CA LEU A 49 -18.52 42.72 -10.38
C LEU A 49 -17.24 42.05 -10.87
N GLY A 50 -17.18 41.63 -12.12
CA GLY A 50 -15.99 40.99 -12.65
C GLY A 50 -16.24 40.41 -14.01
N VAL A 51 -15.14 39.93 -14.62
CA VAL A 51 -15.17 39.34 -15.95
C VAL A 51 -14.44 38.02 -15.91
N ILE A 52 -15.01 37.01 -16.57
CA ILE A 52 -14.37 35.69 -16.63
C ILE A 52 -14.19 35.17 -18.05
N GLU A 53 -14.93 35.67 -19.06
CA GLU A 53 -14.60 35.12 -20.36
C GLU A 53 -13.36 35.81 -20.94
N PRO A 54 -12.55 35.07 -21.72
CA PRO A 54 -11.25 35.59 -22.17
C PRO A 54 -11.27 37.00 -22.74
N GLY A 55 -12.08 37.25 -23.75
CA GLY A 55 -12.09 38.55 -24.38
C GLY A 55 -13.14 39.49 -23.85
N GLN A 56 -12.76 40.36 -22.92
CA GLN A 56 -13.68 41.33 -22.33
C GLN A 56 -12.88 42.26 -21.43
N LYS A 57 -13.38 43.48 -21.27
CA LYS A 57 -12.81 44.48 -20.38
C LYS A 57 -13.80 44.76 -19.25
N CYS A 58 -13.30 44.80 -18.02
CA CYS A 58 -14.17 45.06 -16.88
C CYS A 58 -14.65 46.51 -16.91
N PRO A 59 -15.94 46.75 -16.70
CA PRO A 59 -16.42 48.15 -16.67
C PRO A 59 -15.77 48.99 -15.58
N VAL A 60 -15.52 48.39 -14.41
CA VAL A 60 -14.96 49.15 -13.29
C VAL A 60 -13.51 49.51 -13.57
N CYS A 61 -12.73 48.54 -14.05
CA CYS A 61 -11.31 48.73 -14.33
C CYS A 61 -10.99 48.25 -15.72
N GLY A 62 -10.21 49.04 -16.45
CA GLY A 62 -9.85 48.67 -17.81
C GLY A 62 -8.83 47.56 -17.84
N ASN A 63 -9.18 46.40 -17.30
CA ASN A 63 -8.27 45.27 -17.23
C ASN A 63 -9.01 44.01 -17.63
N THR A 64 -8.25 43.06 -18.16
CA THR A 64 -8.76 41.75 -18.53
C THR A 64 -8.53 40.77 -17.38
N LEU A 65 -8.73 39.48 -17.64
CA LEU A 65 -8.60 38.47 -16.59
C LEU A 65 -7.22 38.48 -15.94
N ALA A 66 -6.20 38.94 -16.66
CA ALA A 66 -4.85 38.92 -16.13
C ALA A 66 -4.68 39.86 -14.94
N GLY A 67 -5.43 40.97 -14.92
CA GLY A 67 -5.24 41.95 -13.87
C GLY A 67 -6.52 42.53 -13.29
N CYS A 68 -7.59 41.74 -13.27
CA CYS A 68 -8.88 42.20 -12.75
C CYS A 68 -9.26 41.40 -11.51
N PRO A 69 -9.00 41.92 -10.31
CA PRO A 69 -9.54 41.27 -9.11
C PRO A 69 -11.04 41.46 -9.05
N GLY A 70 -11.70 40.52 -8.38
CA GLY A 70 -13.14 40.58 -8.27
C GLY A 70 -13.61 41.79 -7.49
N HIS A 71 -14.80 42.27 -7.83
CA HIS A 71 -15.43 43.41 -7.17
C HIS A 71 -16.69 42.97 -6.45
N PHE A 72 -16.90 43.50 -5.26
CA PHE A 72 -17.98 43.06 -4.38
C PHE A 72 -19.21 43.95 -4.54
N GLY A 73 -20.38 43.33 -4.37
CA GLY A 73 -21.64 44.04 -4.33
C GLY A 73 -22.22 44.04 -2.93
N HIS A 74 -23.36 44.74 -2.80
CA HIS A 74 -24.04 44.79 -1.51
C HIS A 74 -25.54 44.67 -1.70
N ILE A 75 -26.19 43.93 -0.80
CA ILE A 75 -27.63 43.78 -0.78
C ILE A 75 -28.14 44.36 0.52
N GLU A 76 -29.09 45.29 0.42
CA GLU A 76 -29.66 45.96 1.59
C GLU A 76 -30.83 45.13 2.11
N LEU A 77 -30.58 44.35 3.16
CA LEU A 77 -31.66 43.58 3.77
C LEU A 77 -32.63 44.51 4.48
N ILE A 78 -33.93 44.23 4.31
CA ILE A 78 -34.95 45.05 4.95
C ILE A 78 -35.25 44.57 6.36
N LYS A 79 -35.05 43.28 6.64
CA LYS A 79 -35.24 42.73 7.96
C LYS A 79 -33.92 42.15 8.46
N PRO A 80 -33.44 42.56 9.64
CA PRO A 80 -32.16 42.04 10.13
C PRO A 80 -32.20 40.52 10.31
N VAL A 81 -31.08 39.88 9.98
CA VAL A 81 -30.93 38.44 10.14
C VAL A 81 -29.63 38.18 10.91
N ILE A 82 -29.55 37.00 11.51
CA ILE A 82 -28.45 36.67 12.41
C ILE A 82 -27.50 35.72 11.71
N HIS A 83 -26.20 35.88 11.98
CA HIS A 83 -25.18 35.01 11.41
C HIS A 83 -25.18 33.68 12.14
N ILE A 84 -25.27 32.58 11.38
CA ILE A 84 -25.35 31.27 12.01
C ILE A 84 -24.02 30.88 12.65
N GLY A 85 -22.91 31.34 12.10
CA GLY A 85 -21.60 31.01 12.66
C GLY A 85 -21.26 31.74 13.93
N TYR A 86 -21.92 32.85 14.21
CA TYR A 86 -21.62 33.69 15.36
C TYR A 86 -22.57 33.49 16.52
N VAL A 87 -23.56 32.59 16.41
CA VAL A 87 -24.65 32.55 17.37
C VAL A 87 -24.13 32.36 18.79
N LYS A 88 -23.23 31.39 18.98
CA LYS A 88 -22.70 31.12 20.30
C LYS A 88 -22.19 32.40 20.96
N HIS A 89 -21.44 33.20 20.19
CA HIS A 89 -20.90 34.44 20.74
C HIS A 89 -22.02 35.36 21.21
N ILE A 90 -23.03 35.61 20.36
CA ILE A 90 -24.10 36.48 20.80
C ILE A 90 -24.88 35.84 21.93
N TYR A 91 -24.87 34.51 22.01
CA TYR A 91 -25.45 33.84 23.17
C TYR A 91 -24.78 34.32 24.44
N ASP A 92 -23.44 34.30 24.46
CA ASP A 92 -22.70 34.82 25.61
C ASP A 92 -22.88 36.32 25.77
N PHE A 93 -23.38 37.00 24.75
CA PHE A 93 -23.69 38.42 24.84
C PHE A 93 -25.10 38.69 25.34
N LEU A 94 -25.92 37.65 25.51
CA LEU A 94 -27.29 37.83 25.97
C LEU A 94 -27.47 37.42 27.43
N ARG A 95 -26.75 36.41 27.89
CA ARG A 95 -26.91 35.93 29.26
C ARG A 95 -25.95 36.58 30.24
N SER A 96 -25.10 37.50 29.79
CA SER A 96 -24.08 38.10 30.64
C SER A 96 -24.19 39.63 30.66
N THR A 97 -25.33 40.18 30.28
CA THR A 97 -25.53 41.62 30.31
C THR A 97 -27.00 41.92 30.54
N CYS A 98 -27.27 43.13 31.02
CA CYS A 98 -28.63 43.55 31.30
C CYS A 98 -29.35 43.88 30.00
N TRP A 99 -30.63 43.48 29.93
CA TRP A 99 -31.41 43.73 28.71
C TRP A 99 -31.78 45.19 28.56
N ARG A 100 -32.05 45.89 29.66
CA ARG A 100 -32.53 47.27 29.56
C ARG A 100 -31.39 48.25 29.36
N CYS A 101 -30.48 48.34 30.33
CA CYS A 101 -29.41 49.33 30.28
C CYS A 101 -28.20 48.86 29.48
N GLY A 102 -28.16 47.59 29.07
CA GLY A 102 -27.07 47.10 28.26
C GLY A 102 -25.72 47.14 28.94
N ARG A 103 -25.65 46.68 30.18
CA ARG A 103 -24.41 46.67 30.94
C ARG A 103 -24.26 45.34 31.65
N ILE A 104 -23.01 44.98 31.96
CA ILE A 104 -22.75 43.76 32.69
C ILE A 104 -23.37 43.87 34.09
N LYS A 105 -23.98 42.77 34.54
CA LYS A 105 -24.72 42.76 35.79
C LYS A 105 -23.84 42.46 37.00
N ILE A 106 -22.56 42.79 36.93
CA ILE A 106 -21.64 42.74 38.05
C ILE A 106 -21.46 44.15 38.58
N LYS A 107 -21.36 44.29 39.90
CA LYS A 107 -21.27 45.60 40.52
C LYS A 107 -19.99 46.33 40.06
N GLU A 108 -19.87 47.59 40.46
CA GLU A 108 -18.95 48.50 39.79
C GLU A 108 -17.50 48.26 40.20
N GLN A 109 -17.20 48.29 41.51
CA GLN A 109 -15.81 48.33 41.95
C GLN A 109 -15.06 47.04 41.60
N ASP A 110 -15.67 45.88 41.82
CA ASP A 110 -14.99 44.64 41.48
C ASP A 110 -14.87 44.47 39.97
N LEU A 111 -15.84 44.98 39.21
CA LEU A 111 -15.71 44.96 37.75
C LEU A 111 -14.54 45.82 37.29
N GLU A 112 -14.37 46.99 37.89
CA GLU A 112 -13.22 47.83 37.54
C GLU A 112 -11.90 47.17 37.90
N ARG A 113 -11.85 46.52 39.07
CA ARG A 113 -10.64 45.80 39.44
C ARG A 113 -10.36 44.67 38.46
N TYR A 114 -11.41 43.95 38.06
CA TYR A 114 -11.26 42.86 37.10
C TYR A 114 -10.73 43.36 35.77
N LYS A 115 -11.26 44.48 35.29
CA LYS A 115 -10.79 44.99 34.00
C LYS A 115 -9.37 45.52 34.10
N ARG A 116 -8.99 46.12 35.24
CA ARG A 116 -7.62 46.55 35.42
C ARG A 116 -6.67 45.35 35.37
N ILE A 117 -7.03 44.27 36.08
CA ILE A 117 -6.20 43.06 36.05
C ILE A 117 -6.13 42.50 34.64
N TYR A 118 -7.26 42.47 33.94
CA TYR A 118 -7.29 41.91 32.58
C TYR A 118 -6.38 42.69 31.65
N ASN A 119 -6.47 44.02 31.67
CA ASN A 119 -5.59 44.82 30.82
C ASN A 119 -4.13 44.69 31.24
N ALA A 120 -3.86 44.45 32.53
CA ALA A 120 -2.48 44.28 32.96
C ALA A 120 -1.92 42.91 32.64
N ILE A 121 -2.77 41.93 32.34
CA ILE A 121 -2.30 40.56 32.10
C ILE A 121 -2.76 40.01 30.75
N LYS A 122 -3.39 40.84 29.92
CA LYS A 122 -4.00 40.35 28.70
C LYS A 122 -2.98 39.74 27.75
N LEU A 123 -1.86 40.42 27.54
CA LEU A 123 -0.91 40.00 26.52
C LEU A 123 0.18 39.09 27.05
N ARG A 124 0.57 39.23 28.32
CA ARG A 124 1.66 38.42 28.85
C ARG A 124 1.23 36.99 29.13
N TRP A 125 0.02 36.79 29.64
CA TRP A 125 -0.50 35.47 29.99
C TRP A 125 -1.87 35.30 29.34
N PRO A 126 -1.91 34.97 28.05
CA PRO A 126 -3.21 34.82 27.38
C PRO A 126 -4.10 33.74 27.99
N SER A 127 -3.52 32.64 28.46
CA SER A 127 -4.33 31.59 29.09
C SER A 127 -4.94 32.09 30.39
N ALA A 128 -4.18 32.83 31.19
CA ALA A 128 -4.72 33.39 32.42
C ALA A 128 -5.84 34.39 32.11
N ALA A 129 -5.67 35.19 31.06
CA ALA A 129 -6.73 36.12 30.66
C ALA A 129 -7.99 35.37 30.24
N ARG A 130 -7.82 34.27 29.50
CA ARG A 130 -8.98 33.47 29.11
C ARG A 130 -9.68 32.89 30.33
N ARG A 131 -8.91 32.39 31.29
CA ARG A 131 -9.52 31.90 32.53
C ARG A 131 -10.27 33.00 33.26
N LEU A 132 -9.67 34.19 33.32
CA LEU A 132 -10.31 35.32 34.02
C LEU A 132 -11.62 35.70 33.35
N VAL A 133 -11.63 35.79 32.02
CA VAL A 133 -12.86 36.21 31.34
C VAL A 133 -13.92 35.12 31.44
N GLU A 134 -13.52 33.84 31.41
CA GLU A 134 -14.52 32.78 31.56
C GLU A 134 -15.10 32.78 32.97
N TYR A 135 -14.27 33.06 33.98
CA TYR A 135 -14.78 33.17 35.35
C TYR A 135 -15.74 34.33 35.49
N ILE A 136 -15.40 35.49 34.90
CA ILE A 136 -16.27 36.66 34.96
C ILE A 136 -17.59 36.35 34.28
N LYS A 137 -17.55 35.72 33.12
CA LYS A 137 -18.78 35.37 32.41
C LYS A 137 -19.63 34.40 33.23
N LYS A 138 -18.98 33.41 33.86
CA LYS A 138 -19.72 32.45 34.67
C LYS A 138 -20.40 33.13 35.87
N ILE A 139 -19.68 34.01 36.56
CA ILE A 139 -20.27 34.64 37.73
C ILE A 139 -21.26 35.74 37.36
N SER A 140 -21.22 36.23 36.12
CA SER A 140 -22.22 37.20 35.68
C SER A 140 -23.48 36.54 35.15
N ILE A 141 -23.35 35.36 34.56
CA ILE A 141 -24.53 34.65 34.06
C ILE A 141 -25.43 34.23 35.22
N LYS A 142 -24.83 33.77 36.32
CA LYS A 142 -25.56 33.25 37.47
C LYS A 142 -26.20 34.34 38.32
N ASN A 143 -26.25 35.58 37.85
CA ASN A 143 -26.90 36.67 38.55
C ASN A 143 -28.21 37.00 37.86
N LEU A 144 -29.27 37.17 38.65
CA LEU A 144 -30.61 37.40 38.13
C LEU A 144 -31.06 38.85 38.29
N GLU A 145 -30.17 39.75 38.70
CA GLU A 145 -30.51 41.14 38.93
C GLU A 145 -29.36 42.03 38.47
N CYS A 146 -29.69 43.25 38.03
CA CYS A 146 -28.68 44.18 37.54
C CYS A 146 -28.44 45.25 38.59
N PRO A 147 -27.28 45.28 39.24
CA PRO A 147 -27.02 46.34 40.23
C PRO A 147 -27.00 47.74 39.65
N HIS A 148 -26.67 47.89 38.36
CA HIS A 148 -26.52 49.22 37.79
C HIS A 148 -27.85 49.95 37.71
N CYS A 149 -28.88 49.29 37.18
CA CYS A 149 -30.19 49.91 37.00
C CYS A 149 -31.24 49.36 37.95
N GLY A 150 -30.88 48.41 38.81
CA GLY A 150 -31.82 47.88 39.78
C GLY A 150 -33.03 47.20 39.18
N GLU A 151 -32.81 46.34 38.19
CA GLU A 151 -33.89 45.66 37.50
C GLU A 151 -33.67 44.15 37.57
N LYS A 152 -34.78 43.41 37.58
CA LYS A 152 -34.74 41.96 37.67
C LYS A 152 -34.64 41.36 36.27
N GLN A 153 -33.62 40.53 36.06
CA GLN A 153 -33.36 39.93 34.75
C GLN A 153 -33.85 38.49 34.71
N PHE A 154 -34.53 38.15 33.63
CA PHE A 154 -34.92 36.78 33.34
C PHE A 154 -33.76 36.00 32.73
N LYS A 155 -34.02 34.74 32.40
CA LYS A 155 -33.02 33.86 31.82
C LYS A 155 -33.40 33.48 30.40
N ILE A 156 -32.39 33.22 29.58
CA ILE A 156 -32.56 32.86 28.18
C ILE A 156 -31.91 31.51 27.93
N LYS A 157 -32.63 30.62 27.25
CA LYS A 157 -32.12 29.31 26.90
C LYS A 157 -31.97 29.21 25.39
N LEU A 158 -30.87 28.60 24.94
CA LEU A 158 -30.59 28.46 23.53
C LEU A 158 -31.33 27.26 22.96
N GLU A 159 -32.00 27.47 21.82
CA GLU A 159 -32.59 26.40 21.05
C GLU A 159 -31.89 26.34 19.70
N LYS A 160 -31.49 25.13 19.29
CA LYS A 160 -30.82 24.98 18.01
C LYS A 160 -31.80 25.24 16.87
N PRO A 161 -31.32 25.79 15.75
CA PRO A 161 -29.93 26.21 15.55
C PRO A 161 -29.68 27.65 15.97
N TYR A 162 -30.69 28.49 15.80
CA TYR A 162 -30.48 29.93 15.89
C TYR A 162 -31.60 30.71 16.59
N ASN A 163 -32.62 30.05 17.13
CA ASN A 163 -33.73 30.75 17.75
C ASN A 163 -33.59 30.74 19.27
N PHE A 164 -33.63 31.93 19.87
CA PHE A 164 -33.54 32.09 21.31
C PHE A 164 -34.94 32.35 21.87
N ASN A 165 -35.36 31.54 22.82
CA ASN A 165 -36.66 31.66 23.46
C ASN A 165 -36.46 32.01 24.93
N GLU A 166 -36.76 33.26 25.29
CA GLU A 166 -36.61 33.71 26.66
C GLU A 166 -37.88 33.41 27.44
N GLU A 167 -37.71 33.14 28.73
CA GLU A 167 -38.85 32.93 29.63
C GLU A 167 -39.16 34.23 30.35
N ARG A 168 -40.42 34.64 30.30
CA ARG A 168 -40.89 35.89 30.91
C ARG A 168 -42.11 35.55 31.75
N ASN A 169 -41.87 35.10 32.98
CA ASN A 169 -42.87 34.60 33.93
C ASN A 169 -44.00 33.86 33.23
N GLY A 170 -43.60 32.87 32.44
CA GLY A 170 -44.53 32.08 31.66
C GLY A 170 -44.71 32.61 30.25
N SER A 171 -45.28 31.77 29.39
CA SER A 171 -45.55 32.13 27.99
C SER A 171 -44.26 32.52 27.28
N ILE A 172 -43.40 31.50 27.11
CA ILE A 172 -42.08 31.69 26.49
C ILE A 172 -42.21 32.51 25.23
N VAL A 173 -41.40 33.56 25.12
CA VAL A 173 -41.47 34.52 24.03
C VAL A 173 -40.32 34.27 23.07
N LYS A 174 -40.64 34.17 21.79
CA LYS A 174 -39.62 34.02 20.76
C LYS A 174 -38.98 35.38 20.46
N LEU A 175 -37.67 35.38 20.31
CA LEU A 175 -36.93 36.62 20.12
C LEU A 175 -36.72 36.92 18.65
N SER A 176 -36.79 38.22 18.30
CA SER A 176 -36.59 38.67 16.94
C SER A 176 -35.20 39.29 16.78
N PRO A 177 -34.62 39.19 15.59
CA PRO A 177 -33.27 39.76 15.38
C PRO A 177 -33.21 41.26 15.61
N SER A 178 -34.29 42.00 15.33
CA SER A 178 -34.25 43.45 15.48
C SER A 178 -34.04 43.85 16.94
N GLU A 179 -34.82 43.26 17.85
CA GLU A 179 -34.66 43.59 19.26
C GLU A 179 -33.35 43.06 19.82
N ILE A 180 -32.86 41.93 19.30
CA ILE A 180 -31.54 41.43 19.72
C ILE A 180 -30.45 42.42 19.33
N ARG A 181 -30.51 42.93 18.11
CA ARG A 181 -29.53 43.93 17.68
C ARG A 181 -29.64 45.20 18.51
N ASP A 182 -30.88 45.62 18.82
CA ASP A 182 -31.05 46.80 19.66
C ASP A 182 -30.47 46.59 21.05
N ARG A 183 -30.65 45.39 21.61
CA ARG A 183 -30.06 45.08 22.92
C ARG A 183 -28.55 45.10 22.86
N LEU A 184 -27.97 44.49 21.82
CA LEU A 184 -26.51 44.39 21.71
C LEU A 184 -25.87 45.72 21.34
N GLU A 185 -26.62 46.66 20.78
CA GLU A 185 -26.05 47.95 20.42
C GLU A 185 -25.73 48.80 21.65
N ARG A 186 -26.31 48.50 22.81
CA ARG A 186 -26.16 49.33 23.99
C ARG A 186 -24.96 48.96 24.85
N ILE A 187 -24.27 47.87 24.55
CA ILE A 187 -23.13 47.45 25.36
C ILE A 187 -21.97 48.41 25.14
N PRO A 188 -21.40 49.00 26.18
CA PRO A 188 -20.28 49.93 25.99
C PRO A 188 -19.01 49.22 25.56
N ASP A 189 -18.10 50.01 24.99
CA ASP A 189 -16.82 49.45 24.53
C ASP A 189 -15.98 48.94 25.69
N SER A 190 -15.98 49.67 26.82
CA SER A 190 -15.17 49.26 27.95
C SER A 190 -15.62 47.93 28.53
N ASP A 191 -16.91 47.60 28.38
CA ASP A 191 -17.43 46.33 28.89
C ASP A 191 -17.37 45.20 27.87
N VAL A 192 -17.33 45.53 26.57
CA VAL A 192 -17.24 44.47 25.57
C VAL A 192 -15.81 43.94 25.46
N GLU A 193 -14.81 44.77 25.74
CA GLU A 193 -13.43 44.30 25.75
C GLU A 193 -13.09 43.51 27.01
N LEU A 194 -13.84 43.72 28.09
CA LEU A 194 -13.63 42.93 29.30
C LEU A 194 -14.01 41.47 29.08
N LEU A 195 -14.95 41.21 28.18
CA LEU A 195 -15.39 39.85 27.90
C LEU A 195 -14.49 39.11 26.92
N GLY A 196 -13.37 39.72 26.51
CA GLY A 196 -12.46 39.05 25.60
C GLY A 196 -12.68 39.37 24.14
N TYR A 197 -13.26 40.53 23.82
CA TYR A 197 -13.52 40.93 22.45
C TYR A 197 -12.85 42.27 22.17
N ASP A 198 -12.89 42.67 20.91
CA ASP A 198 -12.27 43.92 20.48
C ASP A 198 -13.37 44.88 20.01
N PRO A 199 -13.56 46.02 20.68
CA PRO A 199 -14.64 46.93 20.26
C PRO A 199 -14.36 47.61 18.94
N LYS A 200 -13.11 47.98 18.67
CA LYS A 200 -12.78 48.75 17.48
C LYS A 200 -12.78 47.91 16.21
N SER A 201 -12.77 46.58 16.31
CA SER A 201 -12.74 45.71 15.15
C SER A 201 -13.86 44.68 15.10
N SER A 202 -14.44 44.32 16.25
CA SER A 202 -15.51 43.32 16.27
C SER A 202 -16.59 43.84 17.22
N ARG A 203 -17.51 44.60 16.68
CA ARG A 203 -18.60 45.20 17.44
C ARG A 203 -19.81 44.28 17.41
N PRO A 204 -20.40 43.95 18.56
CA PRO A 204 -21.42 42.88 18.58
C PRO A 204 -22.63 43.13 17.67
N GLU A 205 -23.09 44.37 17.52
CA GLU A 205 -24.25 44.58 16.66
C GLU A 205 -23.91 44.46 15.18
N TRP A 206 -22.65 44.63 14.80
CA TRP A 206 -22.24 44.23 13.45
C TRP A 206 -22.38 42.75 13.23
N MET A 207 -22.44 41.96 14.31
CA MET A 207 -22.62 40.53 14.26
C MET A 207 -24.04 40.15 13.86
N ILE A 208 -24.94 41.14 13.80
CA ILE A 208 -26.30 40.96 13.30
C ILE A 208 -26.36 41.59 11.92
N LEU A 209 -26.84 40.82 10.94
CA LEU A 209 -26.71 41.22 9.55
C LEU A 209 -27.81 42.19 9.13
N THR A 210 -27.42 43.33 8.57
CA THR A 210 -28.33 44.25 7.91
C THR A 210 -28.01 44.47 6.44
N VAL A 211 -26.75 44.33 6.05
CA VAL A 211 -26.32 44.40 4.66
C VAL A 211 -25.48 43.17 4.36
N LEU A 212 -25.71 42.56 3.21
CA LEU A 212 -25.05 41.30 2.86
C LEU A 212 -24.10 41.51 1.69
N PRO A 213 -22.86 41.04 1.78
CA PRO A 213 -21.91 41.22 0.68
C PRO A 213 -22.12 40.18 -0.42
N VAL A 214 -21.94 40.62 -1.66
CA VAL A 214 -22.17 39.84 -2.86
C VAL A 214 -20.81 39.51 -3.47
N PRO A 215 -20.39 38.24 -3.49
CA PRO A 215 -19.08 37.91 -4.02
C PRO A 215 -19.04 38.12 -5.53
N PRO A 216 -17.86 38.38 -6.09
CA PRO A 216 -17.75 38.58 -7.54
C PRO A 216 -17.87 37.28 -8.30
N ILE A 217 -17.96 37.40 -9.63
CA ILE A 217 -18.08 36.22 -10.48
C ILE A 217 -16.80 35.40 -10.43
N THR A 218 -15.65 36.05 -10.24
CA THR A 218 -14.38 35.33 -10.23
C THR A 218 -14.35 34.27 -9.13
N ILE A 219 -15.13 34.44 -8.08
CA ILE A 219 -15.24 33.41 -7.04
C ILE A 219 -16.28 32.35 -7.39
N ARG A 220 -17.26 32.68 -8.23
CA ARG A 220 -18.33 31.77 -8.60
C ARG A 220 -18.48 31.78 -10.12
N PRO A 221 -17.49 31.24 -10.83
CA PRO A 221 -17.54 31.29 -12.30
C PRO A 221 -18.62 30.37 -12.87
N SER A 222 -19.11 30.75 -14.05
CA SER A 222 -20.11 29.96 -14.76
C SER A 222 -19.40 28.91 -15.60
N ILE A 223 -19.81 27.66 -15.45
CA ILE A 223 -19.19 26.53 -16.13
C ILE A 223 -20.04 26.13 -17.33
N THR A 224 -19.43 26.07 -18.51
CA THR A 224 -20.10 25.70 -19.74
C THR A 224 -19.71 24.30 -20.21
N ILE A 225 -19.49 23.39 -19.26
CA ILE A 225 -19.04 22.03 -19.57
C ILE A 225 -20.16 21.25 -20.24
N GLU A 226 -19.82 20.09 -20.79
CA GLU A 226 -20.72 19.15 -21.47
C GLU A 226 -21.21 19.68 -22.81
N SER A 227 -20.59 20.75 -23.33
CA SER A 227 -20.92 21.29 -24.65
C SER A 227 -22.41 21.60 -24.78
N GLY A 228 -22.98 22.17 -23.73
CA GLY A 228 -24.39 22.53 -23.74
C GLY A 228 -24.63 23.87 -23.10
N ILE A 229 -25.74 24.00 -22.36
CA ILE A 229 -26.00 25.24 -21.64
C ILE A 229 -25.03 25.36 -20.47
N ARG A 230 -24.66 26.60 -20.16
CA ARG A 230 -23.77 26.84 -19.04
C ARG A 230 -24.43 26.46 -17.73
N ALA A 231 -23.67 25.84 -16.84
CA ALA A 231 -24.17 25.34 -15.56
C ALA A 231 -23.66 26.26 -14.45
N GLU A 232 -24.58 26.99 -13.83
CA GLU A 232 -24.20 27.89 -12.74
C GLU A 232 -23.90 27.08 -11.48
N ASP A 233 -23.09 27.66 -10.60
CA ASP A 233 -22.72 26.99 -9.37
C ASP A 233 -23.75 27.29 -8.28
N ASP A 234 -23.54 26.69 -7.10
CA ASP A 234 -24.54 26.75 -6.04
C ASP A 234 -24.67 28.15 -5.46
N LEU A 235 -23.57 28.91 -5.41
CA LEU A 235 -23.59 30.23 -4.78
C LEU A 235 -24.54 31.17 -5.49
N THR A 236 -24.54 31.16 -6.83
CA THR A 236 -25.44 32.04 -7.58
C THR A 236 -26.90 31.69 -7.31
N HIS A 237 -27.22 30.39 -7.30
CA HIS A 237 -28.60 29.98 -7.06
C HIS A 237 -29.06 30.38 -5.67
N LYS A 238 -28.25 30.11 -4.64
CA LYS A 238 -28.62 30.49 -3.30
C LYS A 238 -28.72 32.01 -3.14
N LEU A 239 -27.80 32.76 -3.75
CA LEU A 239 -27.86 34.21 -3.68
C LEU A 239 -29.13 34.76 -4.32
N VAL A 240 -29.50 34.26 -5.51
CA VAL A 240 -30.69 34.79 -6.17
C VAL A 240 -31.94 34.37 -5.41
N ASP A 241 -31.93 33.19 -4.78
CA ASP A 241 -33.06 32.82 -3.93
C ASP A 241 -33.20 33.79 -2.77
N ILE A 242 -32.08 34.15 -2.13
CA ILE A 242 -32.12 35.13 -1.06
C ILE A 242 -32.68 36.45 -1.56
N ILE A 243 -32.23 36.88 -2.74
CA ILE A 243 -32.71 38.15 -3.29
C ILE A 243 -34.21 38.12 -3.48
N ARG A 244 -34.71 37.07 -4.16
CA ARG A 244 -36.14 37.01 -4.47
C ARG A 244 -36.97 36.94 -3.20
N LEU A 245 -36.49 36.23 -2.18
CA LEU A 245 -37.18 36.25 -0.89
C LEU A 245 -37.18 37.66 -0.30
N ASN A 246 -36.09 38.40 -0.50
CA ASN A 246 -36.02 39.77 0.01
C ASN A 246 -37.09 40.66 -0.63
N GLU A 247 -37.19 40.62 -1.97
CA GLU A 247 -38.23 41.47 -2.59
C GLU A 247 -39.62 40.97 -2.24
N ARG A 248 -39.83 39.66 -2.11
CA ARG A 248 -41.13 39.15 -1.72
C ARG A 248 -41.54 39.68 -0.35
N LEU A 249 -40.62 39.63 0.60
CA LEU A 249 -40.92 40.13 1.94
C LEU A 249 -41.15 41.63 1.92
N LYS A 250 -40.35 42.38 1.16
CA LYS A 250 -40.52 43.82 1.11
C LYS A 250 -41.88 44.20 0.56
N GLU A 251 -42.28 43.58 -0.57
CA GLU A 251 -43.57 43.91 -1.15
C GLU A 251 -44.71 43.45 -0.26
N SER A 252 -44.55 42.30 0.42
CA SER A 252 -45.61 41.83 1.30
C SER A 252 -45.81 42.75 2.49
N ILE A 253 -44.72 43.23 3.10
CA ILE A 253 -44.88 44.12 4.24
C ILE A 253 -45.36 45.50 3.79
N GLU A 254 -44.96 45.95 2.60
CA GLU A 254 -45.42 47.25 2.14
C GLU A 254 -46.86 47.23 1.66
N ALA A 255 -47.37 46.07 1.24
CA ALA A 255 -48.75 45.96 0.80
C ALA A 255 -49.74 45.75 1.93
N GLY A 256 -49.29 45.24 3.08
CA GLY A 256 -50.18 44.98 4.19
C GLY A 256 -50.63 43.54 4.26
N ALA A 257 -50.31 42.86 5.35
CA ALA A 257 -50.62 41.45 5.51
C ALA A 257 -50.59 41.12 7.00
N PRO A 258 -51.23 40.02 7.41
CA PRO A 258 -51.14 39.61 8.82
C PRO A 258 -49.70 39.31 9.22
N GLN A 259 -49.38 39.62 10.48
CA GLN A 259 -48.01 39.48 10.96
C GLN A 259 -47.55 38.04 11.03
N LEU A 260 -48.48 37.07 11.05
CA LEU A 260 -48.08 35.67 11.14
C LEU A 260 -47.33 35.23 9.89
N ILE A 261 -47.91 35.49 8.71
CA ILE A 261 -47.21 35.13 7.49
C ILE A 261 -45.96 35.99 7.31
N ILE A 262 -45.97 37.22 7.82
CA ILE A 262 -44.80 38.07 7.73
C ILE A 262 -43.63 37.45 8.50
N GLU A 263 -43.90 37.01 9.74
CA GLU A 263 -42.82 36.42 10.53
C GLU A 263 -42.43 35.04 10.01
N ASP A 264 -43.38 34.28 9.44
CA ASP A 264 -43.01 33.02 8.80
C ASP A 264 -42.08 33.26 7.62
N LEU A 265 -42.37 34.27 6.80
CA LEU A 265 -41.51 34.59 5.67
C LEU A 265 -40.16 35.14 6.12
N TRP A 266 -40.14 35.89 7.23
CA TRP A 266 -38.89 36.33 7.82
C TRP A 266 -38.05 35.12 8.26
N ASP A 267 -38.68 34.13 8.89
CA ASP A 267 -37.96 32.92 9.27
C ASP A 267 -37.44 32.18 8.04
N LEU A 268 -38.23 32.16 6.97
CA LEU A 268 -37.76 31.53 5.73
C LEU A 268 -36.53 32.25 5.16
N LEU A 269 -36.55 33.58 5.16
CA LEU A 269 -35.40 34.35 4.69
C LEU A 269 -34.18 34.09 5.55
N GLN A 270 -34.37 34.01 6.87
CA GLN A 270 -33.27 33.66 7.76
C GLN A 270 -32.73 32.27 7.44
N TYR A 271 -33.62 31.33 7.12
CA TYR A 271 -33.18 30.00 6.75
C TYR A 271 -32.35 30.03 5.47
N HIS A 272 -32.76 30.81 4.47
CA HIS A 272 -31.97 30.92 3.25
C HIS A 272 -30.59 31.51 3.54
N VAL A 273 -30.53 32.55 4.37
CA VAL A 273 -29.23 33.14 4.68
C VAL A 273 -28.34 32.14 5.40
N ALA A 274 -28.90 31.43 6.38
CA ALA A 274 -28.12 30.47 7.16
C ALA A 274 -27.63 29.33 6.28
N THR A 275 -28.47 28.82 5.38
CA THR A 275 -28.04 27.75 4.48
C THR A 275 -27.08 28.27 3.42
N TYR A 276 -27.08 29.57 3.15
CA TYR A 276 -26.08 30.15 2.25
C TYR A 276 -24.71 30.18 2.92
N PHE A 277 -24.65 30.60 4.18
CA PHE A 277 -23.37 30.60 4.89
C PHE A 277 -22.87 29.18 5.12
N ASP A 278 -23.76 28.26 5.46
CA ASP A 278 -23.37 26.88 5.73
C ASP A 278 -24.57 25.98 5.41
N ASN A 279 -24.34 24.95 4.59
CA ASN A 279 -25.42 24.08 4.17
C ASN A 279 -25.71 22.96 5.16
N GLU A 280 -24.66 22.30 5.66
CA GLU A 280 -24.82 21.13 6.52
C GLU A 280 -25.06 21.55 7.97
N ILE A 281 -26.15 22.27 8.19
CA ILE A 281 -26.59 22.61 9.54
C ILE A 281 -27.30 21.39 10.13
N PRO A 282 -26.92 20.94 11.33
CA PRO A 282 -27.58 19.77 11.91
C PRO A 282 -29.07 19.98 12.11
N GLY A 283 -29.84 18.93 11.83
CA GLY A 283 -31.28 18.99 12.03
C GLY A 283 -32.04 19.83 11.03
N LEU A 284 -31.47 20.10 9.86
CA LEU A 284 -32.12 20.91 8.85
C LEU A 284 -32.05 20.22 7.49
N PRO A 285 -33.03 20.46 6.62
CA PRO A 285 -33.00 19.89 5.27
C PRO A 285 -32.02 20.64 4.39
N PRO A 286 -31.04 19.95 3.82
CA PRO A 286 -30.10 20.62 2.91
C PRO A 286 -30.80 21.13 1.66
N ALA A 287 -30.32 22.27 1.17
CA ALA A 287 -30.89 22.85 -0.04
C ALA A 287 -30.46 22.05 -1.27
N LYS A 288 -31.41 21.83 -2.18
CA LYS A 288 -31.16 21.12 -3.43
C LYS A 288 -31.73 21.94 -4.57
N HIS A 289 -30.92 22.15 -5.62
CA HIS A 289 -31.30 23.11 -6.65
C HIS A 289 -32.24 22.50 -7.68
N ARG A 290 -31.77 21.53 -8.46
CA ARG A 290 -32.58 20.97 -9.54
C ARG A 290 -32.56 19.44 -9.56
N SER A 291 -31.47 18.85 -9.10
CA SER A 291 -31.23 17.42 -9.27
C SER A 291 -31.41 16.64 -7.97
N GLY A 292 -31.94 17.27 -6.93
CA GLY A 292 -32.11 16.57 -5.67
C GLY A 292 -30.82 16.30 -4.93
N ARG A 293 -29.75 17.01 -5.28
CA ARG A 293 -28.47 16.86 -4.60
C ARG A 293 -28.21 18.05 -3.68
N PRO A 294 -27.63 17.81 -2.50
CA PRO A 294 -27.36 18.92 -1.58
C PRO A 294 -26.38 19.90 -2.19
N LEU A 295 -26.61 21.18 -1.91
CA LEU A 295 -25.74 22.23 -2.43
C LEU A 295 -24.44 22.28 -1.63
N ARG A 296 -23.42 22.87 -2.25
CA ARG A 296 -22.15 23.14 -1.59
C ARG A 296 -22.00 24.65 -1.44
N THR A 297 -21.82 25.09 -0.21
CA THR A 297 -21.81 26.51 0.13
C THR A 297 -20.44 26.89 0.68
N LEU A 298 -20.35 28.12 1.22
CA LEU A 298 -19.07 28.66 1.67
C LEU A 298 -18.39 27.75 2.69
N ALA A 299 -19.16 27.24 3.65
CA ALA A 299 -18.57 26.33 4.63
C ALA A 299 -18.08 25.05 3.98
N GLN A 300 -18.86 24.49 3.06
CA GLN A 300 -18.43 23.29 2.34
C GLN A 300 -17.32 23.59 1.36
N ARG A 301 -17.19 24.84 0.92
CA ARG A 301 -16.11 25.23 0.03
C ARG A 301 -14.75 25.15 0.70
N LEU A 302 -14.70 25.14 2.04
CA LEU A 302 -13.47 25.02 2.82
C LEU A 302 -13.68 23.90 3.84
N LYS A 303 -13.51 22.66 3.40
CA LYS A 303 -13.72 21.50 4.26
C LYS A 303 -13.20 20.26 3.55
N GLY A 304 -13.01 19.21 4.33
CA GLY A 304 -12.55 17.94 3.79
C GLY A 304 -11.10 17.98 3.33
N LYS A 305 -10.75 16.96 2.57
CA LYS A 305 -9.43 16.86 1.97
C LYS A 305 -9.39 17.37 0.54
N GLU A 306 -10.50 17.93 0.05
CA GLU A 306 -10.58 18.47 -1.30
C GLU A 306 -10.94 19.95 -1.30
N GLY A 307 -11.03 20.59 -0.14
CA GLY A 307 -11.39 21.99 -0.06
C GLY A 307 -10.24 22.92 -0.40
N ARG A 308 -10.17 24.06 0.28
CA ARG A 308 -9.10 25.02 0.04
C ARG A 308 -7.87 24.74 0.89
N PHE A 309 -8.06 24.37 2.16
CA PHE A 309 -6.92 24.25 3.06
C PHE A 309 -6.06 23.03 2.71
N ARG A 310 -6.69 21.87 2.49
CA ARG A 310 -5.97 20.66 2.18
C ARG A 310 -5.99 20.31 0.71
N GLY A 311 -6.56 21.18 -0.13
CA GLY A 311 -6.62 20.91 -1.56
C GLY A 311 -5.84 21.92 -2.37
N ASN A 312 -5.75 23.16 -1.89
CA ASN A 312 -5.07 24.21 -2.63
C ASN A 312 -4.10 25.03 -1.80
N LEU A 313 -4.04 24.84 -0.48
CA LEU A 313 -3.15 25.62 0.38
C LEU A 313 -2.05 24.76 1.00
N SER A 314 -2.40 23.70 1.71
CA SER A 314 -1.39 22.82 2.28
C SER A 314 -0.72 21.99 1.19
N GLY A 315 -1.52 21.45 0.28
CA GLY A 315 -0.98 20.71 -0.85
C GLY A 315 -1.61 21.19 -2.14
N LYS A 316 -0.84 21.12 -3.21
CA LYS A 316 -1.29 21.63 -4.50
C LYS A 316 -0.60 20.86 -5.61
N ARG A 317 -1.19 20.94 -6.81
CA ARG A 317 -0.64 20.29 -7.99
C ARG A 317 0.40 21.20 -8.62
N VAL A 318 1.56 20.63 -8.95
CA VAL A 318 2.67 21.39 -9.50
C VAL A 318 3.03 20.81 -10.86
N ASP A 319 3.67 21.65 -11.68
CA ASP A 319 4.11 21.23 -13.00
C ASP A 319 5.61 20.92 -12.97
N PHE A 320 6.14 20.54 -14.14
CA PHE A 320 7.50 20.04 -14.25
C PHE A 320 7.72 18.82 -13.35
N SER A 321 6.87 17.81 -13.56
CA SER A 321 6.92 16.59 -12.77
C SER A 321 6.42 15.43 -13.62
N ALA A 322 6.81 14.22 -13.20
CA ALA A 322 6.43 13.01 -13.92
C ALA A 322 6.26 11.87 -12.93
N ARG A 323 5.54 10.83 -13.35
CA ARG A 323 5.31 9.65 -12.54
C ARG A 323 5.40 8.42 -13.43
N THR A 324 6.18 7.42 -13.02
CA THR A 324 6.40 6.27 -13.90
C THR A 324 6.78 5.05 -13.07
N VAL A 325 6.55 3.87 -13.65
CA VAL A 325 6.97 2.62 -13.03
C VAL A 325 8.49 2.58 -12.94
N ILE A 326 8.99 1.88 -11.91
CA ILE A 326 10.43 1.75 -11.69
C ILE A 326 10.87 0.33 -11.98
N SER A 327 12.12 0.21 -12.45
CA SER A 327 12.73 -1.07 -12.78
C SER A 327 14.18 -1.06 -12.30
N PRO A 328 14.75 -2.23 -12.01
CA PRO A 328 16.10 -2.25 -11.45
C PRO A 328 17.16 -1.90 -12.48
N ASP A 329 18.30 -1.41 -11.98
CA ASP A 329 19.46 -1.11 -12.80
C ASP A 329 20.72 -1.10 -11.95
N PRO A 330 21.45 -2.21 -11.85
CA PRO A 330 22.66 -2.25 -11.02
C PRO A 330 23.88 -1.59 -11.66
N ASN A 331 23.74 -1.03 -12.86
CA ASN A 331 24.86 -0.39 -13.54
C ASN A 331 24.93 1.11 -13.29
N LEU A 332 24.04 1.66 -12.46
CA LEU A 332 24.05 3.07 -12.12
C LEU A 332 24.69 3.28 -10.76
N SER A 333 25.17 4.50 -10.55
CA SER A 333 25.72 4.87 -9.25
C SER A 333 24.59 4.99 -8.23
N ILE A 334 24.95 5.03 -6.95
CA ILE A 334 23.96 5.10 -5.89
C ILE A 334 23.24 6.43 -5.85
N ASP A 335 23.71 7.44 -6.57
CA ASP A 335 23.03 8.73 -6.66
C ASP A 335 22.76 9.09 -8.11
N GLU A 336 22.24 8.14 -8.87
CA GLU A 336 21.83 8.37 -10.26
C GLU A 336 20.45 7.78 -10.47
N VAL A 337 19.71 8.37 -11.40
CA VAL A 337 18.40 7.88 -11.80
C VAL A 337 18.35 7.86 -13.32
N GLY A 338 17.90 6.73 -13.88
CA GLY A 338 17.76 6.60 -15.31
C GLY A 338 16.37 7.02 -15.74
N ILE A 339 16.30 7.90 -16.74
CA ILE A 339 15.03 8.41 -17.24
C ILE A 339 14.92 8.12 -18.73
N PRO A 340 13.71 7.92 -19.25
CA PRO A 340 13.56 7.66 -20.68
C PRO A 340 13.78 8.93 -21.51
N TYR A 341 13.94 8.73 -22.81
CA TYR A 341 14.17 9.84 -23.72
C TYR A 341 12.95 10.75 -23.82
N THR A 342 11.75 10.17 -23.77
CA THR A 342 10.54 10.97 -23.92
C THR A 342 10.40 11.99 -22.80
N ILE A 343 10.68 11.58 -21.57
CA ILE A 343 10.59 12.50 -20.44
C ILE A 343 11.69 13.55 -20.51
N ALA A 344 12.90 13.15 -20.93
CA ALA A 344 14.01 14.09 -21.02
C ALA A 344 13.73 15.21 -22.02
N ARG A 345 13.04 14.88 -23.11
CA ARG A 345 12.73 15.88 -24.13
C ARG A 345 11.49 16.69 -23.80
N MET A 346 10.74 16.32 -22.76
CA MET A 346 9.55 17.07 -22.36
C MET A 346 9.82 18.01 -21.19
N LEU A 347 10.44 17.51 -20.13
CA LEU A 347 10.79 18.35 -19.00
C LEU A 347 12.10 19.10 -19.29
N THR A 348 12.08 20.41 -19.09
CA THR A 348 13.21 21.25 -19.44
C THR A 348 13.66 22.05 -18.23
N VAL A 349 14.90 22.51 -18.28
CA VAL A 349 15.47 23.35 -17.22
C VAL A 349 15.99 24.63 -17.85
N PRO A 350 15.65 25.80 -17.31
CA PRO A 350 16.06 27.07 -17.95
C PRO A 350 17.47 27.46 -17.52
N GLU A 351 18.37 27.55 -18.50
CA GLU A 351 19.74 27.96 -18.26
C GLU A 351 19.98 29.32 -18.91
N ARG A 352 20.45 30.27 -18.12
CA ARG A 352 20.71 31.61 -18.63
C ARG A 352 22.06 31.65 -19.36
N VAL A 353 22.07 32.31 -20.50
CA VAL A 353 23.27 32.36 -21.33
C VAL A 353 24.27 33.34 -20.73
N THR A 354 25.50 32.89 -20.56
CA THR A 354 26.61 33.72 -20.11
C THR A 354 27.74 33.63 -21.14
N ASN A 355 28.86 34.24 -20.82
CA ASN A 355 30.02 34.22 -21.70
C ASN A 355 30.88 32.98 -21.51
N ILE A 356 30.52 32.10 -20.59
CA ILE A 356 31.27 30.88 -20.33
C ILE A 356 30.62 29.67 -20.99
N ASN A 357 29.29 29.62 -21.00
CA ASN A 357 28.57 28.45 -21.54
C ASN A 357 27.76 28.83 -22.76
N ILE A 358 28.32 29.64 -23.64
CA ILE A 358 27.56 30.10 -24.80
C ILE A 358 27.66 29.14 -25.98
N GLU A 359 28.82 28.49 -26.17
CA GLU A 359 28.94 27.53 -27.26
C GLU A 359 28.07 26.30 -27.02
N ARG A 360 28.04 25.81 -25.78
CA ARG A 360 27.19 24.66 -25.46
C ARG A 360 25.73 24.99 -25.67
N ILE A 361 25.29 26.18 -25.25
CA ILE A 361 23.91 26.58 -25.43
C ILE A 361 23.59 26.75 -26.91
N ARG A 362 24.54 27.27 -27.69
CA ARG A 362 24.34 27.36 -29.13
C ARG A 362 24.15 25.98 -29.75
N GLN A 363 24.96 25.01 -29.32
CA GLN A 363 24.81 23.65 -29.83
C GLN A 363 23.46 23.07 -29.43
N TYR A 364 23.00 23.37 -28.20
CA TYR A 364 21.67 22.93 -27.80
C TYR A 364 20.59 23.53 -28.69
N ILE A 365 20.71 24.82 -29.02
CA ILE A 365 19.70 25.48 -29.83
C ILE A 365 19.72 24.92 -31.25
N ILE A 366 20.89 24.56 -31.77
CA ILE A 366 20.98 24.04 -33.13
C ILE A 366 20.13 22.79 -33.28
N ASN A 367 20.25 21.85 -32.34
CA ASN A 367 19.34 20.72 -32.29
C ASN A 367 17.95 21.20 -31.90
N GLY A 368 16.93 20.69 -32.58
CA GLY A 368 15.58 21.15 -32.38
C GLY A 368 14.96 20.55 -31.14
N PRO A 369 13.65 20.78 -30.96
CA PRO A 369 12.94 20.11 -29.86
C PRO A 369 12.91 18.60 -29.98
N ASP A 370 13.07 18.06 -31.19
CA ASP A 370 12.93 16.63 -31.43
C ASP A 370 14.25 15.88 -31.37
N LYS A 371 15.37 16.57 -31.21
CA LYS A 371 16.69 15.94 -31.17
C LYS A 371 17.29 16.15 -29.79
N TRP A 372 17.83 15.07 -29.22
CA TRP A 372 18.42 15.13 -27.89
C TRP A 372 19.93 15.06 -27.98
N PRO A 373 20.67 15.94 -27.27
CA PRO A 373 20.14 17.04 -26.46
C PRO A 373 19.72 18.24 -27.31
N GLY A 374 18.69 18.93 -26.91
CA GLY A 374 18.17 20.07 -27.65
C GLY A 374 17.57 21.10 -26.73
N ALA A 375 16.59 21.83 -27.25
CA ALA A 375 15.91 22.86 -26.48
C ALA A 375 14.51 23.02 -27.04
N ASN A 376 13.62 23.59 -26.22
CA ASN A 376 12.24 23.80 -26.60
C ASN A 376 11.87 25.24 -26.85
N TYR A 377 12.37 26.16 -26.02
CA TYR A 377 12.04 27.57 -26.14
C TYR A 377 13.30 28.40 -25.95
N VAL A 378 13.26 29.63 -26.47
CA VAL A 378 14.30 30.61 -26.24
C VAL A 378 13.62 31.89 -25.76
N ILE A 379 14.05 32.40 -24.61
CA ILE A 379 13.44 33.58 -24.00
C ILE A 379 14.37 34.77 -24.23
N LYS A 380 13.88 35.76 -24.96
CA LYS A 380 14.66 36.95 -25.24
C LYS A 380 14.78 37.80 -23.97
N PRO A 381 15.81 38.65 -23.90
CA PRO A 381 15.94 39.53 -22.73
C PRO A 381 14.74 40.44 -22.54
N ASP A 382 14.03 40.78 -23.62
CA ASP A 382 12.82 41.58 -23.51
C ASP A 382 11.71 40.87 -22.74
N GLY A 383 11.78 39.55 -22.63
CA GLY A 383 10.78 38.76 -21.93
C GLY A 383 9.88 37.93 -22.81
N ARG A 384 9.96 38.07 -24.13
CA ARG A 384 9.12 37.31 -25.03
C ARG A 384 9.73 35.94 -25.30
N ARG A 385 8.87 34.96 -25.54
CA ARG A 385 9.28 33.58 -25.78
C ARG A 385 9.22 33.26 -27.26
N ILE A 386 10.16 32.42 -27.69
CA ILE A 386 10.21 31.94 -29.08
C ILE A 386 10.18 30.42 -29.02
N ASP A 387 9.21 29.82 -29.70
CA ASP A 387 9.09 28.37 -29.78
C ASP A 387 9.93 27.86 -30.94
N LEU A 388 10.83 26.92 -30.65
CA LEU A 388 11.74 26.41 -31.67
C LEU A 388 11.04 25.51 -32.68
N ARG A 389 9.79 25.11 -32.42
CA ARG A 389 9.07 24.28 -33.39
C ARG A 389 8.71 25.08 -34.63
N TYR A 390 8.37 26.36 -34.47
CA TYR A 390 7.93 27.20 -35.56
C TYR A 390 9.03 28.11 -36.09
N VAL A 391 10.26 27.96 -35.60
CA VAL A 391 11.36 28.79 -36.08
C VAL A 391 11.72 28.38 -37.50
N LYS A 392 11.80 29.36 -38.40
CA LYS A 392 12.12 29.07 -39.79
C LYS A 392 13.51 28.49 -39.95
N ASP A 393 14.49 29.05 -39.23
CA ASP A 393 15.87 28.59 -39.34
C ASP A 393 16.57 28.92 -38.02
N ARG A 394 16.76 27.89 -37.19
CA ARG A 394 17.40 28.08 -35.89
C ARG A 394 18.92 28.05 -35.97
N LYS A 395 19.50 27.71 -37.12
CA LYS A 395 20.95 27.73 -37.25
C LYS A 395 21.49 29.14 -37.11
N GLU A 396 20.83 30.11 -37.72
CA GLU A 396 21.23 31.51 -37.55
C GLU A 396 20.79 32.06 -36.20
N LEU A 397 19.64 31.61 -35.69
CA LEU A 397 19.20 32.05 -34.37
C LEU A 397 20.19 31.64 -33.29
N ALA A 398 20.83 30.48 -33.45
CA ALA A 398 21.85 30.07 -32.48
C ALA A 398 23.00 31.05 -32.44
N SER A 399 23.44 31.53 -33.61
CA SER A 399 24.51 32.53 -33.65
C SER A 399 24.02 33.90 -33.23
N SER A 400 22.70 34.15 -33.27
CA SER A 400 22.15 35.45 -32.94
C SER A 400 22.04 35.71 -31.45
N ILE A 401 22.18 34.68 -30.61
CA ILE A 401 22.00 34.86 -29.17
C ILE A 401 23.25 35.44 -28.55
N THR A 402 23.07 36.16 -27.44
CA THR A 402 24.16 36.74 -26.68
C THR A 402 23.90 36.47 -25.20
N ALA A 403 24.78 37.00 -24.35
CA ALA A 403 24.59 36.86 -22.91
C ALA A 403 23.33 37.58 -22.47
N GLY A 404 22.57 36.96 -21.58
CA GLY A 404 21.31 37.49 -21.09
C GLY A 404 20.09 36.71 -21.57
N TYR A 405 20.21 35.94 -22.64
CA TYR A 405 19.11 35.11 -23.10
C TYR A 405 18.90 33.94 -22.14
N VAL A 406 17.71 33.35 -22.22
CA VAL A 406 17.36 32.16 -21.45
C VAL A 406 16.91 31.08 -22.42
N VAL A 407 17.48 29.89 -22.30
CA VAL A 407 17.15 28.76 -23.15
C VAL A 407 16.61 27.64 -22.28
N GLU A 408 15.50 27.04 -22.71
CA GLU A 408 14.88 25.93 -21.98
C GLU A 408 15.32 24.63 -22.65
N ARG A 409 16.46 24.13 -22.21
CA ARG A 409 17.07 22.95 -22.80
C ARG A 409 16.53 21.67 -22.17
N HIS A 410 16.70 20.56 -22.90
CA HIS A 410 16.29 19.26 -22.41
C HIS A 410 17.16 18.83 -21.23
N LEU A 411 16.66 17.84 -20.49
CA LEU A 411 17.44 17.26 -19.40
C LEU A 411 18.65 16.52 -19.98
N VAL A 412 19.82 16.75 -19.38
CA VAL A 412 21.06 16.14 -19.84
C VAL A 412 21.67 15.37 -18.67
N ASP A 413 22.72 14.61 -18.98
CA ASP A 413 23.40 13.84 -17.95
C ASP A 413 24.02 14.75 -16.91
N GLY A 414 23.87 14.39 -15.64
CA GLY A 414 24.37 15.18 -14.54
C GLY A 414 23.39 16.17 -13.96
N ASP A 415 22.22 16.33 -14.56
CA ASP A 415 21.22 17.24 -14.01
C ASP A 415 20.66 16.70 -12.71
N VAL A 416 20.34 17.59 -11.80
CA VAL A 416 19.85 17.23 -10.47
C VAL A 416 18.33 17.30 -10.46
N VAL A 417 17.70 16.21 -10.03
CA VAL A 417 16.24 16.13 -9.94
C VAL A 417 15.89 15.56 -8.57
N LEU A 418 14.62 15.71 -8.20
CA LEU A 418 14.11 15.17 -6.95
C LEU A 418 13.30 13.93 -7.23
N PHE A 419 13.62 12.83 -6.55
CA PHE A 419 13.02 11.53 -6.81
C PHE A 419 12.34 11.08 -5.53
N ASN A 420 11.07 10.66 -5.64
CA ASN A 420 10.22 10.48 -4.49
C ASN A 420 9.35 9.24 -4.66
N ARG A 421 9.02 8.60 -3.53
CA ARG A 421 8.09 7.49 -3.48
C ARG A 421 7.13 7.71 -2.32
N GLN A 422 5.83 7.84 -2.63
CA GLN A 422 4.83 7.98 -1.60
C GLN A 422 4.69 6.65 -0.84
N PRO A 423 4.24 6.69 0.43
CA PRO A 423 3.67 7.80 1.21
C PRO A 423 4.65 8.80 1.82
N SER A 424 5.95 8.65 1.58
CA SER A 424 6.94 9.59 2.11
C SER A 424 6.89 9.64 3.64
N LEU A 425 7.21 8.51 4.26
CA LEU A 425 7.11 8.41 5.71
C LEU A 425 8.14 9.30 6.41
N HIS A 426 9.37 9.32 5.92
CA HIS A 426 10.45 10.07 6.56
C HIS A 426 11.17 10.91 5.50
N ARG A 427 12.20 11.63 5.94
CA ARG A 427 12.75 12.71 5.12
C ARG A 427 13.58 12.18 3.96
N ILE A 428 14.11 10.97 4.05
CA ILE A 428 14.96 10.46 2.98
C ILE A 428 14.13 9.61 2.03
N SER A 429 12.82 9.79 2.07
CA SER A 429 11.93 9.24 1.05
C SER A 429 11.85 10.12 -0.17
N MET A 430 12.55 11.25 -0.18
CA MET A 430 12.59 12.17 -1.32
C MET A 430 14.00 12.72 -1.39
N MET A 431 14.76 12.33 -2.41
CA MET A 431 16.18 12.62 -2.46
C MET A 431 16.59 13.16 -3.82
N ALA A 432 17.73 13.85 -3.84
CA ALA A 432 18.25 14.45 -5.06
C ALA A 432 19.12 13.43 -5.79
N HIS A 433 18.82 13.23 -7.07
CA HIS A 433 19.50 12.26 -7.92
C HIS A 433 20.04 12.96 -9.16
N LYS A 434 21.02 12.32 -9.78
CA LYS A 434 21.62 12.84 -11.01
C LYS A 434 21.05 12.10 -12.22
N VAL A 435 20.69 12.85 -13.24
CA VAL A 435 19.96 12.31 -14.38
C VAL A 435 20.91 11.52 -15.28
N ARG A 436 20.44 10.37 -15.76
CA ARG A 436 21.09 9.64 -16.83
C ARG A 436 20.02 9.16 -17.80
N VAL A 437 20.20 9.47 -19.07
CA VAL A 437 19.18 9.19 -20.08
C VAL A 437 19.48 7.85 -20.74
N LEU A 438 18.52 6.93 -20.68
CA LEU A 438 18.66 5.58 -21.19
C LEU A 438 17.45 5.22 -22.05
N PRO A 439 17.63 4.31 -23.00
CA PRO A 439 16.47 3.82 -23.76
C PRO A 439 15.54 2.98 -22.89
N GLY A 440 14.25 3.19 -23.06
CA GLY A 440 13.24 2.45 -22.32
C GLY A 440 12.07 3.34 -21.99
N ARG A 441 11.28 2.92 -21.00
CA ARG A 441 10.09 3.66 -20.62
C ARG A 441 9.88 3.72 -19.12
N THR A 442 10.86 3.35 -18.32
CA THR A 442 10.71 3.29 -16.87
C THR A 442 11.85 4.04 -16.19
N PHE A 443 11.59 4.46 -14.95
CA PHE A 443 12.64 5.01 -14.12
C PHE A 443 13.52 3.89 -13.58
N ARG A 444 14.83 4.09 -13.61
CA ARG A 444 15.78 3.07 -13.18
C ARG A 444 16.39 3.47 -11.84
N LEU A 445 16.39 2.53 -10.90
CA LEU A 445 16.89 2.78 -9.56
C LEU A 445 17.90 1.70 -9.19
N ASN A 446 18.99 2.10 -8.57
CA ASN A 446 19.99 1.13 -8.12
C ASN A 446 19.41 0.26 -7.02
N LEU A 447 19.87 -0.99 -6.96
CA LEU A 447 19.35 -1.94 -5.98
C LEU A 447 19.69 -1.53 -4.55
N LEU A 448 20.74 -0.73 -4.35
CA LEU A 448 21.09 -0.29 -3.01
C LEU A 448 20.26 0.90 -2.55
N ASP A 449 19.55 1.56 -3.46
CA ASP A 449 18.72 2.71 -3.12
C ASP A 449 17.32 2.32 -2.65
N CYS A 450 16.97 1.05 -2.72
CA CYS A 450 15.62 0.63 -2.35
C CYS A 450 15.30 0.83 -0.87
N PRO A 451 16.14 0.49 0.09
CA PRO A 451 15.74 0.55 1.51
C PRO A 451 15.28 1.93 1.95
N PRO A 452 15.97 3.02 1.58
CA PRO A 452 15.43 4.33 1.98
C PRO A 452 14.06 4.64 1.42
N TYR A 453 13.76 4.19 0.20
CA TYR A 453 12.45 4.40 -0.39
C TYR A 453 11.46 3.30 -0.02
N ASN A 454 11.92 2.20 0.56
CA ASN A 454 11.07 1.06 0.88
C ASN A 454 10.35 0.57 -0.37
N ALA A 455 11.09 0.46 -1.48
CA ALA A 455 10.53 0.12 -2.78
C ALA A 455 11.02 -1.24 -3.23
N ASP A 456 10.13 -2.01 -3.84
CA ASP A 456 10.49 -3.26 -4.50
C ASP A 456 9.74 -3.33 -5.82
N PHE A 457 10.32 -4.04 -6.78
CA PHE A 457 9.86 -4.02 -8.17
C PHE A 457 8.74 -5.02 -8.40
N ASP A 458 7.63 -4.81 -7.69
CA ASP A 458 6.41 -5.55 -7.90
C ASP A 458 5.40 -4.77 -8.75
N GLY A 459 5.77 -3.58 -9.22
CA GLY A 459 4.88 -2.75 -10.01
C GLY A 459 4.73 -1.35 -9.43
N ASP A 460 5.65 -0.96 -8.56
CA ASP A 460 5.58 0.34 -7.92
C ASP A 460 5.94 1.46 -8.91
N GLU A 461 5.36 2.63 -8.67
CA GLU A 461 5.64 3.82 -9.45
C GLU A 461 6.22 4.90 -8.53
N MET A 462 7.03 5.77 -9.11
CA MET A 462 7.64 6.85 -8.35
C MET A 462 7.55 8.16 -9.13
N ASN A 463 7.72 9.26 -8.40
CA ASN A 463 7.57 10.60 -8.92
C ASN A 463 8.92 11.29 -9.05
N LEU A 464 9.01 12.18 -10.04
CA LEU A 464 10.22 12.92 -10.34
C LEU A 464 9.87 14.39 -10.55
N HIS A 465 10.62 15.27 -9.90
CA HIS A 465 10.44 16.72 -9.97
C HIS A 465 11.72 17.36 -10.45
N VAL A 466 11.57 18.44 -11.22
CA VAL A 466 12.72 19.15 -11.77
C VAL A 466 12.77 20.56 -11.21
N PRO A 467 13.71 20.88 -10.32
CA PRO A 467 13.86 22.27 -9.87
C PRO A 467 14.21 23.19 -11.02
N GLN A 468 13.67 24.40 -10.99
CA GLN A 468 13.73 25.31 -12.13
C GLN A 468 14.45 26.62 -11.82
N SER A 469 15.16 26.69 -10.70
CA SER A 469 15.88 27.91 -10.34
C SER A 469 17.27 27.54 -9.84
N GLU A 470 18.21 28.48 -10.00
CA GLU A 470 19.59 28.21 -9.63
C GLU A 470 19.72 27.96 -8.14
N GLU A 471 19.02 28.73 -7.32
CA GLU A 471 19.11 28.57 -5.87
C GLU A 471 18.54 27.23 -5.42
N ALA A 472 17.40 26.83 -5.98
CA ALA A 472 16.82 25.54 -5.61
C ALA A 472 17.72 24.40 -6.05
N ILE A 473 18.29 24.49 -7.25
CA ILE A 473 19.20 23.45 -7.72
C ILE A 473 20.43 23.36 -6.82
N ALA A 474 20.99 24.52 -6.45
CA ALA A 474 22.15 24.52 -5.58
C ALA A 474 21.85 23.90 -4.23
N GLU A 475 20.71 24.25 -3.63
CA GLU A 475 20.35 23.67 -2.34
C GLU A 475 20.12 22.17 -2.46
N ALA A 476 19.45 21.72 -3.52
CA ALA A 476 19.22 20.30 -3.70
C ALA A 476 20.53 19.54 -3.87
N ARG A 477 21.47 20.11 -4.62
CA ARG A 477 22.75 19.43 -4.83
C ARG A 477 23.59 19.42 -3.55
N GLU A 478 23.56 20.50 -2.78
CA GLU A 478 24.43 20.62 -1.62
C GLU A 478 23.86 20.00 -0.35
N LEU A 479 22.57 19.69 -0.32
CA LEU A 479 21.95 19.17 0.90
C LEU A 479 21.19 17.86 0.73
N MET A 480 20.72 17.53 -0.47
CA MET A 480 19.82 16.40 -0.65
C MET A 480 20.42 15.27 -1.47
N LEU A 481 21.71 15.31 -1.76
CA LEU A 481 22.32 14.25 -2.56
C LEU A 481 22.24 12.92 -1.83
N VAL A 482 22.08 11.84 -2.60
CA VAL A 482 21.86 10.52 -2.02
C VAL A 482 23.07 10.11 -1.17
N HIS A 483 24.27 10.25 -1.73
CA HIS A 483 25.45 9.74 -1.04
C HIS A 483 25.72 10.49 0.26
N LYS A 484 25.17 11.71 0.41
CA LYS A 484 25.33 12.43 1.66
C LYS A 484 24.43 11.91 2.78
N ASN A 485 23.47 11.05 2.47
CA ASN A 485 22.49 10.57 3.43
C ASN A 485 22.54 9.05 3.57
N ILE A 486 23.74 8.49 3.64
CA ILE A 486 23.86 7.04 3.83
C ILE A 486 23.43 6.65 5.23
N ILE A 487 23.73 7.48 6.23
CA ILE A 487 23.38 7.20 7.61
C ILE A 487 22.02 7.82 7.92
N THR A 488 21.11 7.01 8.45
CA THR A 488 19.76 7.45 8.77
C THR A 488 19.76 8.27 10.06
N PRO A 489 18.82 9.21 10.21
CA PRO A 489 18.76 9.99 11.45
C PRO A 489 18.10 9.28 12.61
N ARG A 490 17.37 8.18 12.39
CA ARG A 490 16.72 7.48 13.49
C ARG A 490 17.73 6.92 14.47
N TYR A 491 18.82 6.36 13.95
CA TYR A 491 19.89 5.82 14.77
C TYR A 491 21.19 5.98 14.00
N GLY A 492 22.30 5.67 14.65
CA GLY A 492 23.56 5.75 13.95
C GLY A 492 23.85 4.46 13.20
N GLY A 493 23.53 4.44 11.91
CA GLY A 493 23.70 3.25 11.12
C GLY A 493 23.31 3.47 9.67
N PRO A 494 23.96 2.74 8.75
CA PRO A 494 23.71 2.97 7.33
C PRO A 494 22.35 2.44 6.91
N ILE A 495 21.62 3.24 6.14
CA ILE A 495 20.35 2.80 5.55
C ILE A 495 20.55 2.26 4.14
N ILE A 496 21.63 2.61 3.48
CA ILE A 496 21.97 2.12 2.15
C ILE A 496 23.08 1.09 2.30
N GLY A 497 22.85 -0.12 1.83
CA GLY A 497 23.83 -1.17 2.00
C GLY A 497 23.47 -2.41 1.21
N GLY A 498 24.20 -3.48 1.50
CA GLY A 498 24.05 -4.71 0.73
C GLY A 498 22.67 -5.31 0.89
N GLY A 499 22.19 -5.91 -0.19
CA GLY A 499 20.85 -6.48 -0.23
C GLY A 499 20.81 -7.96 0.01
N GLN A 500 20.43 -8.73 -1.01
CA GLN A 500 20.25 -10.17 -0.87
C GLN A 500 21.19 -10.97 -1.76
N ASP A 501 21.31 -10.62 -3.05
CA ASP A 501 22.32 -11.28 -3.88
C ASP A 501 23.73 -10.83 -3.49
N TYR A 502 23.86 -9.59 -3.02
CA TYR A 502 25.16 -9.08 -2.62
C TYR A 502 25.74 -9.87 -1.46
N ILE A 503 24.91 -10.20 -0.47
CA ILE A 503 25.40 -10.95 0.69
C ILE A 503 25.86 -12.35 0.29
N SER A 504 25.07 -13.03 -0.55
CA SER A 504 25.45 -14.37 -0.99
C SER A 504 26.73 -14.33 -1.81
N GLY A 505 26.84 -13.35 -2.73
CA GLY A 505 28.06 -13.23 -3.51
C GLY A 505 29.27 -12.94 -2.65
N ALA A 506 29.11 -12.05 -1.65
CA ALA A 506 30.21 -11.73 -0.76
C ALA A 506 30.65 -12.95 0.04
N TYR A 507 29.69 -13.73 0.55
CA TYR A 507 30.05 -14.93 1.29
C TYR A 507 30.77 -15.93 0.39
N LEU A 508 30.28 -16.14 -0.83
CA LEU A 508 30.90 -17.12 -1.70
C LEU A 508 32.29 -16.68 -2.16
N LEU A 509 32.50 -15.38 -2.35
CA LEU A 509 33.82 -14.90 -2.75
C LEU A 509 34.79 -14.87 -1.58
N SER A 510 34.32 -14.60 -0.37
CA SER A 510 35.19 -14.44 0.78
C SER A 510 35.53 -15.74 1.47
N VAL A 511 34.90 -16.85 1.10
CA VAL A 511 35.11 -18.10 1.82
C VAL A 511 36.54 -18.60 1.61
N LYS A 512 37.00 -19.42 2.55
CA LYS A 512 38.40 -19.83 2.58
C LYS A 512 38.79 -20.64 1.36
N THR A 513 37.83 -21.32 0.73
CA THR A 513 38.11 -22.31 -0.31
C THR A 513 38.02 -21.76 -1.72
N THR A 514 38.00 -20.43 -1.88
CA THR A 514 37.90 -19.82 -3.19
C THR A 514 39.30 -19.56 -3.74
N LEU A 515 39.59 -20.12 -4.90
CA LEU A 515 40.84 -19.87 -5.62
C LEU A 515 40.51 -19.46 -7.03
N LEU A 516 41.12 -18.37 -7.49
CA LEU A 516 40.85 -17.81 -8.81
C LEU A 516 42.13 -17.78 -9.63
N THR A 517 42.01 -18.05 -10.92
CA THR A 517 43.12 -17.93 -11.84
C THR A 517 43.23 -16.49 -12.33
N VAL A 518 44.26 -16.22 -13.15
CA VAL A 518 44.47 -14.87 -13.65
C VAL A 518 43.30 -14.41 -14.51
N GLU A 519 42.82 -15.29 -15.38
CA GLU A 519 41.71 -14.93 -16.26
C GLU A 519 40.44 -14.67 -15.45
N GLU A 520 40.17 -15.49 -14.44
CA GLU A 520 39.00 -15.28 -13.61
C GLU A 520 39.11 -13.98 -12.83
N VAL A 521 40.29 -13.66 -12.31
CA VAL A 521 40.49 -12.40 -11.59
C VAL A 521 40.26 -11.22 -12.52
N ALA A 522 40.79 -11.30 -13.74
CA ALA A 522 40.59 -10.22 -14.70
C ALA A 522 39.11 -10.05 -15.05
N THR A 523 38.40 -11.17 -15.23
CA THR A 523 36.98 -11.10 -15.52
C THR A 523 36.20 -10.46 -14.37
N ILE A 524 36.53 -10.85 -13.14
CA ILE A 524 35.84 -10.29 -11.98
C ILE A 524 36.12 -8.81 -11.85
N LEU A 525 37.37 -8.40 -12.05
CA LEU A 525 37.76 -7.00 -11.88
C LEU A 525 37.45 -6.13 -13.08
N GLY A 526 36.99 -6.71 -14.19
CA GLY A 526 36.65 -5.90 -15.35
C GLY A 526 35.41 -5.05 -15.16
N VAL A 527 34.55 -5.41 -14.21
CA VAL A 527 33.33 -4.64 -13.97
C VAL A 527 33.58 -3.39 -13.15
N THR A 528 34.67 -3.34 -12.39
CA THR A 528 34.99 -2.19 -11.57
C THR A 528 35.90 -1.22 -12.33
N ASP A 529 36.29 -0.14 -11.68
CA ASP A 529 37.20 0.84 -12.25
C ASP A 529 38.65 0.57 -11.91
N PHE A 530 38.92 -0.50 -11.17
CA PHE A 530 40.29 -0.79 -10.72
C PHE A 530 41.16 -1.17 -11.90
N VAL A 531 42.28 -0.46 -12.04
CA VAL A 531 43.33 -0.85 -12.98
C VAL A 531 44.67 -0.57 -12.30
N GLY A 532 45.59 -1.50 -12.42
CA GLY A 532 46.88 -1.35 -11.79
C GLY A 532 47.52 -2.71 -11.55
N GLU A 533 48.35 -2.77 -10.52
CA GLU A 533 49.12 -3.96 -10.20
C GLU A 533 48.30 -4.89 -9.32
N LEU A 534 48.13 -6.13 -9.77
CA LEU A 534 47.43 -7.12 -8.97
C LEU A 534 48.30 -7.62 -7.82
N GLY A 535 49.61 -7.59 -8.00
CA GLY A 535 50.51 -8.19 -7.04
C GLY A 535 50.77 -9.65 -7.34
N GLU A 536 51.57 -10.25 -6.52
CA GLU A 536 51.82 -11.66 -6.77
C GLU A 536 50.62 -12.49 -6.35
N PRO A 537 50.37 -13.62 -7.03
CA PRO A 537 49.29 -14.50 -6.61
C PRO A 537 49.53 -15.03 -5.21
N ALA A 538 48.43 -15.28 -4.49
CA ALA A 538 48.54 -15.78 -3.12
C ALA A 538 49.27 -17.11 -3.08
N ILE A 539 49.05 -17.98 -4.07
CA ILE A 539 49.69 -19.27 -4.15
C ILE A 539 50.51 -19.31 -5.43
N LEU A 540 51.80 -19.66 -5.31
CA LEU A 540 52.74 -19.60 -6.42
C LEU A 540 52.94 -20.94 -7.11
N ALA A 541 52.96 -22.03 -6.36
CA ALA A 541 53.13 -23.37 -6.90
C ALA A 541 52.15 -24.31 -6.20
N PRO A 542 51.69 -25.36 -6.88
CA PRO A 542 52.01 -25.80 -8.25
C PRO A 542 51.43 -24.91 -9.34
N LYS A 543 50.22 -24.38 -9.12
CA LYS A 543 49.59 -23.53 -10.10
C LYS A 543 49.33 -22.14 -9.52
N PRO A 544 49.55 -21.07 -10.29
CA PRO A 544 49.32 -19.73 -9.76
C PRO A 544 47.85 -19.46 -9.50
N TYR A 545 47.48 -19.35 -8.23
CA TYR A 545 46.10 -19.14 -7.82
C TYR A 545 46.02 -17.88 -6.97
N TYR A 546 45.03 -17.03 -7.26
CA TYR A 546 44.67 -15.95 -6.37
C TYR A 546 43.68 -16.48 -5.34
N THR A 547 43.07 -15.56 -4.59
CA THR A 547 42.07 -15.94 -3.60
C THR A 547 41.08 -14.79 -3.46
N GLY A 548 39.91 -15.11 -2.91
CA GLY A 548 38.86 -14.11 -2.80
C GLY A 548 39.22 -12.96 -1.88
N LYS A 549 39.85 -13.27 -0.74
CA LYS A 549 40.24 -12.22 0.19
C LYS A 549 41.29 -11.31 -0.40
N GLN A 550 42.19 -11.84 -1.22
CA GLN A 550 43.20 -11.00 -1.87
C GLN A 550 42.57 -10.03 -2.85
N VAL A 551 41.55 -10.48 -3.60
CA VAL A 551 40.85 -9.59 -4.52
C VAL A 551 40.04 -8.55 -3.73
N ILE A 552 39.45 -8.96 -2.62
CA ILE A 552 38.70 -8.02 -1.80
C ILE A 552 39.63 -6.98 -1.18
N SER A 553 40.81 -7.41 -0.73
CA SER A 553 41.73 -6.53 -0.02
C SER A 553 42.30 -5.42 -0.88
N LEU A 554 42.11 -5.48 -2.21
CA LEU A 554 42.61 -4.42 -3.08
C LEU A 554 41.85 -3.11 -2.90
N PHE A 555 40.72 -3.12 -2.19
CA PHE A 555 39.88 -1.95 -2.08
C PHE A 555 39.83 -1.34 -0.69
N LEU A 556 40.20 -2.09 0.34
CA LEU A 556 40.20 -1.55 1.69
C LEU A 556 41.35 -0.56 1.87
N PRO A 557 41.13 0.51 2.65
CA PRO A 557 42.22 1.47 2.89
C PRO A 557 43.34 0.85 3.69
N LYS A 558 44.55 1.35 3.47
CA LYS A 558 45.76 0.74 4.00
C LYS A 558 46.02 1.04 5.47
N ASP A 559 45.04 1.56 6.20
CA ASP A 559 45.17 1.74 7.64
C ASP A 559 43.89 1.35 8.37
N PHE A 560 43.13 0.42 7.80
CA PHE A 560 41.85 -0.01 8.36
C PHE A 560 42.05 -1.29 9.15
N ASN A 561 41.57 -1.30 10.40
CA ASN A 561 41.64 -2.46 11.27
C ASN A 561 40.25 -2.78 11.80
N PHE A 562 39.92 -4.06 11.85
CA PHE A 562 38.60 -4.47 12.34
C PHE A 562 38.66 -5.89 12.84
N HIS A 563 38.17 -6.11 14.06
CA HIS A 563 38.05 -7.44 14.64
C HIS A 563 36.62 -7.62 15.11
N GLY A 564 35.93 -8.61 14.57
CA GLY A 564 34.56 -8.87 14.94
C GLY A 564 34.02 -10.16 14.35
N PRO A 565 32.95 -10.68 14.94
CA PRO A 565 32.35 -11.92 14.44
C PRO A 565 31.51 -11.67 13.19
N ALA A 566 31.13 -12.77 12.56
CA ALA A 566 30.31 -12.75 11.36
C ALA A 566 28.90 -13.25 11.69
N ASN A 567 28.01 -13.13 10.72
CA ASN A 567 26.63 -13.58 10.90
C ASN A 567 26.52 -15.09 10.95
N ILE A 568 27.54 -15.81 10.48
CA ILE A 568 27.53 -17.27 10.53
C ILE A 568 28.11 -17.81 11.82
N SER A 569 28.45 -16.95 12.77
CA SER A 569 29.05 -17.35 14.03
C SER A 569 28.03 -17.58 15.13
N LYS A 570 26.80 -17.95 14.78
CA LYS A 570 25.75 -18.13 15.77
C LYS A 570 25.56 -19.60 16.17
N GLY A 571 25.73 -20.52 15.22
CA GLY A 571 25.51 -21.92 15.50
C GLY A 571 26.73 -22.60 16.11
N PRO A 572 27.05 -23.80 15.62
CA PRO A 572 28.23 -24.50 16.11
C PRO A 572 29.55 -23.91 15.63
N ARG A 573 29.52 -22.83 14.85
CA ARG A 573 30.73 -22.18 14.36
C ARG A 573 31.28 -21.14 15.32
N ALA A 574 30.62 -20.92 16.46
CA ALA A 574 31.03 -19.90 17.41
C ALA A 574 32.35 -20.31 18.06
N CYS A 575 33.44 -19.65 17.66
CA CYS A 575 34.76 -19.91 18.21
C CYS A 575 35.24 -18.79 19.13
N LYS A 576 34.53 -17.65 19.16
CA LYS A 576 34.67 -16.54 20.09
C LYS A 576 36.08 -15.95 20.15
N ASP A 577 36.97 -16.33 19.24
CA ASP A 577 38.31 -15.74 19.22
C ASP A 577 38.90 -15.94 17.83
N GLU A 578 40.13 -15.46 17.65
CA GLU A 578 40.76 -15.46 16.33
C GLU A 578 41.18 -16.86 15.88
N ILE A 579 41.40 -17.79 16.81
CA ILE A 579 41.80 -19.15 16.46
C ILE A 579 40.51 -19.92 16.18
N CYS A 580 40.06 -19.84 14.93
CA CYS A 580 38.80 -20.47 14.52
C CYS A 580 39.06 -21.36 13.31
N PRO A 581 38.73 -22.65 13.39
CA PRO A 581 38.81 -23.49 12.19
C PRO A 581 37.89 -23.03 11.09
N HIS A 582 36.79 -22.36 11.44
CA HIS A 582 35.86 -21.82 10.46
C HIS A 582 36.31 -20.43 10.04
N ASP A 583 35.64 -19.88 9.03
CA ASP A 583 35.77 -18.47 8.71
C ASP A 583 34.67 -17.66 9.41
N SER A 584 34.57 -17.89 10.72
CA SER A 584 33.51 -17.30 11.53
C SER A 584 33.98 -16.09 12.33
N PHE A 585 35.21 -15.62 12.12
CA PHE A 585 35.73 -14.44 12.80
C PHE A 585 36.48 -13.58 11.78
N ILE A 586 36.13 -12.30 11.71
CA ILE A 586 36.72 -11.37 10.75
C ILE A 586 37.92 -10.70 11.40
N VAL A 587 39.06 -10.73 10.70
CA VAL A 587 40.28 -10.08 11.16
C VAL A 587 40.85 -9.30 9.99
N ILE A 588 40.89 -7.97 10.13
CA ILE A 588 41.49 -7.08 9.14
C ILE A 588 42.59 -6.29 9.83
N LYS A 589 43.78 -6.30 9.24
CA LYS A 589 44.93 -5.59 9.79
C LYS A 589 45.63 -4.83 8.67
N ASN A 590 45.71 -3.51 8.81
CA ASN A 590 46.37 -2.65 7.83
C ASN A 590 45.77 -2.82 6.44
N GLY A 591 44.45 -2.98 6.37
CA GLY A 591 43.77 -3.09 5.11
C GLY A 591 43.86 -4.44 4.44
N LEU A 592 44.36 -5.46 5.13
CA LEU A 592 44.47 -6.81 4.59
C LEU A 592 43.45 -7.70 5.29
N LEU A 593 42.60 -8.36 4.51
CA LEU A 593 41.62 -9.28 5.07
C LEU A 593 42.29 -10.63 5.26
N LEU A 594 42.57 -10.97 6.52
CA LEU A 594 43.33 -12.16 6.83
C LEU A 594 42.48 -13.39 7.10
N GLU A 595 41.30 -13.22 7.68
CA GLU A 595 40.38 -14.33 7.86
C GLU A 595 38.98 -13.78 8.07
N GLY A 596 37.99 -14.65 7.86
CA GLY A 596 36.60 -14.27 8.00
C GLY A 596 35.93 -14.04 6.66
N VAL A 597 34.60 -14.13 6.67
CA VAL A 597 33.80 -13.96 5.47
C VAL A 597 32.98 -12.67 5.58
N PHE A 598 32.47 -12.21 4.44
CA PHE A 598 31.53 -11.10 4.39
C PHE A 598 30.10 -11.63 4.32
N ASP A 599 29.24 -11.09 5.17
CA ASP A 599 27.84 -11.48 5.22
C ASP A 599 27.04 -10.28 5.69
N LYS A 600 25.82 -10.52 6.17
CA LYS A 600 24.96 -9.41 6.59
C LYS A 600 25.60 -8.55 7.67
N LYS A 601 26.44 -9.15 8.52
CA LYS A 601 27.04 -8.41 9.62
C LYS A 601 28.27 -7.61 9.22
N ALA A 602 28.63 -7.61 7.94
CA ALA A 602 29.78 -6.83 7.49
C ALA A 602 29.40 -5.81 6.43
N ILE A 603 28.50 -6.14 5.51
CA ILE A 603 28.10 -5.23 4.43
C ILE A 603 26.59 -5.01 4.38
N GLY A 604 25.82 -5.67 5.24
CA GLY A 604 24.38 -5.56 5.15
C GLY A 604 23.88 -4.19 5.54
N ASN A 605 22.76 -3.80 4.93
CA ASN A 605 22.12 -2.54 5.26
C ASN A 605 21.46 -2.62 6.63
N GLN A 606 21.28 -1.45 7.25
CA GLN A 606 20.63 -1.33 8.55
C GLN A 606 21.33 -2.21 9.60
N GLN A 607 22.66 -2.24 9.54
CA GLN A 607 23.50 -2.99 10.46
C GLN A 607 24.50 -2.03 11.08
N PRO A 608 24.16 -1.37 12.18
CA PRO A 608 25.10 -0.44 12.81
C PRO A 608 26.31 -1.16 13.38
N GLU A 609 27.42 -0.44 13.46
CA GLU A 609 28.68 -0.93 13.99
C GLU A 609 29.23 -2.11 13.19
N SER A 610 28.96 -2.14 11.90
CA SER A 610 29.58 -3.08 10.99
C SER A 610 30.84 -2.46 10.40
N MET A 611 31.60 -3.28 9.67
CA MET A 611 32.84 -2.75 9.07
C MET A 611 32.53 -1.70 8.03
N LEU A 612 31.41 -1.84 7.33
CA LEU A 612 30.98 -0.81 6.39
C LEU A 612 30.66 0.49 7.12
N HIS A 613 30.00 0.39 8.27
CA HIS A 613 29.66 1.59 9.04
C HIS A 613 30.90 2.34 9.48
N TRP A 614 31.88 1.63 10.06
CA TRP A 614 33.11 2.28 10.49
C TRP A 614 33.89 2.82 9.30
N SER A 615 33.92 2.09 8.20
CA SER A 615 34.61 2.55 7.02
C SER A 615 34.03 3.87 6.52
N ILE A 616 32.70 3.95 6.45
CA ILE A 616 32.05 5.20 6.04
C ILE A 616 32.36 6.30 7.05
N ARG A 617 32.23 5.98 8.34
CA ARG A 617 32.41 6.99 9.38
C ARG A 617 33.82 7.56 9.38
N GLU A 618 34.80 6.78 8.93
CA GLU A 618 36.19 7.24 8.97
C GLU A 618 36.75 7.71 7.63
N TYR A 619 36.08 7.40 6.51
CA TYR A 619 36.56 7.86 5.21
C TYR A 619 35.44 8.54 4.42
N GLY A 620 34.47 9.09 5.13
CA GLY A 620 33.50 9.95 4.50
C GLY A 620 32.50 9.20 3.65
N THR A 621 31.38 9.87 3.39
CA THR A 621 30.45 9.37 2.41
C THR A 621 31.10 9.25 1.05
N GLU A 622 32.22 9.95 0.82
CA GLU A 622 32.97 9.79 -0.41
C GLU A 622 33.51 8.37 -0.56
N TYR A 623 34.24 7.87 0.45
CA TYR A 623 34.71 6.49 0.32
C TYR A 623 33.57 5.51 0.42
N GLY A 624 32.52 5.84 1.18
CA GLY A 624 31.35 4.96 1.21
C GLY A 624 30.75 4.75 -0.16
N LYS A 625 30.54 5.85 -0.90
CA LYS A 625 29.98 5.77 -2.24
C LYS A 625 30.92 5.07 -3.20
N TRP A 626 32.23 5.37 -3.12
CA TRP A 626 33.18 4.70 -4.00
C TRP A 626 33.18 3.19 -3.77
N LEU A 627 33.20 2.77 -2.51
CA LEU A 627 33.18 1.35 -2.19
C LEU A 627 31.91 0.69 -2.67
N MET A 628 30.76 1.30 -2.39
CA MET A 628 29.49 0.70 -2.80
C MET A 628 29.38 0.63 -4.31
N ASP A 629 30.00 1.56 -5.03
CA ASP A 629 29.96 1.51 -6.49
C ASP A 629 30.90 0.46 -7.05
N ASN A 630 32.06 0.24 -6.43
CA ASN A 630 33.08 -0.64 -7.00
C ASN A 630 33.00 -2.08 -6.48
N VAL A 631 33.15 -2.28 -5.17
CA VAL A 631 33.32 -3.65 -4.68
C VAL A 631 32.01 -4.44 -4.72
N PHE A 632 30.87 -3.77 -4.72
CA PHE A 632 29.59 -4.47 -4.69
C PHE A 632 29.22 -5.11 -6.02
N LYS A 633 29.91 -4.78 -7.11
CA LYS A 633 29.63 -5.40 -8.39
C LYS A 633 30.41 -6.70 -8.59
N MET A 634 31.57 -6.85 -7.97
CA MET A 634 32.28 -8.12 -8.06
C MET A 634 31.48 -9.23 -7.39
N PHE A 635 30.69 -8.90 -6.39
CA PHE A 635 29.85 -9.92 -5.74
C PHE A 635 28.87 -10.52 -6.74
N ILE A 636 28.18 -9.66 -7.49
CA ILE A 636 27.24 -10.13 -8.50
C ILE A 636 27.97 -10.86 -9.62
N ARG A 637 29.10 -10.32 -10.06
CA ARG A 637 29.85 -10.95 -11.14
C ARG A 637 30.33 -12.34 -10.76
N PHE A 638 30.82 -12.51 -9.54
CA PHE A 638 31.24 -13.82 -9.09
C PHE A 638 30.06 -14.76 -8.86
N LEU A 639 28.94 -14.22 -8.39
CA LEU A 639 27.75 -15.05 -8.22
C LEU A 639 27.28 -15.63 -9.54
N GLU A 640 27.29 -14.82 -10.60
CA GLU A 640 26.91 -15.35 -11.91
C GLU A 640 28.05 -16.10 -12.59
N MET A 641 29.30 -15.93 -12.14
CA MET A 641 30.39 -16.77 -12.63
C MET A 641 30.29 -18.18 -12.07
N ARG A 642 30.00 -18.29 -10.78
CA ARG A 642 29.61 -19.56 -10.17
C ARG A 642 28.14 -19.81 -10.48
N GLY A 643 27.57 -20.86 -9.90
CA GLY A 643 26.16 -21.15 -10.05
C GLY A 643 25.45 -21.05 -8.70
N PHE A 644 24.33 -20.32 -8.70
CA PHE A 644 23.49 -20.18 -7.52
C PHE A 644 22.05 -20.45 -7.92
N THR A 645 21.56 -21.64 -7.57
CA THR A 645 20.21 -22.06 -7.88
C THR A 645 19.54 -22.56 -6.60
N MET A 646 18.32 -23.09 -6.74
CA MET A 646 17.62 -23.71 -5.63
C MET A 646 16.92 -24.96 -6.16
N THR A 647 17.38 -26.12 -5.71
CA THR A 647 16.83 -27.41 -6.12
C THR A 647 15.91 -27.94 -5.04
N LEU A 648 14.95 -28.77 -5.45
CA LEU A 648 14.06 -29.42 -4.50
C LEU A 648 14.79 -30.36 -3.55
N GLU A 649 16.02 -30.77 -3.91
CA GLU A 649 16.80 -31.65 -3.04
C GLU A 649 17.34 -30.94 -1.81
N ASP A 650 17.29 -29.61 -1.77
CA ASP A 650 17.71 -28.86 -0.61
C ASP A 650 16.68 -28.85 0.51
N ILE A 651 15.48 -29.36 0.25
CA ILE A 651 14.42 -29.37 1.25
C ILE A 651 14.06 -30.79 1.70
N THR A 652 14.21 -31.78 0.84
CA THR A 652 13.87 -33.15 1.21
C THR A 652 14.84 -33.67 2.27
N ILE A 653 14.31 -34.39 3.25
CA ILE A 653 15.12 -35.02 4.29
C ILE A 653 15.07 -36.53 4.10
N PRO A 654 16.09 -37.27 4.50
CA PRO A 654 16.06 -38.73 4.33
C PRO A 654 14.98 -39.37 5.17
N ASP A 655 14.53 -40.54 4.71
CA ASP A 655 13.44 -41.25 5.38
C ASP A 655 13.76 -41.62 6.82
N GLU A 656 15.04 -41.68 7.19
CA GLU A 656 15.39 -41.97 8.58
C GLU A 656 15.02 -40.81 9.49
N ALA A 657 15.03 -39.58 8.97
CA ALA A 657 14.61 -38.43 9.77
C ALA A 657 13.11 -38.43 9.99
N GLN A 658 12.32 -38.79 8.98
CA GLN A 658 10.88 -38.77 9.11
C GLN A 658 10.39 -39.73 10.19
N ASN A 659 11.07 -40.87 10.35
CA ASN A 659 10.69 -41.81 11.40
C ASN A 659 10.89 -41.20 12.78
N GLU A 660 12.01 -40.51 12.98
CA GLU A 660 12.25 -39.86 14.27
C GLU A 660 11.23 -38.75 14.52
N ILE A 661 10.91 -37.98 13.48
CA ILE A 661 9.88 -36.95 13.62
C ILE A 661 8.55 -37.57 14.01
N THR A 662 8.19 -38.69 13.38
CA THR A 662 6.92 -39.35 13.70
C THR A 662 6.91 -39.88 15.12
N THR A 663 8.02 -40.45 15.59
CA THR A 663 8.08 -40.92 16.96
C THR A 663 7.94 -39.77 17.95
N LYS A 664 8.61 -38.64 17.68
CA LYS A 664 8.46 -37.48 18.57
C LYS A 664 7.02 -36.97 18.58
N ILE A 665 6.38 -36.94 17.40
CA ILE A 665 4.99 -36.49 17.33
C ILE A 665 4.09 -37.43 18.11
N LYS A 666 4.30 -38.73 17.99
CA LYS A 666 3.50 -39.69 18.74
C LYS A 666 3.69 -39.51 20.25
N GLU A 667 4.93 -39.27 20.68
CA GLU A 667 5.17 -39.05 22.11
C GLU A 667 4.46 -37.79 22.60
N GLY A 668 4.51 -36.71 21.82
CA GLY A 668 3.80 -35.50 22.20
C GLY A 668 2.30 -35.69 22.26
N TYR A 669 1.76 -36.41 21.28
CA TYR A 669 0.33 -36.67 21.27
C TYR A 669 -0.08 -37.53 22.47
N SER A 670 0.74 -38.51 22.83
CA SER A 670 0.45 -39.33 24.00
C SER A 670 0.48 -38.50 25.27
N GLN A 671 1.44 -37.58 25.38
CA GLN A 671 1.50 -36.70 26.55
C GLN A 671 0.25 -35.83 26.65
N VAL A 672 -0.17 -35.24 25.52
CA VAL A 672 -1.37 -34.41 25.53
C VAL A 672 -2.59 -35.24 25.89
N ASP A 673 -2.69 -36.46 25.36
CA ASP A 673 -3.82 -37.33 25.67
C ASP A 673 -3.83 -37.69 27.15
N GLU A 674 -2.65 -37.93 27.74
CA GLU A 674 -2.58 -38.20 29.17
C GLU A 674 -3.06 -37.00 29.98
N TYR A 675 -2.63 -35.80 29.59
CA TYR A 675 -3.09 -34.59 30.26
C TYR A 675 -4.61 -34.49 30.22
N ILE A 676 -5.19 -34.67 29.03
CA ILE A 676 -6.64 -34.54 28.87
C ILE A 676 -7.37 -35.62 29.66
N ARG A 677 -6.88 -36.86 29.60
CA ARG A 677 -7.54 -37.95 30.29
C ARG A 677 -7.52 -37.73 31.81
N LYS A 678 -6.39 -37.30 32.34
CA LYS A 678 -6.34 -37.04 33.78
C LYS A 678 -7.06 -35.75 34.17
N PHE A 679 -7.33 -34.86 33.21
CA PHE A 679 -8.11 -33.66 33.52
C PHE A 679 -9.57 -34.01 33.79
N ASN A 680 -10.12 -34.98 33.06
CA ASN A 680 -11.53 -35.31 33.17
C ASN A 680 -11.89 -35.92 34.51
N GLU A 681 -10.92 -36.30 35.33
CA GLU A 681 -11.14 -36.93 36.62
C GLU A 681 -10.44 -36.17 37.73
N GLY A 682 -10.45 -34.84 37.66
CA GLY A 682 -9.70 -34.04 38.60
C GLY A 682 -8.21 -34.25 38.44
N GLN A 683 -7.54 -34.69 39.52
CA GLN A 683 -6.18 -35.21 39.46
C GLN A 683 -5.15 -34.23 38.93
N LEU A 684 -5.55 -33.00 38.64
CA LEU A 684 -4.63 -31.97 38.17
C LEU A 684 -4.37 -30.96 39.27
N GLU A 685 -3.10 -30.66 39.49
CA GLU A 685 -2.72 -29.56 40.38
C GLU A 685 -2.54 -28.33 39.52
N PRO A 686 -3.43 -27.34 39.58
CA PRO A 686 -3.32 -26.19 38.68
C PRO A 686 -2.13 -25.31 39.05
N ILE A 687 -1.67 -24.57 38.06
CA ILE A 687 -0.58 -23.61 38.30
C ILE A 687 -1.08 -22.56 39.29
N PRO A 688 -0.30 -22.22 40.32
CA PRO A 688 -0.78 -21.26 41.32
C PRO A 688 -1.16 -19.93 40.68
N GLY A 689 -2.29 -19.38 41.12
CA GLY A 689 -2.84 -18.19 40.53
C GLY A 689 -3.70 -18.42 39.31
N ARG A 690 -3.84 -19.67 38.86
CA ARG A 690 -4.63 -20.01 37.68
C ARG A 690 -5.64 -21.10 38.04
N THR A 691 -6.75 -21.09 37.33
CA THR A 691 -7.83 -22.03 37.59
C THR A 691 -7.71 -23.26 36.69
N ILE A 692 -8.57 -24.24 36.96
CA ILE A 692 -8.69 -25.39 36.07
C ILE A 692 -9.26 -24.94 34.73
N GLU A 693 -8.92 -25.68 33.67
CA GLU A 693 -9.24 -25.39 32.28
C GLU A 693 -8.39 -24.24 31.73
N GLU A 694 -7.62 -23.56 32.56
CA GLU A 694 -6.60 -22.62 32.12
C GLU A 694 -5.20 -23.20 32.19
N SER A 695 -4.95 -24.12 33.12
CA SER A 695 -3.67 -24.81 33.18
C SER A 695 -3.54 -25.87 32.10
N LEU A 696 -4.65 -26.52 31.75
CA LEU A 696 -4.61 -27.56 30.72
C LEU A 696 -4.20 -26.98 29.38
N GLU A 697 -4.78 -25.83 29.01
CA GLU A 697 -4.42 -25.19 27.74
C GLU A 697 -2.96 -24.77 27.74
N SER A 698 -2.47 -24.25 28.86
CA SER A 698 -1.06 -23.86 28.94
C SER A 698 -0.16 -25.08 28.79
N TYR A 699 -0.51 -26.20 29.43
CA TYR A 699 0.27 -27.42 29.31
C TYR A 699 0.31 -27.89 27.86
N ILE A 700 -0.85 -27.89 27.20
CA ILE A 700 -0.92 -28.36 25.82
C ILE A 700 -0.09 -27.47 24.90
N LEU A 701 -0.21 -26.16 25.07
CA LEU A 701 0.54 -25.24 24.22
C LEU A 701 2.04 -25.38 24.45
N ASP A 702 2.45 -25.54 25.72
CA ASP A 702 3.87 -25.70 26.01
C ASP A 702 4.43 -26.97 25.36
N THR A 703 3.72 -28.09 25.51
CA THR A 703 4.25 -29.33 24.95
C THR A 703 4.24 -29.29 23.42
N LEU A 704 3.25 -28.64 22.81
CA LEU A 704 3.24 -28.53 21.35
C LEU A 704 4.40 -27.66 20.85
N ASP A 705 4.68 -26.56 21.55
CA ASP A 705 5.81 -25.72 21.15
C ASP A 705 7.13 -26.46 21.31
N LYS A 706 7.28 -27.22 22.40
CA LYS A 706 8.50 -28.01 22.57
C LYS A 706 8.63 -29.06 21.48
N LEU A 707 7.52 -29.70 21.10
CA LEU A 707 7.55 -30.67 20.02
C LEU A 707 7.98 -30.02 18.72
N ARG A 708 7.46 -28.83 18.42
CA ARG A 708 7.86 -28.11 17.22
C ARG A 708 9.35 -27.81 17.22
N LYS A 709 9.88 -27.34 18.35
CA LYS A 709 11.30 -27.02 18.43
C LYS A 709 12.16 -28.27 18.24
N VAL A 710 11.76 -29.39 18.86
CA VAL A 710 12.52 -30.63 18.73
C VAL A 710 12.50 -31.13 17.30
N ALA A 711 11.34 -31.07 16.64
CA ALA A 711 11.25 -31.51 15.26
C ALA A 711 12.11 -30.64 14.36
N GLY A 712 12.11 -29.33 14.59
CA GLY A 712 12.96 -28.45 13.80
C GLY A 712 14.44 -28.77 13.98
N GLU A 713 14.86 -29.02 15.22
CA GLU A 713 16.25 -29.38 15.48
C GLU A 713 16.63 -30.68 14.77
N ILE A 714 15.75 -31.68 14.83
CA ILE A 714 16.01 -32.96 14.18
C ILE A 714 16.14 -32.78 12.68
N ALA A 715 15.24 -31.99 12.08
CA ALA A 715 15.30 -31.78 10.65
C ALA A 715 16.57 -31.04 10.25
N THR A 716 16.97 -30.03 11.03
CA THR A 716 18.19 -29.29 10.72
C THR A 716 19.43 -30.17 10.84
N LYS A 717 19.46 -31.06 11.83
CA LYS A 717 20.66 -31.86 12.06
C LYS A 717 20.95 -32.81 10.89
N TYR A 718 19.92 -33.42 10.33
CA TYR A 718 20.08 -34.42 9.28
C TYR A 718 20.12 -33.84 7.88
N LEU A 719 20.04 -32.52 7.73
CA LEU A 719 20.12 -31.91 6.41
C LEU A 719 21.57 -31.61 6.05
N ASP A 720 21.78 -31.31 4.77
CA ASP A 720 23.11 -30.98 4.28
C ASP A 720 23.58 -29.67 4.90
N PRO A 721 24.72 -29.64 5.59
CA PRO A 721 25.16 -28.38 6.22
C PRO A 721 25.50 -27.29 5.22
N PHE A 722 25.75 -27.62 3.96
CA PHE A 722 26.14 -26.63 2.95
C PHE A 722 25.28 -26.80 1.71
N ASN A 723 24.10 -26.20 1.72
CA ASN A 723 23.25 -26.09 0.53
C ASN A 723 22.78 -24.65 0.41
N ASN A 724 22.19 -24.34 -0.74
CA ASN A 724 21.86 -22.94 -1.05
C ASN A 724 20.87 -22.36 -0.06
N VAL A 725 19.85 -23.14 0.33
CA VAL A 725 18.86 -22.64 1.28
C VAL A 725 19.49 -22.34 2.63
N TYR A 726 20.32 -23.27 3.11
CA TYR A 726 21.02 -23.06 4.38
C TYR A 726 21.97 -21.87 4.30
N ILE A 727 22.64 -21.71 3.16
CA ILE A 727 23.55 -20.59 2.98
C ILE A 727 22.78 -19.27 3.05
N MET A 728 21.66 -19.18 2.33
CA MET A 728 20.85 -17.97 2.38
C MET A 728 20.34 -17.70 3.78
N ALA A 729 19.99 -18.75 4.52
CA ALA A 729 19.48 -18.57 5.87
C ALA A 729 20.56 -18.05 6.82
N ILE A 730 21.74 -18.69 6.81
CA ILE A 730 22.75 -18.36 7.80
C ILE A 730 23.43 -17.04 7.47
N THR A 731 23.67 -16.75 6.18
CA THR A 731 24.32 -15.50 5.83
C THR A 731 23.40 -14.29 5.99
N GLY A 732 22.11 -14.51 6.21
CA GLY A 732 21.19 -13.41 6.37
C GLY A 732 20.66 -12.83 5.07
N ALA A 733 20.91 -13.48 3.94
CA ALA A 733 20.40 -12.97 2.66
C ALA A 733 18.88 -13.04 2.61
N ARG A 734 18.33 -14.24 2.74
CA ARG A 734 16.89 -14.43 2.75
C ARG A 734 16.55 -15.61 3.66
N GLY A 735 15.31 -15.64 4.11
CA GLY A 735 14.82 -16.73 4.92
C GLY A 735 15.26 -16.65 6.37
N SER A 736 14.88 -17.68 7.12
CA SER A 736 15.16 -17.77 8.54
C SER A 736 15.15 -19.24 8.94
N GLU A 737 15.46 -19.50 10.21
CA GLU A 737 15.40 -20.87 10.71
C GLU A 737 13.97 -21.36 10.79
N LEU A 738 13.02 -20.47 11.10
CA LEU A 738 11.62 -20.87 11.17
C LEU A 738 11.09 -21.31 9.82
N ASN A 739 11.47 -20.59 8.75
CA ASN A 739 11.05 -20.98 7.41
C ASN A 739 11.61 -22.35 7.03
N ILE A 740 12.88 -22.60 7.35
CA ILE A 740 13.47 -23.91 7.07
C ILE A 740 12.76 -24.99 7.85
N THR A 741 12.43 -24.73 9.12
CA THR A 741 11.70 -25.70 9.92
C THR A 741 10.33 -26.00 9.32
N GLN A 742 9.63 -24.97 8.85
CA GLN A 742 8.31 -25.18 8.27
C GLN A 742 8.38 -25.92 6.94
N MET A 743 9.42 -25.66 6.14
CA MET A 743 9.54 -26.35 4.86
C MET A 743 9.95 -27.80 5.02
N THR A 744 10.91 -28.07 5.91
CA THR A 744 11.45 -29.42 6.04
C THR A 744 10.74 -30.24 7.11
N ALA A 745 10.32 -29.63 8.21
CA ALA A 745 9.65 -30.31 9.30
C ALA A 745 8.24 -29.75 9.48
N LEU A 746 7.59 -30.17 10.56
CA LEU A 746 6.18 -29.81 10.78
C LEU A 746 6.01 -28.30 10.91
N LEU A 747 4.87 -27.81 10.38
CA LEU A 747 4.56 -26.38 10.51
C LEU A 747 4.38 -25.96 11.95
N GLY A 748 3.67 -26.76 12.73
CA GLY A 748 3.39 -26.44 14.10
C GLY A 748 1.92 -26.13 14.34
N GLN A 749 1.68 -25.34 15.38
CA GLN A 749 0.33 -25.03 15.83
C GLN A 749 -0.13 -23.71 15.22
N GLN A 750 -1.24 -23.75 14.48
CA GLN A 750 -1.86 -22.53 13.99
C GLN A 750 -2.72 -21.92 15.07
N SER A 751 -2.75 -20.59 15.12
CA SER A 751 -3.50 -19.89 16.16
C SER A 751 -4.11 -18.62 15.59
N VAL A 752 -5.29 -18.28 16.09
CA VAL A 752 -5.98 -17.05 15.74
C VAL A 752 -6.08 -16.20 16.99
N ARG A 753 -5.50 -14.99 16.93
CA ARG A 753 -5.48 -14.07 18.07
C ARG A 753 -4.85 -14.70 19.29
N GLY A 754 -3.79 -15.48 19.09
CA GLY A 754 -3.03 -16.04 20.19
C GLY A 754 -3.62 -17.27 20.83
N GLU A 755 -4.69 -17.84 20.27
CA GLU A 755 -5.31 -19.03 20.83
C GLU A 755 -5.65 -20.00 19.70
N ARG A 756 -5.84 -21.26 20.07
CA ARG A 756 -6.15 -22.29 19.09
C ARG A 756 -7.48 -22.01 18.40
N ILE A 757 -7.61 -22.52 17.18
CA ILE A 757 -8.82 -22.28 16.39
C ILE A 757 -10.00 -22.98 17.06
N ARG A 758 -11.00 -22.19 17.43
CA ARG A 758 -12.18 -22.70 18.13
C ARG A 758 -13.50 -22.36 17.45
N ARG A 759 -13.56 -21.31 16.64
CA ARG A 759 -14.83 -20.88 16.06
C ARG A 759 -15.30 -21.86 15.01
N GLY A 760 -16.55 -22.31 15.15
CA GLY A 760 -17.11 -23.29 14.23
C GLY A 760 -18.44 -23.81 14.73
N TYR A 761 -18.62 -25.13 14.71
CA TYR A 761 -19.84 -25.74 15.21
C TYR A 761 -19.81 -25.76 16.73
N ARG A 762 -20.81 -26.39 17.34
CA ARG A 762 -20.89 -26.45 18.79
C ARG A 762 -19.93 -27.50 19.32
N GLU A 763 -18.96 -27.07 20.14
CA GLU A 763 -17.98 -27.93 20.77
C GLU A 763 -17.06 -28.64 19.77
N ARG A 764 -16.99 -28.14 18.54
CA ARG A 764 -16.06 -28.65 17.55
C ARG A 764 -15.91 -27.62 16.44
N THR A 765 -14.71 -27.55 15.86
CA THR A 765 -14.45 -26.57 14.81
C THR A 765 -15.11 -26.98 13.50
N LEU A 766 -14.75 -28.16 12.99
CA LEU A 766 -15.32 -28.69 11.77
C LEU A 766 -16.21 -29.89 12.11
N SER A 767 -16.98 -30.31 11.11
CA SER A 767 -17.87 -31.45 11.29
C SER A 767 -17.17 -32.79 11.10
N LEU A 768 -15.88 -32.78 10.81
CA LEU A 768 -15.12 -34.02 10.66
C LEU A 768 -14.65 -34.60 11.99
N PHE A 769 -14.81 -33.87 13.09
CA PHE A 769 -14.32 -34.29 14.39
C PHE A 769 -15.47 -34.60 15.32
N LYS A 770 -15.17 -35.40 16.35
CA LYS A 770 -16.17 -35.78 17.32
C LYS A 770 -16.57 -34.60 18.20
N TYR A 771 -17.75 -34.70 18.81
CA TYR A 771 -18.23 -33.66 19.70
C TYR A 771 -17.33 -33.56 20.93
N GLY A 772 -16.98 -32.33 21.30
CA GLY A 772 -16.15 -32.10 22.47
C GLY A 772 -14.76 -32.66 22.39
N ASP A 773 -14.09 -32.50 21.25
CA ASP A 773 -12.74 -32.98 21.04
C ASP A 773 -11.76 -31.83 21.12
N ILE A 774 -10.76 -31.95 22.00
CA ILE A 774 -9.74 -30.93 22.14
C ILE A 774 -8.37 -31.54 21.87
N ALA A 775 -8.33 -32.57 21.03
CA ALA A 775 -7.08 -33.17 20.62
C ALA A 775 -6.27 -32.18 19.78
N PRO A 776 -4.95 -32.36 19.70
CA PRO A 776 -4.14 -31.41 18.91
C PRO A 776 -4.56 -31.28 17.46
N GLU A 777 -4.98 -32.38 16.83
CA GLU A 777 -5.40 -32.30 15.43
C GLU A 777 -6.67 -31.49 15.26
N ALA A 778 -7.59 -31.57 16.23
CA ALA A 778 -8.90 -30.96 16.09
C ALA A 778 -8.90 -29.46 16.35
N ARG A 779 -7.79 -28.88 16.81
CA ARG A 779 -7.74 -27.46 17.11
C ARG A 779 -6.73 -26.69 16.28
N GLY A 780 -6.01 -27.36 15.37
CA GLY A 780 -5.18 -26.63 14.43
C GLY A 780 -3.69 -26.90 14.51
N PHE A 781 -3.29 -28.08 14.94
CA PHE A 781 -1.89 -28.47 14.94
C PHE A 781 -1.57 -29.19 13.63
N VAL A 782 -0.68 -28.61 12.83
CA VAL A 782 -0.27 -29.17 11.56
C VAL A 782 1.02 -29.94 11.77
N LYS A 783 0.97 -31.25 11.55
CA LYS A 783 2.13 -32.11 11.72
C LYS A 783 2.85 -32.40 10.41
N ASN A 784 2.41 -31.81 9.30
CA ASN A 784 3.03 -32.00 8.01
C ASN A 784 3.93 -30.80 7.69
N SER A 785 4.60 -30.89 6.54
CA SER A 785 5.45 -29.82 6.05
C SER A 785 4.98 -29.39 4.67
N PHE A 786 5.46 -28.22 4.23
CA PHE A 786 5.11 -27.74 2.90
C PHE A 786 5.66 -28.68 1.83
N MET A 787 6.87 -29.22 2.04
CA MET A 787 7.40 -30.22 1.12
C MET A 787 6.54 -31.47 1.10
N ARG A 788 6.09 -31.93 2.27
CA ARG A 788 5.29 -33.15 2.33
C ARG A 788 3.85 -32.90 1.91
N GLY A 789 3.32 -31.72 2.18
CA GLY A 789 1.96 -31.39 1.81
C GLY A 789 1.00 -31.50 2.99
N LEU A 790 -0.08 -30.73 2.92
CA LEU A 790 -1.05 -30.67 4.01
C LEU A 790 -2.34 -31.38 3.63
N SER A 791 -3.00 -31.94 4.64
CA SER A 791 -4.32 -32.53 4.49
C SER A 791 -5.38 -31.42 4.39
N PRO A 792 -6.58 -31.74 3.89
CA PRO A 792 -7.57 -30.67 3.68
C PRO A 792 -7.88 -29.85 4.93
N TYR A 793 -8.12 -30.49 6.06
CA TYR A 793 -8.42 -29.73 7.26
C TYR A 793 -7.20 -28.95 7.74
N GLU A 794 -6.00 -29.47 7.49
CA GLU A 794 -4.79 -28.70 7.80
C GLU A 794 -4.69 -27.46 6.92
N MET A 795 -5.08 -27.58 5.65
CA MET A 795 -5.15 -26.41 4.78
C MET A 795 -6.14 -25.38 5.33
N PHE A 796 -7.31 -25.84 5.77
CA PHE A 796 -8.30 -24.93 6.33
C PHE A 796 -7.77 -24.23 7.57
N PHE A 797 -7.12 -24.98 8.46
CA PHE A 797 -6.57 -24.38 9.67
C PHE A 797 -5.46 -23.39 9.35
N HIS A 798 -4.62 -23.71 8.36
CA HIS A 798 -3.55 -22.80 7.97
C HIS A 798 -4.12 -21.49 7.42
N ALA A 799 -5.15 -21.58 6.57
CA ALA A 799 -5.76 -20.36 6.05
C ALA A 799 -6.41 -19.55 7.17
N ALA A 800 -7.08 -20.23 8.11
CA ALA A 800 -7.69 -19.52 9.23
C ALA A 800 -6.65 -18.81 10.07
N GLY A 801 -5.51 -19.46 10.30
CA GLY A 801 -4.44 -18.82 11.05
C GLY A 801 -3.84 -17.64 10.31
N GLY A 802 -3.67 -17.76 9.00
CA GLY A 802 -3.02 -16.73 8.23
C GLY A 802 -3.89 -15.58 7.73
N ARG A 803 -5.20 -15.65 7.93
CA ARG A 803 -6.08 -14.60 7.43
C ARG A 803 -5.81 -13.22 8.05
N GLU A 804 -5.22 -13.15 9.25
CA GLU A 804 -5.12 -11.87 9.94
C GLU A 804 -4.15 -10.90 9.26
N GLY A 805 -3.14 -11.42 8.58
CA GLY A 805 -2.17 -10.58 7.91
C GLY A 805 -2.76 -9.80 6.75
N LEU A 806 -3.71 -10.39 6.04
CA LEU A 806 -4.38 -9.68 4.95
C LEU A 806 -5.22 -8.52 5.45
N VAL A 807 -5.54 -8.50 6.74
CA VAL A 807 -6.44 -7.51 7.30
C VAL A 807 -5.70 -6.38 8.01
N ASP A 808 -4.68 -6.72 8.81
CA ASP A 808 -4.11 -5.73 9.72
C ASP A 808 -3.43 -4.56 9.02
N THR A 809 -3.03 -4.72 7.75
CA THR A 809 -2.14 -3.75 7.12
C THR A 809 -2.78 -2.37 6.97
N ALA A 810 -4.02 -2.34 6.48
CA ALA A 810 -4.68 -1.05 6.24
C ALA A 810 -4.91 -0.30 7.54
N VAL A 811 -5.33 -1.01 8.59
CA VAL A 811 -5.52 -0.38 9.89
C VAL A 811 -4.21 0.18 10.40
N LYS A 812 -3.13 -0.60 10.28
CA LYS A 812 -1.83 -0.12 10.76
C LYS A 812 -1.39 1.14 10.03
N THR A 813 -1.52 1.14 8.70
CA THR A 813 -1.04 2.30 7.95
C THR A 813 -1.90 3.53 8.21
N SER A 814 -3.22 3.36 8.36
CA SER A 814 -4.08 4.50 8.66
C SER A 814 -3.76 5.11 10.02
N GLN A 815 -3.62 4.26 11.04
CA GLN A 815 -3.30 4.77 12.37
C GLN A 815 -1.94 5.44 12.38
N SER A 816 -0.96 4.86 11.69
CA SER A 816 0.37 5.47 11.63
C SER A 816 0.30 6.84 10.96
N GLY A 817 -0.45 6.96 9.86
CA GLY A 817 -0.56 8.24 9.20
C GLY A 817 -1.19 9.31 10.08
N TYR A 818 -2.28 8.94 10.77
CA TYR A 818 -2.93 9.91 11.65
C TYR A 818 -2.00 10.37 12.77
N MET A 819 -1.32 9.40 13.42
CA MET A 819 -0.42 9.76 14.51
C MET A 819 0.72 10.64 14.02
N GLN A 820 1.30 10.30 12.86
CA GLN A 820 2.42 11.09 12.35
C GLN A 820 1.98 12.49 11.97
N ARG A 821 0.77 12.64 11.42
CA ARG A 821 0.27 13.97 11.12
C ARG A 821 0.14 14.81 12.38
N ARG A 822 -0.45 14.25 13.43
CA ARG A 822 -0.59 15.00 14.68
C ARG A 822 0.78 15.36 15.24
N LEU A 823 1.72 14.42 15.22
CA LEU A 823 3.04 14.66 15.81
C LEU A 823 3.81 15.70 15.02
N ILE A 824 3.72 15.68 13.69
CA ILE A 824 4.34 16.69 12.85
C ILE A 824 3.78 18.06 13.17
N ASN A 825 2.45 18.16 13.24
CA ASN A 825 1.85 19.46 13.53
C ASN A 825 2.21 19.95 14.93
N ALA A 826 2.47 19.02 15.85
CA ALA A 826 2.87 19.43 17.21
C ALA A 826 4.30 19.93 17.26
N LEU A 827 5.23 19.25 16.59
CA LEU A 827 6.66 19.53 16.72
C LEU A 827 7.23 20.29 15.52
N SER A 828 6.40 21.01 14.78
CA SER A 828 6.84 21.55 13.51
C SER A 828 7.84 22.70 13.68
N ASP A 829 7.63 23.55 14.67
CA ASP A 829 8.33 24.85 14.73
C ASP A 829 9.45 24.88 15.76
N LEU A 830 10.19 23.79 15.92
CA LEU A 830 11.33 23.74 16.84
C LEU A 830 12.63 23.91 16.06
N ARG A 831 13.60 24.57 16.69
CA ARG A 831 14.86 24.89 16.03
C ARG A 831 15.98 24.82 17.06
N ILE A 832 17.20 24.66 16.55
CA ILE A 832 18.40 24.63 17.38
C ILE A 832 19.13 25.97 17.17
N GLU A 833 19.33 26.69 18.27
CA GLU A 833 19.95 28.00 18.21
C GLU A 833 21.47 27.87 18.19
N TYR A 834 22.16 29.01 18.07
CA TYR A 834 23.60 29.01 17.96
C TYR A 834 24.30 28.75 19.30
N ASP A 835 23.57 28.79 20.41
CA ASP A 835 24.14 28.49 21.72
C ASP A 835 23.87 27.06 22.15
N GLY A 836 23.26 26.23 21.30
CA GLY A 836 23.01 24.84 21.60
C GLY A 836 21.62 24.55 22.14
N THR A 837 20.87 25.56 22.53
CA THR A 837 19.54 25.36 23.08
C THR A 837 18.58 24.93 21.98
N VAL A 838 17.48 24.29 22.40
CA VAL A 838 16.37 23.96 21.52
C VAL A 838 15.23 24.91 21.87
N ARG A 839 14.81 25.73 20.91
CA ARG A 839 13.80 26.74 21.15
C ARG A 839 12.75 26.69 20.04
N SER A 840 11.52 27.02 20.39
CA SER A 840 10.51 27.19 19.37
C SER A 840 10.69 28.53 18.66
N LEU A 841 10.08 28.65 17.48
CA LEU A 841 10.19 29.89 16.73
C LEU A 841 9.45 31.04 17.40
N TYR A 842 8.64 30.76 18.42
CA TYR A 842 7.96 31.80 19.18
C TYR A 842 8.78 32.30 20.36
N GLY A 843 9.92 31.67 20.67
CA GLY A 843 10.89 32.21 21.62
C GLY A 843 11.15 31.31 22.81
N ASP A 844 10.16 30.53 23.22
CA ASP A 844 10.28 29.78 24.47
C ASP A 844 11.25 28.61 24.33
N ILE A 845 11.75 28.15 25.48
CA ILE A 845 12.82 27.17 25.54
C ILE A 845 12.23 25.79 25.83
N VAL A 846 12.67 24.79 25.09
CA VAL A 846 12.26 23.41 25.30
C VAL A 846 13.34 22.61 26.02
N GLN A 847 14.58 22.72 25.57
CA GLN A 847 15.72 22.05 26.18
C GLN A 847 16.85 23.02 26.35
N VAL A 848 17.57 22.93 27.46
CA VAL A 848 18.72 23.80 27.70
C VAL A 848 19.85 23.45 26.74
N VAL A 849 20.04 22.16 26.47
CA VAL A 849 20.98 21.70 25.45
C VAL A 849 20.35 20.49 24.78
N TYR A 850 20.49 20.40 23.45
CA TYR A 850 19.82 19.34 22.71
C TYR A 850 20.29 17.97 23.18
N GLY A 851 19.33 17.07 23.34
CA GLY A 851 19.66 15.78 23.94
C GLY A 851 20.23 16.01 25.32
N ASP A 852 21.41 15.46 25.56
CA ASP A 852 22.15 15.73 26.78
C ASP A 852 23.57 16.20 26.53
N ASP A 853 24.10 15.99 25.32
CA ASP A 853 25.45 16.41 24.99
C ASP A 853 25.55 17.02 23.59
N ALA A 854 24.42 17.49 23.05
CA ALA A 854 24.38 18.19 21.77
C ALA A 854 24.96 17.36 20.63
N VAL A 855 24.60 16.09 20.57
CA VAL A 855 25.08 15.17 19.55
C VAL A 855 23.92 14.82 18.62
N HIS A 856 24.14 14.99 17.32
CA HIS A 856 23.13 14.58 16.35
C HIS A 856 23.07 13.05 16.29
N PRO A 857 21.88 12.47 16.29
CA PRO A 857 21.78 11.02 16.11
C PRO A 857 22.38 10.52 14.81
N MET A 858 22.33 11.34 13.75
CA MET A 858 22.87 10.94 12.46
C MET A 858 24.40 10.83 12.50
N TYR A 859 25.06 11.67 13.28
CA TYR A 859 26.52 11.66 13.37
C TYR A 859 27.04 10.81 14.53
N SER A 860 26.17 10.12 15.24
CA SER A 860 26.58 9.31 16.38
C SER A 860 26.90 7.89 15.93
N ALA A 861 27.75 7.22 16.72
CA ALA A 861 28.13 5.83 16.44
C ALA A 861 27.11 4.91 17.10
N HIS A 862 25.95 4.79 16.43
CA HIS A 862 24.83 4.01 16.94
C HIS A 862 24.38 4.50 18.31
N SER A 863 23.87 5.73 18.34
CA SER A 863 23.34 6.35 19.55
C SER A 863 24.41 6.47 20.63
N LYS A 864 25.57 6.96 20.23
CA LYS A 864 26.69 7.11 21.15
C LYS A 864 27.63 8.17 20.58
N SER A 865 28.10 9.06 21.45
CA SER A 865 28.91 10.19 21.00
C SER A 865 30.20 9.71 20.33
N VAL A 866 30.90 8.79 20.98
CA VAL A 866 32.10 8.20 20.39
C VAL A 866 32.36 6.87 21.09
N ASN A 867 32.73 5.87 20.30
CA ASN A 867 33.05 4.54 20.82
C ASN A 867 34.54 4.50 21.12
N VAL A 868 34.90 4.54 22.42
CA VAL A 868 36.30 4.58 22.80
C VAL A 868 36.99 3.26 22.44
N ASN A 869 36.27 2.14 22.55
CA ASN A 869 36.85 0.87 22.14
C ASN A 869 37.17 0.87 20.66
N ARG A 870 36.30 1.46 19.85
CA ARG A 870 36.57 1.56 18.42
C ARG A 870 37.79 2.42 18.13
N VAL A 871 37.98 3.49 18.92
CA VAL A 871 39.15 4.34 18.72
C VAL A 871 40.42 3.58 19.09
N ILE A 872 40.40 2.86 20.20
CA ILE A 872 41.57 2.05 20.60
C ILE A 872 41.86 1.01 19.52
N GLU A 873 40.82 0.40 18.97
CA GLU A 873 41.01 -0.56 17.89
C GLU A 873 41.63 0.12 16.67
N ARG A 874 41.06 1.25 16.24
CA ARG A 874 41.56 1.97 15.09
C ARG A 874 43.04 2.33 15.25
N VAL A 875 43.48 2.55 16.50
CA VAL A 875 44.87 2.93 16.71
C VAL A 875 45.78 1.70 16.76
N ILE A 876 45.46 0.71 17.58
CA ILE A 876 46.40 -0.38 17.84
C ILE A 876 45.85 -1.76 17.50
N GLY A 877 45.01 -1.85 16.48
CA GLY A 877 44.47 -3.17 16.15
C GLY A 877 45.35 -4.03 15.27
N TRP A 878 46.36 -3.44 14.65
CA TRP A 878 47.27 -4.22 13.82
C TRP A 878 48.27 -5.04 14.64
N LYS A 879 48.30 -4.85 15.95
CA LYS A 879 49.21 -5.59 16.82
C LYS A 879 48.48 -6.38 17.90
N ARG A 880 47.16 -6.45 17.84
CA ARG A 880 46.40 -7.23 18.82
C ARG A 880 46.60 -8.72 18.60
N MET B 1 -15.90 -50.32 -2.73
CA MET B 1 -15.32 -49.12 -2.15
C MET B 1 -15.24 -48.00 -3.19
N LEU B 2 -15.53 -46.78 -2.77
CA LEU B 2 -15.50 -45.62 -3.65
C LEU B 2 -14.06 -45.16 -3.82
N ASP B 3 -13.52 -45.34 -5.02
CA ASP B 3 -12.19 -44.87 -5.34
C ASP B 3 -12.24 -43.41 -5.79
N THR B 4 -11.09 -42.88 -6.21
CA THR B 4 -11.05 -41.50 -6.67
C THR B 4 -11.87 -41.32 -7.95
N GLU B 5 -11.82 -42.30 -8.85
CA GLU B 5 -12.47 -42.16 -10.14
C GLU B 5 -13.98 -42.07 -9.99
N SER B 6 -14.57 -42.88 -9.11
CA SER B 6 -16.01 -42.85 -8.93
C SER B 6 -16.48 -41.53 -8.32
N ARG B 7 -15.75 -41.02 -7.32
CA ARG B 7 -16.12 -39.74 -6.74
C ARG B 7 -15.97 -38.61 -7.75
N TRP B 8 -14.92 -38.66 -8.57
CA TRP B 8 -14.79 -37.66 -9.63
C TRP B 8 -15.91 -37.80 -10.66
N ALA B 9 -16.37 -39.02 -10.92
CA ALA B 9 -17.51 -39.20 -11.82
C ALA B 9 -18.76 -38.54 -11.24
N ILE B 10 -18.98 -38.69 -9.94
CA ILE B 10 -20.12 -38.04 -9.30
C ILE B 10 -20.01 -36.52 -9.44
N ALA B 11 -18.83 -35.97 -9.15
CA ALA B 11 -18.65 -34.51 -9.23
C ALA B 11 -18.81 -34.01 -10.67
N GLU B 12 -18.25 -34.74 -11.64
CA GLU B 12 -18.36 -34.34 -13.03
C GLU B 12 -19.81 -34.39 -13.50
N SER B 13 -20.58 -35.40 -13.07
CA SER B 13 -21.99 -35.43 -13.39
C SER B 13 -22.73 -34.24 -12.78
N PHE B 14 -22.36 -33.88 -11.55
CA PHE B 14 -22.94 -32.68 -10.93
C PHE B 14 -22.70 -31.45 -11.80
N PHE B 15 -21.45 -31.26 -12.23
CA PHE B 15 -21.12 -30.08 -13.04
C PHE B 15 -21.78 -30.12 -14.41
N LYS B 16 -21.97 -31.33 -14.96
CA LYS B 16 -22.56 -31.44 -16.29
C LYS B 16 -24.06 -31.17 -16.27
N THR B 17 -24.76 -31.70 -15.27
CA THR B 17 -26.22 -31.51 -15.22
C THR B 17 -26.56 -30.06 -14.93
N ARG B 18 -26.12 -29.55 -13.77
CA ARG B 18 -26.29 -28.16 -13.40
C ARG B 18 -24.95 -27.45 -13.53
N GLY B 19 -24.94 -26.32 -14.23
CA GLY B 19 -23.71 -25.61 -14.54
C GLY B 19 -23.10 -24.93 -13.35
N LEU B 20 -22.31 -23.89 -13.63
CA LEU B 20 -21.63 -23.11 -12.60
C LEU B 20 -22.40 -21.87 -12.18
N VAL B 21 -23.50 -21.55 -12.83
CA VAL B 21 -24.29 -20.36 -12.52
C VAL B 21 -25.71 -20.78 -12.18
N ARG B 22 -25.87 -21.97 -11.59
CA ARG B 22 -27.20 -22.50 -11.32
C ARG B 22 -27.96 -21.65 -10.30
N GLN B 23 -27.23 -20.95 -9.43
CA GLN B 23 -27.90 -20.14 -8.41
C GLN B 23 -28.73 -19.03 -9.03
N HIS B 24 -28.11 -18.23 -9.91
CA HIS B 24 -28.81 -17.12 -10.55
C HIS B 24 -29.99 -17.62 -11.37
N LEU B 25 -29.76 -18.66 -12.18
CA LEU B 25 -30.81 -19.17 -13.05
C LEU B 25 -31.97 -19.74 -12.24
N ASP B 26 -31.66 -20.48 -11.17
CA ASP B 26 -32.72 -21.04 -10.34
C ASP B 26 -33.53 -19.96 -9.66
N SER B 27 -32.87 -18.94 -9.10
CA SER B 27 -33.60 -17.87 -8.45
C SER B 27 -34.47 -17.11 -9.43
N PHE B 28 -33.94 -16.82 -10.62
CA PHE B 28 -34.74 -16.09 -11.61
C PHE B 28 -35.91 -16.93 -12.12
N ASN B 29 -35.70 -18.22 -12.32
CA ASN B 29 -36.79 -19.08 -12.76
C ASN B 29 -37.88 -19.16 -11.70
N ASP B 30 -37.49 -19.26 -10.43
CA ASP B 30 -38.48 -19.29 -9.36
C ASP B 30 -39.25 -17.98 -9.30
N PHE B 31 -38.56 -16.85 -9.45
CA PHE B 31 -39.25 -15.57 -9.45
C PHE B 31 -40.21 -15.46 -10.64
N LEU B 32 -39.77 -15.94 -11.80
CA LEU B 32 -40.57 -15.80 -13.01
C LEU B 32 -41.80 -16.71 -12.99
N ARG B 33 -41.70 -17.88 -12.35
CA ARG B 33 -42.81 -18.81 -12.33
C ARG B 33 -43.82 -18.50 -11.22
N ASN B 34 -43.35 -18.07 -10.06
CA ASN B 34 -44.22 -17.90 -8.89
C ASN B 34 -44.30 -16.47 -8.41
N LYS B 35 -43.16 -15.83 -8.15
CA LYS B 35 -43.16 -14.54 -7.48
C LYS B 35 -43.79 -13.42 -8.31
N LEU B 36 -43.95 -13.63 -9.62
CA LEU B 36 -44.60 -12.60 -10.44
C LEU B 36 -46.11 -12.56 -10.18
N GLN B 37 -46.76 -13.72 -10.13
CA GLN B 37 -48.18 -13.79 -9.87
C GLN B 37 -48.51 -13.44 -8.41
N GLN B 38 -47.63 -13.85 -7.50
CA GLN B 38 -47.88 -13.64 -6.07
C GLN B 38 -47.95 -12.16 -5.72
N VAL B 39 -47.17 -11.32 -6.41
CA VAL B 39 -47.19 -9.89 -6.13
C VAL B 39 -48.57 -9.31 -6.43
N ILE B 40 -49.16 -9.68 -7.56
CA ILE B 40 -50.45 -9.13 -7.92
C ILE B 40 -51.60 -9.78 -7.17
N TYR B 41 -51.42 -11.02 -6.67
CA TYR B 41 -52.40 -11.52 -5.69
C TYR B 41 -52.28 -10.77 -4.37
N GLU B 42 -51.07 -10.39 -3.97
CA GLU B 42 -50.92 -9.57 -2.77
C GLU B 42 -51.59 -8.22 -2.95
N GLN B 43 -51.45 -7.63 -4.13
CA GLN B 43 -52.23 -6.43 -4.44
C GLN B 43 -53.72 -6.73 -4.42
N GLY B 44 -54.12 -7.83 -5.04
CA GLY B 44 -55.49 -8.29 -4.99
C GLY B 44 -56.41 -7.55 -5.95
N GLU B 45 -56.76 -6.31 -5.59
CA GLU B 45 -57.63 -5.49 -6.40
C GLU B 45 -57.49 -4.05 -5.94
N ILE B 46 -57.58 -3.12 -6.89
CA ILE B 46 -57.45 -1.70 -6.59
C ILE B 46 -58.82 -1.12 -6.29
N VAL B 47 -58.90 -0.28 -5.26
CA VAL B 47 -60.13 0.37 -4.87
C VAL B 47 -60.06 1.84 -5.25
N THR B 48 -61.22 2.48 -5.30
CA THR B 48 -61.34 3.89 -5.63
C THR B 48 -62.23 4.56 -4.59
N GLU B 49 -61.91 5.82 -4.27
CA GLU B 49 -62.73 6.56 -3.31
C GLU B 49 -64.16 6.73 -3.81
N VAL B 50 -64.35 6.78 -5.12
CA VAL B 50 -65.69 6.85 -5.70
C VAL B 50 -66.30 5.45 -5.65
N PRO B 51 -67.44 5.27 -4.99
CA PRO B 51 -68.00 3.93 -4.84
C PRO B 51 -68.47 3.35 -6.17
N GLY B 52 -68.38 2.02 -6.27
CA GLY B 52 -68.85 1.29 -7.43
C GLY B 52 -67.82 1.15 -8.54
N LEU B 53 -66.68 1.80 -8.43
CA LEU B 53 -65.64 1.79 -9.46
C LEU B 53 -64.43 1.06 -8.91
N LYS B 54 -64.12 -0.11 -9.48
CA LYS B 54 -62.87 -0.76 -9.09
C LYS B 54 -62.49 -1.78 -10.15
N ILE B 55 -61.30 -2.35 -9.97
CA ILE B 55 -60.70 -3.27 -10.93
C ILE B 55 -60.28 -4.52 -10.20
N LYS B 56 -60.54 -5.68 -10.81
CA LYS B 56 -60.08 -6.95 -10.26
C LYS B 56 -59.01 -7.54 -11.18
N LEU B 57 -57.87 -7.91 -10.59
CA LEU B 57 -56.73 -8.42 -11.34
C LEU B 57 -56.87 -9.92 -11.58
N GLY B 58 -56.26 -10.37 -12.68
CA GLY B 58 -56.31 -11.79 -13.03
C GLY B 58 -54.94 -12.40 -13.15
N LYS B 59 -54.68 -13.06 -14.29
CA LYS B 59 -53.41 -13.71 -14.54
C LYS B 59 -52.42 -12.73 -15.19
N ILE B 60 -51.14 -13.07 -15.09
CA ILE B 60 -50.06 -12.31 -15.71
C ILE B 60 -49.20 -13.27 -16.50
N ARG B 61 -48.67 -12.79 -17.63
CA ARG B 61 -47.90 -13.65 -18.52
C ARG B 61 -46.84 -12.83 -19.23
N TYR B 62 -45.88 -13.52 -19.84
CA TYR B 62 -44.81 -12.90 -20.60
C TYR B 62 -44.66 -13.61 -21.94
N GLU B 63 -44.05 -12.91 -22.89
CA GLU B 63 -43.84 -13.43 -24.23
C GLU B 63 -42.33 -13.51 -24.52
N LYS B 64 -42.00 -13.87 -25.76
CA LYS B 64 -40.61 -13.90 -26.17
C LYS B 64 -40.06 -12.48 -26.24
N PRO B 65 -38.76 -12.30 -25.96
CA PRO B 65 -38.18 -10.95 -26.01
C PRO B 65 -38.32 -10.33 -27.39
N SER B 66 -38.66 -9.04 -27.41
CA SER B 66 -38.97 -8.35 -28.65
C SER B 66 -38.79 -6.86 -28.44
N ILE B 67 -38.90 -6.10 -29.53
CA ILE B 67 -38.79 -4.65 -29.50
C ILE B 67 -39.91 -4.07 -30.35
N ARG B 68 -40.17 -2.77 -30.14
CA ARG B 68 -41.16 -2.01 -30.89
C ARG B 68 -40.44 -0.77 -31.45
N GLU B 69 -40.13 -0.81 -32.73
CA GLU B 69 -39.28 0.19 -33.35
C GLU B 69 -40.11 1.35 -33.92
N THR B 70 -39.47 2.21 -34.70
CA THR B 70 -40.16 3.32 -35.33
C THR B 70 -41.22 2.80 -36.29
N ASP B 71 -42.31 3.56 -36.42
CA ASP B 71 -43.52 3.12 -37.12
C ASP B 71 -44.06 1.85 -36.45
N LYS B 72 -44.46 2.02 -35.19
CA LYS B 72 -44.79 0.89 -34.33
C LYS B 72 -45.95 0.08 -34.91
N GLY B 73 -45.73 -1.23 -35.02
CA GLY B 73 -46.76 -2.16 -35.44
C GLY B 73 -46.68 -3.43 -34.64
N PRO B 74 -46.61 -4.57 -35.32
CA PRO B 74 -46.33 -5.83 -34.62
C PRO B 74 -44.93 -5.82 -34.06
N MET B 75 -44.77 -6.49 -32.91
CA MET B 75 -43.48 -6.57 -32.27
C MET B 75 -42.61 -7.62 -32.95
N ARG B 76 -41.33 -7.32 -33.09
CA ARG B 76 -40.38 -8.19 -33.78
C ARG B 76 -39.41 -8.79 -32.77
N GLU B 77 -39.23 -10.11 -32.83
CA GLU B 77 -38.31 -10.79 -31.94
C GLU B 77 -36.88 -10.48 -32.33
N ILE B 78 -36.00 -10.44 -31.33
CA ILE B 78 -34.59 -10.14 -31.54
C ILE B 78 -33.74 -11.18 -30.81
N THR B 79 -32.47 -11.23 -31.20
CA THR B 79 -31.40 -12.03 -30.64
C THR B 79 -30.54 -11.21 -29.71
N PRO B 80 -29.89 -11.82 -28.71
CA PRO B 80 -29.07 -11.04 -27.79
C PRO B 80 -27.95 -10.27 -28.45
N MET B 81 -27.39 -10.81 -29.54
CA MET B 81 -26.29 -10.12 -30.21
C MET B 81 -26.76 -8.82 -30.85
N GLU B 82 -27.97 -8.82 -31.42
CA GLU B 82 -28.52 -7.58 -31.96
C GLU B 82 -28.74 -6.55 -30.87
N ALA B 83 -29.20 -6.99 -29.69
CA ALA B 83 -29.34 -6.07 -28.57
C ALA B 83 -27.99 -5.49 -28.16
N ARG B 84 -26.95 -6.32 -28.16
CA ARG B 84 -25.62 -5.82 -27.84
C ARG B 84 -25.14 -4.80 -28.86
N LEU B 85 -25.39 -5.06 -30.14
CA LEU B 85 -24.85 -4.18 -31.19
C LEU B 85 -25.60 -2.87 -31.26
N ARG B 86 -26.92 -2.89 -31.09
CA ARG B 86 -27.76 -1.70 -31.28
C ARG B 86 -28.08 -0.98 -29.99
N ASN B 87 -27.42 -1.34 -28.88
CA ASN B 87 -27.61 -0.68 -27.59
C ASN B 87 -29.06 -0.77 -27.13
N LEU B 88 -29.68 -1.92 -27.37
CA LEU B 88 -31.05 -2.16 -26.93
C LEU B 88 -31.04 -2.81 -25.56
N THR B 89 -32.21 -3.27 -25.11
CA THR B 89 -32.33 -4.00 -23.86
C THR B 89 -33.05 -5.31 -24.13
N TYR B 90 -32.45 -6.42 -23.71
CA TYR B 90 -33.03 -7.75 -23.91
C TYR B 90 -34.14 -7.93 -22.89
N SER B 91 -35.36 -7.55 -23.29
CA SER B 91 -36.51 -7.59 -22.40
C SER B 91 -37.71 -8.15 -23.14
N SER B 92 -38.68 -8.64 -22.37
CA SER B 92 -39.90 -9.23 -22.90
C SER B 92 -41.12 -8.49 -22.37
N PRO B 93 -42.13 -8.28 -23.20
CA PRO B 93 -43.36 -7.62 -22.72
C PRO B 93 -44.12 -8.51 -21.74
N ILE B 94 -44.80 -7.87 -20.80
CA ILE B 94 -45.61 -8.57 -19.80
C ILE B 94 -47.06 -8.11 -19.94
N PHE B 95 -47.98 -9.06 -20.00
CA PHE B 95 -49.40 -8.80 -20.17
C PHE B 95 -50.16 -9.19 -18.91
N LEU B 96 -51.11 -8.34 -18.52
CA LEU B 96 -51.93 -8.56 -17.34
C LEU B 96 -53.40 -8.59 -17.73
N SER B 97 -54.13 -9.54 -17.16
CA SER B 97 -55.55 -9.71 -17.42
C SER B 97 -56.35 -9.02 -16.32
N MET B 98 -57.18 -8.06 -16.70
CA MET B 98 -57.86 -7.20 -15.75
C MET B 98 -59.34 -7.12 -16.11
N ILE B 99 -60.20 -7.07 -15.10
CA ILE B 99 -61.63 -6.96 -15.30
C ILE B 99 -62.14 -5.72 -14.58
N PRO B 100 -62.78 -4.78 -15.27
CA PRO B 100 -63.30 -3.59 -14.59
C PRO B 100 -64.73 -3.75 -14.13
N VAL B 101 -65.04 -3.45 -12.88
CA VAL B 101 -66.42 -3.42 -12.39
C VAL B 101 -66.81 -1.99 -12.10
N GLU B 102 -67.92 -1.56 -12.72
CA GLU B 102 -68.43 -0.20 -12.69
C GLU B 102 -69.84 -0.28 -12.11
N ASN B 103 -69.97 0.04 -10.82
CA ASN B 103 -71.24 -0.12 -10.11
C ASN B 103 -71.73 -1.56 -10.19
N ASN B 104 -70.83 -2.50 -9.89
CA ASN B 104 -71.13 -3.94 -9.89
C ASN B 104 -71.59 -4.43 -11.26
N ILE B 105 -70.86 -4.03 -12.31
CA ILE B 105 -71.10 -4.52 -13.66
C ILE B 105 -69.82 -5.16 -14.16
N GLU B 106 -69.91 -6.41 -14.61
CA GLU B 106 -68.71 -7.16 -14.97
C GLU B 106 -68.10 -6.64 -16.26
N GLY B 107 -68.85 -6.69 -17.35
CA GLY B 107 -68.33 -6.25 -18.66
C GLY B 107 -67.65 -7.40 -19.40
N GLU B 108 -66.32 -7.34 -19.51
CA GLU B 108 -65.55 -8.37 -20.19
C GLU B 108 -64.11 -8.27 -19.74
N PRO B 109 -63.40 -9.40 -19.63
CA PRO B 109 -61.97 -9.35 -19.28
C PRO B 109 -61.17 -8.65 -20.37
N ILE B 110 -60.15 -7.92 -19.91
CA ILE B 110 -59.27 -7.16 -20.80
C ILE B 110 -57.83 -7.54 -20.51
N GLU B 111 -57.09 -7.88 -21.55
CA GLU B 111 -55.66 -8.17 -21.46
C GLU B 111 -54.89 -7.00 -22.04
N ILE B 112 -54.00 -6.42 -21.24
CA ILE B 112 -53.33 -5.18 -21.59
C ILE B 112 -51.82 -5.37 -21.48
N TYR B 113 -51.09 -4.39 -22.00
CA TYR B 113 -49.63 -4.36 -21.94
C TYR B 113 -49.22 -3.41 -20.83
N ILE B 114 -48.48 -3.92 -19.84
CA ILE B 114 -48.13 -3.13 -18.67
C ILE B 114 -46.64 -2.78 -18.61
N GLY B 115 -45.83 -3.31 -19.50
CA GLY B 115 -44.44 -2.91 -19.57
C GLY B 115 -43.55 -4.03 -20.09
N ASP B 116 -42.25 -3.81 -19.95
CA ASP B 116 -41.22 -4.75 -20.38
C ASP B 116 -40.39 -5.16 -19.17
N LEU B 117 -40.07 -6.45 -19.10
CA LEU B 117 -39.27 -7.00 -18.03
C LEU B 117 -37.98 -7.57 -18.60
N PRO B 118 -36.81 -7.18 -18.08
CA PRO B 118 -35.56 -7.74 -18.58
C PRO B 118 -35.48 -9.25 -18.35
N ILE B 119 -34.86 -9.95 -19.28
CA ILE B 119 -34.77 -11.40 -19.25
C ILE B 119 -33.31 -11.80 -19.07
N MET B 120 -33.03 -12.58 -18.04
CA MET B 120 -31.69 -13.12 -17.84
C MET B 120 -31.38 -14.13 -18.92
N LEU B 121 -30.14 -14.10 -19.42
CA LEU B 121 -29.72 -15.03 -20.45
C LEU B 121 -29.75 -16.46 -19.91
N LYS B 122 -30.07 -17.39 -20.80
CA LYS B 122 -30.13 -18.83 -20.51
C LYS B 122 -31.19 -19.19 -19.48
N SER B 123 -32.12 -18.28 -19.18
CA SER B 123 -33.20 -18.58 -18.25
C SER B 123 -34.34 -19.27 -19.01
N VAL B 124 -35.45 -19.51 -18.31
CA VAL B 124 -36.56 -20.22 -18.94
C VAL B 124 -37.27 -19.34 -19.95
N ALA B 125 -37.18 -18.02 -19.81
CA ALA B 125 -37.81 -17.10 -20.74
C ALA B 125 -36.96 -16.79 -21.95
N ASP B 126 -35.69 -17.17 -21.95
CA ASP B 126 -34.80 -16.88 -23.07
C ASP B 126 -34.90 -17.98 -24.11
N PRO B 127 -35.33 -17.68 -25.35
CA PRO B 127 -35.46 -18.73 -26.35
C PRO B 127 -34.14 -19.37 -26.75
N THR B 128 -33.02 -18.73 -26.48
CA THR B 128 -31.72 -19.27 -26.86
C THR B 128 -31.16 -20.26 -25.84
N SER B 129 -31.90 -20.56 -24.78
CA SER B 129 -31.44 -21.50 -23.77
C SER B 129 -31.59 -22.95 -24.19
N ASN B 130 -32.36 -23.23 -25.24
CA ASN B 130 -32.61 -24.58 -25.71
C ASN B 130 -32.29 -24.71 -27.19
N LEU B 131 -31.13 -24.20 -27.58
CA LEU B 131 -30.71 -24.22 -28.97
C LEU B 131 -29.48 -25.10 -29.16
N PRO B 132 -29.33 -25.73 -30.32
CA PRO B 132 -28.12 -26.51 -30.58
C PRO B 132 -26.92 -25.60 -30.81
N ILE B 133 -25.74 -26.20 -30.77
CA ILE B 133 -24.51 -25.44 -30.96
C ILE B 133 -24.48 -24.81 -32.34
N ASP B 134 -24.99 -25.52 -33.35
CA ASP B 134 -25.00 -24.98 -34.71
C ASP B 134 -25.85 -23.71 -34.79
N LYS B 135 -27.04 -23.74 -34.19
CA LYS B 135 -27.92 -22.58 -34.23
C LYS B 135 -27.38 -21.44 -33.36
N LEU B 136 -26.73 -21.76 -32.25
CA LEU B 136 -26.08 -20.73 -31.45
C LEU B 136 -24.97 -20.04 -32.22
N ILE B 137 -24.20 -20.81 -32.98
CA ILE B 137 -23.15 -20.23 -33.81
C ILE B 137 -23.75 -19.39 -34.93
N GLU B 138 -24.87 -19.85 -35.49
CA GLU B 138 -25.49 -19.15 -36.61
C GLU B 138 -25.94 -17.75 -36.22
N ILE B 139 -26.54 -17.60 -35.03
CA ILE B 139 -27.05 -16.30 -34.59
C ILE B 139 -25.96 -15.41 -33.99
N GLY B 140 -24.71 -15.87 -33.96
CA GLY B 140 -23.62 -15.06 -33.47
C GLY B 140 -23.46 -15.11 -31.96
N GLU B 141 -23.48 -16.31 -31.39
CA GLU B 141 -23.39 -16.50 -29.95
C GLU B 141 -22.23 -17.44 -29.63
N ASP B 142 -21.62 -17.22 -28.47
CA ASP B 142 -20.56 -18.10 -28.00
C ASP B 142 -21.19 -19.35 -27.39
N PRO B 143 -20.91 -20.55 -27.92
CA PRO B 143 -21.56 -21.75 -27.39
C PRO B 143 -21.21 -22.06 -25.95
N LYS B 144 -20.09 -21.54 -25.44
CA LYS B 144 -19.66 -21.84 -24.08
C LYS B 144 -20.03 -20.73 -23.09
N ASP B 145 -20.86 -19.79 -23.50
CA ASP B 145 -21.23 -18.68 -22.62
C ASP B 145 -22.18 -19.16 -21.54
N PRO B 146 -21.85 -18.98 -20.26
CA PRO B 146 -22.77 -19.32 -19.16
C PRO B 146 -23.67 -18.16 -18.77
N GLY B 147 -24.67 -17.90 -19.61
CA GLY B 147 -25.53 -16.74 -19.44
C GLY B 147 -26.23 -16.67 -18.09
N GLY B 148 -25.83 -15.69 -17.27
CA GLY B 148 -26.50 -15.43 -16.02
C GLY B 148 -26.62 -13.95 -15.75
N TYR B 149 -26.69 -13.15 -16.81
CA TYR B 149 -26.63 -11.70 -16.73
C TYR B 149 -27.73 -11.11 -17.59
N PHE B 150 -27.79 -9.78 -17.60
CA PHE B 150 -28.80 -9.04 -18.36
C PHE B 150 -28.13 -8.09 -19.34
N ILE B 151 -28.78 -7.86 -20.46
CA ILE B 151 -28.32 -6.90 -21.45
C ILE B 151 -29.21 -5.67 -21.31
N VAL B 152 -28.68 -4.64 -20.65
CA VAL B 152 -29.39 -3.38 -20.42
C VAL B 152 -28.64 -2.28 -21.17
N ASN B 153 -29.31 -1.66 -22.13
CA ASN B 153 -28.72 -0.60 -22.94
C ASN B 153 -27.41 -1.06 -23.59
N GLY B 154 -27.36 -2.32 -23.99
CA GLY B 154 -26.20 -2.90 -24.60
C GLY B 154 -25.17 -3.43 -23.61
N SER B 155 -25.14 -2.90 -22.40
CA SER B 155 -24.17 -3.34 -21.41
C SER B 155 -24.63 -4.63 -20.75
N GLU B 156 -23.67 -5.40 -20.23
CA GLU B 156 -23.96 -6.64 -19.55
C GLU B 156 -23.86 -6.41 -18.05
N LYS B 157 -24.98 -6.55 -17.36
CA LYS B 157 -25.08 -6.28 -15.93
C LYS B 157 -25.36 -7.58 -15.18
N VAL B 158 -24.73 -7.72 -14.02
CA VAL B 158 -24.88 -8.90 -13.17
C VAL B 158 -25.30 -8.44 -11.79
N ILE B 159 -26.20 -9.19 -11.17
CA ILE B 159 -26.72 -8.89 -9.84
C ILE B 159 -25.89 -9.67 -8.83
N ILE B 160 -25.12 -8.96 -8.02
CA ILE B 160 -24.23 -9.59 -7.06
C ILE B 160 -25.04 -10.08 -5.86
N ALA B 161 -24.78 -11.30 -5.42
CA ALA B 161 -25.49 -11.85 -4.27
C ALA B 161 -25.11 -11.10 -3.00
N GLN B 162 -26.11 -10.82 -2.17
CA GLN B 162 -25.92 -10.03 -0.95
C GLN B 162 -26.16 -10.93 0.25
N GLU B 163 -25.15 -11.06 1.12
CA GLU B 163 -25.23 -11.91 2.29
C GLU B 163 -25.50 -11.06 3.53
N ASP B 164 -26.53 -11.43 4.29
CA ASP B 164 -26.92 -10.62 5.45
C ASP B 164 -27.64 -11.51 6.45
N LEU B 165 -27.81 -10.97 7.66
CA LEU B 165 -28.41 -11.74 8.74
C LEU B 165 -29.85 -12.12 8.41
N ALA B 166 -30.30 -13.23 8.99
CA ALA B 166 -31.68 -13.67 8.81
C ALA B 166 -32.63 -12.67 9.45
N THR B 167 -33.82 -12.55 8.87
CA THR B 167 -34.74 -11.49 9.26
C THR B 167 -35.66 -11.89 10.41
N ASN B 168 -36.51 -12.89 10.19
CA ASN B 168 -37.58 -13.20 11.14
C ASN B 168 -37.10 -14.14 12.24
N ARG B 169 -36.00 -13.78 12.90
CA ARG B 169 -35.42 -14.59 13.96
C ARG B 169 -34.96 -13.68 15.10
N VAL B 170 -34.86 -14.26 16.28
CA VAL B 170 -34.48 -13.54 17.50
C VAL B 170 -33.01 -13.78 17.77
N LEU B 171 -32.25 -12.69 17.94
CA LEU B 171 -30.83 -12.76 18.24
C LEU B 171 -30.60 -12.13 19.60
N VAL B 172 -29.98 -12.87 20.52
CA VAL B 172 -29.76 -12.40 21.87
C VAL B 172 -28.27 -12.16 22.09
N ASP B 173 -27.96 -11.22 22.99
CA ASP B 173 -26.59 -10.86 23.27
C ASP B 173 -26.53 -10.15 24.61
N TYR B 174 -25.31 -10.01 25.13
CA TYR B 174 -25.08 -9.24 26.34
C TYR B 174 -25.08 -7.76 26.03
N GLY B 175 -25.44 -6.96 27.03
CA GLY B 175 -25.38 -5.52 26.87
C GLY B 175 -23.98 -4.97 27.07
N LYS B 176 -23.81 -3.70 26.72
CA LYS B 176 -22.53 -3.05 26.88
C LYS B 176 -22.15 -2.95 28.36
N SER B 177 -20.86 -3.08 28.64
CA SER B 177 -20.39 -3.00 30.01
C SER B 177 -20.59 -1.59 30.57
N GLY B 178 -20.87 -1.52 31.86
CA GLY B 178 -21.13 -0.25 32.51
C GLY B 178 -22.37 0.46 32.01
N SER B 179 -23.46 -0.27 31.83
CA SER B 179 -24.71 0.31 31.36
C SER B 179 -25.87 -0.34 32.13
N ASN B 180 -26.99 0.37 32.17
CA ASN B 180 -28.17 -0.13 32.87
C ASN B 180 -28.81 -1.31 32.14
N ILE B 181 -28.47 -1.54 30.88
CA ILE B 181 -29.00 -2.65 30.10
C ILE B 181 -28.02 -3.81 30.22
N THR B 182 -28.51 -4.96 30.68
CA THR B 182 -27.68 -6.15 30.86
C THR B 182 -27.73 -7.09 29.66
N HIS B 183 -28.92 -7.36 29.15
CA HIS B 183 -29.09 -8.28 28.02
C HIS B 183 -30.02 -7.65 26.99
N VAL B 184 -29.74 -7.92 25.72
CA VAL B 184 -30.49 -7.35 24.61
C VAL B 184 -30.94 -8.48 23.69
N ALA B 185 -32.13 -8.33 23.11
CA ALA B 185 -32.63 -9.22 22.07
C ALA B 185 -33.13 -8.38 20.91
N LYS B 186 -32.96 -8.88 19.69
CA LYS B 186 -33.34 -8.12 18.51
C LYS B 186 -34.02 -9.04 17.51
N VAL B 187 -35.10 -8.54 16.91
CA VAL B 187 -35.81 -9.20 15.82
C VAL B 187 -35.95 -8.20 14.69
N THR B 188 -35.88 -8.67 13.45
CA THR B 188 -36.01 -7.79 12.28
C THR B 188 -37.09 -8.37 11.38
N SER B 189 -38.34 -8.01 11.67
CA SER B 189 -39.46 -8.53 10.89
C SER B 189 -39.45 -7.93 9.49
N SER B 190 -39.68 -8.77 8.50
CA SER B 190 -39.68 -8.35 7.10
C SER B 190 -41.10 -8.49 6.55
N ALA B 191 -41.63 -7.40 6.03
CA ALA B 191 -42.96 -7.38 5.45
C ALA B 191 -42.86 -7.40 3.92
N ALA B 192 -43.99 -7.25 3.26
CA ALA B 192 -44.03 -7.17 1.80
C ALA B 192 -43.86 -5.72 1.34
N GLY B 193 -42.70 -5.16 1.67
CA GLY B 193 -42.39 -3.81 1.25
C GLY B 193 -41.61 -2.98 2.26
N TYR B 194 -41.62 -3.40 3.52
CA TYR B 194 -40.93 -2.65 4.56
C TYR B 194 -40.41 -3.61 5.62
N ARG B 195 -39.43 -3.15 6.38
CA ARG B 195 -38.76 -3.97 7.37
C ARG B 195 -38.70 -3.21 8.69
N VAL B 196 -39.16 -3.84 9.76
CA VAL B 196 -39.30 -3.20 11.07
C VAL B 196 -38.50 -3.97 12.10
N GLN B 197 -37.69 -3.27 12.87
CA GLN B 197 -36.86 -3.88 13.90
C GLN B 197 -37.50 -3.69 15.27
N VAL B 198 -37.55 -4.76 16.05
CA VAL B 198 -38.08 -4.75 17.41
C VAL B 198 -36.97 -5.16 18.36
N MET B 199 -36.70 -4.33 19.36
CA MET B 199 -35.61 -4.57 20.29
C MET B 199 -36.17 -4.71 21.70
N ILE B 200 -35.67 -5.71 22.43
CA ILE B 200 -36.13 -6.04 23.77
C ILE B 200 -34.95 -5.89 24.72
N GLU B 201 -35.15 -5.16 25.81
CA GLU B 201 -34.10 -4.92 26.79
C GLU B 201 -34.42 -5.63 28.11
N ARG B 202 -33.38 -5.79 28.93
CA ARG B 202 -33.51 -6.27 30.29
C ARG B 202 -32.71 -5.33 31.16
N LEU B 203 -33.38 -4.36 31.78
CA LEU B 203 -32.71 -3.27 32.48
C LEU B 203 -32.08 -3.79 33.77
N LYS B 204 -31.38 -2.88 34.46
CA LYS B 204 -30.66 -3.26 35.68
C LYS B 204 -31.62 -3.67 36.79
N ASP B 205 -32.81 -3.08 36.82
CA ASP B 205 -33.78 -3.34 37.89
C ASP B 205 -34.68 -4.53 37.60
N SER B 206 -34.22 -5.48 36.78
CA SER B 206 -34.94 -6.71 36.50
C SER B 206 -36.30 -6.45 35.84
N THR B 207 -36.35 -5.46 34.97
CA THR B 207 -37.53 -5.17 34.18
C THR B 207 -37.22 -5.34 32.70
N ILE B 208 -38.27 -5.64 31.93
CA ILE B 208 -38.14 -5.95 30.51
C ILE B 208 -38.95 -4.91 29.72
N GLN B 209 -38.29 -4.27 28.76
CA GLN B 209 -38.90 -3.21 27.97
C GLN B 209 -38.77 -3.52 26.50
N ILE B 210 -39.84 -3.25 25.75
CA ILE B 210 -39.87 -3.44 24.30
C ILE B 210 -40.03 -2.07 23.65
N SER B 211 -39.16 -1.78 22.69
CA SER B 211 -39.18 -0.50 21.98
C SER B 211 -38.83 -0.73 20.53
N PHE B 212 -39.67 -0.25 19.62
CA PHE B 212 -39.38 -0.31 18.19
C PHE B 212 -39.32 1.10 17.63
N ALA B 213 -39.15 1.20 16.32
CA ALA B 213 -38.81 2.48 15.69
C ALA B 213 -39.94 3.49 15.81
N THR B 214 -41.17 3.08 15.50
CA THR B 214 -42.27 4.04 15.37
C THR B 214 -42.60 4.69 16.71
N VAL B 215 -42.79 3.89 17.76
CA VAL B 215 -43.20 4.42 19.06
C VAL B 215 -41.96 4.90 19.81
N PRO B 216 -41.89 6.17 20.18
CA PRO B 216 -40.74 6.65 20.95
C PRO B 216 -40.73 6.07 22.36
N GLY B 217 -39.51 5.93 22.90
CA GLY B 217 -39.34 5.43 24.24
C GLY B 217 -39.55 3.93 24.34
N ARG B 218 -39.49 3.44 25.57
CA ARG B 218 -39.69 2.03 25.87
C ARG B 218 -41.10 1.80 26.41
N ILE B 219 -41.61 0.60 26.15
CA ILE B 219 -42.92 0.18 26.64
C ILE B 219 -42.71 -1.09 27.47
N PRO B 220 -43.26 -1.17 28.67
CA PRO B 220 -43.09 -2.39 29.47
C PRO B 220 -43.72 -3.60 28.80
N PHE B 221 -43.18 -4.78 29.12
CA PHE B 221 -43.58 -6.01 28.47
C PHE B 221 -45.05 -6.33 28.71
N ALA B 222 -45.50 -6.20 29.96
CA ALA B 222 -46.88 -6.52 30.28
C ALA B 222 -47.85 -5.57 29.59
N ILE B 223 -47.43 -4.33 29.33
CA ILE B 223 -48.30 -3.39 28.61
C ILE B 223 -48.60 -3.93 27.21
N ILE B 224 -47.56 -4.34 26.49
CA ILE B 224 -47.76 -4.89 25.15
C ILE B 224 -48.54 -6.19 25.21
N MET B 225 -48.29 -7.01 26.24
CA MET B 225 -49.03 -8.25 26.37
C MET B 225 -50.53 -7.99 26.56
N ARG B 226 -50.88 -6.99 27.39
CA ARG B 226 -52.28 -6.64 27.57
C ARG B 226 -52.87 -6.06 26.29
N ALA B 227 -52.11 -5.24 25.58
CA ALA B 227 -52.60 -4.65 24.34
C ALA B 227 -52.87 -5.70 23.26
N LEU B 228 -52.24 -6.87 23.36
CA LEU B 228 -52.38 -7.92 22.36
C LEU B 228 -53.40 -8.99 22.76
N GLY B 229 -54.06 -8.84 23.91
CA GLY B 229 -55.09 -9.77 24.31
C GLY B 229 -54.78 -10.64 25.51
N PHE B 230 -53.66 -10.43 26.19
CA PHE B 230 -53.29 -11.20 27.38
C PHE B 230 -53.64 -10.36 28.60
N VAL B 231 -54.77 -10.65 29.23
CA VAL B 231 -55.26 -9.84 30.34
C VAL B 231 -54.78 -10.37 31.68
N THR B 232 -54.79 -11.69 31.86
CA THR B 232 -54.37 -12.27 33.13
C THR B 232 -52.86 -12.45 33.16
N ASP B 233 -52.25 -12.14 34.30
CA ASP B 233 -50.81 -12.30 34.43
C ASP B 233 -50.40 -13.76 34.31
N ARG B 234 -51.25 -14.69 34.75
CA ARG B 234 -50.98 -16.10 34.57
C ARG B 234 -50.87 -16.46 33.10
N ASP B 235 -51.72 -15.86 32.27
CA ASP B 235 -51.63 -16.09 30.83
C ASP B 235 -50.28 -15.66 30.28
N ILE B 236 -49.78 -14.50 30.73
CA ILE B 236 -48.49 -14.02 30.26
C ILE B 236 -47.38 -14.96 30.72
N VAL B 237 -47.37 -15.31 32.01
CA VAL B 237 -46.26 -16.12 32.53
C VAL B 237 -46.32 -17.55 32.01
N TYR B 238 -47.46 -18.01 31.53
CA TYR B 238 -47.52 -19.33 30.90
C TYR B 238 -47.27 -19.28 29.40
N ALA B 239 -47.50 -18.14 28.76
CA ALA B 239 -47.08 -17.97 27.37
C ALA B 239 -45.58 -17.81 27.27
N VAL B 240 -44.94 -17.26 28.30
CA VAL B 240 -43.49 -17.11 28.29
C VAL B 240 -42.82 -18.47 28.39
N SER B 241 -43.12 -19.22 29.44
CA SER B 241 -42.51 -20.53 29.66
C SER B 241 -43.30 -21.26 30.74
N LEU B 242 -42.96 -22.53 30.94
CA LEU B 242 -43.55 -23.34 32.00
C LEU B 242 -42.57 -23.59 33.13
N ASP B 243 -41.38 -22.98 33.09
CA ASP B 243 -40.36 -23.21 34.11
C ASP B 243 -40.59 -22.26 35.28
N PRO B 244 -40.72 -22.76 36.51
CA PRO B 244 -40.90 -21.85 37.65
C PRO B 244 -39.74 -20.88 37.82
N GLN B 245 -38.51 -21.33 37.55
CA GLN B 245 -37.36 -20.44 37.67
C GLN B 245 -37.45 -19.27 36.70
N ILE B 246 -37.84 -19.56 35.45
CA ILE B 246 -38.03 -18.49 34.48
C ILE B 246 -39.24 -17.64 34.85
N GLN B 247 -40.30 -18.27 35.36
CA GLN B 247 -41.50 -17.53 35.73
C GLN B 247 -41.25 -16.56 36.88
N ASN B 248 -40.28 -16.86 37.74
CA ASN B 248 -39.98 -15.98 38.86
C ASN B 248 -39.46 -14.63 38.40
N GLU B 249 -38.81 -14.57 37.24
CA GLU B 249 -38.24 -13.32 36.75
C GLU B 249 -39.27 -12.36 36.18
N LEU B 250 -40.49 -12.80 35.95
CA LEU B 250 -41.52 -11.94 35.38
C LEU B 250 -42.16 -11.03 36.41
N LEU B 251 -41.90 -11.23 37.70
CA LEU B 251 -42.63 -10.52 38.75
C LEU B 251 -42.45 -9.01 38.69
N PRO B 252 -41.23 -8.45 38.60
CA PRO B 252 -41.13 -6.98 38.49
C PRO B 252 -41.83 -6.43 37.26
N SER B 253 -41.72 -7.10 36.11
CA SER B 253 -42.40 -6.63 34.91
C SER B 253 -43.91 -6.78 35.04
N LEU B 254 -44.37 -7.86 35.68
CA LEU B 254 -45.80 -8.04 35.90
C LEU B 254 -46.37 -6.93 36.78
N GLU B 255 -45.67 -6.61 37.88
CA GLU B 255 -46.19 -5.63 38.82
C GLU B 255 -46.03 -4.20 38.31
N GLN B 256 -45.04 -3.96 37.45
CA GLN B 256 -44.87 -2.63 36.88
C GLN B 256 -46.05 -2.21 36.01
N ALA B 257 -46.91 -3.16 35.62
CA ALA B 257 -48.12 -2.86 34.87
C ALA B 257 -49.38 -3.20 35.68
N SER B 258 -49.28 -3.18 37.01
CA SER B 258 -50.45 -3.48 37.83
C SER B 258 -51.53 -2.42 37.69
N SER B 259 -51.14 -1.18 37.35
CA SER B 259 -52.13 -0.13 37.14
C SER B 259 -53.01 -0.44 35.95
N ILE B 260 -52.42 -0.95 34.87
CA ILE B 260 -53.16 -1.26 33.64
C ILE B 260 -53.57 -2.73 33.66
N THR B 261 -54.88 -2.98 33.76
CA THR B 261 -55.41 -4.33 33.84
C THR B 261 -56.37 -4.64 32.70
N SER B 262 -56.50 -3.78 31.71
CA SER B 262 -57.39 -4.00 30.58
C SER B 262 -56.69 -3.66 29.28
N ALA B 263 -57.23 -4.18 28.18
CA ALA B 263 -56.63 -3.94 26.87
C ALA B 263 -56.70 -2.47 26.49
N GLU B 264 -57.82 -1.81 26.81
CA GLU B 264 -57.99 -0.41 26.41
C GLU B 264 -57.04 0.52 27.15
N GLU B 265 -56.73 0.22 28.41
CA GLU B 265 -55.76 1.03 29.14
C GLU B 265 -54.37 0.93 28.51
N ALA B 266 -53.95 -0.28 28.12
CA ALA B 266 -52.70 -0.42 27.40
C ALA B 266 -52.76 0.31 26.06
N LEU B 267 -53.89 0.20 25.36
CA LEU B 267 -54.02 0.83 24.05
C LEU B 267 -53.88 2.34 24.14
N ASP B 268 -54.57 2.97 25.08
CA ASP B 268 -54.45 4.43 25.15
C ASP B 268 -53.17 4.87 25.87
N PHE B 269 -52.51 3.98 26.61
CA PHE B 269 -51.15 4.27 27.04
C PHE B 269 -50.22 4.38 25.83
N ILE B 270 -50.32 3.40 24.92
CA ILE B 270 -49.55 3.48 23.68
C ILE B 270 -49.95 4.72 22.87
N GLY B 271 -51.25 5.06 22.88
CA GLY B 271 -51.69 6.25 22.19
C GLY B 271 -51.08 7.52 22.76
N ASN B 272 -51.07 7.64 24.09
CA ASN B 272 -50.40 8.77 24.73
C ASN B 272 -48.92 8.80 24.37
N ARG B 273 -48.31 7.63 24.23
CA ARG B 273 -46.92 7.58 23.78
C ARG B 273 -46.77 8.12 22.35
N VAL B 274 -47.72 7.81 21.48
CA VAL B 274 -47.59 8.20 20.09
C VAL B 274 -48.40 9.46 19.73
N ALA B 275 -49.58 9.64 20.31
CA ALA B 275 -50.44 10.77 20.00
C ALA B 275 -50.57 11.64 21.25
N ILE B 276 -50.17 12.90 21.12
CA ILE B 276 -50.16 13.84 22.24
C ILE B 276 -51.19 14.93 21.95
N GLY B 277 -52.00 15.24 22.97
CA GLY B 277 -53.02 16.27 22.83
C GLY B 277 -54.18 15.90 21.93
N GLN B 278 -54.69 14.68 22.06
CA GLN B 278 -55.87 14.24 21.33
C GLN B 278 -56.81 13.52 22.28
N LYS B 279 -58.05 13.34 21.84
CA LYS B 279 -59.04 12.67 22.67
C LYS B 279 -58.73 11.18 22.76
N ARG B 280 -59.49 10.49 23.60
CA ARG B 280 -59.25 9.08 23.84
C ARG B 280 -59.53 8.24 22.60
N GLU B 281 -60.59 8.56 21.87
CA GLU B 281 -61.03 7.72 20.76
C GLU B 281 -59.97 7.64 19.68
N ASN B 282 -59.62 8.78 19.06
CA ASN B 282 -58.63 8.77 17.99
C ASN B 282 -57.30 8.23 18.49
N ARG B 283 -56.97 8.47 19.76
CA ARG B 283 -55.76 7.92 20.33
C ARG B 283 -55.76 6.40 20.28
N ILE B 284 -56.87 5.77 20.70
CA ILE B 284 -56.89 4.31 20.76
C ILE B 284 -56.91 3.72 19.35
N GLN B 285 -57.65 4.33 18.41
CA GLN B 285 -57.60 3.75 17.07
C GLN B 285 -56.24 3.93 16.42
N LYS B 286 -55.59 5.08 16.63
CA LYS B 286 -54.25 5.26 16.10
C LYS B 286 -53.28 4.25 16.70
N ALA B 287 -53.36 4.03 18.03
CA ALA B 287 -52.47 3.09 18.67
C ALA B 287 -52.69 1.67 18.16
N GLU B 288 -53.96 1.26 18.03
CA GLU B 288 -54.23 -0.09 17.57
C GLU B 288 -53.80 -0.28 16.12
N GLN B 289 -53.97 0.75 15.28
CA GLN B 289 -53.55 0.61 13.89
C GLN B 289 -52.03 0.58 13.76
N VAL B 290 -51.31 1.37 14.56
CA VAL B 290 -49.85 1.34 14.48
C VAL B 290 -49.32 0.03 15.04
N ILE B 291 -49.97 -0.52 16.07
CA ILE B 291 -49.59 -1.84 16.56
C ILE B 291 -49.83 -2.90 15.50
N ASP B 292 -50.98 -2.84 14.82
CA ASP B 292 -51.31 -3.86 13.85
C ASP B 292 -50.51 -3.74 12.56
N LYS B 293 -49.93 -2.57 12.29
CA LYS B 293 -49.19 -2.40 11.04
C LYS B 293 -47.68 -2.44 11.19
N TYR B 294 -47.12 -1.90 12.28
CA TYR B 294 -45.67 -1.70 12.38
C TYR B 294 -45.05 -2.42 13.56
N PHE B 295 -45.68 -3.47 14.09
CA PHE B 295 -45.09 -4.24 15.19
C PHE B 295 -44.34 -5.46 14.70
N LEU B 296 -45.04 -6.41 14.06
CA LEU B 296 -44.44 -7.63 13.55
C LEU B 296 -45.17 -8.02 12.28
N PRO B 297 -44.94 -7.29 11.19
CA PRO B 297 -45.76 -7.47 9.99
C PRO B 297 -45.63 -8.84 9.35
N HIS B 298 -44.52 -9.55 9.58
CA HIS B 298 -44.36 -10.86 8.95
C HIS B 298 -45.38 -11.86 9.47
N LEU B 299 -45.86 -11.67 10.71
CA LEU B 299 -46.89 -12.54 11.25
C LEU B 299 -48.27 -12.22 10.69
N GLY B 300 -48.50 -10.98 10.30
CA GLY B 300 -49.76 -10.57 9.73
C GLY B 300 -50.04 -9.11 10.01
N THR B 301 -50.95 -8.54 9.21
CA THR B 301 -51.38 -7.15 9.35
C THR B 301 -52.90 -7.10 9.44
N SER B 302 -53.46 -7.92 10.33
CA SER B 302 -54.88 -8.00 10.55
C SER B 302 -55.15 -8.01 12.04
N PRO B 303 -56.26 -7.42 12.51
CA PRO B 303 -56.47 -7.30 13.96
C PRO B 303 -56.76 -8.61 14.66
N GLU B 304 -56.96 -9.71 13.94
CA GLU B 304 -57.08 -11.02 14.58
C GLU B 304 -55.77 -11.77 14.65
N ASP B 305 -54.66 -11.13 14.27
CA ASP B 305 -53.34 -11.74 14.31
C ASP B 305 -52.55 -11.32 15.55
N ARG B 306 -53.18 -10.66 16.51
CA ARG B 306 -52.46 -10.16 17.67
C ARG B 306 -51.99 -11.29 18.58
N LYS B 307 -52.72 -12.41 18.62
CA LYS B 307 -52.31 -13.53 19.47
C LYS B 307 -50.97 -14.10 19.03
N LYS B 308 -50.76 -14.21 17.71
CA LYS B 308 -49.48 -14.69 17.21
C LYS B 308 -48.34 -13.77 17.61
N LYS B 309 -48.55 -12.46 17.49
CA LYS B 309 -47.52 -11.52 17.89
C LYS B 309 -47.23 -11.61 19.38
N GLY B 310 -48.28 -11.79 20.19
CA GLY B 310 -48.06 -11.97 21.62
C GLY B 310 -47.26 -13.20 21.94
N TYR B 311 -47.56 -14.32 21.28
CA TYR B 311 -46.80 -15.55 21.51
C TYR B 311 -45.36 -15.40 21.05
N TYR B 312 -45.14 -14.72 19.92
CA TYR B 312 -43.77 -14.48 19.46
C TYR B 312 -42.99 -13.64 20.46
N LEU B 313 -43.61 -12.59 20.99
CA LEU B 313 -42.94 -11.76 21.98
C LEU B 313 -42.65 -12.56 23.25
N ALA B 314 -43.58 -13.42 23.66
CA ALA B 314 -43.36 -14.25 24.84
C ALA B 314 -42.18 -15.19 24.63
N SER B 315 -42.07 -15.79 23.43
CA SER B 315 -40.95 -16.67 23.16
C SER B 315 -39.63 -15.90 23.15
N ALA B 316 -39.62 -14.69 22.59
CA ALA B 316 -38.40 -13.89 22.62
C ALA B 316 -37.99 -13.54 24.04
N VAL B 317 -38.96 -13.19 24.89
CA VAL B 317 -38.68 -12.88 26.28
C VAL B 317 -38.15 -14.12 26.99
N ASN B 318 -38.70 -15.29 26.68
CA ASN B 318 -38.19 -16.53 27.26
C ASN B 318 -36.74 -16.76 26.87
N LYS B 319 -36.41 -16.50 25.59
CA LYS B 319 -35.03 -16.66 25.14
C LYS B 319 -34.09 -15.71 25.88
N ILE B 320 -34.49 -14.45 26.05
CA ILE B 320 -33.62 -13.50 26.74
C ILE B 320 -33.46 -13.88 28.21
N LEU B 321 -34.52 -14.43 28.83
CA LEU B 321 -34.40 -14.87 30.22
C LEU B 321 -33.50 -16.09 30.34
N GLU B 322 -33.59 -17.01 29.38
CA GLU B 322 -32.66 -18.15 29.37
C GLU B 322 -31.22 -17.67 29.25
N LEU B 323 -30.99 -16.65 28.42
CA LEU B 323 -29.65 -16.07 28.35
C LEU B 323 -29.23 -15.47 29.67
N TYR B 324 -30.15 -14.79 30.35
CA TYR B 324 -29.80 -14.17 31.64
C TYR B 324 -29.45 -15.22 32.69
N LEU B 325 -30.24 -16.28 32.80
CA LEU B 325 -29.97 -17.30 33.81
C LEU B 325 -28.74 -18.14 33.53
N GLY B 326 -28.15 -18.01 32.34
CA GLY B 326 -26.95 -18.77 32.02
C GLY B 326 -27.18 -20.08 31.32
N ARG B 327 -28.41 -20.36 30.90
CA ARG B 327 -28.71 -21.59 30.17
C ARG B 327 -28.40 -21.48 28.68
N ARG B 328 -27.99 -20.30 28.21
CA ARG B 328 -27.69 -20.08 26.81
C ARG B 328 -26.37 -19.30 26.71
N GLU B 329 -25.93 -19.08 25.48
CA GLU B 329 -24.81 -18.24 25.16
C GLU B 329 -25.21 -17.27 24.06
N PRO B 330 -24.59 -16.10 23.99
CA PRO B 330 -24.95 -15.14 22.94
C PRO B 330 -24.71 -15.75 21.56
N ASP B 331 -25.60 -15.40 20.63
CA ASP B 331 -25.56 -15.99 19.30
C ASP B 331 -24.30 -15.57 18.55
N ASP B 332 -23.82 -16.48 17.71
CA ASP B 332 -22.53 -16.27 17.03
C ASP B 332 -22.57 -15.08 16.08
N LYS B 333 -23.66 -14.95 15.32
CA LYS B 333 -23.86 -13.94 14.27
C LYS B 333 -22.95 -14.16 13.08
N ASP B 334 -22.02 -15.11 13.15
CA ASP B 334 -21.21 -15.53 12.01
C ASP B 334 -21.49 -16.95 11.57
N HIS B 335 -22.18 -17.74 12.38
CA HIS B 335 -22.66 -19.04 11.97
C HIS B 335 -23.55 -18.89 10.74
N TYR B 336 -23.32 -19.75 9.74
CA TYR B 336 -24.09 -19.63 8.51
C TYR B 336 -25.53 -20.07 8.69
N ALA B 337 -25.91 -20.62 9.84
CA ALA B 337 -27.32 -20.81 10.13
C ALA B 337 -28.03 -19.49 10.37
N ASN B 338 -27.28 -18.43 10.68
CA ASN B 338 -27.84 -17.11 10.94
C ASN B 338 -27.74 -16.17 9.76
N LYS B 339 -27.25 -16.62 8.61
CA LYS B 339 -27.03 -15.78 7.45
C LYS B 339 -27.79 -16.30 6.25
N ARG B 340 -28.36 -15.37 5.48
CA ARG B 340 -29.10 -15.68 4.27
C ARG B 340 -28.51 -14.88 3.11
N VAL B 341 -28.59 -15.47 1.92
CA VAL B 341 -28.03 -14.88 0.72
C VAL B 341 -29.18 -14.49 -0.20
N ARG B 342 -29.39 -13.18 -0.36
CA ARG B 342 -30.36 -12.66 -1.31
C ARG B 342 -29.75 -12.67 -2.71
N LEU B 343 -30.49 -13.23 -3.65
CA LEU B 343 -30.10 -13.35 -5.05
C LEU B 343 -31.02 -12.50 -5.93
N ALA B 344 -30.89 -12.67 -7.24
CA ALA B 344 -31.64 -11.83 -8.18
C ALA B 344 -33.15 -11.97 -8.02
N GLY B 345 -33.63 -13.15 -7.63
CA GLY B 345 -35.07 -13.34 -7.54
C GLY B 345 -35.73 -12.46 -6.50
N ASP B 346 -35.14 -12.40 -5.30
CA ASP B 346 -35.72 -11.60 -4.22
C ASP B 346 -35.64 -10.11 -4.53
N LEU B 347 -34.50 -9.66 -5.04
CA LEU B 347 -34.36 -8.25 -5.39
C LEU B 347 -35.35 -7.86 -6.48
N PHE B 348 -35.53 -8.73 -7.47
CA PHE B 348 -36.48 -8.45 -8.54
C PHE B 348 -37.92 -8.45 -8.04
N THR B 349 -38.28 -9.37 -7.15
CA THR B 349 -39.66 -9.37 -6.68
C THR B 349 -39.94 -8.12 -5.84
N SER B 350 -38.97 -7.67 -5.03
CA SER B 350 -39.17 -6.43 -4.29
C SER B 350 -39.27 -5.23 -5.22
N LEU B 351 -38.37 -5.15 -6.21
CA LEU B 351 -38.39 -4.03 -7.15
C LEU B 351 -39.70 -4.00 -7.96
N PHE B 352 -40.14 -5.17 -8.42
CA PHE B 352 -41.38 -5.25 -9.17
C PHE B 352 -42.58 -4.90 -8.30
N ARG B 353 -42.56 -5.29 -7.03
CA ARG B 353 -43.63 -4.92 -6.12
C ARG B 353 -43.71 -3.40 -5.96
N VAL B 354 -42.57 -2.75 -5.78
CA VAL B 354 -42.56 -1.29 -5.63
C VAL B 354 -43.04 -0.63 -6.91
N ALA B 355 -42.53 -1.08 -8.05
CA ALA B 355 -42.92 -0.48 -9.32
C ALA B 355 -44.40 -0.67 -9.60
N PHE B 356 -44.94 -1.86 -9.28
CA PHE B 356 -46.35 -2.12 -9.49
C PHE B 356 -47.21 -1.27 -8.56
N LYS B 357 -46.77 -1.06 -7.33
CA LYS B 357 -47.49 -0.17 -6.42
C LYS B 357 -47.55 1.24 -6.99
N ALA B 358 -46.41 1.74 -7.48
CA ALA B 358 -46.40 3.07 -8.08
C ALA B 358 -47.30 3.14 -9.31
N PHE B 359 -47.24 2.12 -10.15
CA PHE B 359 -48.05 2.11 -11.37
C PHE B 359 -49.54 2.08 -11.05
N VAL B 360 -49.94 1.26 -10.08
CA VAL B 360 -51.36 1.18 -9.75
C VAL B 360 -51.83 2.46 -9.07
N LYS B 361 -50.97 3.09 -8.27
CA LYS B 361 -51.33 4.39 -7.68
C LYS B 361 -51.57 5.43 -8.77
N ASP B 362 -50.66 5.50 -9.74
CA ASP B 362 -50.83 6.45 -10.83
C ASP B 362 -52.08 6.14 -11.63
N LEU B 363 -52.34 4.86 -11.89
CA LEU B 363 -53.51 4.48 -12.67
C LEU B 363 -54.80 4.86 -11.94
N VAL B 364 -54.87 4.60 -10.64
CA VAL B 364 -56.10 4.92 -9.91
C VAL B 364 -56.28 6.43 -9.81
N TYR B 365 -55.19 7.18 -9.64
CA TYR B 365 -55.30 8.64 -9.61
C TYR B 365 -55.82 9.18 -10.94
N GLN B 366 -55.24 8.70 -12.05
CA GLN B 366 -55.70 9.16 -13.36
C GLN B 366 -57.14 8.75 -13.63
N LEU B 367 -57.52 7.54 -13.21
CA LEU B 367 -58.88 7.06 -13.42
C LEU B 367 -59.88 7.92 -12.66
N GLU B 368 -59.60 8.21 -11.39
CA GLU B 368 -60.54 9.01 -10.60
C GLU B 368 -60.59 10.45 -11.11
N LYS B 369 -59.46 11.00 -11.54
CA LYS B 369 -59.47 12.35 -12.10
C LYS B 369 -60.29 12.40 -13.40
N SER B 370 -60.12 11.39 -14.26
CA SER B 370 -60.87 11.36 -15.51
C SER B 370 -62.36 11.18 -15.25
N LYS B 371 -62.72 10.34 -14.28
CA LYS B 371 -64.13 10.15 -13.96
C LYS B 371 -64.74 11.40 -13.35
N VAL B 372 -63.96 12.15 -12.57
CA VAL B 372 -64.42 13.45 -12.09
C VAL B 372 -64.65 14.40 -13.27
N ARG B 373 -63.70 14.42 -14.21
CA ARG B 373 -63.88 15.21 -15.43
C ARG B 373 -65.03 14.68 -16.27
N GLY B 374 -65.18 13.36 -16.36
CA GLY B 374 -66.27 12.78 -17.11
C GLY B 374 -65.84 12.13 -18.41
N ARG B 375 -65.75 10.80 -18.42
CA ARG B 375 -65.36 10.06 -19.61
C ARG B 375 -65.79 8.61 -19.44
N ARG B 376 -65.77 7.88 -20.55
CA ARG B 376 -66.10 6.46 -20.55
C ARG B 376 -64.94 5.64 -19.97
N LEU B 377 -65.24 4.38 -19.67
CA LEU B 377 -64.26 3.49 -19.05
C LEU B 377 -63.54 2.72 -20.16
N SER B 378 -62.32 3.15 -20.46
CA SER B 378 -61.45 2.47 -21.42
C SER B 378 -60.08 2.33 -20.79
N LEU B 379 -59.75 1.11 -20.34
CA LEU B 379 -58.53 0.90 -19.58
C LEU B 379 -57.29 1.18 -20.41
N THR B 380 -57.29 0.76 -21.68
CA THR B 380 -56.10 0.87 -22.50
C THR B 380 -55.67 2.32 -22.72
N ALA B 381 -56.60 3.26 -22.57
CA ALA B 381 -56.32 4.65 -22.91
C ALA B 381 -55.56 5.40 -21.83
N LEU B 382 -55.39 4.83 -20.62
CA LEU B 382 -54.75 5.57 -19.56
C LEU B 382 -53.79 4.72 -18.72
N VAL B 383 -53.32 3.59 -19.26
CA VAL B 383 -52.46 2.70 -18.48
C VAL B 383 -51.13 3.38 -18.17
N ARG B 384 -50.53 4.03 -19.17
CA ARG B 384 -49.21 4.64 -19.03
C ARG B 384 -48.18 3.62 -18.54
N ALA B 385 -47.98 2.58 -19.36
CA ALA B 385 -47.13 1.45 -18.98
C ALA B 385 -45.67 1.85 -18.85
N ASP B 386 -45.23 2.90 -19.55
CA ASP B 386 -43.83 3.29 -19.59
C ASP B 386 -43.26 3.59 -18.21
N ILE B 387 -44.11 3.62 -17.19
CA ILE B 387 -43.61 3.75 -15.82
C ILE B 387 -42.82 2.50 -15.44
N ILE B 388 -43.44 1.32 -15.57
CA ILE B 388 -42.80 0.10 -15.13
C ILE B 388 -41.47 -0.10 -15.85
N THR B 389 -41.50 -0.01 -17.18
CA THR B 389 -40.28 -0.17 -17.97
C THR B 389 -39.21 0.81 -17.54
N GLU B 390 -39.60 2.01 -17.11
CA GLU B 390 -38.60 2.98 -16.67
C GLU B 390 -38.07 2.64 -15.27
N ARG B 391 -38.91 2.12 -14.39
CA ARG B 391 -38.47 1.96 -13.00
C ARG B 391 -37.51 0.80 -12.85
N ILE B 392 -37.79 -0.33 -13.50
CA ILE B 392 -36.92 -1.49 -13.39
C ILE B 392 -35.58 -1.24 -14.07
N ARG B 393 -35.62 -0.72 -15.29
CA ARG B 393 -34.39 -0.54 -16.07
C ARG B 393 -33.42 0.39 -15.36
N HIS B 394 -33.92 1.52 -14.86
CA HIS B 394 -33.06 2.46 -14.14
C HIS B 394 -32.45 1.82 -12.90
N ALA B 395 -33.06 0.78 -12.36
CA ALA B 395 -32.47 0.06 -11.23
C ALA B 395 -31.29 -0.80 -11.67
N LEU B 396 -31.40 -1.41 -12.85
CA LEU B 396 -30.34 -2.29 -13.33
C LEU B 396 -29.14 -1.51 -13.85
N ALA B 397 -29.37 -0.37 -14.49
CA ALA B 397 -28.30 0.39 -15.12
C ALA B 397 -27.54 1.29 -14.15
N THR B 398 -27.95 1.35 -12.88
CA THR B 398 -27.28 2.22 -11.92
C THR B 398 -26.84 1.45 -10.68
N GLY B 399 -27.58 0.40 -10.33
CA GLY B 399 -27.28 -0.37 -9.15
C GLY B 399 -27.86 0.17 -7.86
N ASN B 400 -28.66 1.23 -7.93
CA ASN B 400 -29.30 1.81 -6.74
C ASN B 400 -30.64 1.10 -6.55
N TRP B 401 -30.62 0.06 -5.74
CA TRP B 401 -31.81 -0.76 -5.50
C TRP B 401 -32.70 -0.12 -4.45
N VAL B 402 -33.93 -0.65 -4.36
CA VAL B 402 -34.85 -0.20 -3.32
C VAL B 402 -34.35 -0.66 -1.96
N GLY B 403 -34.79 0.05 -0.92
CA GLY B 403 -34.36 -0.26 0.43
C GLY B 403 -33.00 0.26 0.81
N GLY B 404 -32.40 1.12 -0.01
CA GLY B 404 -31.12 1.71 0.30
C GLY B 404 -29.91 0.92 -0.18
N ARG B 405 -30.11 -0.24 -0.79
CA ARG B 405 -28.97 -1.01 -1.30
C ARG B 405 -28.33 -0.29 -2.48
N THR B 406 -27.00 -0.34 -2.52
CA THR B 406 -26.24 0.28 -3.60
C THR B 406 -25.18 -0.70 -4.11
N GLY B 407 -24.90 -0.61 -5.40
CA GLY B 407 -23.91 -1.48 -6.00
C GLY B 407 -24.34 -2.91 -6.18
N VAL B 408 -25.64 -3.18 -6.15
CA VAL B 408 -26.11 -4.54 -6.35
C VAL B 408 -25.91 -4.99 -7.80
N SER B 409 -26.07 -4.09 -8.76
CA SER B 409 -25.92 -4.40 -10.18
C SER B 409 -24.59 -3.83 -10.66
N GLN B 410 -23.74 -4.68 -11.23
CA GLN B 410 -22.42 -4.25 -11.66
C GLN B 410 -22.15 -4.74 -13.08
N LEU B 411 -21.29 -4.00 -13.79
CA LEU B 411 -20.91 -4.41 -15.13
C LEU B 411 -20.07 -5.67 -15.10
N LEU B 412 -20.36 -6.59 -16.01
CA LEU B 412 -19.66 -7.87 -16.03
C LEU B 412 -18.19 -7.66 -16.41
N ASP B 413 -17.31 -8.36 -15.71
CA ASP B 413 -15.86 -8.20 -15.87
C ASP B 413 -15.37 -9.22 -16.89
N ARG B 414 -15.41 -8.85 -18.17
CA ARG B 414 -14.98 -9.73 -19.24
C ARG B 414 -13.54 -9.44 -19.65
N THR B 415 -12.63 -9.49 -18.68
CA THR B 415 -11.20 -9.40 -19.00
C THR B 415 -10.72 -10.72 -19.61
N ASN B 416 -11.16 -11.85 -19.05
CA ASN B 416 -10.87 -13.17 -19.58
C ASN B 416 -11.98 -14.11 -19.12
N TRP B 417 -11.76 -15.41 -19.28
CA TRP B 417 -12.77 -16.38 -18.87
C TRP B 417 -12.91 -16.41 -17.35
N LEU B 418 -11.78 -16.44 -16.64
CA LEU B 418 -11.82 -16.59 -15.19
C LEU B 418 -12.44 -15.39 -14.52
N SER B 419 -12.22 -14.19 -15.06
CA SER B 419 -12.81 -12.99 -14.49
C SER B 419 -14.34 -13.07 -14.53
N MET B 420 -14.90 -13.44 -15.68
CA MET B 420 -16.34 -13.56 -15.79
C MET B 420 -16.88 -14.67 -14.89
N LEU B 421 -16.20 -15.81 -14.87
CA LEU B 421 -16.67 -16.91 -14.03
C LEU B 421 -16.64 -16.54 -12.55
N SER B 422 -15.61 -15.83 -12.10
CA SER B 422 -15.52 -15.43 -10.71
C SER B 422 -16.54 -14.35 -10.39
N HIS B 423 -16.81 -13.45 -11.33
CA HIS B 423 -17.83 -12.43 -11.11
C HIS B 423 -19.21 -13.06 -10.97
N LEU B 424 -19.49 -14.08 -11.76
CA LEU B 424 -20.81 -14.70 -11.67
C LEU B 424 -20.99 -15.56 -10.42
N ARG B 425 -20.06 -15.55 -9.45
CA ARG B 425 -20.23 -16.35 -8.24
C ARG B 425 -19.82 -15.59 -6.99
N ARG B 426 -19.69 -14.26 -7.07
CA ARG B 426 -19.27 -13.46 -5.94
C ARG B 426 -20.42 -13.25 -4.96
N VAL B 427 -20.07 -13.06 -3.69
CA VAL B 427 -21.02 -12.79 -2.62
C VAL B 427 -20.46 -11.64 -1.79
N VAL B 428 -21.26 -10.61 -1.56
CA VAL B 428 -20.83 -9.42 -0.84
C VAL B 428 -21.60 -9.32 0.46
N SER B 429 -20.89 -9.11 1.56
CA SER B 429 -21.53 -8.94 2.86
C SER B 429 -22.11 -7.54 2.98
N SER B 430 -23.37 -7.47 3.45
CA SER B 430 -24.05 -6.19 3.55
C SER B 430 -23.46 -5.34 4.66
N LEU B 431 -23.51 -5.82 5.90
CA LEU B 431 -22.96 -5.09 7.03
C LEU B 431 -21.44 -5.15 6.99
N ALA B 432 -20.81 -4.17 6.35
CA ALA B 432 -19.36 -4.18 6.17
C ALA B 432 -18.84 -2.76 6.10
N ARG B 433 -17.54 -2.62 6.38
CA ARG B 433 -16.81 -1.37 6.25
C ARG B 433 -17.32 -0.28 7.19
N GLY B 434 -18.31 -0.59 8.02
CA GLY B 434 -18.74 0.34 9.05
C GLY B 434 -17.88 0.20 10.29
N GLN B 435 -17.27 -0.96 10.44
CA GLN B 435 -16.36 -1.28 11.53
C GLN B 435 -15.67 -2.60 11.24
N PRO B 436 -14.39 -2.76 11.58
CA PRO B 436 -13.73 -4.06 11.34
C PRO B 436 -14.34 -5.19 12.15
N ASN B 437 -14.43 -5.02 13.48
CA ASN B 437 -15.05 -5.96 14.40
C ASN B 437 -14.20 -7.22 14.55
N PHE B 438 -13.16 -7.35 13.72
CA PHE B 438 -12.12 -8.38 13.79
C PHE B 438 -12.69 -9.79 13.94
N GLU B 439 -13.98 -9.97 13.68
CA GLU B 439 -14.63 -11.27 13.81
C GLU B 439 -15.52 -11.63 12.64
N ALA B 440 -16.02 -10.66 11.87
CA ALA B 440 -16.72 -10.98 10.64
C ALA B 440 -15.78 -11.32 9.50
N ARG B 441 -14.49 -11.04 9.66
CA ARG B 441 -13.48 -11.38 8.66
C ARG B 441 -12.74 -12.67 8.98
N ASP B 442 -13.12 -13.36 10.05
CA ASP B 442 -12.49 -14.62 10.39
C ASP B 442 -12.98 -15.74 9.47
N LEU B 443 -12.17 -16.80 9.40
CA LEU B 443 -12.54 -17.99 8.63
C LEU B 443 -13.30 -18.92 9.58
N HIS B 444 -14.62 -18.77 9.60
CA HIS B 444 -15.45 -19.59 10.46
C HIS B 444 -15.44 -21.03 9.99
N GLY B 445 -15.45 -21.96 10.95
CA GLY B 445 -15.46 -23.38 10.62
C GLY B 445 -16.71 -23.84 9.91
N THR B 446 -17.76 -23.02 9.89
CA THR B 446 -18.98 -23.34 9.17
C THR B 446 -18.83 -23.13 7.67
N GLN B 447 -17.85 -22.33 7.25
CA GLN B 447 -17.65 -22.07 5.83
C GLN B 447 -17.11 -23.27 5.06
N TRP B 448 -16.73 -24.35 5.75
CA TRP B 448 -16.18 -25.53 5.08
C TRP B 448 -17.15 -26.08 4.06
N GLY B 449 -16.77 -26.01 2.79
CA GLY B 449 -17.60 -26.50 1.70
C GLY B 449 -18.61 -25.51 1.16
N ARG B 450 -18.64 -24.29 1.69
CA ARG B 450 -19.60 -23.29 1.26
C ARG B 450 -18.96 -22.04 0.67
N MET B 451 -17.81 -21.61 1.19
CA MET B 451 -17.09 -20.47 0.65
C MET B 451 -15.62 -20.83 0.50
N CYS B 452 -14.99 -20.25 -0.52
CA CYS B 452 -13.58 -20.51 -0.76
C CYS B 452 -12.74 -19.84 0.32
N PRO B 453 -11.81 -20.56 0.96
CA PRO B 453 -10.99 -19.94 2.00
C PRO B 453 -9.86 -19.08 1.46
N PHE B 454 -9.63 -19.07 0.15
CA PHE B 454 -8.52 -18.34 -0.44
C PHE B 454 -8.96 -17.11 -1.22
N GLU B 455 -9.97 -17.23 -2.08
CA GLU B 455 -10.35 -16.12 -2.94
C GLU B 455 -11.07 -15.04 -2.16
N THR B 456 -10.30 -14.11 -1.60
CA THR B 456 -10.82 -12.92 -0.93
C THR B 456 -9.95 -11.74 -1.30
N PRO B 457 -10.52 -10.53 -1.33
CA PRO B 457 -9.72 -9.35 -1.65
C PRO B 457 -8.75 -9.03 -0.52
N GLU B 458 -7.82 -8.13 -0.83
CA GLU B 458 -6.83 -7.65 0.13
C GLU B 458 -7.10 -6.18 0.41
N GLY B 459 -7.19 -5.83 1.70
CA GLY B 459 -7.45 -4.47 2.10
C GLY B 459 -8.68 -4.34 2.96
N PRO B 460 -9.43 -3.26 2.79
CA PRO B 460 -10.64 -3.06 3.61
C PRO B 460 -11.69 -4.13 3.42
N ASN B 461 -11.75 -4.75 2.24
CA ASN B 461 -12.76 -5.75 1.94
C ASN B 461 -12.30 -7.17 2.23
N SER B 462 -11.16 -7.33 2.90
CA SER B 462 -10.63 -8.66 3.18
C SER B 462 -11.56 -9.41 4.13
N GLY B 463 -12.03 -10.58 3.69
CA GLY B 463 -12.91 -11.39 4.50
C GLY B 463 -14.37 -11.02 4.42
N LEU B 464 -14.73 -9.95 3.74
CA LEU B 464 -16.11 -9.54 3.58
C LEU B 464 -16.69 -9.84 2.21
N VAL B 465 -15.86 -9.90 1.18
CA VAL B 465 -16.26 -10.34 -0.15
C VAL B 465 -15.75 -11.77 -0.33
N LYS B 466 -16.67 -12.69 -0.61
CA LYS B 466 -16.34 -14.11 -0.68
C LYS B 466 -16.80 -14.68 -2.01
N ASN B 467 -16.41 -15.91 -2.27
CA ASN B 467 -16.76 -16.60 -3.50
C ASN B 467 -17.29 -17.98 -3.16
N LEU B 468 -18.31 -18.42 -3.89
CA LEU B 468 -18.95 -19.69 -3.62
C LEU B 468 -17.99 -20.84 -3.87
N ALA B 469 -18.17 -21.92 -3.10
CA ALA B 469 -17.39 -23.13 -3.32
C ALA B 469 -17.91 -23.86 -4.56
N LEU B 470 -17.28 -24.98 -4.89
CA LEU B 470 -17.59 -25.68 -6.12
C LEU B 470 -18.98 -26.30 -6.09
N LEU B 471 -19.29 -27.02 -5.02
CA LEU B 471 -20.55 -27.77 -4.93
C LEU B 471 -21.61 -27.08 -4.09
N ALA B 472 -21.38 -25.82 -3.69
CA ALA B 472 -22.35 -25.10 -2.89
C ALA B 472 -23.62 -24.83 -3.70
N GLN B 473 -24.75 -24.77 -3.00
CA GLN B 473 -26.05 -24.60 -3.63
C GLN B 473 -26.93 -23.74 -2.73
N VAL B 474 -27.46 -22.66 -3.27
CA VAL B 474 -28.31 -21.76 -2.50
C VAL B 474 -29.75 -22.22 -2.61
N SER B 475 -30.40 -22.40 -1.46
CA SER B 475 -31.75 -22.93 -1.44
C SER B 475 -32.74 -21.89 -1.97
N VAL B 476 -33.89 -22.39 -2.45
CA VAL B 476 -34.92 -21.54 -3.03
C VAL B 476 -36.15 -21.42 -2.14
N GLY B 477 -36.40 -22.37 -1.26
CA GLY B 477 -37.49 -22.25 -0.30
C GLY B 477 -38.82 -22.74 -0.83
N ILE B 478 -39.70 -23.10 0.10
CA ILE B 478 -41.05 -23.56 -0.20
C ILE B 478 -42.03 -22.80 0.69
N ASN B 479 -43.30 -23.16 0.59
CA ASN B 479 -44.33 -22.56 1.40
C ASN B 479 -44.39 -23.21 2.77
N GLU B 480 -44.49 -22.39 3.81
CA GLU B 480 -44.45 -22.87 5.19
C GLU B 480 -45.68 -23.67 5.58
N SER B 481 -46.80 -23.49 4.86
CA SER B 481 -48.05 -24.11 5.28
C SER B 481 -47.98 -25.62 5.26
N VAL B 482 -47.40 -26.20 4.21
CA VAL B 482 -47.33 -27.65 4.10
C VAL B 482 -46.43 -28.23 5.18
N VAL B 483 -45.31 -27.55 5.49
CA VAL B 483 -44.43 -28.02 6.54
C VAL B 483 -45.13 -27.95 7.89
N GLU B 484 -45.88 -26.87 8.13
CA GLU B 484 -46.62 -26.76 9.38
C GLU B 484 -47.65 -27.87 9.50
N ARG B 485 -48.38 -28.16 8.42
CA ARG B 485 -49.39 -29.21 8.48
C ARG B 485 -48.77 -30.59 8.72
N VAL B 486 -47.66 -30.88 8.04
CA VAL B 486 -47.04 -32.19 8.23
C VAL B 486 -46.45 -32.31 9.63
N ALA B 487 -45.92 -31.21 10.17
CA ALA B 487 -45.43 -31.23 11.54
C ALA B 487 -46.56 -31.47 12.53
N TYR B 488 -47.70 -30.81 12.33
CA TYR B 488 -48.83 -30.99 13.23
C TYR B 488 -49.37 -32.41 13.17
N GLU B 489 -49.45 -32.98 11.96
CA GLU B 489 -49.94 -34.35 11.83
C GLU B 489 -48.89 -35.38 12.23
N LEU B 490 -47.63 -34.99 12.39
CA LEU B 490 -46.61 -35.92 12.86
C LEU B 490 -46.79 -36.24 14.35
N GLY B 491 -47.33 -35.30 15.13
CA GLY B 491 -47.59 -35.57 16.52
C GLY B 491 -47.32 -34.43 17.48
N VAL B 492 -46.84 -33.30 16.98
CA VAL B 492 -46.56 -32.18 17.87
C VAL B 492 -47.85 -31.59 18.39
N VAL B 493 -47.77 -30.93 19.55
CA VAL B 493 -48.91 -30.36 20.23
C VAL B 493 -48.72 -28.85 20.29
N SER B 494 -49.75 -28.10 19.90
CA SER B 494 -49.66 -26.65 19.90
C SER B 494 -49.45 -26.12 21.31
N VAL B 495 -48.89 -24.91 21.39
CA VAL B 495 -48.65 -24.30 22.69
C VAL B 495 -49.97 -24.00 23.40
N GLU B 496 -51.00 -23.60 22.64
CA GLU B 496 -52.30 -23.34 23.24
C GLU B 496 -52.89 -24.60 23.83
N ASP B 497 -52.77 -25.73 23.12
CA ASP B 497 -53.29 -26.98 23.64
C ASP B 497 -52.55 -27.41 24.90
N VAL B 498 -51.23 -27.24 24.93
CA VAL B 498 -50.46 -27.58 26.12
C VAL B 498 -50.87 -26.69 27.29
N ILE B 499 -51.05 -25.40 27.03
CA ILE B 499 -51.47 -24.48 28.10
C ILE B 499 -52.84 -24.86 28.63
N ARG B 500 -53.76 -25.22 27.73
CA ARG B 500 -55.08 -25.65 28.17
C ARG B 500 -55.00 -26.91 29.02
N ARG B 501 -54.23 -27.91 28.56
CA ARG B 501 -54.08 -29.13 29.33
C ARG B 501 -53.49 -28.84 30.71
N ILE B 502 -52.58 -27.88 30.79
CA ILE B 502 -51.96 -27.54 32.06
C ILE B 502 -52.96 -26.84 32.98
N SER B 503 -53.74 -25.90 32.45
CA SER B 503 -54.53 -25.01 33.29
C SER B 503 -55.93 -25.56 33.57
N GLU B 504 -56.73 -25.76 32.52
CA GLU B 504 -58.12 -26.17 32.75
C GLU B 504 -58.26 -27.65 33.05
N GLN B 505 -57.17 -28.41 32.96
CA GLN B 505 -57.13 -29.79 33.43
C GLN B 505 -56.01 -29.93 34.44
N ASN B 506 -56.26 -30.69 35.51
CA ASN B 506 -55.32 -30.82 36.62
C ASN B 506 -54.16 -31.74 36.21
N GLU B 507 -53.28 -31.19 35.38
CA GLU B 507 -52.08 -31.88 34.92
C GLU B 507 -50.86 -31.07 35.33
N ASP B 508 -49.88 -31.74 35.91
CA ASP B 508 -48.68 -31.05 36.40
C ASP B 508 -47.80 -30.60 35.24
N VAL B 509 -47.00 -29.56 35.48
CA VAL B 509 -46.09 -29.05 34.47
C VAL B 509 -44.81 -29.87 34.37
N GLU B 510 -44.54 -30.75 35.33
CA GLU B 510 -43.33 -31.56 35.28
C GLU B 510 -43.33 -32.48 34.06
N LYS B 511 -44.51 -32.90 33.60
CA LYS B 511 -44.57 -33.76 32.43
C LYS B 511 -44.09 -33.04 31.18
N TYR B 512 -44.49 -31.78 31.00
CA TYR B 512 -44.16 -31.03 29.80
C TYR B 512 -42.85 -30.28 29.88
N MET B 513 -42.20 -30.23 31.03
CA MET B 513 -40.86 -29.67 31.12
C MET B 513 -39.78 -30.63 30.62
N SER B 514 -40.11 -31.90 30.45
CA SER B 514 -39.19 -32.88 29.89
C SER B 514 -39.38 -33.06 28.39
N TRP B 515 -40.30 -32.34 27.78
CA TRP B 515 -40.57 -32.46 26.36
C TRP B 515 -39.67 -31.50 25.57
N SER B 516 -39.62 -31.73 24.26
CA SER B 516 -38.76 -30.96 23.37
C SER B 516 -39.59 -29.90 22.65
N LYS B 517 -39.11 -28.66 22.68
CA LYS B 517 -39.74 -27.59 21.93
C LYS B 517 -39.47 -27.77 20.44
N VAL B 518 -40.47 -27.50 19.62
CA VAL B 518 -40.37 -27.64 18.18
C VAL B 518 -40.60 -26.28 17.55
N TYR B 519 -39.63 -25.83 16.75
CA TYR B 519 -39.66 -24.53 16.08
C TYR B 519 -39.86 -24.73 14.59
N LEU B 520 -40.16 -23.62 13.91
CA LEU B 520 -40.31 -23.63 12.45
C LEU B 520 -39.97 -22.24 11.96
N ASN B 521 -38.83 -22.11 11.27
CA ASN B 521 -38.35 -20.82 10.76
C ASN B 521 -38.20 -19.80 11.88
N GLY B 522 -37.73 -20.25 13.03
CA GLY B 522 -37.48 -19.38 14.16
C GLY B 522 -38.68 -19.08 15.04
N ARG B 523 -39.85 -19.59 14.68
CA ARG B 523 -41.06 -19.37 15.46
C ARG B 523 -41.44 -20.66 16.18
N LEU B 524 -41.70 -20.56 17.48
CA LEU B 524 -42.02 -21.73 18.28
C LEU B 524 -43.30 -22.37 17.78
N LEU B 525 -43.23 -23.65 17.43
CA LEU B 525 -44.37 -24.36 16.85
C LEU B 525 -45.12 -25.19 17.86
N GLY B 526 -44.44 -25.86 18.78
CA GLY B 526 -45.16 -26.65 19.77
C GLY B 526 -44.24 -27.49 20.63
N TYR B 527 -44.79 -28.58 21.15
CA TYR B 527 -44.05 -29.51 22.00
C TYR B 527 -44.17 -30.92 21.44
N TYR B 528 -43.08 -31.69 21.57
CA TYR B 528 -43.05 -33.06 21.13
C TYR B 528 -42.41 -33.92 22.22
N GLU B 529 -42.79 -35.20 22.25
CA GLU B 529 -42.30 -36.08 23.30
C GLU B 529 -40.78 -36.26 23.23
N ASP B 530 -40.30 -36.81 22.12
CA ASP B 530 -38.88 -37.10 21.94
C ASP B 530 -38.40 -36.42 20.66
N GLY B 531 -37.55 -35.39 20.81
CA GLY B 531 -37.15 -34.61 19.67
C GLY B 531 -36.29 -35.39 18.68
N LYS B 532 -35.43 -36.27 19.18
CA LYS B 532 -34.57 -37.05 18.30
C LYS B 532 -35.40 -37.93 17.37
N GLU B 533 -36.47 -38.54 17.90
CA GLU B 533 -37.34 -39.36 17.06
C GLU B 533 -38.01 -38.52 15.99
N LEU B 534 -38.45 -37.31 16.33
CA LEU B 534 -39.08 -36.44 15.34
C LEU B 534 -38.10 -36.05 14.25
N ALA B 535 -36.86 -35.71 14.62
CA ALA B 535 -35.87 -35.36 13.62
C ALA B 535 -35.58 -36.54 12.70
N LYS B 536 -35.45 -37.74 13.28
CA LYS B 536 -35.20 -38.92 12.46
C LYS B 536 -36.37 -39.20 11.52
N LYS B 537 -37.60 -39.01 12.01
CA LYS B 537 -38.78 -39.22 11.17
C LYS B 537 -38.80 -38.25 10.00
N ILE B 538 -38.52 -36.97 10.27
CA ILE B 538 -38.51 -35.97 9.20
C ILE B 538 -37.41 -36.30 8.19
N ARG B 539 -36.22 -36.67 8.66
CA ARG B 539 -35.14 -37.00 7.75
C ARG B 539 -35.48 -38.22 6.89
N GLU B 540 -36.07 -39.25 7.49
CA GLU B 540 -36.43 -40.44 6.74
C GLU B 540 -37.53 -40.16 5.72
N SER B 541 -38.51 -39.34 6.09
CA SER B 541 -39.58 -39.01 5.14
C SER B 541 -39.07 -38.12 4.01
N ARG B 542 -38.07 -37.29 4.28
CA ARG B 542 -37.51 -36.46 3.22
C ARG B 542 -36.74 -37.29 2.21
N ARG B 543 -36.02 -38.31 2.67
CA ARG B 543 -35.22 -39.14 1.77
C ARG B 543 -36.09 -40.05 0.91
N GLN B 544 -37.34 -40.27 1.28
CA GLN B 544 -38.22 -41.14 0.52
C GLN B 544 -39.08 -40.37 -0.47
N GLY B 545 -38.91 -39.06 -0.57
CA GLY B 545 -39.63 -38.25 -1.54
C GLY B 545 -40.99 -37.76 -1.09
N LYS B 546 -41.47 -38.19 0.08
CA LYS B 546 -42.77 -37.74 0.55
C LYS B 546 -42.74 -36.28 0.98
N LEU B 547 -41.60 -35.81 1.48
CA LEU B 547 -41.43 -34.44 1.93
C LEU B 547 -40.45 -33.72 1.02
N SER B 548 -40.67 -32.42 0.83
CA SER B 548 -39.83 -31.64 -0.05
C SER B 548 -38.39 -31.61 0.45
N ASP B 549 -37.44 -31.61 -0.49
CA ASP B 549 -36.03 -31.63 -0.13
C ASP B 549 -35.53 -30.29 0.39
N GLU B 550 -36.33 -29.23 0.28
CA GLU B 550 -35.93 -27.92 0.79
C GLU B 550 -36.02 -27.83 2.31
N VAL B 551 -36.56 -28.83 2.98
CA VAL B 551 -36.76 -28.81 4.43
C VAL B 551 -35.53 -29.40 5.10
N ASN B 552 -34.97 -28.68 6.07
CA ASN B 552 -33.84 -29.15 6.85
C ASN B 552 -34.21 -29.13 8.32
N VAL B 553 -33.81 -30.19 9.03
CA VAL B 553 -34.18 -30.37 10.43
C VAL B 553 -32.93 -30.66 11.26
N ALA B 554 -32.86 -30.06 12.44
CA ALA B 554 -31.77 -30.29 13.38
C ALA B 554 -32.35 -30.47 14.78
N TYR B 555 -31.62 -31.22 15.61
CA TYR B 555 -32.03 -31.48 16.99
C TYR B 555 -30.90 -31.02 17.90
N ILE B 556 -31.23 -30.15 18.85
CA ILE B 556 -30.25 -29.57 19.76
C ILE B 556 -30.57 -30.03 21.17
N ALA B 557 -29.62 -30.74 21.79
CA ALA B 557 -29.75 -31.24 23.15
C ALA B 557 -28.59 -30.72 23.98
N THR B 558 -28.90 -30.13 25.11
CA THR B 558 -27.91 -29.55 26.01
C THR B 558 -28.34 -29.86 27.44
N ASP B 559 -27.48 -29.54 28.40
CA ASP B 559 -27.84 -29.72 29.80
C ASP B 559 -29.05 -28.89 30.20
N TYR B 560 -29.35 -27.82 29.47
CA TYR B 560 -30.50 -26.97 29.76
C TYR B 560 -31.46 -26.78 28.58
N LEU B 561 -31.10 -27.21 27.38
CA LEU B 561 -31.93 -26.99 26.20
C LEU B 561 -32.32 -28.32 25.58
N ASN B 562 -33.51 -28.35 24.99
CA ASN B 562 -33.99 -29.53 24.27
C ASN B 562 -34.93 -29.02 23.18
N GLU B 563 -34.40 -28.83 21.97
CA GLU B 563 -35.14 -28.17 20.91
C GLU B 563 -35.00 -28.92 19.59
N VAL B 564 -35.95 -28.69 18.70
CA VAL B 564 -35.90 -29.19 17.33
C VAL B 564 -36.17 -28.00 16.41
N HIS B 565 -35.22 -27.73 15.50
CA HIS B 565 -35.30 -26.60 14.59
C HIS B 565 -35.58 -27.11 13.18
N ILE B 566 -36.56 -26.50 12.53
CA ILE B 566 -36.93 -26.83 11.15
C ILE B 566 -36.85 -25.57 10.32
N ASN B 567 -36.14 -25.64 9.20
CA ASN B 567 -35.98 -24.50 8.29
C ASN B 567 -36.43 -24.91 6.90
N CYS B 568 -37.21 -24.05 6.25
CA CYS B 568 -37.65 -24.30 4.88
C CYS B 568 -37.66 -23.04 4.04
N ASP B 569 -36.94 -21.99 4.44
CA ASP B 569 -36.96 -20.73 3.71
C ASP B 569 -35.79 -20.66 2.73
N ALA B 570 -35.72 -19.55 1.99
CA ALA B 570 -34.72 -19.37 0.95
C ALA B 570 -33.49 -18.65 1.51
N GLY B 571 -32.43 -18.67 0.70
CA GLY B 571 -31.20 -17.98 1.05
C GLY B 571 -30.21 -18.77 1.86
N ARG B 572 -30.49 -20.04 2.16
CA ARG B 572 -29.58 -20.86 2.94
C ARG B 572 -28.61 -21.57 2.00
N VAL B 573 -27.32 -21.44 2.29
CA VAL B 573 -26.28 -22.09 1.50
C VAL B 573 -26.09 -23.51 2.04
N ARG B 574 -26.25 -24.50 1.16
CA ARG B 574 -26.16 -25.90 1.51
C ARG B 574 -25.11 -26.57 0.65
N ARG B 575 -24.69 -27.76 1.08
CA ARG B 575 -23.72 -28.55 0.34
C ARG B 575 -24.15 -30.00 0.32
N PRO B 576 -23.78 -30.75 -0.72
CA PRO B 576 -24.19 -32.15 -0.81
C PRO B 576 -23.24 -33.10 -0.11
N LEU B 577 -23.82 -34.19 0.40
CA LEU B 577 -23.06 -35.23 1.08
C LEU B 577 -23.71 -36.57 0.78
N ILE B 578 -22.87 -37.61 0.79
CA ILE B 578 -23.33 -38.98 0.57
C ILE B 578 -23.76 -39.56 1.91
N ILE B 579 -24.97 -40.12 1.95
CA ILE B 579 -25.50 -40.67 3.19
C ILE B 579 -24.81 -41.99 3.51
N VAL B 580 -24.38 -42.14 4.75
CA VAL B 580 -23.74 -43.36 5.23
C VAL B 580 -24.66 -44.02 6.25
N ASN B 581 -24.96 -45.29 6.03
CA ASN B 581 -25.83 -46.06 6.92
C ASN B 581 -25.06 -47.26 7.45
N ASN B 582 -24.91 -47.33 8.77
CA ASN B 582 -24.22 -48.44 9.44
C ASN B 582 -22.78 -48.58 8.94
N GLY B 583 -22.13 -47.45 8.68
CA GLY B 583 -20.75 -47.46 8.24
C GLY B 583 -20.54 -47.82 6.78
N THR B 584 -21.61 -47.94 6.00
CA THR B 584 -21.51 -48.23 4.58
C THR B 584 -22.25 -47.16 3.79
N PRO B 585 -21.59 -46.48 2.85
CA PRO B 585 -22.27 -45.44 2.08
C PRO B 585 -23.38 -46.03 1.20
N LEU B 586 -24.41 -45.21 0.97
CA LEU B 586 -25.56 -45.65 0.20
C LEU B 586 -25.29 -45.70 -1.30
N VAL B 587 -24.15 -45.18 -1.76
CA VAL B 587 -23.76 -45.27 -3.16
C VAL B 587 -22.82 -46.46 -3.30
N ASP B 588 -23.23 -47.44 -4.09
CA ASP B 588 -22.54 -48.71 -4.20
C ASP B 588 -21.93 -48.87 -5.60
N THR B 589 -21.36 -50.06 -5.85
CA THR B 589 -20.67 -50.30 -7.11
C THR B 589 -21.63 -50.25 -8.30
N GLU B 590 -22.85 -50.77 -8.12
CA GLU B 590 -23.81 -50.73 -9.22
C GLU B 590 -24.17 -49.30 -9.58
N ASP B 591 -24.31 -48.42 -8.58
CA ASP B 591 -24.68 -47.04 -8.84
C ASP B 591 -23.60 -46.32 -9.63
N ILE B 592 -22.34 -46.50 -9.25
CA ILE B 592 -21.26 -45.83 -9.99
C ILE B 592 -21.08 -46.46 -11.36
N LYS B 593 -21.34 -47.76 -11.50
CA LYS B 593 -21.29 -48.38 -12.82
C LYS B 593 -22.36 -47.80 -13.74
N LYS B 594 -23.57 -47.61 -13.22
CA LYS B 594 -24.62 -46.99 -14.02
C LYS B 594 -24.38 -45.51 -14.24
N LEU B 595 -23.59 -44.87 -13.38
CA LEU B 595 -23.28 -43.45 -13.54
C LEU B 595 -22.25 -43.21 -14.62
N LYS B 596 -21.35 -44.17 -14.85
CA LYS B 596 -20.25 -43.99 -15.78
C LYS B 596 -20.64 -44.19 -17.24
N ASN B 597 -21.85 -44.68 -17.51
CA ASN B 597 -22.30 -44.90 -18.88
C ASN B 597 -23.57 -44.12 -19.21
N GLY B 598 -23.88 -43.10 -18.41
CA GLY B 598 -24.97 -42.20 -18.75
C GLY B 598 -26.37 -42.69 -18.45
N GLU B 599 -26.51 -43.85 -17.79
CA GLU B 599 -27.84 -44.33 -17.46
C GLU B 599 -28.50 -43.45 -16.41
N ILE B 600 -27.73 -42.93 -15.46
CA ILE B 600 -28.23 -42.04 -14.42
C ILE B 600 -27.32 -40.84 -14.33
N THR B 601 -27.83 -39.78 -13.69
CA THR B 601 -27.11 -38.55 -13.49
C THR B 601 -27.03 -38.23 -12.00
N PHE B 602 -26.49 -37.05 -11.69
CA PHE B 602 -26.40 -36.62 -10.30
C PHE B 602 -27.79 -36.41 -9.69
N ASP B 603 -28.71 -35.85 -10.47
CA ASP B 603 -30.05 -35.59 -9.96
C ASP B 603 -30.79 -36.87 -9.63
N ASP B 604 -30.51 -37.95 -10.35
CA ASP B 604 -31.14 -39.23 -10.04
C ASP B 604 -30.70 -39.76 -8.68
N LEU B 605 -29.42 -39.59 -8.34
CA LEU B 605 -28.94 -40.03 -7.04
C LEU B 605 -29.54 -39.22 -5.91
N VAL B 606 -29.76 -37.92 -6.13
CA VAL B 606 -30.35 -37.08 -5.10
C VAL B 606 -31.80 -37.48 -4.82
N LYS B 607 -32.58 -37.70 -5.89
CA LYS B 607 -33.98 -38.05 -5.72
C LYS B 607 -34.17 -39.48 -5.24
N GLN B 608 -33.12 -40.30 -5.25
CA GLN B 608 -33.18 -41.65 -4.73
C GLN B 608 -32.79 -41.74 -3.26
N GLY B 609 -32.51 -40.60 -2.62
CA GLY B 609 -32.17 -40.60 -1.21
C GLY B 609 -30.79 -41.13 -0.89
N LYS B 610 -29.83 -40.96 -1.80
CA LYS B 610 -28.45 -41.37 -1.56
C LYS B 610 -27.50 -40.19 -1.36
N ILE B 611 -27.80 -39.04 -1.94
CA ILE B 611 -27.03 -37.82 -1.76
C ILE B 611 -28.00 -36.73 -1.33
N GLU B 612 -27.66 -36.01 -0.27
CA GLU B 612 -28.54 -34.98 0.26
C GLU B 612 -27.80 -33.68 0.47
N PHE B 613 -28.49 -32.57 0.21
CA PHE B 613 -27.96 -31.23 0.47
C PHE B 613 -28.35 -30.82 1.88
N ILE B 614 -27.36 -30.54 2.72
CA ILE B 614 -27.61 -30.11 4.08
C ILE B 614 -27.00 -28.74 4.29
N ASP B 615 -27.57 -27.98 5.22
CA ASP B 615 -27.16 -26.63 5.53
C ASP B 615 -26.44 -26.59 6.87
N ALA B 616 -26.09 -25.39 7.33
CA ALA B 616 -25.27 -25.24 8.52
C ALA B 616 -26.00 -25.75 9.76
N GLU B 617 -27.31 -25.48 9.86
CA GLU B 617 -28.05 -25.89 11.04
C GLU B 617 -28.13 -27.40 11.16
N GLU B 618 -28.40 -28.10 10.06
CA GLU B 618 -28.47 -29.56 10.11
C GLU B 618 -27.10 -30.19 10.33
N GLU B 619 -26.04 -29.56 9.82
CA GLU B 619 -24.71 -30.13 9.94
C GLU B 619 -24.24 -30.21 11.38
N GLU B 620 -24.92 -29.54 12.31
CA GLU B 620 -24.60 -29.70 13.73
C GLU B 620 -24.82 -31.14 14.19
N ASN B 621 -25.69 -31.89 13.52
CA ASN B 621 -25.93 -33.29 13.87
C ASN B 621 -25.17 -34.25 12.98
N ALA B 622 -24.26 -33.76 12.15
CA ALA B 622 -23.55 -34.57 11.18
C ALA B 622 -22.15 -34.93 11.69
N TYR B 623 -21.67 -36.08 11.25
CA TYR B 623 -20.30 -36.55 11.55
C TYR B 623 -19.76 -37.11 10.24
N VAL B 624 -19.01 -36.27 9.52
CA VAL B 624 -18.62 -36.53 8.14
C VAL B 624 -17.23 -37.13 8.11
N ALA B 625 -16.99 -38.02 7.16
CA ALA B 625 -15.69 -38.63 6.93
C ALA B 625 -15.11 -38.16 5.60
N LEU B 626 -13.82 -37.89 5.58
CA LEU B 626 -13.18 -37.37 4.37
C LEU B 626 -13.08 -38.44 3.28
N ASN B 627 -12.62 -39.63 3.65
CA ASN B 627 -12.32 -40.69 2.70
C ASN B 627 -13.04 -41.95 3.11
N PRO B 628 -13.32 -42.85 2.16
CA PRO B 628 -14.03 -44.09 2.51
C PRO B 628 -13.27 -45.02 3.44
N GLN B 629 -11.95 -44.88 3.54
CA GLN B 629 -11.16 -45.85 4.30
C GLN B 629 -11.05 -45.53 5.79
N ASP B 630 -11.71 -44.48 6.27
CA ASP B 630 -11.76 -44.23 7.71
C ASP B 630 -13.20 -44.13 8.20
N LEU B 631 -14.11 -44.84 7.56
CA LEU B 631 -15.51 -44.86 7.97
C LEU B 631 -15.68 -45.71 9.23
N THR B 632 -16.56 -45.27 10.10
CA THR B 632 -16.91 -45.93 11.35
C THR B 632 -18.42 -45.97 11.48
N PRO B 633 -18.95 -46.86 12.32
CA PRO B 633 -20.42 -46.89 12.51
C PRO B 633 -20.99 -45.58 13.04
N ASP B 634 -20.18 -44.75 13.68
CA ASP B 634 -20.65 -43.46 14.19
C ASP B 634 -20.73 -42.39 13.11
N HIS B 635 -20.16 -42.63 11.93
CA HIS B 635 -20.19 -41.65 10.86
C HIS B 635 -21.57 -41.63 10.21
N THR B 636 -22.00 -40.45 9.79
CA THR B 636 -23.31 -40.28 9.16
C THR B 636 -23.23 -39.90 7.69
N HIS B 637 -22.18 -39.22 7.25
CA HIS B 637 -22.07 -38.76 5.88
C HIS B 637 -20.65 -39.00 5.38
N LEU B 638 -20.47 -38.82 4.08
CA LEU B 638 -19.18 -38.97 3.44
C LEU B 638 -18.98 -37.81 2.46
N GLU B 639 -17.75 -37.32 2.38
CA GLU B 639 -17.45 -36.21 1.48
C GLU B 639 -17.40 -36.69 0.04
N ILE B 640 -18.11 -35.98 -0.85
CA ILE B 640 -18.12 -36.35 -2.25
C ILE B 640 -16.77 -36.07 -2.90
N TRP B 641 -16.19 -34.90 -2.62
CA TRP B 641 -14.95 -34.47 -3.23
C TRP B 641 -14.19 -33.60 -2.24
N PRO B 642 -13.14 -34.11 -1.61
CA PRO B 642 -12.43 -33.31 -0.60
C PRO B 642 -11.80 -32.04 -1.15
N SER B 643 -11.49 -32.00 -2.44
CA SER B 643 -10.90 -30.81 -3.05
C SER B 643 -11.95 -29.79 -3.47
N ALA B 644 -13.23 -30.07 -3.24
CA ALA B 644 -14.30 -29.15 -3.61
C ALA B 644 -14.57 -28.11 -2.55
N ILE B 645 -13.65 -27.92 -1.59
CA ILE B 645 -13.77 -26.83 -0.63
C ILE B 645 -13.20 -25.54 -1.17
N LEU B 646 -12.62 -25.55 -2.36
CA LEU B 646 -12.03 -24.37 -2.98
C LEU B 646 -13.01 -23.73 -3.95
N GLY B 647 -12.69 -22.51 -4.36
CA GLY B 647 -13.50 -21.78 -5.31
C GLY B 647 -13.20 -22.20 -6.73
N ILE B 648 -13.63 -21.37 -7.67
CA ILE B 648 -13.44 -21.68 -9.09
C ILE B 648 -12.10 -21.18 -9.62
N ILE B 649 -11.48 -20.21 -8.97
CA ILE B 649 -10.16 -19.73 -9.39
C ILE B 649 -9.06 -20.43 -8.60
N ALA B 650 -9.29 -20.71 -7.33
CA ALA B 650 -8.32 -21.46 -6.54
C ALA B 650 -8.17 -22.90 -7.02
N SER B 651 -9.06 -23.37 -7.89
CA SER B 651 -9.00 -24.72 -8.45
C SER B 651 -8.05 -24.82 -9.63
N ILE B 652 -7.41 -23.73 -10.03
CA ILE B 652 -6.43 -23.77 -11.12
C ILE B 652 -4.99 -23.82 -10.63
N ILE B 653 -4.77 -23.66 -9.33
CA ILE B 653 -3.40 -23.73 -8.80
C ILE B 653 -2.92 -25.18 -8.84
N PRO B 654 -1.73 -25.45 -9.37
CA PRO B 654 -1.16 -26.80 -9.26
C PRO B 654 -0.42 -26.96 -7.94
N TYR B 655 -0.68 -28.07 -7.26
CA TYR B 655 -0.12 -28.34 -5.94
C TYR B 655 -0.34 -27.17 -4.98
N PRO B 656 -1.59 -26.82 -4.67
CA PRO B 656 -1.84 -25.69 -3.78
C PRO B 656 -1.58 -25.99 -2.31
N GLU B 657 -1.38 -27.25 -1.94
CA GLU B 657 -1.13 -27.61 -0.55
C GLU B 657 0.34 -27.50 -0.16
N HIS B 658 1.21 -27.14 -1.10
CA HIS B 658 2.63 -26.94 -0.82
C HIS B 658 3.02 -25.48 -0.79
N ASN B 659 2.07 -24.56 -0.90
CA ASN B 659 2.33 -23.14 -0.84
C ASN B 659 1.82 -22.56 0.47
N GLN B 660 2.33 -21.38 0.80
CA GLN B 660 1.84 -20.65 1.96
C GLN B 660 0.48 -20.04 1.66
N SER B 661 -0.28 -19.77 2.73
CA SER B 661 -1.66 -19.32 2.56
C SER B 661 -1.81 -18.01 1.80
N PRO B 662 -1.08 -16.93 2.12
CA PRO B 662 -1.30 -15.67 1.38
C PRO B 662 -1.00 -15.76 -0.10
N ARG B 663 -0.12 -16.66 -0.50
CA ARG B 663 0.24 -16.77 -1.91
C ARG B 663 -0.95 -17.20 -2.77
N ASN B 664 -1.81 -18.07 -2.24
CA ASN B 664 -2.97 -18.50 -3.01
C ASN B 664 -3.99 -17.37 -3.19
N THR B 665 -4.19 -16.55 -2.15
CA THR B 665 -5.05 -15.39 -2.29
C THR B 665 -4.49 -14.40 -3.31
N TYR B 666 -3.18 -14.15 -3.24
CA TYR B 666 -2.56 -13.28 -4.24
C TYR B 666 -2.70 -13.85 -5.64
N GLN B 667 -2.57 -15.18 -5.76
CA GLN B 667 -2.73 -15.82 -7.06
C GLN B 667 -4.13 -15.60 -7.60
N SER B 668 -5.15 -15.75 -6.75
CA SER B 668 -6.53 -15.52 -7.21
C SER B 668 -6.70 -14.09 -7.69
N ALA B 669 -6.19 -13.14 -6.91
CA ALA B 669 -6.33 -11.73 -7.28
C ALA B 669 -5.67 -11.45 -8.63
N MET B 670 -4.48 -12.01 -8.85
CA MET B 670 -3.76 -11.72 -10.09
C MET B 670 -4.32 -12.50 -11.28
N ALA B 671 -4.79 -13.72 -11.06
CA ALA B 671 -5.41 -14.49 -12.12
C ALA B 671 -6.71 -13.86 -12.58
N LYS B 672 -7.36 -13.07 -11.74
CA LYS B 672 -8.50 -12.30 -12.22
C LYS B 672 -8.11 -11.18 -13.19
N GLN B 673 -6.82 -11.04 -13.55
CA GLN B 673 -6.37 -9.93 -14.37
C GLN B 673 -5.52 -10.32 -15.57
N SER B 674 -5.32 -11.60 -15.82
CA SER B 674 -4.40 -12.01 -16.88
C SER B 674 -5.00 -11.76 -18.26
N LEU B 675 -4.13 -11.61 -19.25
CA LEU B 675 -4.53 -11.40 -20.63
C LEU B 675 -4.74 -12.73 -21.35
N GLY B 676 -5.69 -12.75 -22.27
CA GLY B 676 -5.94 -13.94 -23.05
C GLY B 676 -7.24 -13.79 -23.83
N LEU B 677 -7.65 -14.89 -24.43
CA LEU B 677 -8.91 -14.94 -25.16
C LEU B 677 -10.07 -14.98 -24.17
N TYR B 678 -11.03 -14.06 -24.34
CA TYR B 678 -12.16 -13.97 -23.44
C TYR B 678 -13.48 -14.40 -24.06
N ALA B 679 -13.56 -14.46 -25.39
CA ALA B 679 -14.77 -14.91 -26.06
C ALA B 679 -14.41 -15.30 -27.49
N SER B 680 -15.15 -16.27 -28.02
CA SER B 680 -14.89 -16.73 -29.39
C SER B 680 -15.33 -15.71 -30.42
N ASN B 681 -16.39 -14.97 -30.15
CA ASN B 681 -16.92 -13.97 -31.08
C ASN B 681 -16.47 -12.56 -30.72
N TYR B 682 -15.23 -12.43 -30.22
CA TYR B 682 -14.74 -11.13 -29.76
C TYR B 682 -14.60 -10.14 -30.92
N GLN B 683 -14.54 -10.60 -32.16
CA GLN B 683 -14.33 -9.71 -33.29
C GLN B 683 -15.58 -9.00 -33.75
N ILE B 684 -16.76 -9.44 -33.32
CA ILE B 684 -18.01 -8.83 -33.75
C ILE B 684 -18.73 -8.10 -32.61
N ARG B 685 -18.37 -8.34 -31.36
CA ARG B 685 -18.97 -7.62 -30.26
C ARG B 685 -18.15 -6.38 -29.93
N THR B 686 -18.83 -5.35 -29.43
CA THR B 686 -18.23 -4.04 -29.17
C THR B 686 -18.15 -3.82 -27.67
N ASP B 687 -16.93 -3.92 -27.12
CA ASP B 687 -16.66 -3.63 -25.74
C ASP B 687 -15.79 -2.39 -25.62
N THR B 688 -15.94 -1.66 -24.52
CA THR B 688 -15.21 -0.41 -24.35
C THR B 688 -13.71 -0.65 -24.31
N ARG B 689 -13.27 -1.68 -23.58
CA ARG B 689 -11.86 -2.02 -23.51
C ARG B 689 -11.71 -3.53 -23.65
N ALA B 690 -10.79 -3.97 -24.49
CA ALA B 690 -10.59 -5.40 -24.69
C ALA B 690 -9.12 -5.70 -24.92
N HIS B 691 -8.71 -6.90 -24.54
CA HIS B 691 -7.35 -7.38 -24.75
C HIS B 691 -7.39 -8.72 -25.46
N LEU B 692 -6.36 -8.99 -26.25
CA LEU B 692 -6.26 -10.26 -26.97
C LEU B 692 -4.81 -10.73 -26.97
N LEU B 693 -4.57 -11.92 -26.45
CA LEU B 693 -3.25 -12.54 -26.53
C LEU B 693 -3.13 -13.28 -27.86
N HIS B 694 -1.99 -13.09 -28.53
CA HIS B 694 -1.85 -13.59 -29.90
C HIS B 694 -1.72 -15.11 -29.93
N TYR B 695 -0.88 -15.68 -29.08
CA TYR B 695 -0.62 -17.13 -29.07
C TYR B 695 -0.78 -17.66 -27.66
N PRO B 696 -2.00 -17.86 -27.19
CA PRO B 696 -2.19 -18.50 -25.89
C PRO B 696 -1.98 -20.00 -25.96
N GLN B 697 -1.57 -20.57 -24.83
CA GLN B 697 -1.33 -21.99 -24.71
C GLN B 697 -1.99 -22.51 -23.45
N MET B 698 -2.50 -23.73 -23.52
CA MET B 698 -3.07 -24.35 -22.34
C MET B 698 -1.97 -24.94 -21.45
N PRO B 699 -2.18 -24.95 -20.13
CA PRO B 699 -1.11 -25.38 -19.24
C PRO B 699 -0.71 -26.82 -19.48
N LEU B 700 0.59 -27.10 -19.32
CA LEU B 700 1.08 -28.47 -19.38
C LEU B 700 0.75 -29.23 -18.10
N VAL B 701 0.83 -28.56 -16.95
CA VAL B 701 0.47 -29.14 -15.67
C VAL B 701 -0.96 -28.72 -15.38
N GLN B 702 -1.90 -29.65 -15.57
CA GLN B 702 -3.32 -29.35 -15.47
C GLN B 702 -3.88 -29.77 -14.12
N THR B 703 -5.11 -29.34 -13.87
CA THR B 703 -5.92 -29.82 -12.76
C THR B 703 -7.24 -30.34 -13.32
N ARG B 704 -7.97 -31.09 -12.50
CA ARG B 704 -9.19 -31.72 -12.97
C ARG B 704 -10.26 -30.70 -13.33
N MET B 705 -10.24 -29.52 -12.70
CA MET B 705 -11.26 -28.52 -12.93
C MET B 705 -10.96 -27.58 -14.09
N LEU B 706 -9.77 -27.66 -14.68
CA LEU B 706 -9.46 -26.79 -15.81
C LEU B 706 -10.25 -27.19 -17.04
N GLY B 707 -10.49 -28.49 -17.23
CA GLY B 707 -11.26 -28.92 -18.37
C GLY B 707 -12.76 -28.80 -18.17
N VAL B 708 -13.22 -28.86 -16.92
CA VAL B 708 -14.65 -28.75 -16.66
C VAL B 708 -15.15 -27.34 -16.96
N ILE B 709 -14.42 -26.33 -16.48
CA ILE B 709 -14.85 -24.95 -16.66
C ILE B 709 -14.57 -24.41 -18.06
N GLY B 710 -13.90 -25.20 -18.91
CA GLY B 710 -13.62 -24.75 -20.26
C GLY B 710 -12.44 -23.82 -20.40
N TYR B 711 -11.50 -23.86 -19.45
CA TYR B 711 -10.35 -22.95 -19.52
C TYR B 711 -9.36 -23.37 -20.59
N ASN B 712 -9.33 -24.65 -20.95
CA ASN B 712 -8.41 -25.11 -21.98
C ASN B 712 -8.80 -24.62 -23.38
N ASP B 713 -10.02 -24.13 -23.55
CA ASP B 713 -10.46 -23.59 -24.82
C ASP B 713 -10.37 -22.08 -24.89
N ARG B 714 -10.20 -21.40 -23.75
CA ARG B 714 -9.97 -19.96 -23.69
C ARG B 714 -8.80 -19.68 -22.77
N PRO B 715 -7.60 -20.08 -23.15
CA PRO B 715 -6.44 -19.94 -22.26
C PRO B 715 -5.97 -18.50 -22.19
N ALA B 716 -5.23 -18.20 -21.12
CA ALA B 716 -4.79 -16.84 -20.83
C ALA B 716 -3.32 -16.84 -20.39
N GLY B 717 -2.47 -17.49 -21.15
CA GLY B 717 -1.06 -17.50 -20.84
C GLY B 717 -0.28 -18.37 -21.78
N ALA B 718 0.96 -18.66 -21.40
CA ALA B 718 1.83 -19.52 -22.20
C ALA B 718 2.84 -20.20 -21.28
N ASN B 719 3.39 -21.31 -21.76
CA ASN B 719 4.39 -22.06 -21.02
C ASN B 719 5.78 -21.52 -21.34
N ALA B 720 6.55 -21.23 -20.30
CA ALA B 720 7.86 -20.62 -20.46
C ALA B 720 8.92 -21.52 -19.86
N ILE B 721 10.05 -21.65 -20.56
CA ILE B 721 11.20 -22.37 -20.02
C ILE B 721 11.82 -21.51 -18.92
N LEU B 722 11.61 -21.88 -17.67
CA LEU B 722 12.05 -21.10 -16.53
C LEU B 722 13.37 -21.65 -16.01
N ALA B 723 14.34 -20.77 -15.82
CA ALA B 723 15.59 -21.10 -15.14
C ALA B 723 15.59 -20.45 -13.77
N ILE B 724 16.13 -21.14 -12.79
CA ILE B 724 16.23 -20.60 -11.43
C ILE B 724 17.70 -20.34 -11.15
N MET B 725 18.11 -19.08 -11.26
CA MET B 725 19.49 -18.69 -11.02
C MET B 725 19.57 -17.19 -10.85
N SER B 726 20.69 -16.74 -10.28
CA SER B 726 20.98 -15.33 -10.14
C SER B 726 21.84 -14.88 -11.32
N TYR B 727 21.35 -13.92 -12.10
CA TYR B 727 21.99 -13.54 -13.36
C TYR B 727 21.92 -12.03 -13.51
N THR B 728 23.07 -11.37 -13.46
CA THR B 728 23.31 -9.95 -13.75
C THR B 728 22.68 -9.01 -12.75
N GLY B 729 21.93 -9.51 -11.76
CA GLY B 729 21.33 -8.62 -10.80
C GLY B 729 20.11 -7.86 -11.29
N TYR B 730 19.62 -8.16 -12.49
CA TYR B 730 18.43 -7.52 -13.02
C TYR B 730 17.15 -8.24 -12.63
N ASN B 731 17.25 -9.36 -11.93
CA ASN B 731 16.09 -10.08 -11.41
C ASN B 731 16.01 -10.02 -9.89
N MET B 732 16.77 -9.13 -9.26
CA MET B 732 16.68 -8.96 -7.82
C MET B 732 15.40 -8.23 -7.44
N GLU B 733 14.83 -8.62 -6.30
CA GLU B 733 13.68 -7.95 -5.70
C GLU B 733 12.48 -7.93 -6.66
N ASP B 734 11.96 -9.13 -6.94
CA ASP B 734 10.71 -9.43 -7.62
C ASP B 734 10.77 -9.23 -9.13
N SER B 735 11.83 -8.66 -9.68
CA SER B 735 11.88 -8.48 -11.13
C SER B 735 12.29 -9.80 -11.80
N ILE B 736 12.04 -9.88 -13.10
CA ILE B 736 12.34 -11.08 -13.89
C ILE B 736 13.08 -10.67 -15.14
N ILE B 737 13.80 -11.65 -15.71
CA ILE B 737 14.54 -11.48 -16.96
C ILE B 737 13.84 -12.30 -18.03
N MET B 738 13.57 -11.69 -19.18
CA MET B 738 12.93 -12.39 -20.29
C MET B 738 13.83 -12.41 -21.52
N ASN B 739 13.68 -13.47 -22.31
CA ASN B 739 14.42 -13.62 -23.55
C ASN B 739 13.87 -12.65 -24.59
N LYS B 740 14.75 -11.84 -25.18
CA LYS B 740 14.31 -10.90 -26.20
C LYS B 740 14.06 -11.59 -27.54
N SER B 741 14.83 -12.63 -27.85
CA SER B 741 14.64 -13.34 -29.10
C SER B 741 13.28 -14.02 -29.16
N SER B 742 12.86 -14.63 -28.05
CA SER B 742 11.54 -15.26 -28.02
C SER B 742 10.42 -14.23 -28.08
N ILE B 743 10.64 -13.03 -27.53
CA ILE B 743 9.69 -11.96 -27.68
C ILE B 743 9.58 -11.53 -29.13
N GLU B 744 10.72 -11.44 -29.83
CA GLU B 744 10.71 -11.07 -31.23
C GLU B 744 10.08 -12.13 -32.12
N ARG B 745 9.90 -13.34 -31.61
CA ARG B 745 9.18 -14.38 -32.33
C ARG B 745 7.68 -14.35 -32.03
N GLY B 746 7.24 -13.47 -31.14
CA GLY B 746 5.82 -13.29 -30.89
C GLY B 746 5.30 -14.09 -29.70
N MET B 747 6.06 -14.13 -28.61
CA MET B 747 5.66 -14.98 -27.48
C MET B 747 4.50 -14.38 -26.73
N TYR B 748 4.68 -13.20 -26.12
CA TYR B 748 3.68 -12.60 -25.27
C TYR B 748 3.08 -11.33 -25.86
N ARG B 749 3.08 -11.22 -27.18
CA ARG B 749 2.48 -10.06 -27.83
C ARG B 749 0.97 -10.06 -27.62
N SER B 750 0.38 -8.88 -27.64
CA SER B 750 -1.04 -8.74 -27.43
C SER B 750 -1.55 -7.51 -28.16
N THR B 751 -2.87 -7.45 -28.30
CA THR B 751 -3.56 -6.35 -28.97
C THR B 751 -4.58 -5.75 -28.00
N PHE B 752 -4.69 -4.43 -28.04
CA PHE B 752 -5.60 -3.69 -27.15
C PHE B 752 -6.61 -2.95 -28.00
N PHE B 753 -7.89 -3.12 -27.68
CA PHE B 753 -9.00 -2.55 -28.43
C PHE B 753 -9.75 -1.55 -27.57
N ARG B 754 -10.03 -0.37 -28.14
CA ARG B 754 -10.82 0.66 -27.48
C ARG B 754 -11.96 1.08 -28.39
N LEU B 755 -13.05 1.55 -27.81
CA LEU B 755 -14.27 1.87 -28.54
C LEU B 755 -14.68 3.32 -28.32
N TYR B 756 -15.19 3.94 -29.39
CA TYR B 756 -15.79 5.27 -29.34
C TYR B 756 -17.17 5.19 -29.97
N SER B 757 -18.12 5.94 -29.41
CA SER B 757 -19.50 5.84 -29.87
C SER B 757 -20.12 7.23 -29.92
N THR B 758 -21.12 7.37 -30.81
CA THR B 758 -21.84 8.63 -30.92
C THR B 758 -23.26 8.36 -31.40
N GLU B 759 -24.14 9.32 -31.11
CA GLU B 759 -25.55 9.22 -31.45
C GLU B 759 -26.04 10.58 -31.93
N GLU B 760 -26.98 10.56 -32.87
CA GLU B 760 -27.62 11.76 -33.40
C GLU B 760 -28.91 12.01 -32.63
N VAL B 761 -28.83 12.82 -31.58
CA VAL B 761 -30.02 13.10 -30.77
C VAL B 761 -31.02 13.90 -31.61
N LYS B 762 -32.31 13.57 -31.45
CA LYS B 762 -33.34 14.19 -32.27
C LYS B 762 -33.82 15.53 -31.73
N TYR B 763 -33.57 15.81 -30.45
CA TYR B 763 -33.99 17.04 -29.78
C TYR B 763 -35.46 17.33 -30.05
N PRO B 764 -36.39 16.55 -29.48
CA PRO B 764 -37.82 16.82 -29.71
C PRO B 764 -38.31 18.12 -29.10
N GLY B 765 -37.54 18.73 -28.20
CA GLY B 765 -37.99 19.91 -27.51
C GLY B 765 -38.04 21.17 -28.36
N GLY B 766 -37.31 21.19 -29.46
CA GLY B 766 -37.30 22.36 -30.32
C GLY B 766 -37.28 22.04 -31.80
N GLN B 767 -37.32 20.75 -32.14
CA GLN B 767 -37.35 20.21 -33.50
C GLN B 767 -36.03 20.33 -34.24
N GLU B 768 -35.00 20.95 -33.67
CA GLU B 768 -33.69 20.92 -34.31
C GLU B 768 -33.09 19.52 -34.20
N ASP B 769 -32.18 19.21 -35.12
CA ASP B 769 -31.62 17.86 -35.20
C ASP B 769 -30.11 17.92 -35.38
N LYS B 770 -29.46 16.85 -34.96
CA LYS B 770 -28.03 16.68 -35.17
C LYS B 770 -27.76 16.26 -36.62
N ILE B 771 -26.49 16.29 -36.99
CA ILE B 771 -26.06 15.78 -38.30
C ILE B 771 -24.58 15.46 -38.22
N ILE B 772 -24.19 14.37 -38.88
CA ILE B 772 -22.79 13.94 -38.89
C ILE B 772 -22.17 14.30 -40.23
N THR B 773 -21.53 15.46 -40.29
CA THR B 773 -20.88 15.97 -41.49
C THR B 773 -19.57 16.63 -41.09
N PRO B 774 -18.66 16.81 -42.05
CA PRO B 774 -17.47 17.62 -41.78
C PRO B 774 -17.82 19.05 -41.38
N GLU B 775 -16.81 19.79 -40.97
CA GLU B 775 -16.97 21.05 -40.26
C GLU B 775 -16.23 22.18 -40.96
N ALA B 776 -16.52 22.37 -42.25
CA ALA B 776 -15.88 23.42 -43.04
C ALA B 776 -15.84 24.76 -42.31
N GLY B 777 -17.01 25.35 -42.06
CA GLY B 777 -17.07 26.54 -41.23
C GLY B 777 -18.00 26.37 -40.04
N VAL B 778 -17.43 26.28 -38.84
CA VAL B 778 -18.20 26.04 -37.61
C VAL B 778 -17.55 26.85 -36.50
N LYS B 779 -18.33 27.11 -35.44
CA LYS B 779 -17.82 27.87 -34.31
C LYS B 779 -16.60 27.21 -33.68
N GLY B 780 -16.76 26.00 -33.15
CA GLY B 780 -15.70 25.35 -32.43
C GLY B 780 -14.77 24.52 -33.29
N TYR B 781 -14.28 25.09 -34.39
CA TYR B 781 -13.38 24.37 -35.27
C TYR B 781 -12.04 24.11 -34.58
N LYS B 782 -11.43 22.98 -34.92
CA LYS B 782 -10.14 22.59 -34.34
C LYS B 782 -8.96 22.87 -35.26
N GLY B 783 -8.99 22.35 -36.49
CA GLY B 783 -7.91 22.55 -37.43
C GLY B 783 -8.14 21.82 -38.73
N LYS B 784 -7.57 22.33 -39.82
CA LYS B 784 -7.81 21.73 -41.13
C LYS B 784 -7.23 20.32 -41.21
N ASP B 785 -6.04 20.11 -40.66
CA ASP B 785 -5.38 18.82 -40.78
C ASP B 785 -6.02 17.74 -39.92
N TYR B 786 -6.71 18.13 -38.83
CA TYR B 786 -7.29 17.13 -37.93
C TYR B 786 -8.40 16.34 -38.61
N TYR B 787 -9.21 17.01 -39.43
CA TYR B 787 -10.34 16.38 -40.11
C TYR B 787 -9.94 15.77 -41.45
N ARG B 788 -8.66 15.49 -41.65
CA ARG B 788 -8.20 14.97 -42.94
C ARG B 788 -8.47 13.48 -43.12
N LEU B 789 -8.85 12.77 -42.07
CA LEU B 789 -9.12 11.34 -42.16
C LEU B 789 -10.58 11.00 -42.41
N LEU B 790 -11.49 11.94 -42.17
CA LEU B 790 -12.91 11.68 -42.35
C LEU B 790 -13.24 11.48 -43.82
N GLU B 791 -14.21 10.61 -44.08
CA GLU B 791 -14.69 10.37 -45.44
C GLU B 791 -15.72 11.44 -45.79
N ASP B 792 -16.40 11.26 -46.92
CA ASP B 792 -17.43 12.20 -47.34
C ASP B 792 -18.63 12.20 -46.41
N ASN B 793 -18.86 11.11 -45.68
CA ASN B 793 -19.97 11.02 -44.74
C ASN B 793 -19.58 11.40 -43.31
N GLY B 794 -18.36 11.88 -43.10
CA GLY B 794 -17.94 12.35 -41.80
C GLY B 794 -17.48 11.28 -40.83
N VAL B 795 -17.25 10.06 -41.30
CA VAL B 795 -16.81 8.95 -40.47
C VAL B 795 -15.51 8.40 -41.03
N VAL B 796 -14.53 8.18 -40.15
CA VAL B 796 -13.26 7.62 -40.59
C VAL B 796 -13.45 6.19 -41.04
N SER B 797 -12.66 5.76 -42.04
CA SER B 797 -12.72 4.47 -42.70
C SER B 797 -11.79 3.47 -42.02
N PRO B 798 -12.10 2.17 -42.07
CA PRO B 798 -11.26 1.18 -41.40
C PRO B 798 -9.87 1.08 -41.99
N GLU B 799 -8.94 0.59 -41.17
CA GLU B 799 -7.55 0.33 -41.57
C GLU B 799 -6.83 1.61 -41.97
N VAL B 800 -6.88 2.60 -41.08
CA VAL B 800 -6.10 3.83 -41.22
C VAL B 800 -5.37 4.08 -39.92
N GLU B 801 -4.25 4.81 -40.01
CA GLU B 801 -3.37 5.04 -38.88
C GLU B 801 -3.78 6.34 -38.20
N VAL B 802 -4.57 6.23 -37.13
CA VAL B 802 -4.91 7.40 -36.33
C VAL B 802 -3.80 7.67 -35.33
N LYS B 803 -3.77 8.90 -34.82
CA LYS B 803 -2.68 9.31 -33.96
C LYS B 803 -3.14 10.48 -33.10
N GLY B 804 -2.73 10.49 -31.83
CA GLY B 804 -2.95 11.61 -30.95
C GLY B 804 -4.40 12.01 -30.79
N GLY B 805 -4.74 13.19 -31.32
CA GLY B 805 -6.10 13.71 -31.19
C GLY B 805 -6.82 13.88 -32.51
N ASP B 806 -6.63 12.95 -33.42
CA ASP B 806 -7.32 13.00 -34.70
C ASP B 806 -8.82 12.78 -34.50
N VAL B 807 -9.61 13.39 -35.39
CA VAL B 807 -11.06 13.29 -35.30
C VAL B 807 -11.51 11.99 -35.96
N LEU B 808 -12.31 11.20 -35.23
CA LEU B 808 -12.82 9.95 -35.75
C LEU B 808 -14.22 10.11 -36.35
N ILE B 809 -15.14 10.70 -35.60
CA ILE B 809 -16.49 10.98 -36.07
C ILE B 809 -16.71 12.48 -35.98
N GLY B 810 -17.15 13.07 -37.09
CA GLY B 810 -17.36 14.51 -37.13
C GLY B 810 -18.81 14.91 -37.24
N LYS B 811 -19.34 15.55 -36.19
CA LYS B 811 -20.72 15.98 -36.18
C LYS B 811 -20.80 17.37 -35.55
N VAL B 812 -21.87 18.10 -35.90
CA VAL B 812 -22.09 19.44 -35.39
C VAL B 812 -23.36 19.45 -34.55
N SER B 813 -23.45 20.43 -33.65
CA SER B 813 -24.53 20.53 -32.70
C SER B 813 -25.20 21.90 -32.83
N PRO B 814 -26.54 21.92 -32.88
CA PRO B 814 -27.23 23.21 -32.94
C PRO B 814 -27.06 23.97 -31.64
N PRO B 815 -27.10 25.30 -31.68
CA PRO B 815 -26.94 26.08 -30.46
C PRO B 815 -28.10 25.87 -29.49
N ARG B 816 -27.79 25.96 -28.21
CA ARG B 816 -28.79 25.78 -27.17
C ARG B 816 -29.22 27.13 -26.58
N ALA B 829 -26.04 29.22 -34.69
CA ALA B 829 -24.65 29.13 -34.27
C ALA B 829 -24.27 27.69 -33.97
N LYS B 830 -24.02 26.91 -35.02
CA LYS B 830 -23.63 25.52 -34.87
C LYS B 830 -22.26 25.43 -34.22
N ARG B 831 -22.08 24.45 -33.34
CA ARG B 831 -20.82 24.22 -32.64
C ARG B 831 -20.27 22.85 -33.00
N ASP B 832 -18.95 22.76 -33.11
CA ASP B 832 -18.31 21.52 -33.51
C ASP B 832 -18.13 20.62 -32.30
N THR B 833 -18.89 19.52 -32.26
CA THR B 833 -18.78 18.52 -31.20
C THR B 833 -18.42 17.20 -31.89
N SER B 834 -17.12 16.98 -32.06
CA SER B 834 -16.61 15.82 -32.77
C SER B 834 -15.82 14.93 -31.81
N ILE B 835 -15.89 13.62 -32.03
CA ILE B 835 -15.20 12.66 -31.18
C ILE B 835 -13.77 12.51 -31.69
N VAL B 836 -12.81 12.71 -30.79
CA VAL B 836 -11.40 12.70 -31.14
C VAL B 836 -10.72 11.56 -30.39
N THR B 837 -9.61 11.09 -30.96
CA THR B 837 -8.82 10.06 -30.30
C THR B 837 -8.22 10.61 -29.01
N ARG B 838 -8.17 9.76 -27.98
CA ARG B 838 -7.64 10.18 -26.70
C ARG B 838 -6.17 10.58 -26.83
N HIS B 839 -5.78 11.59 -26.06
CA HIS B 839 -4.42 12.10 -26.12
C HIS B 839 -3.42 11.07 -25.60
N GLY B 840 -2.28 10.97 -26.28
CA GLY B 840 -1.21 10.11 -25.83
C GLY B 840 -1.33 8.65 -26.22
N GLU B 841 -2.27 8.30 -27.09
CA GLU B 841 -2.40 6.92 -27.53
C GLU B 841 -2.89 6.90 -28.97
N ASN B 842 -2.30 6.02 -29.78
CA ASN B 842 -2.61 5.88 -31.19
C ASN B 842 -2.85 4.42 -31.53
N GLY B 843 -3.29 4.20 -32.77
CA GLY B 843 -3.58 2.85 -33.21
C GLY B 843 -4.04 2.84 -34.64
N ILE B 844 -4.74 1.76 -35.01
CA ILE B 844 -5.29 1.57 -36.34
C ILE B 844 -6.78 1.36 -36.21
N VAL B 845 -7.56 2.07 -37.03
CA VAL B 845 -9.01 1.93 -36.97
C VAL B 845 -9.37 0.51 -37.37
N ASP B 846 -10.04 -0.20 -36.47
CA ASP B 846 -10.32 -1.62 -36.65
C ASP B 846 -11.71 -1.88 -37.21
N LEU B 847 -12.73 -1.18 -36.72
CA LEU B 847 -14.10 -1.47 -37.15
C LEU B 847 -14.95 -0.22 -37.09
N VAL B 848 -15.87 -0.09 -38.06
CA VAL B 848 -16.84 0.99 -38.09
C VAL B 848 -18.23 0.40 -38.27
N LEU B 849 -19.15 0.77 -37.39
CA LEU B 849 -20.51 0.25 -37.36
C LEU B 849 -21.50 1.40 -37.35
N ILE B 850 -22.54 1.29 -38.16
CA ILE B 850 -23.59 2.31 -38.27
C ILE B 850 -24.94 1.63 -38.17
N THR B 851 -25.79 2.11 -37.25
CA THR B 851 -27.09 1.49 -37.02
C THR B 851 -28.05 2.55 -36.50
N GLU B 852 -29.21 2.11 -36.01
CA GLU B 852 -30.24 2.99 -35.49
C GLU B 852 -30.69 2.54 -34.11
N THR B 853 -30.88 3.50 -33.21
CA THR B 853 -31.19 3.21 -31.81
C THR B 853 -32.70 3.26 -31.55
N LEU B 854 -33.44 2.42 -32.26
CA LEU B 854 -34.85 2.12 -32.00
C LEU B 854 -35.77 3.32 -32.19
N GLU B 855 -35.24 4.50 -32.53
CA GLU B 855 -36.04 5.70 -32.71
C GLU B 855 -35.69 6.44 -33.99
N GLY B 856 -34.84 5.87 -34.84
CA GLY B 856 -34.38 6.55 -36.03
C GLY B 856 -33.10 7.33 -35.86
N ASN B 857 -32.63 7.51 -34.62
CA ASN B 857 -31.37 8.19 -34.40
C ASN B 857 -30.21 7.34 -34.90
N LYS B 858 -29.26 7.98 -35.56
CA LYS B 858 -28.10 7.28 -36.10
C LYS B 858 -27.07 7.06 -35.01
N LEU B 859 -26.62 5.82 -34.87
CA LEU B 859 -25.61 5.44 -33.88
C LEU B 859 -24.38 4.93 -34.63
N VAL B 860 -23.22 5.49 -34.28
CA VAL B 860 -21.97 5.16 -34.96
C VAL B 860 -20.95 4.71 -33.91
N LYS B 861 -20.33 3.56 -34.15
CA LYS B 861 -19.33 2.99 -33.27
C LYS B 861 -18.04 2.78 -34.05
N VAL B 862 -16.92 3.24 -33.48
CA VAL B 862 -15.60 3.09 -34.09
C VAL B 862 -14.69 2.40 -33.09
N ARG B 863 -14.15 1.25 -33.48
CA ARG B 863 -13.24 0.49 -32.64
C ARG B 863 -11.83 0.59 -33.21
N VAL B 864 -10.89 0.96 -32.35
CA VAL B 864 -9.50 1.21 -32.71
C VAL B 864 -8.61 0.23 -31.94
N ARG B 865 -7.70 -0.43 -32.65
CA ARG B 865 -6.81 -1.42 -32.08
C ARG B 865 -5.37 -0.91 -32.10
N ASP B 866 -4.57 -1.44 -31.19
CA ASP B 866 -3.14 -1.16 -31.20
C ASP B 866 -2.37 -2.37 -30.69
N LEU B 867 -1.09 -2.44 -31.05
CA LEU B 867 -0.26 -3.59 -30.79
C LEU B 867 0.63 -3.34 -29.58
N ARG B 868 0.68 -4.31 -28.67
CA ARG B 868 1.46 -4.21 -27.44
C ARG B 868 2.51 -5.32 -27.44
N ILE B 869 3.77 -4.93 -27.50
CA ILE B 869 4.89 -5.88 -27.45
C ILE B 869 5.52 -5.79 -26.06
N PRO B 870 5.85 -6.91 -25.42
CA PRO B 870 6.43 -6.84 -24.07
C PRO B 870 7.73 -6.04 -24.05
N GLU B 871 7.94 -5.33 -22.95
CA GLU B 871 9.10 -4.46 -22.80
C GLU B 871 9.42 -4.34 -21.32
N ILE B 872 10.43 -3.54 -21.00
CA ILE B 872 10.81 -3.30 -19.62
C ILE B 872 9.69 -2.54 -18.92
N GLY B 873 9.20 -3.10 -17.82
CA GLY B 873 8.11 -2.51 -17.06
C GLY B 873 6.81 -3.28 -17.13
N ASP B 874 6.68 -4.22 -18.07
CA ASP B 874 5.47 -5.05 -18.14
C ASP B 874 5.43 -6.04 -16.98
N LYS B 875 4.23 -6.36 -16.55
CA LYS B 875 4.01 -7.18 -15.36
C LYS B 875 3.58 -8.59 -15.76
N PHE B 876 4.22 -9.59 -15.14
CA PHE B 876 3.93 -10.99 -15.37
C PHE B 876 3.72 -11.68 -14.03
N ALA B 877 2.99 -12.80 -14.05
CA ALA B 877 2.70 -13.52 -12.82
C ALA B 877 2.61 -15.01 -13.13
N THR B 878 2.57 -15.81 -12.07
CA THR B 878 2.37 -17.25 -12.16
C THR B 878 1.10 -17.64 -11.41
N ARG B 879 0.87 -18.94 -11.30
CA ARG B 879 -0.26 -19.46 -10.54
C ARG B 879 0.08 -19.74 -9.09
N HIS B 880 1.16 -19.13 -8.58
CA HIS B 880 1.57 -19.32 -7.19
C HIS B 880 1.90 -18.01 -6.49
N GLY B 881 1.53 -16.87 -7.08
CA GLY B 881 1.76 -15.59 -6.45
C GLY B 881 3.18 -15.09 -6.56
N GLN B 882 3.65 -14.87 -7.79
CA GLN B 882 5.03 -14.48 -8.05
C GLN B 882 5.09 -13.34 -9.07
N LYS B 883 4.32 -12.29 -8.82
CA LYS B 883 4.30 -11.15 -9.73
C LYS B 883 5.65 -10.44 -9.76
N GLY B 884 5.85 -9.66 -10.81
CA GLY B 884 7.07 -8.89 -10.98
C GLY B 884 7.15 -8.26 -12.35
N VAL B 885 7.99 -7.24 -12.50
CA VAL B 885 8.13 -6.55 -13.77
C VAL B 885 9.38 -7.04 -14.47
N VAL B 886 9.46 -6.80 -15.77
CA VAL B 886 10.62 -7.17 -16.56
C VAL B 886 11.73 -6.16 -16.30
N GLY B 887 12.88 -6.65 -15.82
CA GLY B 887 14.00 -5.78 -15.55
C GLY B 887 14.82 -5.47 -16.78
N ILE B 888 14.98 -6.46 -17.65
CA ILE B 888 15.75 -6.30 -18.88
C ILE B 888 15.40 -7.43 -19.82
N LEU B 889 15.62 -7.23 -21.11
CA LEU B 889 15.44 -8.25 -22.13
C LEU B 889 16.79 -8.65 -22.68
N ILE B 890 17.08 -9.95 -22.67
CA ILE B 890 18.37 -10.49 -23.07
C ILE B 890 18.19 -11.33 -24.33
N ASP B 891 19.09 -11.18 -25.29
CA ASP B 891 19.01 -11.93 -26.52
C ASP B 891 19.36 -13.40 -26.28
N GLN B 892 19.21 -14.20 -27.34
CA GLN B 892 19.53 -15.62 -27.24
C GLN B 892 21.03 -15.86 -27.15
N VAL B 893 21.84 -14.99 -27.77
CA VAL B 893 23.29 -15.19 -27.73
C VAL B 893 23.83 -14.95 -26.33
N ASP B 894 23.27 -13.99 -25.60
CA ASP B 894 23.78 -13.65 -24.28
C ASP B 894 23.16 -14.50 -23.17
N MET B 895 22.15 -15.31 -23.48
CA MET B 895 21.54 -16.15 -22.48
C MET B 895 22.45 -17.34 -22.16
N PRO B 896 22.39 -17.85 -20.93
CA PRO B 896 23.20 -19.02 -20.54
C PRO B 896 22.66 -20.35 -21.06
N TYR B 897 23.07 -20.71 -22.27
CA TYR B 897 22.64 -21.95 -22.91
C TYR B 897 23.17 -23.16 -22.14
N THR B 898 22.44 -24.27 -22.28
CA THR B 898 22.83 -25.53 -21.65
C THR B 898 23.61 -26.40 -22.65
N ALA B 899 23.91 -27.63 -22.26
CA ALA B 899 24.69 -28.52 -23.11
C ALA B 899 23.94 -28.99 -24.33
N LYS B 900 22.62 -28.79 -24.40
CA LYS B 900 21.83 -29.16 -25.55
C LYS B 900 21.38 -27.95 -26.38
N GLY B 901 21.75 -26.75 -25.97
CA GLY B 901 21.39 -25.55 -26.71
C GLY B 901 20.11 -24.87 -26.25
N ILE B 902 19.48 -25.35 -25.19
CA ILE B 902 18.25 -24.76 -24.70
C ILE B 902 18.57 -23.55 -23.83
N VAL B 903 18.00 -22.40 -24.17
CA VAL B 903 18.18 -21.19 -23.38
C VAL B 903 16.89 -20.92 -22.62
N PRO B 904 16.94 -20.31 -21.44
CA PRO B 904 15.71 -20.02 -20.71
C PRO B 904 14.87 -18.95 -21.40
N ASP B 905 13.56 -19.04 -21.18
CA ASP B 905 12.65 -17.98 -21.59
C ASP B 905 12.46 -16.94 -20.51
N ILE B 906 12.50 -17.35 -19.24
CA ILE B 906 12.40 -16.47 -18.09
C ILE B 906 13.37 -16.97 -17.03
N ILE B 907 14.09 -16.04 -16.40
CA ILE B 907 15.00 -16.34 -15.31
C ILE B 907 14.40 -15.78 -14.02
N LEU B 908 14.39 -16.59 -12.96
CA LEU B 908 13.77 -16.22 -11.71
C LEU B 908 14.81 -16.35 -10.60
N ASN B 909 14.90 -15.32 -9.75
CA ASN B 909 15.94 -15.29 -8.73
C ASN B 909 15.63 -16.31 -7.64
N PRO B 910 16.63 -17.11 -7.21
CA PRO B 910 16.38 -18.06 -6.12
C PRO B 910 15.97 -17.40 -4.82
N HIS B 911 16.45 -16.18 -4.57
CA HIS B 911 16.22 -15.54 -3.27
C HIS B 911 14.75 -15.25 -3.02
N ALA B 912 13.91 -15.32 -4.04
CA ALA B 912 12.49 -15.12 -3.86
C ALA B 912 11.76 -16.35 -3.33
N LEU B 913 12.39 -17.53 -3.36
CA LEU B 913 11.71 -18.74 -2.96
C LEU B 913 11.69 -18.99 -1.44
N PRO B 914 12.84 -18.91 -0.73
CA PRO B 914 12.84 -19.39 0.67
C PRO B 914 11.99 -18.57 1.61
N SER B 915 11.68 -17.32 1.28
CA SER B 915 10.86 -16.49 2.17
C SER B 915 9.38 -16.66 1.90
N ARG B 916 8.99 -16.74 0.62
CA ARG B 916 7.59 -16.94 0.26
C ARG B 916 7.13 -18.37 0.47
N MET B 917 8.06 -19.34 0.45
CA MET B 917 7.77 -20.74 0.75
C MET B 917 6.73 -21.31 -0.22
N THR B 918 6.99 -21.17 -1.51
CA THR B 918 6.15 -21.72 -2.57
C THR B 918 6.88 -22.93 -3.16
N ILE B 919 6.71 -24.09 -2.54
CA ILE B 919 7.29 -25.32 -3.08
C ILE B 919 6.55 -25.74 -4.33
N GLY B 920 5.27 -25.38 -4.44
CA GLY B 920 4.50 -25.68 -5.62
C GLY B 920 5.10 -25.12 -6.90
N GLN B 921 5.85 -24.03 -6.81
CA GLN B 921 6.51 -23.48 -7.98
C GLN B 921 7.51 -24.47 -8.57
N ILE B 922 8.41 -24.98 -7.71
CA ILE B 922 9.42 -25.93 -8.19
C ILE B 922 8.77 -27.23 -8.59
N MET B 923 7.75 -27.66 -7.85
CA MET B 923 7.05 -28.89 -8.20
C MET B 923 6.39 -28.77 -9.57
N GLU B 924 5.80 -27.61 -9.87
CA GLU B 924 5.20 -27.39 -11.18
C GLU B 924 6.26 -27.33 -12.27
N ALA B 925 7.44 -26.76 -11.97
CA ALA B 925 8.51 -26.74 -12.95
C ALA B 925 8.92 -28.16 -13.33
N ILE B 926 9.12 -29.01 -12.32
CA ILE B 926 9.51 -30.40 -12.59
C ILE B 926 8.39 -31.12 -13.34
N GLY B 927 7.14 -30.93 -12.93
CA GLY B 927 6.03 -31.59 -13.60
C GLY B 927 5.88 -31.16 -15.04
N GLY B 928 6.09 -29.87 -15.32
CA GLY B 928 6.01 -29.39 -16.69
C GLY B 928 7.11 -29.94 -17.56
N LYS B 929 8.34 -30.01 -17.03
CA LYS B 929 9.41 -30.61 -17.80
C LYS B 929 9.12 -32.08 -18.10
N TYR B 930 8.59 -32.81 -17.11
CA TYR B 930 8.23 -34.20 -17.35
C TYR B 930 7.12 -34.32 -18.39
N ALA B 931 6.14 -33.42 -18.33
CA ALA B 931 5.03 -33.47 -19.28
C ALA B 931 5.52 -33.22 -20.70
N ALA B 932 6.43 -32.27 -20.88
CA ALA B 932 6.96 -32.00 -22.20
C ALA B 932 7.82 -33.14 -22.71
N LEU B 933 8.63 -33.75 -21.83
CA LEU B 933 9.48 -34.85 -22.26
C LEU B 933 8.67 -36.09 -22.63
N SER B 934 7.73 -36.48 -21.75
CA SER B 934 7.02 -37.74 -21.92
C SER B 934 5.84 -37.64 -22.88
N GLY B 935 5.17 -36.49 -22.92
CA GLY B 935 3.94 -36.38 -23.67
C GLY B 935 2.72 -36.91 -22.97
N LYS B 936 2.86 -37.41 -21.73
CA LYS B 936 1.84 -37.96 -20.86
C LYS B 936 1.15 -36.85 -20.08
N PRO B 937 -0.12 -37.03 -19.74
CA PRO B 937 -0.83 -36.00 -18.97
C PRO B 937 -0.34 -35.93 -17.53
N VAL B 938 -0.32 -34.73 -16.98
CA VAL B 938 0.04 -34.49 -15.59
C VAL B 938 -1.14 -33.84 -14.90
N ASP B 939 -1.56 -34.43 -13.78
CA ASP B 939 -2.66 -33.91 -12.98
C ASP B 939 -2.13 -33.45 -11.64
N ALA B 940 -2.42 -32.18 -11.29
CA ALA B 940 -1.92 -31.58 -10.07
C ALA B 940 -3.05 -31.18 -9.13
N THR B 941 -4.16 -31.92 -9.17
CA THR B 941 -5.26 -31.65 -8.26
C THR B 941 -4.79 -31.89 -6.82
N PRO B 942 -5.14 -31.01 -5.88
CA PRO B 942 -4.66 -31.19 -4.51
C PRO B 942 -5.10 -32.52 -3.91
N PHE B 943 -4.20 -33.11 -3.13
CA PHE B 943 -4.42 -34.32 -2.35
C PHE B 943 -4.51 -35.57 -3.22
N LEU B 944 -4.54 -35.40 -4.55
CA LEU B 944 -4.70 -36.52 -5.47
C LEU B 944 -3.80 -36.35 -6.69
N GLU B 945 -2.55 -35.94 -6.47
CA GLU B 945 -1.64 -35.69 -7.57
C GLU B 945 -1.14 -37.01 -8.16
N THR B 946 -1.23 -37.15 -9.48
CA THR B 946 -0.71 -38.29 -10.20
C THR B 946 -0.06 -37.76 -11.47
N PRO B 947 1.17 -38.19 -11.81
CA PRO B 947 1.99 -39.13 -11.04
C PRO B 947 2.70 -38.47 -9.87
N LYS B 948 3.28 -39.27 -8.98
CA LYS B 948 4.03 -38.72 -7.86
C LYS B 948 5.37 -38.19 -8.35
N LEU B 949 6.05 -37.46 -7.47
CA LEU B 949 7.31 -36.83 -7.84
C LEU B 949 8.39 -37.86 -8.13
N GLN B 950 8.44 -38.93 -7.35
CA GLN B 950 9.47 -39.94 -7.57
C GLN B 950 9.33 -40.61 -8.94
N GLU B 951 8.10 -40.95 -9.32
CA GLU B 951 7.87 -41.54 -10.63
C GLU B 951 8.26 -40.57 -11.74
N MET B 952 7.88 -39.30 -11.60
CA MET B 952 8.21 -38.31 -12.62
C MET B 952 9.72 -38.13 -12.75
N GLN B 953 10.43 -38.10 -11.62
CA GLN B 953 11.88 -37.96 -11.66
C GLN B 953 12.53 -39.18 -12.30
N LYS B 954 12.05 -40.38 -11.98
CA LYS B 954 12.59 -41.58 -12.61
C LYS B 954 12.36 -41.56 -14.12
N GLU B 955 11.17 -41.15 -14.55
CA GLU B 955 10.89 -41.08 -15.98
C GLU B 955 11.74 -40.02 -16.66
N ILE B 956 11.97 -38.89 -15.99
CA ILE B 956 12.85 -37.86 -16.54
C ILE B 956 14.26 -38.40 -16.73
N LEU B 957 14.75 -39.13 -15.73
CA LEU B 957 16.08 -39.74 -15.86
C LEU B 957 16.10 -40.74 -17.01
N LYS B 958 15.02 -41.50 -17.18
CA LYS B 958 14.95 -42.47 -18.27
C LYS B 958 14.94 -41.82 -19.65
N LEU B 959 14.59 -40.53 -19.73
CA LEU B 959 14.44 -39.85 -21.01
C LEU B 959 15.63 -38.98 -21.37
N GLY B 960 16.76 -39.14 -20.69
CA GLY B 960 17.98 -38.45 -21.07
C GLY B 960 18.29 -37.18 -20.32
N HIS B 961 17.61 -36.91 -19.21
CA HIS B 961 17.85 -35.71 -18.42
C HIS B 961 18.09 -36.07 -16.97
N LEU B 962 18.70 -35.15 -16.23
CA LEU B 962 19.03 -35.42 -14.84
C LEU B 962 17.76 -35.47 -13.99
N PRO B 963 17.67 -36.41 -13.05
CA PRO B 963 16.42 -36.57 -12.28
C PRO B 963 16.02 -35.34 -11.48
N ASP B 964 16.99 -34.60 -10.93
CA ASP B 964 16.66 -33.43 -10.11
C ASP B 964 16.32 -32.21 -10.93
N SER B 965 16.08 -32.37 -12.24
CA SER B 965 15.69 -31.29 -13.14
C SER B 965 16.75 -30.22 -13.28
N THR B 966 17.99 -30.51 -12.90
CA THR B 966 19.10 -29.59 -13.09
C THR B 966 19.83 -29.91 -14.39
N GLU B 967 20.59 -28.92 -14.87
CA GLU B 967 21.29 -29.03 -16.14
C GLU B 967 22.63 -28.34 -16.03
N VAL B 968 23.55 -28.77 -16.91
CA VAL B 968 24.87 -28.17 -17.02
C VAL B 968 24.76 -26.97 -17.95
N VAL B 969 25.18 -25.81 -17.48
CA VAL B 969 24.94 -24.53 -18.15
C VAL B 969 26.27 -23.87 -18.47
N TYR B 970 26.40 -23.38 -19.69
CA TYR B 970 27.55 -22.59 -20.12
C TYR B 970 27.15 -21.13 -20.23
N ASP B 971 28.13 -20.25 -20.03
CA ASP B 971 27.88 -18.81 -20.14
C ASP B 971 27.85 -18.40 -21.60
N GLY B 972 26.80 -17.67 -21.98
CA GLY B 972 26.63 -17.28 -23.37
C GLY B 972 27.53 -16.16 -23.83
N ARG B 973 28.15 -15.43 -22.90
CA ARG B 973 29.01 -14.32 -23.26
C ARG B 973 30.47 -14.69 -23.34
N THR B 974 30.93 -15.61 -22.50
CA THR B 974 32.33 -16.02 -22.49
C THR B 974 32.56 -17.48 -22.85
N GLY B 975 31.53 -18.32 -22.78
CA GLY B 975 31.69 -19.73 -23.07
C GLY B 975 32.21 -20.56 -21.92
N GLN B 976 32.44 -19.97 -20.75
CA GLN B 976 32.96 -20.70 -19.62
C GLN B 976 31.86 -21.52 -18.95
N LYS B 977 32.17 -22.77 -18.62
CA LYS B 977 31.21 -23.64 -17.97
C LYS B 977 31.02 -23.22 -16.52
N LEU B 978 29.76 -23.07 -16.11
CA LEU B 978 29.45 -22.71 -14.74
C LEU B 978 29.83 -23.85 -13.81
N LYS B 979 30.30 -23.51 -12.61
CA LYS B 979 30.77 -24.52 -11.68
C LYS B 979 29.64 -25.32 -11.03
N SER B 980 28.39 -24.89 -11.19
CA SER B 980 27.26 -25.57 -10.60
C SER B 980 26.21 -25.87 -11.67
N ARG B 981 25.22 -26.67 -11.28
CA ARG B 981 24.11 -27.02 -12.15
C ARG B 981 22.90 -26.14 -11.83
N ILE B 982 22.12 -25.83 -12.85
CA ILE B 982 21.05 -24.86 -12.76
C ILE B 982 19.72 -25.54 -13.03
N LEU B 983 18.69 -25.19 -12.25
CA LEU B 983 17.40 -25.85 -12.37
C LEU B 983 16.57 -25.23 -13.49
N PHE B 984 16.03 -26.08 -14.35
CA PHE B 984 15.20 -25.69 -15.49
C PHE B 984 13.83 -26.36 -15.39
N GLY B 985 12.80 -25.64 -15.83
CA GLY B 985 11.44 -26.12 -15.77
C GLY B 985 10.61 -25.45 -16.86
N ILE B 986 9.32 -25.79 -16.88
CA ILE B 986 8.40 -25.25 -17.88
C ILE B 986 7.19 -24.61 -17.21
N VAL B 987 7.42 -23.87 -16.11
CA VAL B 987 6.35 -23.17 -15.43
C VAL B 987 5.51 -22.33 -16.39
N TYR B 988 4.22 -22.22 -16.07
CA TYR B 988 3.23 -21.52 -16.89
C TYR B 988 3.05 -20.10 -16.38
N TYR B 989 3.12 -19.12 -17.28
CA TYR B 989 3.11 -17.71 -16.93
C TYR B 989 1.93 -16.99 -17.56
N GLN B 990 1.53 -15.89 -16.92
CA GLN B 990 0.43 -15.06 -17.39
C GLN B 990 0.88 -13.61 -17.45
N LYS B 991 0.31 -12.87 -18.40
CA LYS B 991 0.60 -11.46 -18.60
C LYS B 991 -0.59 -10.63 -18.13
N LEU B 992 -0.33 -9.68 -17.23
CA LEU B 992 -1.39 -8.86 -16.66
C LEU B 992 -1.55 -7.56 -17.45
N HIS B 993 -2.70 -6.92 -17.27
CA HIS B 993 -3.04 -5.72 -18.04
C HIS B 993 -2.43 -4.45 -17.47
N HIS B 994 -1.43 -4.57 -16.59
CA HIS B 994 -0.73 -3.41 -16.05
C HIS B 994 0.53 -3.18 -16.89
N MET B 995 0.33 -2.57 -18.05
CA MET B 995 1.42 -2.28 -18.97
C MET B 995 1.95 -0.88 -18.75
N VAL B 996 3.26 -0.72 -18.91
CA VAL B 996 3.88 0.58 -18.68
C VAL B 996 3.47 1.61 -19.72
N ALA B 997 3.00 1.16 -20.89
CA ALA B 997 2.60 2.08 -21.94
C ALA B 997 1.38 2.91 -21.58
N ASP B 998 0.65 2.54 -20.52
CA ASP B 998 -0.54 3.26 -20.08
C ASP B 998 -0.34 3.99 -18.76
N LYS B 999 0.88 4.04 -18.24
CA LYS B 999 1.11 4.60 -16.92
C LYS B 999 2.03 5.81 -16.90
N MET B 1000 2.74 6.11 -17.99
CA MET B 1000 3.55 7.32 -18.03
C MET B 1000 2.67 8.55 -18.17
N HIS B 1001 3.05 9.62 -17.46
CA HIS B 1001 2.43 10.92 -17.67
C HIS B 1001 3.34 11.99 -17.09
N ALA B 1002 3.72 12.95 -17.92
CA ALA B 1002 4.60 14.04 -17.52
C ALA B 1002 3.99 15.37 -17.96
N ARG B 1003 4.27 16.41 -17.18
CA ARG B 1003 3.74 17.73 -17.47
C ARG B 1003 4.85 18.76 -17.30
N ALA B 1004 5.02 19.63 -18.30
CA ALA B 1004 5.88 20.81 -18.16
C ALA B 1004 5.06 22.06 -17.91
N ARG B 1005 4.14 22.38 -18.82
CA ARG B 1005 3.21 23.48 -18.66
C ARG B 1005 1.96 23.19 -19.46
N GLY B 1006 0.89 23.91 -19.16
CA GLY B 1006 -0.36 23.71 -19.85
C GLY B 1006 -1.52 24.46 -19.22
N PRO B 1007 -2.73 23.94 -19.40
CA PRO B 1007 -3.92 24.61 -18.88
C PRO B 1007 -3.96 24.62 -17.37
N VAL B 1008 -4.66 25.62 -16.82
CA VAL B 1008 -4.83 25.77 -15.38
C VAL B 1008 -6.32 25.85 -15.08
N GLN B 1009 -6.64 25.70 -13.80
CA GLN B 1009 -8.03 25.80 -13.35
C GLN B 1009 -8.56 27.22 -13.54
N ILE B 1010 -9.86 27.32 -13.76
CA ILE B 1010 -10.47 28.64 -13.92
C ILE B 1010 -10.62 29.35 -12.58
N LEU B 1011 -10.78 28.58 -11.50
CA LEU B 1011 -11.02 29.15 -10.17
C LEU B 1011 -9.71 29.39 -9.41
N THR B 1012 -8.94 28.33 -9.17
CA THR B 1012 -7.72 28.43 -8.38
C THR B 1012 -6.49 28.74 -9.22
N ARG B 1013 -6.59 28.70 -10.55
CA ARG B 1013 -5.47 28.96 -11.45
C ARG B 1013 -4.30 28.02 -11.15
N GLN B 1014 -4.59 26.76 -10.88
CA GLN B 1014 -3.62 25.73 -10.60
C GLN B 1014 -3.66 24.67 -11.70
N PRO B 1015 -2.58 23.90 -11.87
CA PRO B 1015 -2.56 22.89 -12.94
C PRO B 1015 -3.69 21.89 -12.77
N THR B 1016 -4.19 21.41 -13.91
CA THR B 1016 -5.34 20.51 -13.94
C THR B 1016 -4.94 19.12 -13.47
N GLU B 1017 -5.89 18.19 -13.53
CA GLU B 1017 -5.72 16.83 -13.05
C GLU B 1017 -6.09 15.85 -14.14
N GLY B 1018 -5.34 14.75 -14.22
CA GLY B 1018 -5.67 13.67 -15.15
C GLY B 1018 -4.60 13.49 -16.21
N ARG B 1019 -4.36 12.24 -16.59
CA ARG B 1019 -3.39 11.97 -17.65
C ARG B 1019 -3.84 12.55 -18.99
N ALA B 1020 -5.14 12.43 -19.30
CA ALA B 1020 -5.67 12.97 -20.55
C ALA B 1020 -5.75 14.50 -20.55
N ARG B 1021 -5.65 15.13 -19.38
CA ARG B 1021 -5.68 16.59 -19.27
C ARG B 1021 -4.28 17.19 -19.14
N GLU B 1022 -3.31 16.62 -19.85
CA GLU B 1022 -1.92 17.05 -19.91
C GLU B 1022 -1.17 16.83 -18.61
N GLY B 1023 -1.84 16.39 -17.55
CA GLY B 1023 -1.16 15.94 -16.36
C GLY B 1023 -1.22 16.92 -15.20
N GLY B 1024 -0.27 16.75 -14.28
CA GLY B 1024 -0.18 17.52 -13.06
C GLY B 1024 -0.09 16.61 -11.85
N LEU B 1025 0.99 16.74 -11.08
CA LEU B 1025 1.25 15.89 -9.92
C LEU B 1025 1.01 16.68 -8.65
N ARG B 1026 0.42 16.02 -7.65
CA ARG B 1026 0.08 16.66 -6.40
C ARG B 1026 1.27 16.61 -5.44
N PHE B 1027 1.60 17.76 -4.86
CA PHE B 1027 2.66 17.88 -3.87
C PHE B 1027 1.99 18.00 -2.50
N GLY B 1028 1.84 16.87 -1.82
CA GLY B 1028 1.09 16.80 -0.58
C GLY B 1028 1.85 17.40 0.59
N GLU B 1029 1.26 17.21 1.78
CA GLU B 1029 1.85 17.74 2.99
C GLU B 1029 3.12 16.99 3.38
N MET B 1030 3.12 15.66 3.21
CA MET B 1030 4.24 14.86 3.68
C MET B 1030 5.52 15.16 2.88
N GLU B 1031 5.40 15.42 1.58
CA GLU B 1031 6.56 15.85 0.81
C GLU B 1031 7.06 17.20 1.29
N ARG B 1032 6.13 18.10 1.63
CA ARG B 1032 6.51 19.37 2.23
C ARG B 1032 7.24 19.15 3.55
N ASP B 1033 6.80 18.16 4.33
CA ASP B 1033 7.48 17.86 5.59
C ASP B 1033 8.89 17.34 5.34
N CYS B 1034 9.08 16.51 4.30
CA CYS B 1034 10.43 16.07 3.96
C CYS B 1034 11.31 17.26 3.58
N LEU B 1035 10.77 18.18 2.77
CA LEU B 1035 11.55 19.35 2.38
C LEU B 1035 11.91 20.21 3.58
N ILE B 1036 10.97 20.38 4.51
CA ILE B 1036 11.27 21.13 5.75
C ILE B 1036 12.35 20.41 6.56
N GLY B 1037 12.25 19.09 6.66
CA GLY B 1037 13.24 18.33 7.40
C GLY B 1037 14.63 18.47 6.83
N PHE B 1038 14.74 18.55 5.50
CA PHE B 1038 16.04 18.83 4.90
C PHE B 1038 16.47 20.28 5.08
N GLY B 1039 15.55 21.16 5.46
CA GLY B 1039 15.88 22.56 5.66
C GLY B 1039 16.26 23.34 4.42
N THR B 1040 15.52 23.16 3.33
CA THR B 1040 15.78 23.85 2.06
C THR B 1040 14.63 24.83 1.81
N ALA B 1041 14.85 26.10 2.14
CA ALA B 1041 13.79 27.10 2.02
C ALA B 1041 13.50 27.46 0.56
N MET B 1042 14.55 27.71 -0.22
CA MET B 1042 14.35 28.09 -1.62
C MET B 1042 13.76 26.96 -2.44
N LEU B 1043 14.12 25.71 -2.13
CA LEU B 1043 13.51 24.59 -2.83
C LEU B 1043 12.02 24.49 -2.51
N ILE B 1044 11.65 24.75 -1.27
CA ILE B 1044 10.23 24.78 -0.90
C ILE B 1044 9.50 25.87 -1.68
N LYS B 1045 10.10 27.06 -1.75
CA LYS B 1045 9.46 28.16 -2.48
C LYS B 1045 9.32 27.82 -3.96
N ASP B 1046 10.34 27.20 -4.55
CA ASP B 1046 10.27 26.83 -5.96
C ASP B 1046 9.20 25.78 -6.21
N ARG B 1047 9.11 24.78 -5.33
CA ARG B 1047 8.16 23.70 -5.56
C ARG B 1047 6.72 24.16 -5.34
N LEU B 1048 6.48 24.97 -4.31
CA LEU B 1048 5.11 25.25 -3.89
C LEU B 1048 4.58 26.58 -4.37
N LEU B 1049 5.43 27.54 -4.73
CA LEU B 1049 4.97 28.86 -5.13
C LEU B 1049 5.25 29.18 -6.59
N ASP B 1050 6.51 29.08 -7.01
CA ASP B 1050 6.88 29.51 -8.37
C ASP B 1050 6.21 28.65 -9.43
N ASN B 1051 5.95 27.38 -9.13
CA ASN B 1051 5.46 26.43 -10.12
C ASN B 1051 3.96 26.16 -9.98
N SER B 1052 3.23 27.00 -9.25
CA SER B 1052 1.78 26.86 -9.13
C SER B 1052 1.18 28.12 -8.53
N ASP B 1053 0.12 28.61 -9.14
CA ASP B 1053 -0.73 29.72 -8.67
C ASP B 1053 0.02 30.91 -8.08
N LYS B 1054 1.14 31.31 -8.69
CA LYS B 1054 1.80 32.54 -8.30
C LYS B 1054 1.04 33.74 -8.86
N ALA B 1055 0.99 34.82 -8.09
CA ALA B 1055 0.28 36.02 -8.53
C ALA B 1055 0.84 37.22 -7.81
N VAL B 1056 0.51 38.41 -8.33
CA VAL B 1056 0.89 39.68 -7.73
C VAL B 1056 -0.37 40.46 -7.44
N VAL B 1057 -0.54 40.91 -6.20
CA VAL B 1057 -1.72 41.64 -5.78
C VAL B 1057 -1.31 42.93 -5.10
N TYR B 1058 -2.16 43.94 -5.19
CA TYR B 1058 -1.91 45.26 -4.62
C TYR B 1058 -2.76 45.43 -3.37
N ILE B 1059 -2.13 45.88 -2.28
CA ILE B 1059 -2.78 46.02 -0.99
C ILE B 1059 -2.73 47.48 -0.58
N CYS B 1060 -3.87 48.01 -0.14
CA CYS B 1060 -3.91 49.37 0.38
C CYS B 1060 -3.10 49.48 1.68
N ASP B 1061 -2.52 50.66 1.89
CA ASP B 1061 -1.65 50.86 3.04
C ASP B 1061 -2.41 51.22 4.32
N GLN B 1062 -3.72 51.47 4.23
CA GLN B 1062 -4.50 51.86 5.39
C GLN B 1062 -5.55 50.81 5.77
N CYS B 1063 -6.46 50.48 4.85
CA CYS B 1063 -7.49 49.49 5.18
C CYS B 1063 -6.93 48.07 5.12
N GLY B 1064 -6.00 47.81 4.21
CA GLY B 1064 -5.43 46.49 4.08
C GLY B 1064 -6.14 45.57 3.11
N TYR B 1065 -7.03 46.09 2.27
CA TYR B 1065 -7.73 45.28 1.29
C TYR B 1065 -7.03 45.35 -0.06
N VAL B 1066 -7.48 44.50 -0.98
CA VAL B 1066 -6.84 44.39 -2.28
C VAL B 1066 -7.40 45.44 -3.22
N GLY B 1067 -6.51 46.23 -3.82
CA GLY B 1067 -6.86 47.19 -4.84
C GLY B 1067 -6.59 46.66 -6.24
N TRP B 1068 -6.39 47.58 -7.17
CA TRP B 1068 -6.05 47.21 -8.53
C TRP B 1068 -5.44 48.40 -9.26
N TYR B 1069 -5.11 48.18 -10.53
CA TYR B 1069 -4.30 49.09 -11.34
C TYR B 1069 -4.91 49.13 -12.74
N ASP B 1070 -5.76 50.12 -12.99
CA ASP B 1070 -6.60 50.19 -14.18
C ASP B 1070 -5.86 50.82 -15.34
N ARG B 1071 -6.37 50.61 -16.55
CA ARG B 1071 -5.80 51.16 -17.77
C ARG B 1071 -6.54 52.37 -18.29
N SER B 1072 -7.26 53.10 -17.45
CA SER B 1072 -7.94 54.30 -17.95
C SER B 1072 -6.89 55.28 -18.43
N LYS B 1073 -6.14 55.89 -17.50
CA LYS B 1073 -4.88 56.52 -17.83
C LYS B 1073 -3.74 55.93 -17.02
N ASN B 1074 -3.76 56.05 -15.69
CA ASN B 1074 -2.81 55.43 -14.78
C ASN B 1074 -3.26 55.66 -13.35
N ARG B 1075 -3.38 54.60 -12.54
CA ARG B 1075 -3.87 54.76 -11.17
C ARG B 1075 -3.66 53.48 -10.38
N TYR B 1076 -3.24 53.66 -9.13
CA TYR B 1076 -3.34 52.65 -8.08
C TYR B 1076 -4.60 52.95 -7.29
N VAL B 1077 -5.65 52.16 -7.48
CA VAL B 1077 -6.95 52.46 -6.90
C VAL B 1077 -7.32 51.38 -5.89
N CYS B 1078 -7.87 51.82 -4.75
CA CYS B 1078 -8.37 51.14 -3.57
C CYS B 1078 -9.90 51.08 -3.60
N PRO B 1079 -10.50 49.94 -3.24
CA PRO B 1079 -11.96 49.84 -3.29
C PRO B 1079 -12.68 50.78 -2.34
N VAL B 1080 -12.04 51.24 -1.27
CA VAL B 1080 -12.67 52.13 -0.31
C VAL B 1080 -12.00 53.51 -0.28
N HIS B 1081 -10.67 53.55 -0.34
CA HIS B 1081 -9.97 54.83 -0.26
C HIS B 1081 -9.91 55.56 -1.60
N GLY B 1082 -10.25 54.89 -2.70
CA GLY B 1082 -10.21 55.52 -4.00
C GLY B 1082 -8.80 55.86 -4.44
N ASP B 1083 -8.47 57.16 -4.46
CA ASP B 1083 -7.15 57.62 -4.89
C ASP B 1083 -6.39 58.32 -3.77
N LYS B 1084 -6.84 58.20 -2.52
CA LYS B 1084 -6.23 58.90 -1.40
C LYS B 1084 -5.27 58.02 -0.61
N SER B 1085 -4.92 56.85 -1.15
CA SER B 1085 -4.04 55.91 -0.46
C SER B 1085 -3.00 55.40 -1.44
N VAL B 1086 -1.87 54.96 -0.89
CA VAL B 1086 -0.79 54.36 -1.67
C VAL B 1086 -0.92 52.84 -1.61
N LEU B 1087 -0.73 52.20 -2.76
CA LEU B 1087 -0.86 50.76 -2.89
C LEU B 1087 0.50 50.14 -3.17
N HIS B 1088 0.74 48.96 -2.59
CA HIS B 1088 1.99 48.25 -2.78
C HIS B 1088 1.74 46.88 -3.37
N PRO B 1089 2.60 46.40 -4.27
CA PRO B 1089 2.43 45.06 -4.83
C PRO B 1089 3.20 44.01 -4.03
N VAL B 1090 2.55 42.86 -3.86
CA VAL B 1090 3.15 41.72 -3.16
C VAL B 1090 2.88 40.47 -3.98
N THR B 1091 3.89 39.60 -4.08
CA THR B 1091 3.72 38.30 -4.71
C THR B 1091 3.22 37.30 -3.67
N VAL B 1092 2.29 36.45 -4.09
CA VAL B 1092 1.57 35.58 -3.17
C VAL B 1092 0.94 34.46 -3.97
N SER B 1093 0.67 33.34 -3.31
CA SER B 1093 -0.09 32.27 -3.92
C SER B 1093 -1.50 32.75 -4.22
N TYR B 1094 -1.99 32.44 -5.42
CA TYR B 1094 -3.33 32.88 -5.81
C TYR B 1094 -4.40 32.20 -4.99
N ALA B 1095 -4.14 30.98 -4.49
CA ALA B 1095 -5.10 30.32 -3.61
C ALA B 1095 -5.30 31.11 -2.33
N PHE B 1096 -4.25 31.76 -1.83
CA PHE B 1096 -4.41 32.61 -0.65
C PHE B 1096 -5.30 33.81 -0.94
N LYS B 1097 -5.14 34.43 -2.12
CA LYS B 1097 -6.00 35.53 -2.49
C LYS B 1097 -7.45 35.08 -2.62
N LEU B 1098 -7.66 33.89 -3.19
CA LEU B 1098 -9.00 33.32 -3.26
C LEU B 1098 -9.57 33.09 -1.87
N LEU B 1099 -8.74 32.61 -0.94
CA LEU B 1099 -9.18 32.41 0.44
C LEU B 1099 -9.58 33.73 1.07
N ILE B 1100 -8.80 34.79 0.84
CA ILE B 1100 -9.15 36.10 1.38
C ILE B 1100 -10.48 36.58 0.80
N GLN B 1101 -10.66 36.42 -0.51
CA GLN B 1101 -11.88 36.88 -1.16
C GLN B 1101 -13.10 36.14 -0.64
N GLU B 1102 -12.99 34.82 -0.45
CA GLU B 1102 -14.13 34.06 0.04
C GLU B 1102 -14.30 34.18 1.55
N LEU B 1103 -13.29 34.68 2.27
CA LEU B 1103 -13.51 35.06 3.65
C LEU B 1103 -14.27 36.37 3.74
N MET B 1104 -13.99 37.31 2.84
CA MET B 1104 -14.81 38.52 2.78
C MET B 1104 -16.22 38.24 2.27
N SER B 1105 -16.43 37.09 1.63
CA SER B 1105 -17.80 36.69 1.29
C SER B 1105 -18.63 36.48 2.55
N MET B 1106 -18.05 35.84 3.56
CA MET B 1106 -18.61 35.88 4.90
C MET B 1106 -18.29 37.22 5.55
N VAL B 1107 -18.76 37.41 6.78
CA VAL B 1107 -18.61 38.71 7.44
C VAL B 1107 -17.21 38.90 8.02
N ILE B 1108 -16.33 37.90 7.91
CA ILE B 1108 -14.96 38.06 8.35
C ILE B 1108 -14.24 39.06 7.47
N SER B 1109 -13.46 39.96 8.07
CA SER B 1109 -12.73 40.99 7.36
C SER B 1109 -11.24 40.83 7.61
N PRO B 1110 -10.51 40.15 6.73
CA PRO B 1110 -9.07 40.00 6.91
C PRO B 1110 -8.29 41.17 6.33
N ARG B 1111 -7.56 41.89 7.18
CA ARG B 1111 -6.74 43.02 6.75
C ARG B 1111 -5.27 42.61 6.76
N LEU B 1112 -4.61 42.77 5.62
CA LEU B 1112 -3.21 42.39 5.50
C LEU B 1112 -2.31 43.54 5.92
N ILE B 1113 -1.38 43.27 6.83
CA ILE B 1113 -0.42 44.26 7.31
C ILE B 1113 0.87 44.03 6.57
N LEU B 1114 1.34 45.05 5.85
CA LEU B 1114 2.52 44.92 5.01
C LEU B 1114 3.79 45.18 5.81
N GLY B 1115 4.92 44.90 5.18
CA GLY B 1115 6.22 45.09 5.80
C GLY B 1115 7.29 45.31 4.75
N GLU B 1116 8.45 45.76 5.19
CA GLU B 1116 9.54 46.09 4.28
C GLU B 1116 10.20 44.83 3.74
N LYS B 1117 10.40 44.78 2.43
CA LYS B 1117 11.10 43.66 1.81
C LYS B 1117 12.54 43.59 2.30
N VAL B 1118 13.21 44.73 2.37
CA VAL B 1118 14.63 44.79 2.72
C VAL B 1118 14.76 44.97 4.22
N ASN B 1119 15.48 44.05 4.86
CA ASN B 1119 15.67 44.09 6.30
C ASN B 1119 16.77 45.09 6.64
N LEU B 1120 16.38 46.19 7.27
CA LEU B 1120 17.32 47.24 7.65
C LEU B 1120 18.14 46.75 8.84
N GLY B 1121 19.38 46.33 8.58
CA GLY B 1121 20.25 45.84 9.62
C GLY B 1121 20.12 44.34 9.86
N MET C 1 49.91 -4.58 34.63
CA MET C 1 49.27 -4.51 33.32
C MET C 1 49.81 -3.31 32.55
N ILE C 2 49.75 -2.13 33.17
CA ILE C 2 50.30 -0.90 32.62
C ILE C 2 51.41 -0.43 33.55
N ASP C 3 52.55 -0.06 32.98
CA ASP C 3 53.67 0.42 33.77
C ASP C 3 53.29 1.68 34.53
N GLU C 4 53.85 1.82 35.74
CA GLU C 4 53.53 2.96 36.58
C GLU C 4 53.95 4.27 35.93
N LYS C 5 55.11 4.28 35.25
CA LYS C 5 55.48 5.45 34.46
C LYS C 5 54.46 5.71 33.37
N LEU C 6 54.01 4.65 32.70
CA LEU C 6 52.98 4.80 31.67
C LEU C 6 51.67 5.29 32.27
N LYS C 7 51.32 4.81 33.46
CA LYS C 7 50.09 5.27 34.11
C LYS C 7 50.19 6.76 34.48
N GLY C 8 51.35 7.18 34.96
CA GLY C 8 51.55 8.60 35.23
C GLY C 8 51.44 9.44 33.96
N TYR C 9 52.00 8.94 32.85
CA TYR C 9 51.86 9.63 31.58
C TYR C 9 50.39 9.69 31.16
N ILE C 10 49.63 8.62 31.39
CA ILE C 10 48.21 8.61 31.06
C ILE C 10 47.49 9.70 31.84
N ASP C 11 47.75 9.78 33.15
CA ASP C 11 47.09 10.78 33.97
C ASP C 11 47.48 12.19 33.54
N LYS C 12 48.77 12.41 33.25
CA LYS C 12 49.23 13.73 32.84
C LYS C 12 48.59 14.15 31.53
N ARG C 13 48.49 13.23 30.56
CA ARG C 13 47.88 13.57 29.28
C ARG C 13 46.36 13.67 29.35
N LEU C 14 45.72 12.99 30.30
CA LEU C 14 44.28 13.06 30.42
C LEU C 14 43.82 14.29 31.19
N ASN C 15 44.64 14.79 32.12
CA ASN C 15 44.23 15.96 32.90
C ASN C 15 44.23 17.24 32.07
N GLU C 16 44.86 17.24 30.90
CA GLU C 16 44.93 18.44 30.08
C GLU C 16 43.74 18.62 29.15
N ILE C 17 42.84 17.64 29.07
CA ILE C 17 41.71 17.71 28.16
C ILE C 17 40.38 17.57 28.92
N LYS C 18 40.37 17.92 30.21
CA LYS C 18 39.15 17.79 31.00
C LYS C 18 38.04 18.71 30.53
N ASP C 19 38.39 19.81 29.86
CA ASP C 19 37.41 20.83 29.48
C ASP C 19 36.99 20.74 28.02
N LYS C 20 37.35 19.66 27.33
CA LYS C 20 37.03 19.53 25.91
C LYS C 20 36.04 18.40 25.62
N ILE C 21 35.69 17.58 26.61
CA ILE C 21 34.75 16.48 26.42
C ILE C 21 33.84 16.41 27.64
N PRO C 22 32.67 15.77 27.53
CA PRO C 22 31.81 15.61 28.70
C PRO C 22 32.48 14.76 29.77
N ASP C 23 32.02 14.92 31.01
CA ASP C 23 32.63 14.20 32.13
C ASP C 23 32.47 12.70 31.99
N LYS C 24 31.30 12.23 31.54
CA LYS C 24 31.09 10.80 31.37
C LYS C 24 32.03 10.23 30.31
N LEU C 25 32.25 10.97 29.23
CA LEU C 25 33.19 10.52 28.20
C LEU C 25 34.60 10.42 28.75
N HIS C 26 34.99 11.38 29.60
CA HIS C 26 36.32 11.35 30.18
C HIS C 26 36.51 10.11 31.06
N GLU C 27 35.47 9.75 31.82
CA GLU C 27 35.56 8.55 32.66
C GLU C 27 35.64 7.29 31.79
N ASP C 28 34.85 7.23 30.72
CA ASP C 28 34.87 6.06 29.85
C ASP C 28 36.22 5.90 29.16
N LEU C 29 36.79 7.00 28.68
CA LEU C 29 38.07 6.94 28.00
C LEU C 29 39.18 6.47 28.94
N ARG C 30 39.16 6.96 30.19
CA ARG C 30 40.19 6.56 31.14
C ARG C 30 40.08 5.07 31.47
N ALA C 31 38.86 4.57 31.66
CA ALA C 31 38.67 3.16 32.00
C ALA C 31 39.08 2.26 30.85
N ALA C 32 38.79 2.66 29.62
CA ALA C 32 39.10 1.81 28.47
C ALA C 32 40.59 1.62 28.29
N ILE C 33 41.38 2.69 28.49
CA ILE C 33 42.82 2.59 28.32
C ILE C 33 43.42 1.69 29.39
N MET C 34 42.89 1.75 30.61
CA MET C 34 43.38 0.91 31.69
C MET C 34 43.08 -0.57 31.50
N ASP C 35 42.20 -0.92 30.56
CA ASP C 35 41.83 -2.30 30.32
C ASP C 35 42.57 -2.92 29.13
N ILE C 36 43.58 -2.23 28.62
CA ILE C 36 44.38 -2.74 27.51
C ILE C 36 45.42 -3.70 28.09
N ASN C 37 45.22 -5.00 27.87
CA ASN C 37 46.12 -6.02 28.37
C ASN C 37 46.52 -6.96 27.25
N GLY C 38 47.72 -7.53 27.37
CA GLY C 38 48.24 -8.43 26.37
C GLY C 38 48.95 -7.74 25.22
N VAL C 39 48.94 -6.42 25.16
CA VAL C 39 49.58 -5.66 24.10
C VAL C 39 50.35 -4.51 24.72
N GLU C 40 51.63 -4.38 24.35
CA GLU C 40 52.42 -3.24 24.79
C GLU C 40 52.07 -2.01 23.96
N LEU C 41 51.94 -0.87 24.64
CA LEU C 41 51.52 0.36 24.01
C LEU C 41 52.44 1.50 24.43
N THR C 42 52.76 2.37 23.48
CA THR C 42 53.72 3.45 23.69
C THR C 42 52.99 4.77 23.88
N GLU C 43 53.75 5.87 23.96
CA GLU C 43 53.17 7.19 24.17
C GLU C 43 52.53 7.74 22.90
N GLU C 44 53.09 7.42 21.73
CA GLU C 44 52.50 7.89 20.49
C GLU C 44 51.09 7.32 20.30
N ASP C 45 50.91 6.05 20.67
CA ASP C 45 49.57 5.45 20.59
C ASP C 45 48.60 6.17 21.52
N ILE C 46 49.06 6.55 22.72
CA ILE C 46 48.20 7.26 23.66
C ILE C 46 47.80 8.62 23.10
N ASP C 47 48.77 9.35 22.55
CA ASP C 47 48.46 10.65 21.97
C ASP C 47 47.48 10.52 20.83
N ARG C 48 47.67 9.52 19.96
CA ARG C 48 46.75 9.31 18.86
C ARG C 48 45.36 8.98 19.37
N ILE C 49 45.26 8.13 20.39
CA ILE C 49 43.95 7.75 20.93
C ILE C 49 43.22 8.97 21.47
N ILE C 50 43.91 9.79 22.25
CA ILE C 50 43.27 10.95 22.86
C ILE C 50 42.84 11.96 21.80
N ASP C 51 43.73 12.24 20.84
CA ASP C 51 43.37 13.19 19.79
C ASP C 51 42.21 12.69 18.96
N LEU C 52 42.19 11.39 18.64
CA LEU C 52 41.10 10.83 17.85
C LEU C 52 39.78 10.91 18.61
N THR C 53 39.81 10.63 19.92
CA THR C 53 38.59 10.72 20.71
C THR C 53 38.03 12.14 20.70
N ILE C 54 38.91 13.13 20.94
CA ILE C 54 38.46 14.52 20.97
C ILE C 54 37.90 14.94 19.62
N ARG C 55 38.61 14.60 18.55
CA ARG C 55 38.17 14.99 17.21
C ARG C 55 36.85 14.32 16.85
N GLU C 56 36.68 13.05 17.21
CA GLU C 56 35.43 12.36 16.91
C GLU C 56 34.26 12.99 17.65
N TYR C 57 34.45 13.31 18.94
CA TYR C 57 33.37 13.97 19.67
C TYR C 57 33.03 15.31 19.06
N GLN C 58 34.05 16.09 18.68
CA GLN C 58 33.79 17.40 18.09
C GLN C 58 33.05 17.27 16.76
N GLN C 59 33.43 16.28 15.94
CA GLN C 59 32.76 16.08 14.67
C GLN C 59 31.35 15.52 14.80
N SER C 60 31.01 14.95 15.94
CA SER C 60 29.68 14.36 16.13
C SER C 60 28.65 15.36 16.64
N LEU C 61 29.01 16.64 16.77
CA LEU C 61 28.08 17.62 17.33
C LEU C 61 27.01 18.03 16.33
N ILE C 62 25.92 18.59 16.84
CA ILE C 62 24.79 18.99 16.00
C ILE C 62 25.04 20.39 15.45
N GLU C 63 24.26 20.75 14.41
CA GLU C 63 24.48 21.98 13.68
C GLU C 63 23.35 22.97 13.92
N PRO C 64 23.66 24.21 14.33
CA PRO C 64 22.61 25.19 14.53
C PRO C 64 21.87 25.50 13.23
N GLY C 65 20.57 25.77 13.38
CA GLY C 65 19.68 25.92 12.24
C GLY C 65 18.95 24.66 11.86
N GLU C 66 19.23 23.54 12.51
CA GLU C 66 18.57 22.28 12.21
C GLU C 66 17.09 22.35 12.55
N ALA C 67 16.26 21.80 11.67
CA ALA C 67 14.83 21.65 11.93
C ALA C 67 14.60 20.36 12.69
N ILE C 68 15.01 20.38 13.96
CA ILE C 68 15.06 19.15 14.75
C ILE C 68 13.66 18.64 15.06
N GLY C 69 12.66 19.51 15.12
CA GLY C 69 11.33 19.06 15.45
C GLY C 69 10.74 18.13 14.41
N VAL C 70 10.86 18.51 13.14
CA VAL C 70 10.33 17.66 12.06
C VAL C 70 11.11 16.35 12.00
N VAL C 71 12.42 16.41 12.20
CA VAL C 71 13.22 15.20 12.18
C VAL C 71 12.81 14.25 13.30
N THR C 72 12.60 14.79 14.50
CA THR C 72 12.17 13.95 15.62
C THR C 72 10.79 13.36 15.38
N ALA C 73 9.86 14.16 14.86
CA ALA C 73 8.52 13.65 14.58
C ALA C 73 8.54 12.55 13.54
N GLN C 74 9.36 12.72 12.48
CA GLN C 74 9.46 11.69 11.47
C GLN C 74 10.18 10.45 11.97
N SER C 75 11.13 10.61 12.89
CA SER C 75 11.84 9.46 13.43
C SER C 75 10.98 8.67 14.40
N VAL C 76 10.03 9.32 15.07
CA VAL C 76 9.14 8.60 15.97
C VAL C 76 7.96 8.01 15.22
N GLY C 77 7.42 8.74 14.24
CA GLY C 77 6.25 8.28 13.52
C GLY C 77 6.50 7.33 12.37
N GLU C 78 7.76 7.13 11.98
CA GLU C 78 8.07 6.22 10.88
C GLU C 78 8.02 4.75 11.30
N PRO C 79 8.59 4.37 12.46
CA PRO C 79 8.43 2.97 12.89
C PRO C 79 6.99 2.57 13.14
N GLY C 80 6.09 3.53 13.38
CA GLY C 80 4.70 3.19 13.66
C GLY C 80 4.02 2.46 12.51
N THR C 81 4.51 2.64 11.29
CA THR C 81 3.94 1.94 10.15
C THR C 81 4.49 0.53 9.99
N GLN C 82 5.52 0.15 10.73
CA GLN C 82 6.09 -1.18 10.66
C GLN C 82 5.74 -2.03 11.89
N MET C 83 4.79 -1.57 12.70
CA MET C 83 4.37 -2.33 13.86
C MET C 83 3.59 -3.58 13.44
N THR C 84 3.54 -4.55 14.34
CA THR C 84 2.81 -5.78 14.11
C THR C 84 2.08 -6.20 15.38
N LEU C 85 1.01 -6.98 15.21
CA LEU C 85 0.30 -7.58 16.34
C LEU C 85 0.86 -8.97 16.63
N ARG C 86 2.15 -9.00 16.92
CA ARG C 86 2.85 -10.27 17.08
C ARG C 86 2.52 -10.94 18.41
N THR C 87 2.19 -10.17 19.44
CA THR C 87 1.93 -10.71 20.77
C THR C 87 0.56 -10.28 21.26
N PHE C 88 -0.04 -11.09 22.12
CA PHE C 88 -1.37 -10.83 22.65
C PHE C 88 -1.46 -11.00 24.16
N HIS C 89 -0.37 -11.34 24.84
CA HIS C 89 -0.41 -11.55 26.29
C HIS C 89 0.92 -11.06 26.86
N PHE C 90 1.14 -11.37 28.14
CA PHE C 90 2.34 -10.93 28.84
C PHE C 90 3.53 -11.80 28.43
N ALA C 91 4.65 -11.63 29.14
CA ALA C 91 5.87 -12.36 28.79
C ALA C 91 5.68 -13.87 28.96
N GLY C 92 5.45 -14.31 30.18
CA GLY C 92 5.34 -15.74 30.45
C GLY C 92 4.11 -16.10 31.26
N ILE C 93 3.01 -15.41 31.01
CA ILE C 93 1.76 -15.62 31.76
C ILE C 93 0.74 -16.40 30.94
N ARG C 94 0.64 -16.09 29.64
CA ARG C 94 -0.29 -16.67 28.66
C ARG C 94 -1.72 -16.20 28.89
N GLU C 95 -2.00 -15.49 29.97
CA GLU C 95 -3.22 -14.72 30.15
C GLU C 95 -2.81 -13.28 30.48
N LEU C 96 -3.78 -12.48 30.93
CA LEU C 96 -3.56 -11.06 31.18
C LEU C 96 -3.12 -10.37 29.89
N ASN C 97 -4.05 -10.38 28.93
CA ASN C 97 -3.77 -9.82 27.61
C ASN C 97 -3.38 -8.35 27.72
N VAL C 98 -2.38 -7.96 26.94
CA VAL C 98 -1.85 -6.60 26.96
C VAL C 98 -2.04 -5.99 25.59
N THR C 99 -1.98 -4.66 25.54
CA THR C 99 -2.05 -3.91 24.29
C THR C 99 -0.71 -3.21 24.10
N LEU C 100 0.04 -3.65 23.11
CA LEU C 100 1.31 -3.03 22.74
C LEU C 100 1.27 -2.71 21.25
N GLY C 101 2.35 -2.10 20.76
CA GLY C 101 2.41 -1.74 19.36
C GLY C 101 1.80 -0.38 19.08
N LEU C 102 1.16 -0.24 17.92
CA LEU C 102 0.62 1.05 17.52
C LEU C 102 -0.47 1.55 18.46
N PRO C 103 -1.47 0.76 18.86
CA PRO C 103 -2.49 1.30 19.78
C PRO C 103 -1.92 1.81 21.10
N ARG C 104 -0.93 1.12 21.67
CA ARG C 104 -0.32 1.60 22.90
C ARG C 104 0.43 2.90 22.67
N LEU C 105 1.12 3.01 21.54
CA LEU C 105 1.81 4.25 21.22
C LEU C 105 0.82 5.40 21.10
N ILE C 106 -0.32 5.16 20.45
CA ILE C 106 -1.34 6.21 20.32
C ILE C 106 -1.90 6.58 21.68
N GLU C 107 -2.12 5.58 22.54
CA GLU C 107 -2.65 5.86 23.88
C GLU C 107 -1.67 6.70 24.69
N ILE C 108 -0.37 6.41 24.59
CA ILE C 108 0.62 7.24 25.28
C ILE C 108 0.62 8.64 24.71
N VAL C 109 0.60 8.76 23.39
CA VAL C 109 0.68 10.06 22.74
C VAL C 109 -0.60 10.87 22.98
N ASP C 110 -1.76 10.23 22.87
CA ASP C 110 -3.02 10.94 23.08
C ASP C 110 -3.27 11.31 24.53
N ALA C 111 -2.47 10.80 25.47
CA ALA C 111 -2.60 11.11 26.89
C ALA C 111 -3.99 10.77 27.41
N ARG C 112 -4.39 9.52 27.22
CA ARG C 112 -5.68 9.05 27.70
C ARG C 112 -5.68 9.00 29.22
N LYS C 113 -6.83 9.34 29.81
CA LYS C 113 -6.94 9.35 31.28
C LYS C 113 -6.77 7.95 31.85
N VAL C 114 -7.39 6.95 31.23
CA VAL C 114 -7.29 5.57 31.67
C VAL C 114 -6.83 4.70 30.51
N PRO C 115 -5.78 3.91 30.68
CA PRO C 115 -5.30 3.07 29.57
C PRO C 115 -6.18 1.84 29.37
N SER C 116 -6.12 1.32 28.16
CA SER C 116 -6.74 0.04 27.87
C SER C 116 -5.88 -1.07 28.46
N THR C 117 -6.50 -1.94 29.24
CA THR C 117 -5.82 -2.99 29.99
C THR C 117 -4.72 -2.40 30.88
N PRO C 118 -5.08 -1.64 31.92
CA PRO C 118 -4.04 -1.16 32.84
C PRO C 118 -3.43 -2.31 33.62
N MET C 119 -2.16 -2.13 33.99
CA MET C 119 -1.41 -3.17 34.69
C MET C 119 -0.57 -2.53 35.78
N MET C 120 0.02 -3.38 36.61
CA MET C 120 0.87 -2.90 37.70
C MET C 120 1.88 -3.99 38.04
N THR C 121 3.09 -3.57 38.39
CA THR C 121 4.15 -4.48 38.81
C THR C 121 4.57 -4.10 40.22
N ILE C 122 4.28 -4.97 41.17
CA ILE C 122 4.48 -4.70 42.59
C ILE C 122 5.66 -5.53 43.07
N TYR C 123 6.67 -4.85 43.60
CA TYR C 123 7.82 -5.50 44.23
C TYR C 123 7.57 -5.65 45.71
N LEU C 124 8.19 -6.66 46.30
CA LEU C 124 7.94 -7.02 47.69
C LEU C 124 9.07 -6.53 48.58
N THR C 125 8.76 -6.37 49.87
CA THR C 125 9.75 -5.96 50.85
C THR C 125 10.75 -7.08 51.08
N ASP C 126 11.92 -6.71 51.60
CA ASP C 126 13.00 -7.69 51.79
C ASP C 126 12.57 -8.86 52.66
N GLU C 127 11.74 -8.60 53.67
CA GLU C 127 11.27 -9.68 54.53
C GLU C 127 10.35 -10.64 53.77
N TYR C 128 9.57 -10.14 52.83
CA TYR C 128 8.63 -10.95 52.06
C TYR C 128 9.14 -11.24 50.66
N LYS C 129 10.41 -10.94 50.39
CA LYS C 129 10.92 -10.99 49.02
C LYS C 129 11.11 -12.43 48.53
N THR C 130 11.62 -13.31 49.39
CA THR C 130 12.01 -14.66 49.00
C THR C 130 11.13 -15.72 49.66
N ASP C 131 9.83 -15.44 49.78
CA ASP C 131 8.88 -16.39 50.35
C ASP C 131 7.72 -16.54 49.39
N LYS C 132 7.58 -17.72 48.79
CA LYS C 132 6.50 -17.92 47.83
C LYS C 132 5.14 -17.93 48.52
N ASP C 133 5.05 -18.52 49.71
CA ASP C 133 3.78 -18.53 50.43
C ASP C 133 3.34 -17.12 50.80
N LYS C 134 4.27 -16.28 51.24
CA LYS C 134 3.93 -14.90 51.57
C LYS C 134 3.50 -14.13 50.33
N ALA C 135 4.18 -14.35 49.20
CA ALA C 135 3.80 -13.69 47.96
C ALA C 135 2.40 -14.11 47.53
N LEU C 136 2.09 -15.41 47.62
CA LEU C 136 0.75 -15.87 47.28
C LEU C 136 -0.30 -15.28 48.22
N ASP C 137 0.01 -15.21 49.51
CA ASP C 137 -0.94 -14.64 50.46
C ASP C 137 -1.20 -13.17 50.16
N ILE C 138 -0.15 -12.41 49.87
CA ILE C 138 -0.32 -11.00 49.57
C ILE C 138 -1.09 -10.81 48.27
N ALA C 139 -0.82 -11.64 47.26
CA ALA C 139 -1.56 -11.57 46.02
C ALA C 139 -3.04 -11.88 46.25
N ARG C 140 -3.33 -12.89 47.08
CA ARG C 140 -4.72 -13.24 47.36
C ARG C 140 -5.42 -12.17 48.18
N ARG C 141 -4.67 -11.42 48.99
CA ARG C 141 -5.28 -10.41 49.84
C ARG C 141 -5.84 -9.23 49.06
N ILE C 142 -5.43 -9.04 47.81
CA ILE C 142 -5.77 -7.85 47.05
C ILE C 142 -6.43 -8.18 45.71
N GLU C 143 -7.04 -9.36 45.57
CA GLU C 143 -7.65 -9.71 44.28
C GLU C 143 -9.02 -9.10 44.08
N TYR C 144 -9.59 -8.43 45.09
CA TYR C 144 -10.90 -7.80 44.99
C TYR C 144 -11.98 -8.83 44.66
N THR C 145 -12.19 -9.75 45.60
CA THR C 145 -13.26 -10.73 45.47
C THR C 145 -14.60 -10.11 45.83
N ARG C 146 -15.64 -10.49 45.09
CA ARG C 146 -16.98 -9.98 45.29
C ARG C 146 -17.93 -11.13 45.63
N VAL C 147 -19.10 -10.77 46.15
CA VAL C 147 -20.07 -11.78 46.57
C VAL C 147 -20.61 -12.54 45.37
N GLU C 148 -20.77 -11.86 44.23
CA GLU C 148 -21.40 -12.47 43.06
C GLU C 148 -20.64 -13.69 42.57
N ASN C 149 -19.32 -13.74 42.81
CA ASN C 149 -18.49 -14.81 42.28
C ASN C 149 -18.09 -15.83 43.34
N VAL C 150 -18.82 -15.91 44.46
CA VAL C 150 -18.62 -16.96 45.45
C VAL C 150 -19.91 -17.70 45.76
N VAL C 151 -21.03 -17.37 45.12
CA VAL C 151 -22.30 -18.03 45.35
C VAL C 151 -22.61 -18.94 44.18
N SER C 152 -23.32 -20.03 44.46
CA SER C 152 -23.75 -20.96 43.43
C SER C 152 -25.09 -20.54 42.82
N SER C 153 -26.07 -20.26 43.67
CA SER C 153 -27.38 -19.81 43.21
C SER C 153 -28.04 -18.97 44.28
N VAL C 154 -28.86 -18.03 43.85
CA VAL C 154 -29.62 -17.16 44.75
C VAL C 154 -31.10 -17.26 44.37
N SER C 155 -31.95 -17.39 45.38
CA SER C 155 -33.38 -17.57 45.17
C SER C 155 -34.15 -16.48 45.89
N VAL C 156 -35.24 -16.03 45.26
CA VAL C 156 -36.11 -14.99 45.81
C VAL C 156 -37.49 -15.59 46.00
N ASP C 157 -38.03 -15.46 47.22
CA ASP C 157 -39.34 -16.02 47.56
C ASP C 157 -40.23 -14.87 48.04
N ILE C 158 -41.15 -14.45 47.19
CA ILE C 158 -42.09 -13.38 47.57
C ILE C 158 -43.10 -13.88 48.60
N SER C 159 -43.37 -15.19 48.64
CA SER C 159 -44.26 -15.73 49.65
C SER C 159 -43.68 -15.52 51.05
N ASN C 160 -42.38 -15.76 51.21
CA ASN C 160 -41.69 -15.53 52.47
C ASN C 160 -41.04 -14.16 52.55
N MET C 161 -41.11 -13.37 51.46
CA MET C 161 -40.48 -12.05 51.40
C MET C 161 -38.99 -12.12 51.68
N SER C 162 -38.34 -13.21 51.26
CA SER C 162 -37.00 -13.53 51.72
C SER C 162 -36.11 -13.91 50.53
N ILE C 163 -34.80 -13.91 50.80
CA ILE C 163 -33.78 -14.22 49.80
C ILE C 163 -32.83 -15.26 50.39
N THR C 164 -32.64 -16.37 49.67
CA THR C 164 -31.80 -17.47 50.12
C THR C 164 -30.48 -17.44 49.36
N LEU C 165 -29.37 -17.54 50.09
CA LEU C 165 -28.04 -17.54 49.50
C LEU C 165 -27.35 -18.88 49.74
N GLN C 166 -26.83 -19.46 48.67
CA GLN C 166 -26.11 -20.73 48.69
C GLN C 166 -24.70 -20.50 48.16
N PHE C 167 -23.71 -20.98 48.91
CA PHE C 167 -22.31 -20.71 48.61
C PHE C 167 -21.61 -21.96 48.08
N ASP C 168 -20.83 -21.78 47.02
CA ASP C 168 -19.97 -22.84 46.52
C ASP C 168 -18.76 -22.99 47.42
N GLN C 169 -18.58 -24.18 47.98
CA GLN C 169 -17.52 -24.39 48.97
C GLN C 169 -16.13 -24.24 48.35
N GLU C 170 -15.92 -24.76 47.15
CA GLU C 170 -14.59 -24.76 46.57
C GLU C 170 -14.06 -23.35 46.36
N MET C 171 -14.86 -22.49 45.70
CA MET C 171 -14.46 -21.10 45.54
C MET C 171 -14.38 -20.39 46.90
N LEU C 172 -15.34 -20.65 47.78
CA LEU C 172 -15.25 -20.13 49.14
C LEU C 172 -14.00 -20.62 49.85
N LYS C 173 -13.55 -21.84 49.53
CA LYS C 173 -12.34 -22.36 50.13
C LYS C 173 -11.10 -21.64 49.64
N ASP C 174 -11.00 -21.43 48.32
CA ASP C 174 -9.79 -20.81 47.79
C ASP C 174 -9.75 -19.31 48.03
N LYS C 175 -10.91 -18.64 48.16
CA LYS C 175 -10.91 -17.22 48.46
C LYS C 175 -10.40 -16.93 49.86
N GLY C 176 -10.44 -17.91 50.77
CA GLY C 176 -9.95 -17.70 52.11
C GLY C 176 -10.84 -16.87 53.00
N VAL C 177 -12.15 -16.86 52.73
CA VAL C 177 -13.11 -16.09 53.52
C VAL C 177 -14.12 -17.06 54.12
N SER C 178 -14.49 -16.83 55.37
CA SER C 178 -15.45 -17.67 56.06
C SER C 178 -16.86 -17.11 55.95
N ILE C 179 -17.83 -17.92 56.36
CA ILE C 179 -19.23 -17.53 56.28
C ILE C 179 -19.53 -16.41 57.27
N GLU C 180 -18.92 -16.47 58.46
CA GLU C 180 -19.18 -15.46 59.48
C GLU C 180 -18.74 -14.08 59.03
N GLU C 181 -17.60 -14.00 58.33
CA GLU C 181 -17.16 -12.72 57.80
C GLU C 181 -18.15 -12.16 56.80
N ILE C 182 -18.68 -13.01 55.92
CA ILE C 182 -19.67 -12.57 54.94
C ILE C 182 -20.93 -12.09 55.66
N LYS C 183 -21.35 -12.80 56.70
CA LYS C 183 -22.52 -12.38 57.46
C LYS C 183 -22.30 -11.02 58.11
N LYS C 184 -21.11 -10.80 58.69
CA LYS C 184 -20.81 -9.52 59.28
C LYS C 184 -20.80 -8.41 58.24
N ILE C 185 -20.23 -8.69 57.06
CA ILE C 185 -20.19 -7.69 55.99
C ILE C 185 -21.61 -7.33 55.55
N ILE C 186 -22.48 -8.33 55.39
CA ILE C 186 -23.85 -8.07 54.99
C ILE C 186 -24.58 -7.25 56.05
N THR C 187 -24.37 -7.58 57.33
CA THR C 187 -24.98 -6.80 58.39
C THR C 187 -24.47 -5.36 58.39
N LYS C 188 -23.22 -5.15 57.99
CA LYS C 188 -22.66 -3.80 57.95
C LYS C 188 -23.24 -2.96 56.82
N LEU C 189 -23.95 -3.57 55.86
CA LEU C 189 -24.51 -2.81 54.76
C LEU C 189 -25.62 -1.87 55.18
N LYS C 190 -26.25 -2.12 56.33
CA LYS C 190 -27.37 -1.32 56.82
C LYS C 190 -28.48 -1.25 55.78
N LEU C 191 -29.03 -2.42 55.44
CA LEU C 191 -30.10 -2.53 54.47
C LEU C 191 -31.48 -2.29 55.08
N GLY C 192 -31.55 -2.10 56.39
CA GLY C 192 -32.81 -1.95 57.10
C GLY C 192 -32.92 -2.97 58.22
N GLU C 193 -34.10 -3.00 58.84
CA GLU C 193 -34.36 -3.95 59.92
C GLU C 193 -34.51 -5.34 59.32
N ILE C 194 -33.44 -6.13 59.39
CA ILE C 194 -33.39 -7.44 58.75
C ILE C 194 -32.94 -8.47 59.78
N ARG C 195 -33.03 -9.75 59.39
CA ARG C 195 -32.59 -10.83 60.24
C ARG C 195 -32.06 -11.95 59.35
N ILE C 196 -31.03 -12.63 59.85
CA ILE C 196 -30.35 -13.71 59.12
C ILE C 196 -30.48 -14.98 59.93
N GLU C 197 -30.96 -16.05 59.29
CA GLU C 197 -31.14 -17.34 59.92
C GLU C 197 -30.36 -18.40 59.15
N ASP C 198 -29.59 -19.20 59.87
CA ASP C 198 -28.79 -20.24 59.25
C ASP C 198 -29.70 -21.34 58.70
N ASN C 199 -29.27 -21.95 57.59
CA ASN C 199 -30.01 -23.04 56.97
C ASN C 199 -29.18 -24.28 56.73
N ASP C 200 -27.91 -24.15 56.38
CA ASP C 200 -27.09 -25.29 56.05
C ASP C 200 -25.65 -24.98 56.44
N GLU C 201 -24.73 -25.88 56.06
CA GLU C 201 -23.32 -25.66 56.35
C GLU C 201 -22.79 -24.42 55.64
N TYR C 202 -23.19 -24.23 54.38
CA TYR C 202 -22.73 -23.11 53.56
C TYR C 202 -23.90 -22.44 52.86
N SER C 203 -25.01 -22.24 53.57
CA SER C 203 -26.19 -21.63 52.98
C SER C 203 -27.03 -20.98 54.07
N PHE C 204 -27.50 -19.76 53.82
CA PHE C 204 -28.33 -19.06 54.79
C PHE C 204 -29.43 -18.31 54.04
N THR C 205 -30.22 -17.53 54.79
CA THR C 205 -31.37 -16.84 54.23
C THR C 205 -31.62 -15.56 55.01
N ILE C 206 -31.94 -14.48 54.28
CA ILE C 206 -32.27 -13.19 54.87
C ILE C 206 -33.76 -12.96 54.63
N TYR C 207 -34.43 -12.35 55.61
CA TYR C 207 -35.89 -12.33 55.60
C TYR C 207 -36.50 -10.98 55.25
N PHE C 208 -35.77 -9.87 55.39
CA PHE C 208 -36.21 -8.56 54.90
C PHE C 208 -37.63 -8.23 55.36
N GLU C 209 -37.89 -8.43 56.65
CA GLU C 209 -39.26 -8.28 57.15
C GLU C 209 -39.73 -6.83 57.12
N LYS C 210 -38.79 -5.87 57.11
CA LYS C 210 -39.18 -4.47 57.12
C LYS C 210 -39.83 -4.05 55.81
N ILE C 211 -39.22 -4.42 54.68
CA ILE C 211 -39.68 -3.95 53.38
C ILE C 211 -40.91 -4.74 52.96
N ASP C 212 -41.94 -4.02 52.50
CA ASP C 212 -43.16 -4.62 51.94
C ASP C 212 -43.37 -4.02 50.56
N SER C 213 -42.70 -4.60 49.56
CA SER C 213 -42.82 -4.15 48.18
C SER C 213 -42.21 -5.19 47.24
N ILE C 214 -42.94 -5.54 46.18
CA ILE C 214 -42.40 -6.43 45.17
C ILE C 214 -41.23 -5.77 44.45
N MET C 215 -41.31 -4.46 44.21
CA MET C 215 -40.13 -3.73 43.78
C MET C 215 -39.14 -3.59 44.92
N ALA C 216 -37.89 -3.32 44.55
CA ALA C 216 -36.78 -3.02 45.44
C ALA C 216 -36.29 -4.24 46.20
N LEU C 217 -37.04 -5.35 46.14
CA LEU C 217 -36.52 -6.58 46.69
C LEU C 217 -35.42 -7.15 45.78
N PHE C 218 -35.67 -7.15 44.48
CA PHE C 218 -34.63 -7.52 43.53
C PHE C 218 -33.48 -6.52 43.56
N LYS C 219 -33.78 -5.24 43.83
CA LYS C 219 -32.72 -4.25 44.00
C LYS C 219 -31.84 -4.58 45.19
N MET C 220 -32.45 -4.97 46.32
CA MET C 220 -31.66 -5.39 47.47
C MET C 220 -30.85 -6.64 47.16
N ARG C 221 -31.43 -7.57 46.39
CA ARG C 221 -30.68 -8.77 46.01
C ARG C 221 -29.46 -8.40 45.18
N GLU C 222 -29.62 -7.50 44.21
CA GLU C 222 -28.50 -7.10 43.38
C GLU C 222 -27.47 -6.31 44.19
N LYS C 223 -27.92 -5.48 45.13
CA LYS C 223 -26.98 -4.76 45.99
C LYS C 223 -26.18 -5.73 46.85
N ILE C 224 -26.82 -6.78 47.35
CA ILE C 224 -26.09 -7.80 48.11
C ILE C 224 -25.09 -8.53 47.21
N LEU C 225 -25.51 -8.85 45.99
CA LEU C 225 -24.63 -9.58 45.08
C LEU C 225 -23.42 -8.75 44.64
N ASN C 226 -23.49 -7.43 44.77
CA ASN C 226 -22.40 -6.54 44.35
C ASN C 226 -21.52 -6.10 45.52
N THR C 227 -21.65 -6.74 46.68
CA THR C 227 -20.91 -6.33 47.86
C THR C 227 -19.51 -6.92 47.83
N LYS C 228 -18.52 -6.09 48.16
CA LYS C 228 -17.13 -6.54 48.24
C LYS C 228 -16.87 -7.23 49.56
N ILE C 229 -16.09 -8.31 49.51
CA ILE C 229 -15.71 -9.03 50.72
C ILE C 229 -14.23 -8.88 51.05
N LYS C 230 -13.37 -8.69 50.06
CA LYS C 230 -11.95 -8.48 50.32
C LYS C 230 -11.31 -7.85 49.09
N GLY C 231 -10.04 -7.47 49.24
CA GLY C 231 -9.28 -6.87 48.16
C GLY C 231 -9.46 -5.37 48.08
N VAL C 232 -8.66 -4.76 47.20
CA VAL C 232 -8.71 -3.33 46.96
C VAL C 232 -9.43 -3.08 45.65
N LYS C 233 -10.09 -1.91 45.56
CA LYS C 233 -10.88 -1.59 44.38
C LYS C 233 -9.99 -1.41 43.16
N GLY C 234 -10.53 -1.78 42.00
CA GLY C 234 -9.86 -1.62 40.73
C GLY C 234 -9.08 -2.82 40.26
N ILE C 235 -8.51 -3.59 41.18
CA ILE C 235 -7.71 -4.75 40.82
C ILE C 235 -8.64 -5.89 40.42
N LYS C 236 -8.38 -6.49 39.27
CA LYS C 236 -9.16 -7.64 38.81
C LYS C 236 -8.56 -8.96 39.27
N ARG C 237 -7.27 -9.18 38.98
CA ARG C 237 -6.60 -10.39 39.44
C ARG C 237 -5.11 -10.15 39.48
N ALA C 238 -4.44 -10.79 40.44
CA ALA C 238 -3.01 -10.64 40.66
C ALA C 238 -2.33 -12.00 40.53
N ILE C 239 -1.15 -12.00 39.91
CA ILE C 239 -0.41 -13.22 39.62
C ILE C 239 1.02 -13.06 40.13
N VAL C 240 1.49 -14.03 40.90
CA VAL C 240 2.84 -14.01 41.44
C VAL C 240 3.78 -14.63 40.41
N GLN C 241 4.89 -13.93 40.12
CA GLN C 241 5.88 -14.39 39.17
C GLN C 241 7.27 -14.25 39.75
N LYS C 242 8.22 -14.98 39.17
CA LYS C 242 9.62 -14.94 39.56
C LYS C 242 10.41 -14.26 38.47
N LYS C 243 11.09 -13.16 38.80
CA LYS C 243 11.92 -12.46 37.83
C LYS C 243 13.38 -12.90 37.92
N GLY C 244 14.00 -12.68 39.07
CA GLY C 244 15.35 -13.15 39.32
C GLY C 244 15.39 -14.12 40.48
N ASP C 245 15.93 -13.67 41.61
CA ASP C 245 15.86 -14.41 42.87
C ASP C 245 14.75 -13.89 43.77
N GLU C 246 13.88 -13.02 43.24
CA GLU C 246 12.82 -12.38 44.00
C GLU C 246 11.48 -12.68 43.36
N TYR C 247 10.42 -12.38 44.09
CA TYR C 247 9.05 -12.64 43.66
C TYR C 247 8.32 -11.31 43.51
N VAL C 248 7.64 -11.13 42.38
CA VAL C 248 6.91 -9.91 42.08
C VAL C 248 5.46 -10.28 41.81
N ILE C 249 4.59 -9.28 41.82
CA ILE C 249 3.17 -9.46 41.58
C ILE C 249 2.78 -8.62 40.37
N ILE C 250 2.19 -9.26 39.38
CA ILE C 250 1.66 -8.56 38.21
C ILE C 250 0.15 -8.47 38.35
N THR C 251 -0.38 -7.27 38.19
CA THR C 251 -1.76 -6.95 38.48
C THR C 251 -2.47 -6.44 37.24
N ASP C 252 -3.68 -6.95 37.01
CA ASP C 252 -4.52 -6.55 35.89
C ASP C 252 -5.29 -5.26 36.16
N GLY C 253 -5.18 -4.69 37.36
CA GLY C 253 -5.80 -3.43 37.68
C GLY C 253 -4.76 -2.41 38.11
N SER C 254 -5.21 -1.17 38.24
CA SER C 254 -4.34 -0.06 38.61
C SER C 254 -4.99 0.75 39.72
N ASN C 255 -4.40 0.70 40.92
CA ASN C 255 -4.82 1.55 42.03
C ASN C 255 -3.56 1.82 42.86
N LEU C 256 -2.89 2.94 42.56
CA LEU C 256 -1.57 3.18 43.13
C LEU C 256 -1.64 3.45 44.63
N GLU C 257 -2.53 4.35 45.05
CA GLU C 257 -2.59 4.72 46.46
C GLU C 257 -3.02 3.54 47.33
N GLY C 258 -4.00 2.77 46.86
CA GLY C 258 -4.43 1.61 47.62
C GLY C 258 -3.32 0.60 47.83
N ILE C 259 -2.51 0.37 46.79
CA ILE C 259 -1.39 -0.57 46.93
C ILE C 259 -0.32 0.01 47.85
N MET C 260 -0.08 1.32 47.77
CA MET C 260 0.85 1.94 48.72
C MET C 260 0.38 1.79 50.16
N ASN C 261 -0.95 1.75 50.37
CA ASN C 261 -1.47 1.53 51.71
C ASN C 261 -1.34 0.07 52.17
N VAL C 262 -1.12 -0.86 51.24
CA VAL C 262 -1.07 -2.27 51.58
C VAL C 262 0.26 -2.59 52.26
N THR C 263 0.19 -3.32 53.37
CA THR C 263 1.39 -3.72 54.08
C THR C 263 2.17 -4.75 53.28
N GLY C 264 3.50 -4.69 53.38
CA GLY C 264 4.37 -5.60 52.68
C GLY C 264 4.71 -5.22 51.26
N VAL C 265 4.47 -3.96 50.87
CA VAL C 265 4.71 -3.49 49.52
C VAL C 265 5.83 -2.46 49.57
N ASP C 266 6.83 -2.62 48.69
CA ASP C 266 7.93 -1.67 48.58
C ASP C 266 7.42 -0.44 47.83
N ILE C 267 7.18 0.65 48.56
CA ILE C 267 6.57 1.83 47.97
C ILE C 267 7.53 2.53 47.01
N ASN C 268 8.82 2.44 47.27
CA ASN C 268 9.82 3.18 46.48
C ASN C 268 10.21 2.46 45.19
N LYS C 269 9.66 1.28 44.93
CA LYS C 269 9.97 0.55 43.71
C LYS C 269 8.74 0.16 42.91
N ILE C 270 7.54 0.56 43.34
CA ILE C 270 6.33 0.21 42.60
C ILE C 270 6.32 0.94 41.27
N GLN C 271 5.92 0.22 40.21
CA GLN C 271 5.80 0.80 38.89
C GLN C 271 4.44 0.42 38.31
N THR C 272 3.84 1.36 37.58
CA THR C 272 2.48 1.21 37.08
C THR C 272 2.43 1.59 35.61
N ASN C 273 1.42 1.06 34.92
CA ASN C 273 1.17 1.36 33.52
C ASN C 273 0.48 2.68 33.30
N ASN C 274 -0.17 3.23 34.34
CA ASN C 274 -0.97 4.45 34.20
C ASN C 274 -0.09 5.68 34.40
N ILE C 275 -0.17 6.61 33.46
CA ILE C 275 0.67 7.81 33.52
C ILE C 275 -0.03 8.95 34.25
N HIS C 276 -1.34 9.08 34.09
CA HIS C 276 -2.06 10.13 34.82
C HIS C 276 -2.06 9.86 36.32
N GLU C 277 -2.16 8.59 36.71
CA GLU C 277 -2.14 8.24 38.13
C GLU C 277 -0.81 8.65 38.78
N VAL C 278 0.30 8.27 38.15
CA VAL C 278 1.61 8.63 38.70
C VAL C 278 1.85 10.13 38.59
N GLU C 279 1.29 10.78 37.56
CA GLU C 279 1.42 12.23 37.45
C GLU C 279 0.73 12.93 38.60
N GLU C 280 -0.46 12.46 38.99
CA GLU C 280 -1.17 13.07 40.11
C GLU C 280 -0.58 12.67 41.46
N VAL C 281 0.03 11.49 41.55
CA VAL C 281 0.54 10.99 42.83
C VAL C 281 1.98 11.43 43.04
N LEU C 282 2.84 11.26 42.04
CA LEU C 282 4.27 11.52 42.19
C LEU C 282 4.70 12.90 41.70
N GLY C 283 4.18 13.36 40.57
CA GLY C 283 4.51 14.68 40.06
C GLY C 283 4.61 14.66 38.56
N ILE C 284 5.16 15.75 38.01
CA ILE C 284 5.25 15.89 36.56
C ILE C 284 6.55 15.31 36.01
N GLU C 285 7.66 15.42 36.76
CA GLU C 285 8.91 14.83 36.29
C GLU C 285 8.83 13.30 36.26
N ALA C 286 8.16 12.72 37.25
CA ALA C 286 7.94 11.28 37.25
C ALA C 286 7.09 10.87 36.05
N ALA C 287 6.09 11.66 35.70
CA ALA C 287 5.30 11.38 34.52
C ALA C 287 6.14 11.48 33.25
N ARG C 288 7.04 12.46 33.19
CA ARG C 288 7.94 12.58 32.05
C ARG C 288 8.80 11.34 31.89
N GLU C 289 9.42 10.90 32.99
CA GLU C 289 10.26 9.71 32.95
C GLU C 289 9.45 8.48 32.57
N LEU C 290 8.23 8.36 33.08
CA LEU C 290 7.40 7.22 32.75
C LEU C 290 7.00 7.22 31.29
N ILE C 291 6.71 8.39 30.72
CA ILE C 291 6.41 8.46 29.30
C ILE C 291 7.59 8.01 28.47
N SER C 292 8.79 8.47 28.84
CA SER C 292 9.99 8.03 28.12
C SER C 292 10.15 6.52 28.20
N ARG C 293 10.00 5.95 29.39
CA ARG C 293 10.18 4.51 29.56
C ARG C 293 9.11 3.73 28.80
N GLU C 294 7.87 4.21 28.81
CA GLU C 294 6.81 3.51 28.11
C GLU C 294 7.04 3.50 26.61
N ILE C 295 7.44 4.64 26.04
CA ILE C 295 7.71 4.67 24.61
C ILE C 295 8.88 3.78 24.25
N LYS C 296 9.94 3.80 25.09
CA LYS C 296 11.08 2.94 24.84
C LYS C 296 10.70 1.46 24.88
N LYS C 297 9.88 1.07 25.86
CA LYS C 297 9.46 -0.32 25.96
C LYS C 297 8.58 -0.73 24.78
N VAL C 298 7.70 0.16 24.34
CA VAL C 298 6.84 -0.15 23.21
C VAL C 298 7.67 -0.34 21.94
N LEU C 299 8.67 0.53 21.73
CA LEU C 299 9.47 0.42 20.51
C LEU C 299 10.41 -0.78 20.57
N GLU C 300 10.98 -1.07 21.75
CA GLU C 300 11.95 -2.14 21.87
C GLU C 300 11.30 -3.51 21.69
N GLU C 301 10.07 -3.68 22.17
CA GLU C 301 9.40 -4.96 22.06
C GLU C 301 9.17 -5.35 20.60
N GLN C 302 8.79 -4.40 19.77
CA GLN C 302 8.57 -4.67 18.35
C GLN C 302 9.86 -4.93 17.60
N GLY C 303 11.01 -4.69 18.21
CA GLY C 303 12.28 -4.88 17.53
C GLY C 303 12.72 -3.72 16.67
N LEU C 304 12.20 -2.53 16.92
CA LEU C 304 12.54 -1.33 16.16
C LEU C 304 13.51 -0.47 16.96
N ASP C 305 14.49 0.12 16.27
CA ASP C 305 15.54 0.91 16.90
C ASP C 305 15.27 2.39 16.67
N VAL C 306 15.10 3.13 17.76
CA VAL C 306 14.92 4.57 17.72
C VAL C 306 15.82 5.18 18.78
N ASP C 307 16.52 6.25 18.43
CA ASP C 307 17.42 6.90 19.37
C ASP C 307 16.65 7.49 20.55
N MET C 308 17.30 7.51 21.71
CA MET C 308 16.66 8.01 22.92
C MET C 308 16.47 9.52 22.90
N ARG C 309 17.24 10.25 22.10
CA ARG C 309 17.12 11.70 22.07
C ARG C 309 15.76 12.14 21.52
N HIS C 310 15.26 11.44 20.49
CA HIS C 310 13.94 11.77 19.96
C HIS C 310 12.85 11.55 21.01
N ILE C 311 12.94 10.44 21.73
CA ILE C 311 11.96 10.13 22.76
C ILE C 311 12.01 11.15 23.87
N VAL C 312 13.22 11.55 24.28
CA VAL C 312 13.36 12.57 25.32
C VAL C 312 12.76 13.89 24.86
N LEU C 313 12.98 14.26 23.59
CA LEU C 313 12.44 15.52 23.08
C LEU C 313 10.92 15.50 23.05
N VAL C 314 10.31 14.41 22.57
CA VAL C 314 8.85 14.37 22.52
C VAL C 314 8.27 14.32 23.93
N SER C 315 8.94 13.63 24.85
CA SER C 315 8.49 13.63 26.24
C SER C 315 8.58 15.02 26.86
N ASP C 316 9.63 15.77 26.54
CA ASP C 316 9.77 17.12 27.05
C ASP C 316 8.68 18.03 26.50
N ILE C 317 8.40 17.95 25.20
CA ILE C 317 7.39 18.82 24.62
C ILE C 317 6.00 18.42 25.09
N MET C 318 5.79 17.16 25.47
CA MET C 318 4.46 16.72 25.88
C MET C 318 4.09 17.20 27.28
N THR C 319 5.08 17.39 28.16
CA THR C 319 4.79 17.82 29.53
C THR C 319 5.36 19.20 29.81
N ARG C 320 5.24 20.11 28.85
CA ARG C 320 5.87 21.43 29.01
C ARG C 320 5.11 22.33 29.98
N THR C 321 3.77 22.32 29.94
CA THR C 321 2.96 23.31 30.63
C THR C 321 2.68 22.95 32.09
N GLY C 322 3.50 22.11 32.70
CA GLY C 322 3.32 21.72 34.07
C GLY C 322 2.42 20.52 34.28
N ASP C 323 1.77 20.03 33.23
CA ASP C 323 0.95 18.82 33.32
C ASP C 323 0.87 18.18 31.94
N ILE C 324 0.48 16.92 31.92
CA ILE C 324 0.44 16.16 30.68
C ILE C 324 -0.68 16.69 29.80
N ARG C 325 -0.35 16.97 28.54
CA ARG C 325 -1.31 17.47 27.56
C ARG C 325 -1.28 16.59 26.33
N GLN C 326 -2.45 16.36 25.75
CA GLN C 326 -2.52 15.63 24.49
C GLN C 326 -1.74 16.40 23.42
N ILE C 327 -0.89 15.68 22.69
CA ILE C 327 0.02 16.34 21.76
C ILE C 327 -0.69 16.92 20.55
N GLY C 328 -1.94 16.56 20.33
CA GLY C 328 -2.67 16.99 19.15
C GLY C 328 -3.56 18.19 19.41
N ARG C 329 -4.86 17.96 19.57
CA ARG C 329 -5.81 19.05 19.72
C ARG C 329 -5.47 19.95 20.91
N HIS C 330 -4.78 19.41 21.92
CA HIS C 330 -4.41 20.18 23.09
C HIS C 330 -2.94 20.54 23.15
N GLY C 331 -2.09 19.93 22.32
CA GLY C 331 -0.68 20.25 22.31
C GLY C 331 -0.28 21.05 21.09
N VAL C 332 -1.14 21.09 20.09
CA VAL C 332 -0.93 21.93 18.91
C VAL C 332 -1.63 23.25 19.15
N THR C 333 -2.95 23.21 19.33
CA THR C 333 -3.73 24.43 19.49
C THR C 333 -3.43 25.14 20.81
N GLY C 334 -2.91 24.41 21.79
CA GLY C 334 -2.58 25.04 23.07
C GLY C 334 -1.51 26.09 22.95
N GLU C 335 -0.46 25.79 22.18
CA GLU C 335 0.67 26.70 22.00
C GLU C 335 0.86 27.06 20.52
N LYS C 336 -0.21 26.99 19.74
CA LYS C 336 -0.11 27.30 18.31
C LYS C 336 0.20 28.78 18.11
N SER C 337 -0.55 29.66 18.75
CA SER C 337 -0.44 31.11 18.60
C SER C 337 -0.61 31.54 17.14
N SER C 338 -1.18 30.69 16.30
CA SER C 338 -1.40 30.99 14.90
C SER C 338 -2.80 30.52 14.51
N VAL C 339 -3.47 31.31 13.69
CA VAL C 339 -4.83 30.99 13.29
C VAL C 339 -4.85 30.16 12.00
N LEU C 340 -4.05 30.55 11.01
CA LEU C 340 -4.04 29.83 9.74
C LEU C 340 -3.55 28.40 9.90
N ALA C 341 -2.49 28.21 10.68
CA ALA C 341 -1.98 26.85 10.90
C ALA C 341 -2.99 26.00 11.65
N ARG C 342 -3.63 26.57 12.67
CA ARG C 342 -4.64 25.83 13.41
C ARG C 342 -5.85 25.52 12.54
N ALA C 343 -6.27 26.47 11.70
CA ALA C 343 -7.41 26.24 10.82
C ALA C 343 -7.07 25.28 9.69
N ALA C 344 -5.78 25.10 9.38
CA ALA C 344 -5.37 24.14 8.37
C ALA C 344 -5.11 22.76 8.94
N PHE C 345 -4.81 22.67 10.23
CA PHE C 345 -4.61 21.36 10.87
C PHE C 345 -5.87 20.51 10.73
N GLU C 346 -6.97 20.97 11.29
CA GLU C 346 -8.29 20.37 11.05
C GLU C 346 -9.08 21.33 10.18
N VAL C 347 -9.72 20.80 9.14
CA VAL C 347 -10.37 21.64 8.15
C VAL C 347 -11.71 22.12 8.68
N THR C 348 -11.68 23.26 9.37
CA THR C 348 -12.87 23.86 9.95
C THR C 348 -12.78 25.37 9.83
N VAL C 349 -13.95 26.01 9.85
CA VAL C 349 -14.04 27.46 9.88
C VAL C 349 -14.40 27.99 11.26
N LYS C 350 -14.56 27.10 12.25
CA LYS C 350 -14.90 27.54 13.60
C LYS C 350 -13.79 28.41 14.19
N HIS C 351 -12.54 28.01 13.99
CA HIS C 351 -11.42 28.79 14.53
C HIS C 351 -11.34 30.16 13.88
N LEU C 352 -11.56 30.22 12.56
CA LEU C 352 -11.53 31.51 11.87
C LEU C 352 -12.65 32.43 12.38
N LEU C 353 -13.85 31.87 12.58
CA LEU C 353 -14.95 32.68 13.10
C LEU C 353 -14.66 33.16 14.51
N ASP C 354 -14.07 32.30 15.36
CA ASP C 354 -13.71 32.72 16.69
C ASP C 354 -12.68 33.84 16.66
N ALA C 355 -11.67 33.72 15.79
CA ALA C 355 -10.65 34.75 15.69
C ALA C 355 -11.24 36.06 15.20
N ALA C 356 -12.16 36.00 14.24
CA ALA C 356 -12.82 37.21 13.77
C ALA C 356 -13.65 37.85 14.86
N ALA C 357 -14.38 37.04 15.63
CA ALA C 357 -15.21 37.57 16.69
C ALA C 357 -14.37 38.22 17.78
N ARG C 358 -13.25 37.60 18.15
CA ARG C 358 -12.39 38.16 19.18
C ARG C 358 -11.39 39.18 18.63
N GLY C 359 -11.34 39.38 17.33
CA GLY C 359 -10.41 40.33 16.74
C GLY C 359 -8.96 39.96 16.93
N GLU C 360 -8.63 38.67 16.73
CA GLU C 360 -7.26 38.22 16.92
C GLU C 360 -6.37 38.66 15.75
N ARG C 361 -5.06 38.61 15.99
CA ARG C 361 -4.07 39.05 15.03
C ARG C 361 -3.03 37.95 14.83
N GLU C 362 -2.58 37.78 13.59
CA GLU C 362 -1.57 36.80 13.25
C GLU C 362 -0.24 37.48 12.98
N GLU C 363 0.84 36.81 13.37
CA GLU C 363 2.19 37.36 13.23
C GLU C 363 3.08 36.60 12.26
N PHE C 364 2.65 35.44 11.76
CA PHE C 364 3.42 34.65 10.80
C PHE C 364 4.79 34.28 11.36
N LYS C 365 4.80 33.74 12.58
CA LYS C 365 6.05 33.34 13.22
C LYS C 365 6.48 31.92 12.86
N GLY C 366 5.52 31.02 12.63
CA GLY C 366 5.83 29.63 12.38
C GLY C 366 6.19 29.36 10.93
N VAL C 367 6.14 28.08 10.57
CA VAL C 367 6.55 27.64 9.24
C VAL C 367 5.36 27.29 8.36
N ILE C 368 4.25 26.82 8.92
CA ILE C 368 3.11 26.41 8.10
C ILE C 368 2.46 27.62 7.44
N GLU C 369 2.26 28.69 8.20
CA GLU C 369 1.60 29.87 7.65
C GLU C 369 2.45 30.54 6.58
N ASN C 370 3.77 30.60 6.80
CA ASN C 370 4.66 31.19 5.80
C ASN C 370 4.62 30.42 4.50
N ILE C 371 4.57 29.08 4.58
CA ILE C 371 4.45 28.27 3.38
C ILE C 371 3.09 28.49 2.72
N ILE C 372 2.05 28.66 3.55
CA ILE C 372 0.70 28.85 3.00
C ILE C 372 0.62 30.15 2.21
N ILE C 373 1.18 31.23 2.75
CA ILE C 373 1.09 32.49 2.03
C ILE C 373 2.21 32.64 1.00
N GLY C 374 3.34 31.96 1.20
CA GLY C 374 4.39 31.96 0.20
C GLY C 374 5.65 32.70 0.60
N GLN C 375 5.98 32.73 1.89
CA GLN C 375 7.20 33.36 2.35
C GLN C 375 8.21 32.30 2.79
N PRO C 376 9.51 32.58 2.65
CA PRO C 376 10.51 31.59 3.07
C PRO C 376 10.45 31.33 4.56
N ILE C 377 10.69 30.07 4.93
CA ILE C 377 10.70 29.69 6.34
C ILE C 377 12.01 30.14 6.98
N ARG C 378 12.06 30.07 8.31
CA ARG C 378 13.20 30.55 9.08
C ARG C 378 13.95 29.37 9.72
N LEU C 379 13.99 28.25 9.03
CA LEU C 379 14.74 27.07 9.44
C LEU C 379 15.74 26.70 8.36
N GLY C 380 16.82 26.04 8.76
CA GLY C 380 17.81 25.60 7.81
C GLY C 380 18.58 26.74 7.18
N THR C 381 18.40 26.92 5.87
CA THR C 381 19.07 28.01 5.17
C THR C 381 18.41 29.36 5.38
N GLY C 382 17.24 29.40 6.03
CA GLY C 382 16.62 30.66 6.38
C GLY C 382 17.17 31.32 7.62
N ILE C 383 18.05 30.64 8.35
CA ILE C 383 18.67 31.22 9.54
C ILE C 383 19.95 31.96 9.22
N VAL C 384 20.42 31.92 7.98
CA VAL C 384 21.74 32.42 7.61
C VAL C 384 21.60 33.81 7.00
N GLU C 385 22.40 34.75 7.48
CA GLU C 385 22.44 36.12 6.96
C GLU C 385 23.79 36.38 6.33
N LEU C 386 23.77 36.91 5.11
CA LEU C 386 24.98 37.12 4.32
C LEU C 386 25.21 38.61 4.10
N THR C 387 26.48 39.02 4.13
CA THR C 387 26.90 40.36 3.73
C THR C 387 28.08 40.23 2.78
N MET C 388 28.11 41.07 1.77
CA MET C 388 29.12 40.98 0.72
C MET C 388 29.70 42.36 0.44
N LYS C 389 30.95 42.37 -0.04
CA LYS C 389 31.63 43.58 -0.48
C LYS C 389 31.85 43.50 -1.98
N PRO C 390 30.93 44.02 -2.79
CA PRO C 390 31.11 43.94 -4.25
C PRO C 390 32.28 44.73 -4.77
N ASN C 391 32.75 45.74 -4.05
CA ASN C 391 33.87 46.55 -4.52
C ASN C 391 35.16 45.74 -4.57
N MET C 392 35.36 44.82 -3.62
CA MET C 392 36.55 43.98 -3.59
C MET C 392 36.43 42.86 -4.63
N ARG C 393 36.40 43.28 -5.90
CA ARG C 393 36.28 42.38 -7.05
C ARG C 393 34.98 41.56 -7.03
N MET D 1 46.67 -27.63 -35.63
CA MET D 1 45.37 -27.24 -35.09
C MET D 1 44.23 -27.82 -35.92
N PRO D 2 44.12 -29.14 -35.98
CA PRO D 2 43.16 -29.76 -36.90
C PRO D 2 41.73 -29.60 -36.41
N ILE D 3 40.80 -29.83 -37.35
CA ILE D 3 39.38 -29.83 -37.08
C ILE D 3 38.83 -31.19 -37.48
N SER D 4 38.17 -31.86 -36.54
CA SER D 4 37.61 -33.19 -36.78
C SER D 4 36.09 -33.09 -36.85
N LEU D 5 35.48 -34.05 -37.54
CA LEU D 5 34.03 -34.11 -37.71
C LEU D 5 33.47 -35.28 -36.92
N ILE D 6 32.37 -35.03 -36.21
CA ILE D 6 31.69 -36.07 -35.44
C ILE D 6 30.49 -36.62 -36.18
N GLU D 7 29.61 -35.74 -36.67
CA GLU D 7 28.37 -36.15 -37.29
C GLU D 7 27.91 -35.07 -38.25
N ARG D 8 27.21 -35.49 -39.30
CA ARG D 8 26.65 -34.57 -40.29
C ARG D 8 25.26 -35.06 -40.65
N ASN D 9 24.25 -34.52 -39.98
CA ASN D 9 22.86 -34.81 -40.27
C ASN D 9 22.37 -33.88 -41.37
N GLY D 10 21.06 -33.83 -41.59
CA GLY D 10 20.52 -32.93 -42.60
C GLY D 10 20.80 -31.48 -42.31
N LEU D 11 20.63 -31.07 -41.05
CA LEU D 11 20.84 -29.68 -40.66
C LEU D 11 21.83 -29.50 -39.52
N ARG D 12 22.33 -30.58 -38.92
CA ARG D 12 23.23 -30.48 -37.79
C ARG D 12 24.66 -30.73 -38.22
N LEU D 13 25.61 -30.08 -37.53
CA LEU D 13 27.02 -30.27 -37.80
C LEU D 13 27.78 -30.15 -36.49
N ARG D 14 28.56 -31.18 -36.17
CA ARG D 14 29.32 -31.24 -34.92
C ARG D 14 30.79 -31.44 -35.22
N LEU D 15 31.62 -30.58 -34.65
CA LEU D 15 33.05 -30.58 -34.93
C LEU D 15 33.85 -30.54 -33.64
N VAL D 16 35.08 -31.01 -33.72
CA VAL D 16 36.05 -30.96 -32.63
C VAL D 16 37.19 -30.05 -33.06
N LEU D 17 37.46 -29.03 -32.25
CA LEU D 17 38.54 -28.08 -32.49
C LEU D 17 39.65 -28.36 -31.48
N GLU D 18 40.88 -28.47 -31.96
CA GLU D 18 41.94 -29.09 -31.18
C GLU D 18 43.00 -28.12 -30.68
N ASN D 19 43.26 -27.01 -31.36
CA ASN D 19 44.22 -26.02 -30.88
C ASN D 19 43.70 -24.60 -31.07
N TYR D 20 42.44 -24.37 -30.70
CA TYR D 20 41.94 -23.00 -30.75
C TYR D 20 41.59 -22.53 -29.34
N PRO D 21 41.81 -21.26 -29.04
CA PRO D 21 41.41 -20.74 -27.72
C PRO D 21 39.90 -20.66 -27.61
N LEU D 22 39.43 -20.71 -26.36
CA LEU D 22 37.99 -20.68 -26.11
C LEU D 22 37.35 -19.40 -26.60
N GLU D 23 38.07 -18.29 -26.53
CA GLU D 23 37.50 -17.01 -26.97
C GLU D 23 37.17 -17.03 -28.45
N PHE D 24 38.06 -17.57 -29.28
CA PHE D 24 37.80 -17.62 -30.71
C PHE D 24 36.62 -18.52 -31.04
N VAL D 25 36.53 -19.68 -30.37
CA VAL D 25 35.43 -20.60 -30.63
C VAL D 25 34.10 -19.97 -30.22
N ASN D 26 34.08 -19.31 -29.06
CA ASN D 26 32.85 -18.63 -28.64
C ASN D 26 32.49 -17.50 -29.59
N SER D 27 33.49 -16.79 -30.12
CA SER D 27 33.21 -15.73 -31.08
C SER D 27 32.60 -16.30 -32.35
N ILE D 28 33.11 -17.44 -32.82
CA ILE D 28 32.53 -18.09 -34.00
C ILE D 28 31.09 -18.51 -33.70
N ARG D 29 30.86 -19.05 -32.50
CA ARG D 29 29.51 -19.47 -32.11
C ARG D 29 28.55 -18.29 -32.10
N ARG D 30 28.97 -17.14 -31.58
CA ARG D 30 28.10 -15.98 -31.53
C ARG D 30 27.88 -15.37 -32.92
N ALA D 31 28.93 -15.34 -33.75
CA ALA D 31 28.78 -14.78 -35.08
C ALA D 31 27.96 -15.67 -36.00
N SER D 32 27.89 -16.97 -35.73
CA SER D 32 27.00 -17.83 -36.49
C SER D 32 25.55 -17.41 -36.32
N ILE D 33 25.23 -16.72 -35.23
CA ILE D 33 23.88 -16.22 -35.00
C ILE D 33 23.75 -14.76 -35.44
N LEU D 34 24.74 -13.93 -35.12
CA LEU D 34 24.57 -12.49 -35.23
C LEU D 34 24.97 -11.91 -36.58
N TYR D 35 26.06 -12.40 -37.19
CA TYR D 35 26.62 -11.72 -38.34
C TYR D 35 26.68 -12.57 -39.60
N VAL D 36 25.59 -13.29 -39.91
CA VAL D 36 25.48 -14.03 -41.15
C VAL D 36 24.19 -13.60 -41.83
N PRO D 37 24.22 -13.15 -43.08
CA PRO D 37 23.02 -12.61 -43.73
C PRO D 37 22.18 -13.67 -44.43
N VAL D 38 20.87 -13.54 -44.27
CA VAL D 38 19.88 -14.37 -44.95
C VAL D 38 18.75 -13.49 -45.46
N MET D 39 17.93 -14.07 -46.35
CA MET D 39 16.76 -13.39 -46.88
C MET D 39 15.57 -13.57 -45.94
N ALA D 40 14.85 -12.47 -45.71
CA ALA D 40 13.63 -12.51 -44.92
C ALA D 40 12.74 -11.36 -45.36
N VAL D 41 11.45 -11.49 -45.08
CA VAL D 41 10.49 -10.47 -45.47
C VAL D 41 10.69 -9.23 -44.61
N ASP D 42 10.83 -8.08 -45.27
CA ASP D 42 11.06 -6.81 -44.58
C ASP D 42 9.81 -5.95 -44.51
N GLU D 43 9.05 -5.85 -45.60
CA GLU D 43 7.82 -5.07 -45.63
C GLU D 43 6.78 -5.82 -46.43
N VAL D 44 5.51 -5.56 -46.11
CA VAL D 44 4.38 -6.18 -46.79
C VAL D 44 3.45 -5.07 -47.28
N TYR D 45 3.04 -5.16 -48.54
CA TYR D 45 2.11 -4.21 -49.14
C TYR D 45 0.75 -4.88 -49.23
N PHE D 46 -0.19 -4.42 -48.41
CA PHE D 46 -1.49 -5.05 -48.30
C PHE D 46 -2.51 -4.35 -49.19
N ILE D 47 -3.22 -5.12 -49.99
CA ILE D 47 -4.30 -4.63 -50.83
C ILE D 47 -5.66 -5.05 -50.28
N GLU D 48 -5.80 -6.33 -49.93
CA GLU D 48 -7.03 -6.84 -49.32
C GLU D 48 -6.66 -7.79 -48.20
N ASN D 49 -7.53 -7.84 -47.19
CA ASN D 49 -7.36 -8.78 -46.09
C ASN D 49 -8.69 -8.92 -45.36
N ASN D 50 -9.27 -10.12 -45.42
CA ASN D 50 -10.48 -10.44 -44.67
C ASN D 50 -10.28 -11.57 -43.68
N SER D 51 -9.06 -12.10 -43.57
CA SER D 51 -8.79 -13.23 -42.71
C SER D 51 -8.92 -12.84 -41.24
N PRO D 52 -9.08 -13.82 -40.35
CA PRO D 52 -9.10 -13.49 -38.91
C PRO D 52 -7.83 -12.82 -38.42
N LEU D 53 -6.71 -13.05 -39.08
CA LEU D 53 -5.45 -12.44 -38.67
C LEU D 53 -5.39 -11.00 -39.17
N TYR D 54 -4.90 -10.11 -38.30
CA TYR D 54 -4.73 -8.72 -38.68
C TYR D 54 -3.51 -8.56 -39.58
N ASP D 55 -3.34 -7.35 -40.11
CA ASP D 55 -2.24 -7.10 -41.03
C ASP D 55 -0.89 -7.28 -40.35
N GLU D 56 -0.73 -6.78 -39.12
CA GLU D 56 0.54 -6.90 -38.44
C GLU D 56 0.87 -8.36 -38.12
N ILE D 57 -0.13 -9.13 -37.68
CA ILE D 57 0.09 -10.54 -37.37
C ILE D 57 0.46 -11.30 -38.62
N LEU D 58 -0.25 -11.06 -39.72
CA LEU D 58 0.06 -11.73 -40.98
C LEU D 58 1.46 -11.37 -41.47
N ALA D 59 1.84 -10.10 -41.35
CA ALA D 59 3.18 -9.69 -41.74
C ALA D 59 4.25 -10.37 -40.90
N HIS D 60 4.00 -10.48 -39.59
CA HIS D 60 4.95 -11.18 -38.71
C HIS D 60 5.08 -12.64 -39.10
N ARG D 61 3.94 -13.31 -39.36
CA ARG D 61 3.99 -14.71 -39.77
C ARG D 61 4.76 -14.88 -41.07
N LEU D 62 4.55 -13.99 -42.03
CA LEU D 62 5.30 -14.06 -43.28
C LEU D 62 6.79 -13.83 -43.04
N ALA D 63 7.14 -12.88 -42.17
CA ALA D 63 8.54 -12.60 -41.91
C ALA D 63 9.24 -13.78 -41.26
N LEU D 64 8.53 -14.54 -40.40
CA LEU D 64 9.16 -15.66 -39.73
C LEU D 64 9.40 -16.86 -40.65
N VAL D 65 8.87 -16.84 -41.87
CA VAL D 65 9.05 -17.94 -42.81
C VAL D 65 10.46 -17.88 -43.40
N PRO D 66 11.26 -18.94 -43.29
CA PRO D 66 12.61 -18.92 -43.86
C PRO D 66 12.61 -19.20 -45.35
N PHE D 67 13.47 -18.47 -46.07
CA PHE D 67 13.65 -18.61 -47.50
C PHE D 67 15.05 -19.12 -47.80
N VAL D 68 15.20 -19.74 -48.97
CA VAL D 68 16.48 -20.33 -49.35
C VAL D 68 17.41 -19.23 -49.86
N SER D 69 18.16 -18.62 -48.95
CA SER D 69 19.09 -17.55 -49.30
C SER D 69 20.51 -18.09 -49.43
N ASP D 70 20.68 -19.07 -50.33
CA ASP D 70 21.98 -19.68 -50.56
C ASP D 70 22.68 -19.11 -51.78
N GLU D 71 21.97 -18.99 -52.90
CA GLU D 71 22.50 -18.37 -54.10
C GLU D 71 22.33 -16.86 -54.12
N ALA D 72 21.56 -16.30 -53.19
CA ALA D 72 21.30 -14.87 -53.15
C ALA D 72 22.40 -14.07 -52.48
N LEU D 73 23.34 -14.72 -51.81
CA LEU D 73 24.43 -14.00 -51.17
C LEU D 73 25.43 -13.43 -52.17
N GLU D 74 25.33 -13.79 -53.45
CA GLU D 74 26.25 -13.31 -54.47
C GLU D 74 25.61 -12.37 -55.47
N HIS D 75 24.29 -12.21 -55.44
CA HIS D 75 23.60 -11.33 -56.39
C HIS D 75 22.91 -10.15 -55.73
N TYR D 76 22.83 -10.11 -54.41
CA TYR D 76 22.13 -9.04 -53.70
C TYR D 76 23.08 -8.33 -52.74
N ARG D 77 22.88 -7.03 -52.61
CA ARG D 77 23.77 -6.23 -51.79
C ARG D 77 23.55 -6.52 -50.31
N PRO D 78 24.62 -6.64 -49.53
CA PRO D 78 24.46 -6.92 -48.10
C PRO D 78 24.00 -5.70 -47.35
N PRO D 79 23.45 -5.87 -46.13
CA PRO D 79 23.01 -4.69 -45.36
C PRO D 79 24.13 -3.73 -45.03
N GLU D 80 25.35 -4.22 -44.87
CA GLU D 80 26.48 -3.34 -44.55
C GLU D 80 26.71 -2.31 -45.66
N GLU D 81 26.40 -2.67 -46.89
CA GLU D 81 26.52 -1.76 -48.02
C GLU D 81 25.30 -0.83 -48.00
N CYS D 82 25.11 -0.05 -49.06
CA CYS D 82 23.94 0.82 -49.15
C CYS D 82 22.64 0.03 -49.09
N ALA D 83 22.64 -1.20 -49.62
CA ALA D 83 21.48 -2.07 -49.62
C ALA D 83 20.26 -1.39 -50.26
N GLU D 87 18.73 1.04 -48.95
CA GLU D 87 17.37 1.53 -48.72
C GLU D 87 16.74 2.01 -50.01
N ASN D 88 17.52 1.96 -51.10
CA ASN D 88 17.07 2.43 -52.40
C ASN D 88 17.89 1.70 -53.46
N CYS D 89 17.88 2.22 -54.69
CA CYS D 89 18.63 1.66 -55.81
C CYS D 89 18.22 0.20 -56.05
N ASP D 90 16.96 0.07 -56.47
CA ASP D 90 16.35 -1.24 -56.67
C ASP D 90 17.27 -2.17 -57.46
N GLY D 91 17.16 -3.46 -57.15
CA GLY D 91 18.16 -4.45 -57.49
C GLY D 91 18.71 -5.17 -56.28
N CYS D 92 18.23 -4.84 -55.08
CA CYS D 92 18.60 -5.52 -53.85
C CYS D 92 17.38 -6.03 -53.10
N TYR D 93 16.18 -5.89 -53.65
CA TYR D 93 14.95 -6.35 -53.03
C TYR D 93 14.29 -7.40 -53.92
N ASN D 94 13.95 -8.53 -53.33
CA ASN D 94 13.13 -9.52 -54.01
C ASN D 94 11.66 -9.28 -53.71
N ARG D 95 10.78 -9.77 -54.58
CA ARG D 95 9.35 -9.53 -54.42
C ARG D 95 8.61 -10.86 -54.51
N VAL D 96 7.72 -11.11 -53.55
CA VAL D 96 6.85 -12.28 -53.58
C VAL D 96 5.40 -11.80 -53.47
N TYR D 97 4.49 -12.62 -53.98
CA TYR D 97 3.08 -12.28 -54.04
C TYR D 97 2.25 -13.37 -53.38
N LEU D 98 1.10 -12.98 -52.86
CA LEU D 98 0.15 -13.95 -52.31
C LEU D 98 -1.26 -13.45 -52.61
N ASP D 99 -2.00 -14.16 -53.45
CA ASP D 99 -3.35 -13.80 -53.82
C ASP D 99 -4.19 -15.07 -53.73
N VAL D 100 -5.00 -15.18 -52.68
CA VAL D 100 -5.82 -16.36 -52.44
C VAL D 100 -7.23 -15.93 -52.09
N GLU D 101 -8.17 -16.88 -52.25
CA GLU D 101 -9.56 -16.62 -51.94
C GLU D 101 -10.27 -17.95 -51.68
N ALA D 102 -11.16 -17.96 -50.71
CA ALA D 102 -11.98 -19.13 -50.40
C ALA D 102 -13.38 -18.94 -50.94
N LYS D 103 -13.93 -20.01 -51.50
CA LYS D 103 -15.21 -19.91 -52.20
C LYS D 103 -16.40 -20.24 -51.29
N ASP D 104 -16.44 -21.45 -50.76
CA ASP D 104 -17.58 -21.88 -49.96
C ASP D 104 -17.18 -22.57 -48.68
N GLN D 105 -15.97 -23.11 -48.58
CA GLN D 105 -15.52 -23.85 -47.42
C GLN D 105 -14.25 -23.24 -46.87
N PRO D 106 -13.97 -23.41 -45.59
CA PRO D 106 -12.71 -22.91 -45.04
C PRO D 106 -11.52 -23.52 -45.75
N LEU D 107 -10.50 -22.70 -45.98
CA LEU D 107 -9.33 -23.08 -46.76
C LEU D 107 -8.07 -22.64 -46.03
N MET D 108 -7.12 -23.56 -45.86
CA MET D 108 -5.85 -23.24 -45.23
C MET D 108 -4.85 -22.83 -46.31
N ILE D 109 -4.09 -21.78 -46.05
CA ILE D 109 -3.10 -21.27 -46.98
C ILE D 109 -1.72 -21.70 -46.50
N TYR D 110 -0.99 -22.40 -47.34
CA TYR D 110 0.33 -22.89 -47.02
C TYR D 110 1.40 -22.04 -47.70
N SER D 111 2.65 -22.26 -47.28
CA SER D 111 3.76 -21.49 -47.83
C SER D 111 4.04 -21.81 -49.29
N ARG D 112 3.44 -22.87 -49.84
CA ARG D 112 3.58 -23.18 -51.25
C ARG D 112 2.77 -22.25 -52.13
N ASP D 113 1.90 -21.42 -51.56
CA ASP D 113 1.09 -20.48 -52.30
C ASP D 113 1.80 -19.15 -52.54
N LEU D 114 3.00 -18.97 -52.00
CA LEU D 114 3.76 -17.74 -52.21
C LEU D 114 4.51 -17.83 -53.53
N LYS D 115 4.18 -16.94 -54.47
CA LYS D 115 4.82 -16.90 -55.78
C LYS D 115 5.94 -15.88 -55.74
N SER D 116 7.16 -16.31 -56.04
CA SER D 116 8.33 -15.46 -55.97
C SER D 116 8.72 -14.96 -57.35
N GLU D 117 9.07 -13.68 -57.44
CA GLU D 117 9.49 -13.10 -58.70
C GLU D 117 10.80 -13.72 -59.18
N ASP D 118 11.74 -13.95 -58.26
CA ASP D 118 13.02 -14.57 -58.56
C ASP D 118 12.98 -16.03 -58.15
N GLN D 119 13.26 -16.93 -59.10
CA GLN D 119 12.95 -18.34 -58.91
C GLN D 119 13.92 -19.08 -58.00
N MET D 120 15.11 -18.56 -57.77
CA MET D 120 16.07 -19.25 -56.93
C MET D 120 15.88 -18.95 -55.44
N ILE D 121 14.94 -18.09 -55.10
CA ILE D 121 14.62 -17.77 -53.71
C ILE D 121 13.19 -18.26 -53.46
N THR D 122 13.08 -19.40 -52.78
CA THR D 122 11.81 -20.05 -52.49
C THR D 122 11.77 -20.40 -51.01
N PRO D 123 10.58 -20.60 -50.45
CA PRO D 123 10.50 -21.04 -49.05
C PRO D 123 11.18 -22.39 -48.86
N VAL D 124 11.76 -22.57 -47.68
CA VAL D 124 12.47 -23.82 -47.39
C VAL D 124 11.50 -24.99 -47.42
N SER D 125 10.33 -24.83 -46.81
CA SER D 125 9.31 -25.87 -46.76
C SER D 125 8.01 -25.32 -47.30
N GLY D 126 7.33 -26.13 -48.11
CA GLY D 126 6.07 -25.75 -48.71
C GLY D 126 4.84 -26.13 -47.91
N ALA D 127 5.00 -26.65 -46.70
CA ALA D 127 3.88 -27.13 -45.90
C ALA D 127 3.74 -26.37 -44.59
N ILE D 128 4.02 -25.08 -44.61
CA ILE D 128 3.90 -24.23 -43.42
C ILE D 128 2.55 -23.53 -43.47
N PRO D 129 1.64 -23.80 -42.53
CA PRO D 129 0.34 -23.12 -42.55
C PRO D 129 0.49 -21.66 -42.19
N ILE D 130 -0.13 -20.79 -43.00
CA ILE D 130 -0.01 -19.36 -42.80
C ILE D 130 -1.28 -18.80 -42.17
N VAL D 131 -2.43 -19.04 -42.80
CA VAL D 131 -3.69 -18.49 -42.32
C VAL D 131 -4.83 -19.38 -42.80
N LEU D 132 -5.87 -19.48 -41.99
CA LEU D 132 -7.09 -20.19 -42.34
C LEU D 132 -8.16 -19.18 -42.72
N LEU D 133 -8.75 -19.35 -43.89
CA LEU D 133 -9.74 -18.42 -44.43
C LEU D 133 -11.12 -19.05 -44.32
N GLY D 134 -12.09 -18.28 -43.83
CA GLY D 134 -13.47 -18.69 -43.83
C GLY D 134 -14.10 -18.55 -45.20
N SER D 135 -15.42 -18.73 -45.24
CA SER D 135 -16.13 -18.61 -46.51
C SER D 135 -16.11 -17.17 -47.02
N LYS D 136 -15.88 -17.03 -48.32
CA LYS D 136 -15.92 -15.74 -49.00
C LYS D 136 -14.91 -14.75 -48.42
N GLN D 137 -13.73 -15.24 -48.04
CA GLN D 137 -12.64 -14.40 -47.57
C GLN D 137 -11.46 -14.50 -48.53
N LYS D 138 -10.75 -13.38 -48.68
CA LYS D 138 -9.66 -13.33 -49.66
C LYS D 138 -8.52 -12.50 -49.10
N ILE D 139 -7.33 -12.76 -49.63
CA ILE D 139 -6.11 -12.04 -49.26
C ILE D 139 -5.33 -11.73 -50.52
N SER D 140 -4.78 -10.51 -50.60
CA SER D 140 -3.96 -10.10 -51.72
C SER D 140 -2.86 -9.19 -51.20
N LEU D 141 -1.62 -9.65 -51.25
CA LEU D 141 -0.51 -8.89 -50.68
C LEU D 141 0.76 -9.13 -51.49
N GLU D 142 1.70 -8.21 -51.32
CA GLU D 142 3.02 -8.26 -51.92
C GLU D 142 4.07 -7.98 -50.86
N ALA D 143 5.09 -8.82 -50.79
CA ALA D 143 6.11 -8.72 -49.75
C ALA D 143 7.49 -8.52 -50.38
N ARG D 144 8.33 -7.77 -49.68
CA ARG D 144 9.67 -7.43 -50.16
C ARG D 144 10.72 -8.07 -49.25
N LEU D 145 11.68 -8.74 -49.87
CA LEU D 145 12.72 -9.49 -49.19
C LEU D 145 14.07 -8.83 -49.38
N ARG D 146 14.90 -8.88 -48.34
CA ARG D 146 16.24 -8.30 -48.41
C ARG D 146 17.14 -9.01 -47.41
N LEU D 147 18.45 -8.88 -47.62
CA LEU D 147 19.41 -9.48 -46.71
C LEU D 147 19.47 -8.68 -45.41
N GLY D 148 19.89 -9.36 -44.35
CA GLY D 148 20.02 -8.70 -43.06
C GLY D 148 20.73 -9.60 -42.09
N TYR D 149 21.24 -8.99 -41.02
CA TYR D 149 22.00 -9.69 -40.00
C TYR D 149 21.10 -10.00 -38.80
N GLY D 150 21.41 -11.09 -38.11
CA GLY D 150 20.67 -11.47 -36.92
C GLY D 150 20.80 -10.48 -35.78
N LYS D 151 21.80 -9.61 -35.83
CA LYS D 151 21.93 -8.57 -34.81
C LYS D 151 20.77 -7.60 -34.89
N GLU D 152 20.34 -7.25 -36.11
CA GLU D 152 19.23 -6.31 -36.28
C GLU D 152 17.92 -6.91 -35.81
N HIS D 153 17.62 -8.14 -36.24
CA HIS D 153 16.39 -8.83 -35.86
C HIS D 153 16.64 -10.32 -35.88
N ILE D 154 15.93 -11.05 -35.02
CA ILE D 154 16.17 -12.48 -34.89
C ILE D 154 15.64 -13.26 -36.09
N LYS D 155 14.80 -12.65 -36.92
CA LYS D 155 14.32 -13.34 -38.11
C LYS D 155 15.42 -13.55 -39.14
N TYR D 156 16.55 -12.88 -39.00
CA TYR D 156 17.68 -13.04 -39.91
C TYR D 156 18.71 -14.03 -39.43
N SER D 157 18.48 -14.69 -38.30
CA SER D 157 19.41 -15.68 -37.80
C SER D 157 19.34 -16.95 -38.65
N PRO D 158 20.46 -17.47 -39.12
CA PRO D 158 20.43 -18.66 -39.98
C PRO D 158 20.49 -19.99 -39.24
N VAL D 159 20.62 -20.00 -37.92
CA VAL D 159 20.73 -21.21 -37.13
C VAL D 159 19.65 -21.20 -36.06
N SER D 160 19.44 -22.36 -35.45
CA SER D 160 18.53 -22.51 -34.32
C SER D 160 19.26 -22.70 -33.01
N VAL D 161 20.24 -23.59 -32.96
CA VAL D 161 21.07 -23.79 -31.77
C VAL D 161 22.54 -23.73 -32.19
N SER D 162 23.34 -23.04 -31.37
CA SER D 162 24.79 -22.96 -31.55
C SER D 162 25.41 -23.23 -30.18
N ILE D 163 26.27 -24.25 -30.11
CA ILE D 163 26.72 -24.82 -28.85
C ILE D 163 28.24 -24.96 -28.88
N VAL D 164 28.89 -24.55 -27.80
CA VAL D 164 30.30 -24.81 -27.58
C VAL D 164 30.45 -25.42 -26.21
N ARG D 165 31.00 -26.63 -26.13
CA ARG D 165 31.17 -27.31 -24.85
C ARG D 165 32.55 -27.93 -24.77
N TYR D 166 32.90 -28.37 -23.57
CA TYR D 166 34.23 -28.90 -23.29
C TYR D 166 34.38 -30.30 -23.87
N TYR D 167 35.63 -30.73 -24.00
CA TYR D 167 35.94 -32.07 -24.47
C TYR D 167 36.11 -33.01 -23.28
N PRO D 168 35.29 -34.05 -23.16
CA PRO D 168 35.36 -34.90 -21.97
C PRO D 168 36.43 -35.97 -22.08
N LYS D 169 36.77 -36.53 -20.91
CA LYS D 169 37.66 -37.69 -20.84
C LYS D 169 37.18 -38.54 -19.67
N VAL D 170 36.62 -39.70 -19.98
CA VAL D 170 36.04 -40.60 -18.99
C VAL D 170 36.88 -41.87 -18.96
N THR D 171 37.40 -42.21 -17.79
CA THR D 171 38.17 -43.43 -17.63
C THR D 171 37.53 -44.31 -16.56
N VAL D 172 37.45 -45.61 -16.84
CA VAL D 172 36.86 -46.59 -15.93
C VAL D 172 37.97 -47.28 -15.18
N LEU D 173 37.96 -47.16 -13.86
CA LEU D 173 38.96 -47.78 -12.99
C LEU D 173 38.48 -49.09 -12.41
N GLY D 174 37.26 -49.12 -11.89
CA GLY D 174 36.71 -50.32 -11.29
C GLY D 174 35.66 -50.99 -12.15
N ASN D 175 34.64 -51.59 -11.53
CA ASN D 175 33.59 -52.27 -12.25
C ASN D 175 32.23 -51.99 -11.67
N CYS D 176 32.01 -50.78 -11.15
CA CYS D 176 30.74 -50.44 -10.54
C CYS D 176 29.60 -50.51 -11.55
N GLU D 177 28.52 -51.20 -11.18
CA GLU D 177 27.38 -51.38 -12.06
C GLU D 177 26.35 -50.26 -11.93
N LYS D 178 26.52 -49.37 -10.96
CA LYS D 178 25.58 -48.26 -10.80
C LYS D 178 25.70 -47.25 -11.92
N ALA D 179 26.93 -47.03 -12.43
CA ALA D 179 27.18 -45.95 -13.38
C ALA D 179 26.33 -46.08 -14.64
N VAL D 180 25.98 -47.31 -15.03
CA VAL D 180 25.22 -47.47 -16.27
C VAL D 180 23.81 -46.92 -16.11
N GLU D 181 23.25 -46.93 -14.90
CA GLU D 181 21.88 -46.50 -14.67
C GLU D 181 21.80 -45.12 -14.04
N VAL D 182 22.90 -44.37 -14.00
CA VAL D 182 22.94 -43.05 -13.42
C VAL D 182 23.23 -41.98 -14.46
N CYS D 183 24.11 -42.26 -15.42
CA CYS D 183 24.47 -41.29 -16.44
C CYS D 183 23.27 -41.00 -17.33
N PRO D 184 22.83 -39.74 -17.44
CA PRO D 184 21.69 -39.44 -18.32
C PRO D 184 22.02 -39.51 -19.80
N GLU D 185 23.29 -39.49 -20.18
CA GLU D 185 23.69 -39.47 -21.57
C GLU D 185 23.97 -40.86 -22.13
N GLY D 186 23.92 -41.90 -21.31
CA GLY D 186 24.19 -43.24 -21.79
C GLY D 186 25.61 -43.44 -22.27
N VAL D 187 26.59 -42.88 -21.55
CA VAL D 187 27.98 -43.05 -21.95
C VAL D 187 28.44 -44.47 -21.71
N PHE D 188 28.09 -45.06 -20.57
CA PHE D 188 28.58 -46.37 -20.18
C PHE D 188 27.67 -47.48 -20.71
N ALA D 189 28.19 -48.71 -20.61
CA ALA D 189 27.40 -49.91 -20.92
C ALA D 189 28.09 -51.08 -20.24
N MET D 190 27.31 -52.15 -20.04
CA MET D 190 27.80 -53.38 -19.42
C MET D 190 27.99 -54.42 -20.50
N GLU D 191 29.24 -54.81 -20.75
CA GLU D 191 29.58 -55.83 -21.72
C GLU D 191 30.45 -56.87 -21.03
N ASN D 192 29.89 -58.07 -20.84
CA ASN D 192 30.55 -59.16 -20.11
C ASN D 192 30.93 -58.74 -18.70
N ASN D 193 30.12 -57.85 -18.11
CA ASN D 193 30.32 -57.36 -16.74
C ASN D 193 31.69 -56.69 -16.59
N LYS D 194 31.90 -55.64 -17.40
CA LYS D 194 33.17 -54.93 -17.36
C LYS D 194 33.03 -53.41 -17.35
N LEU D 195 31.83 -52.86 -17.60
CA LEU D 195 31.60 -51.42 -17.61
C LEU D 195 32.50 -50.73 -18.65
N VAL D 196 32.24 -51.05 -19.91
CA VAL D 196 32.98 -50.44 -21.01
C VAL D 196 32.32 -49.11 -21.37
N VAL D 197 33.13 -48.19 -21.91
CA VAL D 197 32.65 -46.88 -22.34
C VAL D 197 32.36 -46.96 -23.84
N LYS D 198 31.10 -46.78 -24.23
CA LYS D 198 30.74 -46.85 -25.63
C LYS D 198 31.03 -45.56 -26.37
N ASN D 199 30.39 -44.47 -25.95
CA ASN D 199 30.51 -43.17 -26.61
C ASN D 199 30.95 -42.13 -25.59
N GLU D 200 32.26 -41.87 -25.53
CA GLU D 200 32.81 -40.96 -24.54
C GLU D 200 32.42 -39.53 -24.81
N LEU D 201 32.30 -39.13 -26.08
CA LEU D 201 32.03 -37.75 -26.43
C LEU D 201 30.63 -37.29 -26.04
N SER D 202 29.78 -38.19 -25.55
CA SER D 202 28.43 -37.81 -25.15
C SER D 202 28.36 -37.27 -23.72
N CYS D 203 29.42 -37.38 -22.94
CA CYS D 203 29.39 -36.90 -21.57
C CYS D 203 29.38 -35.37 -21.55
N ILE D 204 28.54 -34.81 -20.69
CA ILE D 204 28.42 -33.37 -20.56
C ILE D 204 29.06 -32.87 -19.27
N LEU D 205 29.99 -33.66 -18.71
CA LEU D 205 30.66 -33.33 -17.46
C LEU D 205 29.64 -33.09 -16.35
N CYS D 206 28.59 -33.90 -16.34
CA CYS D 206 27.54 -33.82 -15.32
C CYS D 206 28.08 -34.16 -13.93
N GLU D 207 29.08 -35.02 -13.84
CA GLU D 207 29.70 -35.41 -12.57
C GLU D 207 28.70 -36.05 -11.61
N GLU D 208 27.74 -36.79 -12.14
CA GLU D 208 26.82 -37.53 -11.30
C GLU D 208 27.30 -38.95 -11.00
N CYS D 209 28.06 -39.55 -11.91
CA CYS D 209 28.63 -40.86 -11.62
C CYS D 209 29.63 -40.81 -10.48
N LEU D 210 30.24 -39.65 -10.22
CA LEU D 210 31.15 -39.51 -9.09
C LEU D 210 30.43 -39.55 -7.76
N LYS D 211 29.13 -39.26 -7.75
CA LYS D 211 28.38 -39.26 -6.50
C LYS D 211 28.10 -40.67 -5.99
N TYR D 212 28.12 -41.67 -6.88
CA TYR D 212 27.83 -43.05 -6.50
C TYR D 212 29.03 -43.96 -6.63
N CYS D 213 29.67 -43.99 -7.79
CA CYS D 213 30.88 -44.81 -7.96
C CYS D 213 31.99 -44.33 -7.04
N ALA D 214 32.49 -43.12 -7.28
CA ALA D 214 33.50 -42.47 -6.44
C ALA D 214 34.71 -43.38 -6.23
N GLY D 215 35.41 -43.65 -7.32
CA GLY D 215 36.59 -44.48 -7.27
C GLY D 215 36.71 -45.43 -8.44
N SER D 216 35.59 -45.68 -9.11
CA SER D 216 35.57 -46.53 -10.29
C SER D 216 35.53 -45.75 -11.60
N VAL D 217 35.22 -44.46 -11.55
CA VAL D 217 35.11 -43.62 -12.73
C VAL D 217 35.83 -42.31 -12.46
N SER D 218 36.66 -41.87 -13.40
CA SER D 218 37.34 -40.57 -13.30
C SER D 218 36.96 -39.73 -14.52
N ILE D 219 36.64 -38.45 -14.25
CA ILE D 219 36.17 -37.52 -15.27
C ILE D 219 37.13 -36.35 -15.32
N GLU D 220 37.61 -36.02 -16.52
CA GLU D 220 38.41 -34.83 -16.73
C GLU D 220 37.93 -34.13 -17.98
N SER D 221 38.44 -32.92 -18.21
CA SER D 221 38.17 -32.16 -19.43
C SER D 221 39.49 -31.82 -20.09
N VAL D 222 39.60 -32.10 -21.39
CA VAL D 222 40.82 -31.81 -22.12
C VAL D 222 40.98 -30.30 -22.25
N GLU D 223 42.20 -29.82 -22.02
CA GLU D 223 42.41 -28.39 -21.84
C GLU D 223 42.32 -27.61 -23.15
N ASN D 224 42.64 -28.25 -24.27
CA ASN D 224 42.74 -27.53 -25.54
C ASN D 224 41.75 -27.97 -26.61
N LYS D 225 40.84 -28.89 -26.32
CA LYS D 225 39.86 -29.33 -27.30
C LYS D 225 38.46 -28.88 -26.91
N PHE D 226 37.66 -28.50 -27.91
CA PHE D 226 36.29 -28.07 -27.68
C PHE D 226 35.40 -28.69 -28.75
N ILE D 227 34.12 -28.83 -28.41
CA ILE D 227 33.12 -29.39 -29.29
C ILE D 227 32.17 -28.28 -29.70
N LEU D 228 32.04 -28.04 -30.99
CA LEU D 228 31.19 -27.00 -31.54
C LEU D 228 30.09 -27.64 -32.38
N GLU D 229 28.84 -27.43 -31.97
CA GLU D 229 27.68 -28.06 -32.60
C GLU D 229 26.72 -26.98 -33.04
N ILE D 230 26.37 -26.95 -34.33
CA ILE D 230 25.39 -25.98 -34.80
C ILE D 230 24.28 -26.72 -35.55
N GLU D 231 23.11 -26.12 -35.56
CA GLU D 231 21.98 -26.65 -36.32
C GLU D 231 21.35 -25.51 -37.09
N SER D 232 21.30 -25.63 -38.42
CA SER D 232 20.76 -24.57 -39.25
C SER D 232 19.24 -24.68 -39.33
N VAL D 233 18.63 -23.66 -39.93
CA VAL D 233 17.18 -23.63 -40.08
C VAL D 233 16.74 -24.02 -41.48
N GLY D 234 17.63 -23.99 -42.47
CA GLY D 234 17.30 -24.43 -43.81
C GLY D 234 17.69 -23.46 -44.89
N SER D 235 17.98 -22.22 -44.52
CA SER D 235 18.34 -21.21 -45.51
C SER D 235 19.76 -21.43 -46.04
N LEU D 236 20.70 -21.78 -45.17
CA LEU D 236 22.09 -21.98 -45.54
C LEU D 236 22.60 -23.29 -44.97
N LYS D 237 23.57 -23.89 -45.66
CA LYS D 237 24.21 -25.08 -45.13
C LYS D 237 25.20 -24.71 -44.04
N PRO D 238 25.43 -25.60 -43.07
CA PRO D 238 26.23 -25.22 -41.89
C PRO D 238 27.64 -24.75 -42.21
N GLU D 239 28.31 -25.37 -43.19
CA GLU D 239 29.67 -24.96 -43.54
C GLU D 239 29.69 -23.52 -44.04
N ARG D 240 28.72 -23.14 -44.87
CA ARG D 240 28.61 -21.77 -45.32
C ARG D 240 28.40 -20.82 -44.15
N ILE D 241 27.60 -21.23 -43.17
CA ILE D 241 27.36 -20.38 -42.00
C ILE D 241 28.66 -20.15 -41.24
N LEU D 242 29.43 -21.22 -41.01
CA LEU D 242 30.69 -21.08 -40.28
C LEU D 242 31.67 -20.18 -41.04
N ILE D 243 31.78 -20.38 -42.36
CA ILE D 243 32.69 -19.58 -43.15
C ILE D 243 32.29 -18.11 -43.13
N GLU D 244 31.00 -17.82 -43.26
CA GLU D 244 30.55 -16.44 -43.23
C GLU D 244 30.75 -15.79 -41.87
N ALA D 245 30.54 -16.55 -40.78
CA ALA D 245 30.79 -16.00 -39.46
C ALA D 245 32.26 -15.62 -39.29
N SER D 246 33.16 -16.50 -39.73
CA SER D 246 34.59 -16.18 -39.60
C SER D 246 34.95 -15.01 -40.50
N LYS D 247 34.33 -14.91 -41.68
CA LYS D 247 34.59 -13.77 -42.55
C LYS D 247 34.12 -12.46 -41.93
N SER D 248 32.99 -12.50 -41.23
CA SER D 248 32.53 -11.30 -40.52
C SER D 248 33.52 -10.89 -39.42
N LEU D 249 34.03 -11.87 -38.67
CA LEU D 249 35.09 -11.56 -37.71
C LEU D 249 36.30 -10.93 -38.39
N LEU D 250 36.70 -11.47 -39.54
CA LEU D 250 37.84 -10.91 -40.27
C LEU D 250 37.59 -9.47 -40.67
N ARG D 251 36.39 -9.19 -41.19
CA ARG D 251 36.06 -7.83 -41.61
C ARG D 251 36.10 -6.86 -40.44
N LYS D 252 35.50 -7.26 -39.30
CA LYS D 252 35.49 -6.37 -38.14
C LYS D 252 36.89 -6.09 -37.62
N LEU D 253 37.72 -7.14 -37.52
CA LEU D 253 39.08 -6.95 -37.05
C LEU D 253 39.89 -6.09 -38.01
N SER D 254 39.71 -6.30 -39.31
CA SER D 254 40.43 -5.49 -40.30
C SER D 254 40.04 -4.02 -40.18
N GLU D 255 38.75 -3.74 -40.05
CA GLU D 255 38.32 -2.34 -39.91
C GLU D 255 38.87 -1.71 -38.63
N LEU D 256 38.83 -2.46 -37.52
CA LEU D 256 39.33 -1.92 -36.26
C LEU D 256 40.82 -1.60 -36.36
N LYS D 257 41.60 -2.53 -36.92
CA LYS D 257 43.04 -2.28 -37.06
C LYS D 257 43.31 -1.12 -38.00
N SER D 258 42.57 -1.04 -39.11
CA SER D 258 42.78 0.01 -40.10
C SER D 258 42.52 1.38 -39.50
N LYS D 259 41.46 1.53 -38.73
CA LYS D 259 41.15 2.83 -38.14
C LYS D 259 41.82 3.04 -36.79
N LEU D 260 42.54 2.05 -36.27
CA LEU D 260 43.32 2.24 -35.06
C LEU D 260 44.76 2.65 -35.36
N GLU D 261 45.42 1.95 -36.29
CA GLU D 261 46.79 2.31 -36.63
C GLU D 261 46.85 3.67 -37.31
N ALA D 262 45.85 4.02 -38.12
CA ALA D 262 45.76 5.36 -38.67
C ALA D 262 45.43 6.35 -37.55
N GLY D 263 46.06 7.53 -37.61
CA GLY D 263 45.91 8.49 -36.55
C GLY D 263 46.49 8.00 -35.24
N LYS D 264 47.68 7.43 -35.31
CA LYS D 264 48.37 6.90 -34.13
C LYS D 264 48.62 7.97 -33.08
N ALA E 7 19.90 62.64 3.48
CA ALA E 7 18.93 61.57 3.69
C ALA E 7 19.62 60.22 3.78
N LYS E 8 18.94 59.26 4.40
CA LYS E 8 19.44 57.91 4.58
C LYS E 8 18.55 56.95 3.81
N GLY E 9 19.16 56.05 3.04
CA GLY E 9 18.36 55.14 2.24
C GLY E 9 19.11 53.87 1.93
N ILE E 10 18.45 53.00 1.17
CA ILE E 10 19.01 51.73 0.73
C ILE E 10 19.07 51.74 -0.80
N VAL E 11 20.22 51.40 -1.35
CA VAL E 11 20.45 51.38 -2.78
C VAL E 11 20.80 49.96 -3.21
N ARG E 12 20.24 49.53 -4.33
CA ARG E 12 20.44 48.19 -4.85
C ARG E 12 21.46 48.24 -5.98
N ILE E 13 22.52 47.45 -5.86
CA ILE E 13 23.59 47.36 -6.84
C ILE E 13 23.47 46.00 -7.54
N PRO E 14 23.17 45.99 -8.85
CA PRO E 14 23.06 44.71 -9.56
C PRO E 14 24.38 44.00 -9.65
N PRO E 15 24.37 42.67 -9.81
CA PRO E 15 25.64 41.94 -9.89
C PRO E 15 26.48 42.29 -11.10
N GLU E 16 25.89 42.85 -12.15
CA GLU E 16 26.65 43.20 -13.34
C GLU E 16 27.62 44.35 -13.10
N TYR E 17 27.37 45.17 -12.08
CA TYR E 17 28.24 46.28 -11.74
C TYR E 17 29.22 45.94 -10.63
N PHE E 18 29.45 44.65 -10.38
CA PHE E 18 30.37 44.23 -9.34
C PHE E 18 31.81 44.50 -9.77
N GLY E 19 32.70 44.50 -8.78
CA GLY E 19 34.11 44.74 -9.03
C GLY E 19 34.53 46.20 -9.10
N GLN E 20 33.63 47.13 -8.79
CA GLN E 20 33.93 48.55 -8.83
C GLN E 20 33.54 49.18 -7.50
N SER E 21 34.16 50.31 -7.19
CA SER E 21 33.91 50.98 -5.93
C SER E 21 32.47 51.45 -5.85
N VAL E 22 31.89 51.36 -4.65
CA VAL E 22 30.45 51.48 -4.48
C VAL E 22 29.96 52.89 -4.82
N ASP E 23 30.80 53.91 -4.66
CA ASP E 23 30.31 55.29 -4.63
C ASP E 23 29.69 55.71 -5.96
N GLU E 24 30.42 55.52 -7.07
CA GLU E 24 29.93 56.02 -8.36
C GLU E 24 28.70 55.25 -8.81
N ILE E 25 28.68 53.93 -8.62
CA ILE E 25 27.50 53.13 -8.97
C ILE E 25 26.30 53.56 -8.13
N ALA E 26 26.52 53.77 -6.83
CA ALA E 26 25.43 54.22 -5.97
C ALA E 26 24.87 55.54 -6.45
N ILE E 27 25.76 56.49 -6.78
CA ILE E 27 25.31 57.78 -7.30
C ILE E 27 24.55 57.60 -8.61
N LYS E 28 25.02 56.67 -9.45
CA LYS E 28 24.40 56.48 -10.76
C LYS E 28 22.97 55.99 -10.64
N ILE E 29 22.75 54.93 -9.84
CA ILE E 29 21.36 54.49 -9.64
C ILE E 29 20.55 55.51 -8.85
N LEU E 30 21.18 56.25 -7.93
CA LEU E 30 20.44 57.27 -7.19
C LEU E 30 19.87 58.33 -8.13
N ARG E 31 20.72 58.89 -8.98
CA ARG E 31 20.30 59.95 -9.88
C ARG E 31 19.69 59.44 -11.18
N GLN E 32 19.65 58.12 -11.37
CA GLN E 32 19.16 57.58 -12.63
C GLN E 32 17.64 57.69 -12.74
N GLU E 33 16.92 57.42 -11.65
CA GLU E 33 15.47 57.33 -11.71
C GLU E 33 14.73 58.35 -10.84
N TYR E 34 15.43 59.09 -9.98
CA TYR E 34 14.75 60.13 -9.20
C TYR E 34 14.24 61.25 -10.11
N GLN E 35 12.91 61.39 -10.18
CA GLN E 35 12.29 62.43 -10.99
C GLN E 35 10.88 62.74 -10.49
N ALA E 51 27.74 61.46 -1.39
CA ALA E 51 27.04 60.39 -0.69
C ALA E 51 27.99 59.24 -0.39
N LYS E 52 28.17 58.95 0.90
CA LYS E 52 29.05 57.87 1.35
C LYS E 52 28.21 56.64 1.66
N ALA E 53 28.27 55.65 0.78
CA ALA E 53 27.55 54.39 0.96
C ALA E 53 28.46 53.39 1.65
N SER E 54 27.85 52.52 2.46
CA SER E 54 28.61 51.51 3.18
C SER E 54 29.27 50.55 2.19
N GLU E 55 30.53 50.21 2.47
CA GLU E 55 31.28 49.36 1.55
C GLU E 55 30.72 47.95 1.44
N GLU E 56 29.96 47.50 2.43
CA GLU E 56 29.40 46.16 2.42
C GLU E 56 27.88 46.21 2.51
N GLY E 57 27.24 45.26 1.84
CA GLY E 57 25.79 45.17 1.86
C GLY E 57 25.36 43.72 1.96
N PHE E 58 24.11 43.54 2.37
CA PHE E 58 23.57 42.22 2.61
C PHE E 58 22.82 41.71 1.39
N ILE E 59 22.56 40.41 1.38
CA ILE E 59 21.91 39.71 0.27
C ILE E 59 20.61 39.11 0.78
N ILE E 60 19.53 39.29 0.01
CA ILE E 60 18.23 38.78 0.38
C ILE E 60 17.93 37.54 -0.45
N PHE E 61 16.90 36.80 -0.05
CA PHE E 61 16.52 35.59 -0.76
C PHE E 61 15.95 35.94 -2.14
N GLY E 62 16.34 35.16 -3.14
CA GLY E 62 15.78 35.29 -4.47
C GLY E 62 16.38 36.37 -5.34
N ASP E 63 17.39 37.10 -4.86
CA ASP E 63 18.01 38.15 -5.64
C ASP E 63 19.51 38.18 -5.37
N GLY E 64 20.29 38.37 -6.43
CA GLY E 64 21.73 38.44 -6.29
C GLY E 64 22.30 39.83 -6.08
N ALA E 65 21.49 40.86 -6.31
CA ALA E 65 21.95 42.23 -6.13
C ALA E 65 22.21 42.53 -4.66
N THR E 66 23.09 43.47 -4.40
CA THR E 66 23.51 43.80 -3.05
C THR E 66 22.87 45.11 -2.60
N TYR E 67 22.38 45.15 -1.36
CA TYR E 67 21.68 46.30 -0.83
C TYR E 67 22.58 47.03 0.16
N HIS E 68 22.89 48.29 -0.14
CA HIS E 68 23.82 49.08 0.65
C HIS E 68 23.08 50.26 1.30
N GLU E 69 23.57 50.66 2.47
CA GLU E 69 23.06 51.83 3.17
C GLU E 69 23.84 53.06 2.69
N VAL E 70 23.11 54.10 2.30
CA VAL E 70 23.71 55.29 1.71
C VAL E 70 23.20 56.53 2.42
N GLU E 71 24.10 57.49 2.63
CA GLU E 71 23.79 58.79 3.21
C GLU E 71 23.86 59.82 2.08
N PHE E 72 22.75 60.00 1.37
CA PHE E 72 22.72 60.90 0.22
C PHE E 72 21.87 62.13 0.50
N MET F 1 13.04 45.94 -5.23
CA MET F 1 14.10 46.89 -4.91
C MET F 1 13.53 48.06 -4.13
N SER F 2 14.05 48.29 -2.93
CA SER F 2 13.48 49.25 -2.00
C SER F 2 14.51 50.32 -1.66
N TYR F 3 14.00 51.43 -1.13
CA TYR F 3 14.83 52.56 -0.72
C TYR F 3 14.77 52.82 0.77
N SER F 4 13.56 52.86 1.35
CA SER F 4 13.36 53.20 2.76
C SER F 4 14.00 54.54 3.11
N LEU F 5 13.89 55.50 2.18
CA LEU F 5 14.50 56.80 2.39
C LEU F 5 13.74 57.59 3.45
N LYS F 6 14.48 58.36 4.24
CA LYS F 6 13.91 59.19 5.28
C LYS F 6 14.70 60.49 5.38
N THR F 7 14.07 61.52 5.91
CA THR F 7 14.72 62.81 6.07
C THR F 7 14.88 63.17 7.54
N LYS G 2 68.26 -11.00 7.43
CA LYS G 2 67.68 -12.28 7.10
C LYS G 2 67.34 -13.08 8.34
N GLU G 3 66.11 -13.60 8.39
CA GLU G 3 65.61 -14.38 9.51
C GLU G 3 64.91 -15.64 9.02
N MET G 4 65.58 -16.35 8.11
CA MET G 4 65.03 -17.57 7.53
C MET G 4 64.87 -18.66 8.59
N MET G 5 63.82 -19.46 8.43
CA MET G 5 63.55 -20.59 9.31
C MET G 5 63.28 -21.82 8.46
N GLN G 6 63.92 -22.93 8.80
CA GLN G 6 63.89 -24.13 7.98
C GLN G 6 63.75 -25.37 8.86
N GLY G 7 63.18 -26.42 8.28
CA GLY G 7 63.06 -27.68 8.98
C GLY G 7 62.75 -28.81 8.03
N THR G 8 62.96 -30.03 8.51
CA THR G 8 62.68 -31.24 7.74
C THR G 8 61.93 -32.21 8.63
N CYS G 9 60.83 -32.76 8.14
CA CYS G 9 59.95 -33.57 8.97
C CYS G 9 58.91 -34.27 8.11
N LYS G 10 58.12 -35.14 8.74
CA LYS G 10 57.20 -36.01 8.03
C LYS G 10 55.75 -35.64 8.33
N ILE G 11 54.87 -35.98 7.38
CA ILE G 11 53.44 -35.72 7.50
C ILE G 11 52.81 -36.75 8.41
N SER G 12 51.93 -36.30 9.31
CA SER G 12 51.24 -37.19 10.23
C SER G 12 49.90 -37.66 9.69
N SER G 13 49.05 -36.75 9.24
CA SER G 13 47.72 -37.10 8.80
C SER G 13 47.18 -36.02 7.87
N ILE G 14 46.11 -36.36 7.16
CA ILE G 14 45.39 -35.44 6.29
C ILE G 14 43.91 -35.65 6.55
N GLU G 15 43.31 -34.76 7.34
CA GLU G 15 41.91 -34.88 7.72
C GLU G 15 41.01 -34.22 6.68
N LYS G 16 39.74 -34.05 6.99
CA LYS G 16 38.75 -33.55 6.04
C LYS G 16 38.37 -32.09 6.26
N GLY G 17 38.53 -31.58 7.47
CA GLY G 17 38.21 -30.18 7.73
C GLY G 17 36.72 -29.95 7.91
N ALA G 18 36.38 -28.67 8.06
CA ALA G 18 35.02 -28.25 8.37
C ALA G 18 34.25 -27.75 7.15
N LEU G 19 34.93 -27.12 6.19
CA LEU G 19 34.24 -26.54 5.04
C LEU G 19 33.99 -27.62 3.99
N LYS G 20 33.48 -27.21 2.83
CA LYS G 20 33.04 -28.16 1.82
C LYS G 20 34.20 -29.01 1.30
N ASN G 21 35.16 -28.38 0.63
CA ASN G 21 36.29 -29.08 0.03
C ASN G 21 37.61 -28.65 0.65
N LEU G 22 37.59 -28.31 1.93
CA LEU G 22 38.79 -27.99 2.66
C LEU G 22 39.54 -29.26 3.05
N TYR G 23 40.82 -29.10 3.35
CA TYR G 23 41.64 -30.19 3.88
C TYR G 23 42.70 -29.58 4.79
N VAL G 24 43.07 -30.33 5.82
CA VAL G 24 44.08 -29.88 6.77
C VAL G 24 45.20 -30.92 6.80
N VAL G 25 46.44 -30.45 6.67
CA VAL G 25 47.62 -31.31 6.68
C VAL G 25 48.37 -31.04 7.97
N LYS G 26 48.55 -32.09 8.75
CA LYS G 26 49.25 -32.01 10.03
C LYS G 26 50.64 -32.62 9.88
N MET G 27 51.64 -31.91 10.38
CA MET G 27 53.02 -32.37 10.32
C MET G 27 53.63 -32.30 11.71
N ASP G 28 54.22 -33.40 12.16
CA ASP G 28 54.96 -33.46 13.41
C ASP G 28 56.43 -33.39 13.08
N CYS G 29 57.15 -32.45 13.70
CA CYS G 29 58.46 -32.06 13.20
C CYS G 29 59.45 -32.07 14.35
N ASP G 30 60.72 -31.90 14.01
CA ASP G 30 61.75 -31.85 15.04
C ASP G 30 61.65 -30.54 15.81
N ASN G 31 62.35 -30.50 16.96
CA ASN G 31 62.35 -29.34 17.86
C ASN G 31 60.96 -29.00 18.36
N ASP G 32 60.11 -30.01 18.51
CA ASP G 32 58.75 -29.85 19.03
C ASP G 32 57.91 -28.90 18.18
N LEU G 33 58.05 -29.01 16.86
CA LEU G 33 57.19 -28.27 15.94
C LEU G 33 56.05 -29.15 15.47
N LYS G 34 54.87 -28.54 15.34
CA LYS G 34 53.64 -29.24 14.97
C LYS G 34 52.91 -28.47 13.87
N ILE G 35 53.64 -28.14 12.81
CA ILE G 35 53.08 -27.42 11.68
C ILE G 35 51.76 -28.06 11.25
N GLU G 36 50.77 -27.22 10.96
CA GLU G 36 49.47 -27.71 10.53
C GLU G 36 48.85 -26.65 9.63
N PHE G 37 48.66 -26.97 8.35
CA PHE G 37 48.23 -25.95 7.40
C PHE G 37 47.05 -26.41 6.56
N ASP G 38 46.27 -25.44 6.11
CA ASP G 38 45.08 -25.73 5.31
C ASP G 38 45.41 -25.71 3.82
N ILE G 39 44.83 -26.65 3.08
CA ILE G 39 44.94 -26.72 1.63
C ILE G 39 43.57 -27.10 1.05
N THR G 40 43.46 -26.98 -0.26
CA THR G 40 42.24 -27.31 -0.99
C THR G 40 42.53 -28.50 -1.90
N LYS G 41 41.50 -28.94 -2.64
CA LYS G 41 41.64 -30.14 -3.47
C LYS G 41 42.68 -29.95 -4.57
N GLU G 42 42.67 -28.79 -5.23
CA GLU G 42 43.61 -28.57 -6.33
C GLU G 42 45.05 -28.48 -5.85
N LEU G 43 45.27 -28.27 -4.55
CA LEU G 43 46.61 -28.12 -4.00
C LEU G 43 47.10 -29.39 -3.30
N SER G 44 46.31 -30.45 -3.29
CA SER G 44 46.66 -31.67 -2.57
C SER G 44 47.63 -32.49 -3.41
N ILE G 45 48.91 -32.44 -3.02
CA ILE G 45 49.96 -33.19 -3.71
C ILE G 45 50.74 -34.01 -2.70
N PHE G 46 50.18 -34.16 -1.51
CA PHE G 46 50.84 -34.86 -0.41
C PHE G 46 50.14 -36.17 -0.12
N SER G 47 50.90 -37.12 0.41
CA SER G 47 50.38 -38.43 0.78
C SER G 47 50.15 -38.48 2.29
N LYS G 48 49.73 -39.65 2.77
CA LYS G 48 49.44 -39.81 4.19
C LYS G 48 50.70 -39.72 5.04
N ASP G 49 51.83 -40.20 4.53
CA ASP G 49 53.07 -40.16 5.30
C ASP G 49 54.23 -40.09 4.32
N GLU G 50 54.97 -38.99 4.37
CA GLU G 50 56.17 -38.82 3.56
C GLU G 50 57.03 -37.74 4.18
N GLU G 51 58.30 -37.69 3.75
CA GLU G 51 59.27 -36.76 4.28
C GLU G 51 59.28 -35.50 3.42
N VAL G 52 59.15 -34.33 4.07
CA VAL G 52 59.13 -33.06 3.37
C VAL G 52 60.03 -32.07 4.11
N THR G 53 60.34 -30.98 3.41
CA THR G 53 61.17 -29.90 3.94
C THR G 53 60.41 -28.59 3.82
N PHE G 54 60.35 -27.82 4.90
CA PHE G 54 59.63 -26.57 4.92
C PHE G 54 60.59 -25.42 5.26
N ILE G 55 60.30 -24.25 4.69
CA ILE G 55 61.10 -23.05 4.89
C ILE G 55 60.16 -21.85 4.99
N ILE G 56 60.41 -20.99 5.97
CA ILE G 56 59.70 -19.72 6.12
C ILE G 56 60.74 -18.61 6.10
N SER G 57 60.61 -17.68 5.16
CA SER G 57 61.60 -16.63 5.01
C SER G 57 61.01 -15.47 4.24
N ARG G 58 61.42 -14.24 4.60
CA ARG G 58 60.95 -13.07 3.87
C ARG G 58 61.43 -13.07 2.43
N GLU G 59 62.68 -13.47 2.20
CA GLU G 59 63.20 -13.53 0.84
C GLU G 59 62.53 -14.65 0.06
N LYS G 60 62.21 -14.37 -1.20
CA LYS G 60 61.52 -15.33 -2.03
C LYS G 60 62.47 -16.44 -2.45
N PRO G 61 62.19 -17.70 -2.12
CA PRO G 61 63.08 -18.80 -2.51
C PRO G 61 62.72 -19.36 -3.88
N GLU G 62 63.65 -20.15 -4.41
CA GLU G 62 63.43 -20.84 -5.67
C GLU G 62 62.48 -22.01 -5.47
N TYR G 63 61.49 -22.13 -6.36
CA TYR G 63 60.49 -23.17 -6.25
C TYR G 63 60.26 -23.80 -7.62
N SER G 64 59.79 -25.04 -7.59
CA SER G 64 59.47 -25.80 -8.79
C SER G 64 57.94 -25.90 -8.94
N GLU G 65 57.50 -26.70 -9.90
CA GLU G 65 56.08 -26.95 -10.11
C GLU G 65 55.62 -28.23 -9.42
N LYS G 66 56.48 -28.87 -8.64
CA LYS G 66 56.13 -30.09 -7.92
C LYS G 66 56.20 -29.92 -6.41
N ASP G 67 56.24 -28.68 -5.93
CA ASP G 67 56.21 -28.38 -4.51
C ASP G 67 55.13 -27.34 -4.26
N PHE G 68 54.73 -27.21 -3.01
CA PHE G 68 53.62 -26.32 -2.64
C PHE G 68 54.16 -25.14 -1.86
N CYS G 69 53.90 -23.92 -2.33
CA CYS G 69 54.18 -22.79 -1.47
C CYS G 69 53.50 -21.50 -1.86
N ALA G 70 53.53 -20.55 -0.92
CA ALA G 70 52.73 -19.33 -1.01
C ALA G 70 53.41 -18.23 -0.21
N HIS G 71 52.78 -17.07 -0.17
CA HIS G 71 53.23 -15.95 0.65
C HIS G 71 52.04 -15.35 1.37
N GLY G 72 52.27 -14.89 2.59
CA GLY G 72 51.21 -14.32 3.41
C GLY G 72 51.76 -13.40 4.46
N TYR G 73 51.06 -13.33 5.58
CA TYR G 73 51.42 -12.44 6.68
C TYR G 73 51.36 -13.19 8.00
N LEU G 74 52.26 -12.83 8.92
CA LEU G 74 52.29 -13.39 10.26
C LEU G 74 51.50 -12.48 11.19
N PHE G 75 50.33 -12.94 11.64
CA PHE G 75 49.38 -12.06 12.29
C PHE G 75 48.89 -12.51 13.65
N LEU G 76 49.40 -13.61 14.19
CA LEU G 76 48.89 -14.08 15.47
C LEU G 76 49.99 -14.76 16.26
N GLU G 77 50.18 -14.29 17.49
CA GLU G 77 51.23 -14.73 18.42
C GLU G 77 50.58 -14.91 19.78
N ARG G 78 50.42 -16.14 20.25
CA ARG G 78 49.74 -16.38 21.51
C ARG G 78 50.55 -17.29 22.42
N GLN G 79 50.44 -17.03 23.73
CA GLN G 79 51.06 -17.83 24.76
C GLN G 79 50.02 -18.72 25.43
N GLN G 80 50.37 -19.97 25.66
CA GLN G 80 49.48 -20.94 26.29
C GLN G 80 49.79 -21.03 27.79
N GLU G 81 48.80 -21.56 28.53
CA GLU G 81 48.93 -21.66 29.98
C GLU G 81 50.01 -22.64 30.40
N ASP G 82 50.46 -23.52 29.51
CA ASP G 82 51.49 -24.50 29.82
C ASP G 82 52.87 -24.08 29.32
N GLY G 83 53.04 -22.80 28.95
CA GLY G 83 54.31 -22.31 28.47
C GLY G 83 54.56 -22.49 27.00
N SER G 84 53.60 -23.00 26.24
CA SER G 84 53.77 -23.19 24.81
C SER G 84 53.38 -21.93 24.05
N PHE G 85 53.51 -21.99 22.74
CA PHE G 85 53.18 -20.88 21.85
C PHE G 85 52.33 -21.37 20.69
N ILE G 86 51.48 -20.48 20.20
CA ILE G 86 50.70 -20.72 18.99
C ILE G 86 50.93 -19.56 18.03
N ASP G 87 51.31 -19.87 16.81
CA ASP G 87 51.66 -18.88 15.81
C ASP G 87 50.80 -19.11 14.58
N GLU G 88 50.31 -18.04 13.97
CA GLU G 88 49.50 -18.23 12.77
C GLU G 88 49.97 -17.34 11.63
N ILE G 89 49.99 -17.93 10.43
CA ILE G 89 50.31 -17.24 9.20
C ILE G 89 49.12 -17.37 8.27
N SER G 90 48.68 -16.24 7.71
CA SER G 90 47.52 -16.20 6.84
C SER G 90 48.00 -16.00 5.40
N LEU G 91 47.89 -17.04 4.58
CA LEU G 91 48.24 -16.98 3.17
C LEU G 91 47.06 -16.37 2.39
N TYR G 92 46.64 -15.20 2.84
CA TYR G 92 45.45 -14.52 2.32
C TYR G 92 44.20 -15.38 2.48
N GLY G 93 44.08 -16.04 3.63
CA GLY G 93 42.90 -16.83 3.91
C GLY G 93 43.17 -18.23 4.39
N LEU G 94 44.18 -18.89 3.82
CA LEU G 94 44.56 -20.22 4.25
C LEU G 94 45.48 -20.12 5.47
N ILE G 95 45.18 -20.88 6.50
CA ILE G 95 45.83 -20.73 7.80
C ILE G 95 46.93 -21.77 7.95
N VAL G 96 48.10 -21.31 8.39
CA VAL G 96 49.20 -22.18 8.78
C VAL G 96 49.45 -21.94 10.27
N LYS G 97 49.22 -22.96 11.08
CA LYS G 97 49.36 -22.87 12.53
C LYS G 97 50.62 -23.61 12.96
N ILE G 98 51.41 -22.96 13.81
CA ILE G 98 52.69 -23.48 14.28
C ILE G 98 52.63 -23.57 15.80
N LEU G 99 52.95 -24.74 16.33
CA LEU G 99 53.01 -24.97 17.77
C LEU G 99 54.47 -25.21 18.15
N SER G 100 55.06 -24.26 18.86
CA SER G 100 56.47 -24.35 19.23
C SER G 100 56.65 -24.09 20.72
N LYS G 101 57.90 -23.96 21.15
CA LYS G 101 58.22 -23.73 22.56
C LYS G 101 58.60 -22.30 22.88
N ASN G 102 59.50 -21.69 22.10
CA ASN G 102 59.94 -20.32 22.34
C ASN G 102 59.18 -19.30 21.52
N GLY G 103 58.31 -19.73 20.61
CA GLY G 103 57.54 -18.81 19.79
C GLY G 103 58.32 -18.32 18.59
N LEU G 104 57.58 -17.70 17.67
CA LEU G 104 58.17 -17.18 16.44
C LEU G 104 58.49 -15.70 16.53
N ILE G 105 57.79 -14.95 17.38
CA ILE G 105 58.04 -13.53 17.58
C ILE G 105 58.76 -13.28 18.91
N ASN G 106 58.43 -14.06 19.94
CA ASN G 106 59.10 -13.91 21.23
C ASN G 106 60.59 -14.24 21.08
N SER G 107 60.90 -15.26 20.30
CA SER G 107 62.28 -15.66 20.06
C SER G 107 63.02 -14.72 19.11
N LYS G 108 62.46 -13.55 18.82
CA LYS G 108 63.07 -12.51 18.01
C LYS G 108 63.31 -12.95 16.57
N LEU G 109 62.68 -14.05 16.15
CA LEU G 109 62.84 -14.50 14.78
C LEU G 109 62.13 -13.57 13.80
N PHE G 110 60.89 -13.19 14.11
CA PHE G 110 60.10 -12.30 13.30
C PHE G 110 59.43 -11.24 14.18
N LYS G 111 58.68 -10.34 13.55
CA LYS G 111 57.87 -9.39 14.28
C LYS G 111 56.44 -9.43 13.77
N MET G 112 55.60 -8.49 14.21
CA MET G 112 54.19 -8.51 13.87
C MET G 112 53.98 -8.08 12.42
N MET G 113 53.09 -8.80 11.72
CA MET G 113 52.67 -8.46 10.36
C MET G 113 53.87 -8.39 9.40
N ASP G 114 54.52 -9.53 9.24
CA ASP G 114 55.63 -9.67 8.31
C ASP G 114 55.15 -10.37 7.04
N HIS G 115 55.53 -9.81 5.89
CA HIS G 115 55.28 -10.44 4.61
C HIS G 115 56.31 -11.54 4.42
N VAL G 116 55.89 -12.79 4.60
CA VAL G 116 56.81 -13.92 4.58
C VAL G 116 56.37 -14.91 3.52
N TYR G 117 57.35 -15.63 2.98
CA TYR G 117 57.12 -16.72 2.04
C TYR G 117 57.29 -18.04 2.77
N TYR G 118 56.39 -18.98 2.48
CA TYR G 118 56.38 -20.28 3.15
C TYR G 118 56.33 -21.35 2.06
N CYS G 119 57.38 -22.18 1.98
CA CYS G 119 57.49 -23.22 0.97
C CYS G 119 57.69 -24.60 1.58
N VAL G 120 57.06 -25.61 0.98
CA VAL G 120 57.19 -27.00 1.37
C VAL G 120 57.46 -27.82 0.13
N LYS G 121 58.54 -28.60 0.17
CA LYS G 121 58.98 -29.40 -0.96
C LYS G 121 59.20 -30.85 -0.50
N LYS G 122 59.17 -31.76 -1.47
CA LYS G 122 59.37 -33.17 -1.20
C LYS G 122 60.86 -33.51 -1.20
N LYS G 123 61.26 -34.34 -0.25
CA LYS G 123 62.65 -34.77 -0.15
C LYS G 123 62.79 -36.27 -0.37
N LYS H 7 -2.57 11.23 53.85
CA LYS H 7 -1.44 10.46 53.34
C LYS H 7 -0.12 11.16 53.65
N LYS H 8 0.64 10.60 54.59
CA LYS H 8 1.93 11.14 54.98
C LYS H 8 3.10 10.42 54.34
N ILE H 9 2.84 9.57 53.34
CA ILE H 9 3.91 8.82 52.69
C ILE H 9 4.80 9.78 51.92
N ASP H 10 6.12 9.66 52.14
CA ASP H 10 7.09 10.51 51.47
C ASP H 10 7.45 9.90 50.12
N ILE H 11 7.32 10.69 49.05
CA ILE H 11 7.54 10.23 47.70
C ILE H 11 8.79 10.79 47.07
N SER H 12 9.56 11.61 47.81
CA SER H 12 10.78 12.16 47.26
C SER H 12 11.85 11.11 47.05
N ASN H 13 11.70 9.93 47.64
CA ASN H 13 12.67 8.84 47.51
C ASN H 13 12.29 7.86 46.42
N HIS H 14 11.20 8.09 45.70
CA HIS H 14 10.81 7.19 44.63
C HIS H 14 11.84 7.21 43.50
N GLU H 15 11.97 6.08 42.81
CA GLU H 15 13.00 5.94 41.79
C GLU H 15 12.67 6.65 40.49
N LEU H 16 11.46 7.16 40.33
CA LEU H 16 11.10 7.96 39.17
C LEU H 16 11.26 9.46 39.38
N VAL H 17 11.63 9.90 40.58
CA VAL H 17 11.63 11.30 40.94
C VAL H 17 13.07 11.82 40.89
N PRO H 18 13.40 12.73 39.98
CA PRO H 18 14.75 13.33 39.97
C PRO H 18 14.96 14.26 41.16
N LYS H 19 16.11 14.92 41.21
CA LYS H 19 16.43 15.76 42.36
C LYS H 19 16.02 17.20 42.08
N HIS H 20 15.14 17.74 42.93
CA HIS H 20 14.66 19.11 42.80
C HIS H 20 15.37 20.00 43.81
N GLU H 21 15.73 21.21 43.37
CA GLU H 21 16.34 22.20 44.26
C GLU H 21 15.75 23.57 43.96
N ILE H 22 15.72 24.41 44.99
CA ILE H 22 15.26 25.79 44.83
C ILE H 22 16.48 26.65 44.52
N LEU H 23 16.42 27.36 43.40
CA LEU H 23 17.53 28.19 42.95
C LEU H 23 17.50 29.53 43.66
N GLN H 24 18.68 30.00 44.07
CA GLN H 24 18.78 31.30 44.71
C GLN H 24 18.50 32.41 43.69
N LEU H 25 18.18 33.59 44.21
CA LEU H 25 17.79 34.70 43.33
C LEU H 25 18.96 35.13 42.43
N GLU H 26 20.18 35.13 42.97
CA GLU H 26 21.33 35.50 42.15
C GLU H 26 21.53 34.52 41.00
N GLU H 27 21.44 33.23 41.29
CA GLU H 27 21.60 32.22 40.24
C GLU H 27 20.49 32.32 39.21
N ALA H 28 19.25 32.53 39.66
CA ALA H 28 18.15 32.67 38.72
C ALA H 28 18.33 33.90 37.83
N TYR H 29 18.78 35.01 38.41
CA TYR H 29 19.02 36.21 37.63
C TYR H 29 20.12 35.99 36.60
N LYS H 30 21.21 35.32 37.00
CA LYS H 30 22.29 35.04 36.07
C LYS H 30 21.81 34.14 34.93
N LEU H 31 21.03 33.11 35.27
CA LEU H 31 20.50 32.22 34.24
C LEU H 31 19.61 32.97 33.26
N VAL H 32 18.71 33.82 33.77
CA VAL H 32 17.78 34.53 32.91
C VAL H 32 18.54 35.50 32.00
N LYS H 33 19.51 36.22 32.55
CA LYS H 33 20.28 37.15 31.72
C LYS H 33 21.10 36.41 30.66
N GLU H 34 21.71 35.29 31.02
CA GLU H 34 22.56 34.58 30.07
C GLU H 34 21.74 33.87 28.99
N LEU H 35 20.54 33.43 29.32
CA LEU H 35 19.68 32.79 28.32
C LEU H 35 18.97 33.78 27.43
N GLY H 36 18.91 35.05 27.82
CA GLY H 36 18.22 36.05 27.02
C GLY H 36 16.73 35.82 26.89
N ILE H 37 16.07 35.45 27.99
CA ILE H 37 14.65 35.14 27.97
C ILE H 37 13.97 35.86 29.12
N LYS H 38 12.64 35.95 29.02
CA LYS H 38 11.86 36.28 30.19
C LYS H 38 11.71 35.04 31.07
N PRO H 39 11.57 35.22 32.39
CA PRO H 39 11.53 34.04 33.28
C PRO H 39 10.39 33.09 32.99
N GLU H 40 9.29 33.55 32.43
CA GLU H 40 8.14 32.70 32.16
C GLU H 40 8.25 31.93 30.86
N GLN H 41 9.38 32.02 30.17
CA GLN H 41 9.58 31.27 28.95
C GLN H 41 10.19 29.89 29.19
N LEU H 42 10.58 29.59 30.43
CA LEU H 42 11.01 28.25 30.80
C LEU H 42 9.81 27.34 30.96
N PRO H 43 10.02 26.02 30.96
CA PRO H 43 8.91 25.10 31.22
C PRO H 43 8.31 25.35 32.60
N TRP H 44 7.00 25.17 32.71
CA TRP H 44 6.27 25.52 33.92
C TRP H 44 6.13 24.32 34.85
N ILE H 45 5.94 24.61 36.13
CA ILE H 45 5.63 23.61 37.14
C ILE H 45 4.65 24.23 38.13
N ARG H 46 3.59 23.51 38.45
CA ARG H 46 2.58 24.03 39.36
C ARG H 46 3.10 24.04 40.79
N ALA H 47 2.67 25.05 41.55
CA ALA H 47 3.09 25.15 42.94
C ALA H 47 2.44 24.09 43.82
N SER H 48 1.39 23.43 43.33
CA SER H 48 0.73 22.35 44.05
C SER H 48 1.29 20.98 43.68
N ASP H 49 2.36 20.93 42.90
CA ASP H 49 2.97 19.66 42.56
C ASP H 49 3.51 18.99 43.82
N PRO H 50 3.31 17.68 43.98
CA PRO H 50 3.74 17.03 45.23
C PRO H 50 5.22 17.21 45.53
N VAL H 51 6.09 17.10 44.53
CA VAL H 51 7.51 17.29 44.77
C VAL H 51 7.83 18.74 45.06
N ALA H 52 7.21 19.66 44.32
CA ALA H 52 7.41 21.08 44.58
C ALA H 52 6.89 21.47 45.95
N LYS H 53 5.76 20.90 46.37
CA LYS H 53 5.24 21.17 47.70
C LYS H 53 6.13 20.55 48.77
N SER H 54 6.78 19.43 48.47
CA SER H 54 7.63 18.78 49.46
C SER H 54 8.83 19.64 49.84
N ILE H 55 9.30 20.51 48.94
CA ILE H 55 10.45 21.35 49.19
C ILE H 55 10.04 22.79 49.46
N GLY H 56 8.75 23.06 49.61
CA GLY H 56 8.30 24.42 49.90
C GLY H 56 8.55 25.41 48.79
N ALA H 57 8.31 25.01 47.55
CA ALA H 57 8.45 25.92 46.42
C ALA H 57 7.29 26.91 46.40
N LYS H 58 7.59 28.14 46.00
CA LYS H 58 6.60 29.21 45.92
C LYS H 58 6.59 29.81 44.54
N PRO H 59 5.46 30.36 44.09
CA PRO H 59 5.40 30.96 42.76
C PRO H 59 6.42 32.09 42.61
N GLY H 60 7.00 32.17 41.41
CA GLY H 60 8.04 33.13 41.12
C GLY H 60 9.45 32.58 41.24
N ASP H 61 9.63 31.43 41.87
CA ASP H 61 10.93 30.82 42.01
C ASP H 61 11.27 29.98 40.78
N ILE H 62 12.54 29.61 40.68
CA ILE H 62 13.02 28.74 39.61
C ILE H 62 13.58 27.48 40.25
N ILE H 63 13.10 26.33 39.79
CA ILE H 63 13.48 25.03 40.34
C ILE H 63 14.48 24.37 39.41
N LYS H 64 15.62 23.98 39.96
CA LYS H 64 16.66 23.29 39.21
C LYS H 64 16.53 21.79 39.43
N ILE H 65 16.42 21.03 38.34
CA ILE H 65 16.12 19.61 38.39
C ILE H 65 17.30 18.85 37.80
N THR H 66 17.85 17.92 38.57
CA THR H 66 18.93 17.05 38.13
C THR H 66 18.37 15.67 37.87
N ARG H 67 18.63 15.15 36.67
CA ARG H 67 18.06 13.90 36.20
C ARG H 67 19.17 12.95 35.76
N LYS H 68 18.90 11.65 35.91
CA LYS H 68 19.79 10.64 35.37
C LYS H 68 19.76 10.65 33.84
N SER H 69 20.88 10.30 33.24
CA SER H 69 21.02 10.38 31.80
C SER H 69 22.07 9.41 31.30
N PRO H 70 21.75 8.57 30.31
CA PRO H 70 22.75 7.63 29.78
C PRO H 70 23.84 8.28 28.94
N PHE H 71 23.70 9.56 28.59
CA PHE H 71 24.67 10.23 27.74
C PHE H 71 25.68 11.08 28.50
N THR H 72 25.28 11.67 29.63
CA THR H 72 26.18 12.53 30.40
C THR H 72 26.16 12.23 31.89
N GLY H 73 25.46 11.18 32.33
CA GLY H 73 25.37 10.88 33.74
C GLY H 73 24.28 11.65 34.43
N GLU H 74 24.51 12.93 34.69
CA GLU H 74 23.52 13.81 35.29
C GLU H 74 23.31 15.02 34.40
N SER H 75 22.04 15.34 34.12
CA SER H 75 21.68 16.49 33.30
C SER H 75 20.80 17.43 34.12
N VAL H 76 21.05 18.72 33.98
CA VAL H 76 20.39 19.75 34.78
C VAL H 76 19.48 20.56 33.88
N THR H 77 18.21 20.68 34.27
CA THR H 77 17.23 21.50 33.58
C THR H 77 16.58 22.44 34.60
N TYR H 78 15.72 23.32 34.11
CA TYR H 78 15.12 24.34 34.95
C TYR H 78 13.63 24.44 34.66
N ARG H 79 12.86 24.79 35.70
CA ARG H 79 11.43 24.98 35.58
C ARG H 79 11.03 26.24 36.33
N TYR H 80 9.92 26.84 35.90
CA TYR H 80 9.41 28.06 36.51
C TYR H 80 8.14 27.74 37.29
N VAL H 81 8.09 28.16 38.56
CA VAL H 81 6.99 27.82 39.43
C VAL H 81 5.84 28.79 39.20
N ILE H 82 4.71 28.27 38.72
CA ILE H 82 3.53 29.08 38.47
C ILE H 82 2.45 28.70 39.47
N THR H 83 1.51 29.61 39.67
CA THR H 83 0.41 29.37 40.61
C THR H 83 -0.52 28.30 40.06
N GLY H 84 -1.04 27.46 40.95
CA GLY H 84 -1.92 26.39 40.57
C GLY H 84 -1.92 25.25 41.57
N MET I 1 32.21 28.61 32.05
CA MET I 1 30.93 27.90 32.08
C MET I 1 29.81 28.86 32.46
N THR I 2 29.21 29.50 31.45
CA THR I 2 28.11 30.43 31.69
C THR I 2 26.91 29.70 32.30
N ILE I 3 26.31 28.79 31.53
CA ILE I 3 25.16 28.02 31.99
C ILE I 3 25.48 26.54 32.10
N ASP I 4 26.23 26.00 31.14
CA ASP I 4 26.60 24.60 31.14
C ASP I 4 27.92 24.44 30.42
N LYS I 5 28.65 23.38 30.75
CA LYS I 5 29.92 23.09 30.09
C LYS I 5 29.69 22.67 28.64
N ILE I 6 28.62 21.91 28.39
CA ILE I 6 28.35 21.44 27.04
C ILE I 6 28.07 22.60 26.10
N ASN I 7 27.38 23.63 26.60
CA ASN I 7 27.12 24.81 25.76
C ASN I 7 28.41 25.54 25.41
N GLU I 8 29.34 25.64 26.36
CA GLU I 8 30.63 26.24 26.07
C GLU I 8 31.39 25.43 25.02
N ILE I 9 31.37 24.11 25.14
CA ILE I 9 32.03 23.26 24.14
C ILE I 9 31.38 23.46 22.77
N PHE I 10 30.05 23.52 22.74
CA PHE I 10 29.33 23.71 21.48
C PHE I 10 29.72 25.03 20.81
N LYS I 11 29.71 26.12 21.57
CA LYS I 11 30.05 27.43 21.01
C LYS I 11 31.51 27.47 20.57
N GLU I 12 32.41 26.87 21.35
CA GLU I 12 33.81 26.83 20.96
C GLU I 12 34.00 26.05 19.67
N ASN I 13 33.30 24.92 19.52
CA ASN I 13 33.39 24.14 18.30
C ASN I 13 32.89 24.91 17.10
N TRP I 14 31.76 25.59 17.23
CA TRP I 14 31.16 26.27 16.10
C TRP I 14 31.66 27.70 15.92
N LYS I 15 32.64 28.13 16.72
CA LYS I 15 33.16 29.49 16.60
C LYS I 15 33.83 29.70 15.24
N ASN I 16 34.56 28.71 14.75
CA ASN I 16 35.33 28.85 13.51
C ASN I 16 35.02 27.74 12.52
N LYS I 17 33.74 27.39 12.38
CA LYS I 17 33.30 26.40 11.42
C LYS I 17 32.04 26.89 10.71
N LEU I 18 31.81 26.36 9.51
CA LEU I 18 30.65 26.71 8.72
C LEU I 18 29.71 25.51 8.68
N THR I 19 28.48 25.72 9.12
CA THR I 19 27.48 24.67 9.03
C THR I 19 27.09 24.44 7.58
N LYS I 20 26.51 23.27 7.31
CA LYS I 20 26.17 22.93 5.93
C LYS I 20 25.14 23.88 5.36
N TYR I 21 24.26 24.42 6.21
CA TYR I 21 23.28 25.39 5.74
C TYR I 21 23.93 26.67 5.27
N GLU I 22 24.96 27.14 5.99
CA GLU I 22 25.68 28.33 5.56
C GLU I 22 26.39 28.10 4.23
N ILE I 23 27.00 26.93 4.07
CA ILE I 23 27.67 26.60 2.81
C ILE I 23 26.67 26.57 1.66
N ALA I 24 25.52 25.93 1.88
CA ALA I 24 24.51 25.85 0.83
C ALA I 24 23.99 27.23 0.47
N ARG I 25 23.75 28.08 1.47
CA ARG I 25 23.27 29.44 1.20
C ARG I 25 24.31 30.25 0.42
N ILE I 26 25.58 30.16 0.81
CA ILE I 26 26.63 30.89 0.10
C ILE I 26 26.71 30.43 -1.34
N ILE I 27 26.68 29.11 -1.56
CA ILE I 27 26.79 28.59 -2.92
C ILE I 27 25.59 29.02 -3.75
N SER I 28 24.39 29.00 -3.17
CA SER I 28 23.20 29.43 -3.90
C SER I 28 23.29 30.90 -4.29
N ALA I 29 23.71 31.75 -3.34
CA ALA I 29 23.82 33.18 -3.64
C ALA I 29 24.85 33.43 -4.73
N ARG I 30 26.02 32.78 -4.63
CA ARG I 30 27.05 32.98 -5.64
C ARG I 30 26.61 32.48 -7.01
N ALA I 31 25.93 31.32 -7.03
CA ALA I 31 25.45 30.79 -8.31
C ALA I 31 24.42 31.72 -8.94
N LEU I 32 23.53 32.29 -8.13
CA LEU I 32 22.58 33.26 -8.67
C LEU I 32 23.29 34.50 -9.18
N GLN I 33 24.35 34.93 -8.49
CA GLN I 33 25.10 36.09 -8.95
C GLN I 33 25.78 35.83 -10.30
N LEU I 34 26.43 34.68 -10.44
CA LEU I 34 27.14 34.39 -11.69
C LEU I 34 26.20 34.23 -12.87
N SER I 35 24.96 33.80 -12.63
CA SER I 35 24.04 33.57 -13.74
C SER I 35 23.74 34.84 -14.51
N MET I 36 23.96 36.01 -13.90
CA MET I 36 23.73 37.29 -14.56
C MET I 36 24.85 38.25 -14.15
N GLY I 37 25.72 38.60 -15.10
CA GLY I 37 26.88 39.40 -14.78
C GLY I 37 27.82 38.65 -13.86
N ALA I 38 28.54 39.39 -13.03
CA ALA I 38 29.36 38.86 -11.94
C ALA I 38 30.40 37.86 -12.48
N LEU I 39 31.35 38.41 -13.21
CA LEU I 39 32.40 37.58 -13.80
C LEU I 39 33.17 36.84 -12.71
N PRO I 40 33.60 35.60 -12.97
CA PRO I 40 34.17 34.78 -11.89
C PRO I 40 35.48 35.34 -11.36
N LEU I 41 35.78 34.98 -10.11
CA LEU I 41 37.00 35.38 -9.44
C LEU I 41 38.15 34.39 -9.65
N ILE I 42 37.93 33.34 -10.45
CA ILE I 42 38.96 32.33 -10.68
C ILE I 42 39.22 32.23 -12.19
N ASP I 43 40.13 31.35 -12.57
CA ASP I 43 40.43 31.10 -13.98
C ASP I 43 39.46 30.04 -14.48
N THR I 44 38.49 30.46 -15.28
CA THR I 44 37.43 29.57 -15.76
C THR I 44 37.79 28.94 -17.10
N SER I 45 38.97 28.32 -17.16
CA SER I 45 39.39 27.57 -18.34
C SER I 45 39.80 26.14 -18.04
N ASN I 46 40.35 25.87 -16.85
CA ASN I 46 40.72 24.52 -16.45
C ASN I 46 39.53 23.79 -15.81
N LEU I 47 38.44 24.50 -15.56
CA LEU I 47 37.30 23.90 -14.88
C LEU I 47 36.68 22.79 -15.72
N LYS I 48 36.34 21.67 -15.07
CA LYS I 48 35.74 20.55 -15.77
C LYS I 48 34.36 20.91 -16.32
N SER I 49 33.57 21.64 -15.55
CA SER I 49 32.21 22.02 -15.93
C SER I 49 32.09 23.54 -15.96
N ASP I 50 31.34 24.06 -16.94
CA ASP I 50 31.18 25.49 -17.13
C ASP I 50 29.88 26.02 -16.54
N ASP I 51 29.13 25.18 -15.83
CA ASP I 51 27.91 25.66 -15.19
C ASP I 51 28.23 26.46 -13.93
N VAL I 52 27.26 27.29 -13.52
CA VAL I 52 27.51 28.25 -12.45
C VAL I 52 27.71 27.56 -11.10
N ILE I 53 27.04 26.43 -10.88
CA ILE I 53 27.13 25.75 -9.59
C ILE I 53 28.56 25.30 -9.31
N SER I 54 29.20 24.68 -10.31
CA SER I 54 30.57 24.20 -10.12
C SER I 54 31.54 25.34 -9.89
N ILE I 55 31.37 26.45 -10.61
CA ILE I 55 32.23 27.60 -10.41
C ILE I 55 32.06 28.16 -9.01
N ALA I 56 30.81 28.22 -8.52
CA ALA I 56 30.57 28.70 -7.17
C ALA I 56 31.23 27.79 -6.13
N GLU I 57 31.10 26.47 -6.31
CA GLU I 57 31.74 25.54 -5.38
C GLU I 57 33.25 25.70 -5.40
N GLU I 58 33.84 25.85 -6.60
CA GLU I 58 35.29 26.01 -6.69
C GLU I 58 35.75 27.30 -6.02
N GLU I 59 35.01 28.40 -6.24
CA GLU I 59 35.36 29.67 -5.61
C GLU I 59 35.26 29.58 -4.09
N LEU I 60 34.22 28.92 -3.59
CA LEU I 60 34.11 28.74 -2.14
C LEU I 60 35.25 27.88 -1.61
N LYS I 61 35.63 26.83 -2.33
CA LYS I 61 36.70 25.96 -1.88
C LYS I 61 38.04 26.69 -1.84
N ARG I 62 38.33 27.51 -2.85
CA ARG I 62 39.61 28.22 -2.87
C ARG I 62 39.65 29.38 -1.89
N GLY I 63 38.50 29.86 -1.43
CA GLY I 63 38.47 30.93 -0.46
C GLY I 63 38.76 32.30 -1.05
N VAL I 64 38.01 32.67 -2.07
CA VAL I 64 38.15 33.97 -2.71
C VAL I 64 36.90 34.83 -2.62
N LEU I 65 35.80 34.27 -2.12
CA LEU I 65 34.54 35.00 -2.05
C LEU I 65 34.60 36.04 -0.93
N PRO I 66 34.28 37.29 -1.20
CA PRO I 66 34.25 38.33 -0.15
C PRO I 66 32.89 38.39 0.55
N ILE I 67 32.56 37.32 1.27
CA ILE I 67 31.27 37.18 1.92
C ILE I 67 31.49 36.89 3.40
N THR I 68 30.72 37.58 4.25
CA THR I 68 30.75 37.35 5.68
C THR I 68 29.36 36.96 6.18
N ILE I 69 29.34 36.11 7.20
CA ILE I 69 28.11 35.61 7.80
C ILE I 69 27.98 36.22 9.19
N ARG I 70 26.77 36.72 9.49
CA ARG I 70 26.44 37.26 10.80
C ARG I 70 25.64 36.21 11.57
N ARG I 71 26.16 35.77 12.71
CA ARG I 71 25.46 34.86 13.60
C ARG I 71 24.98 35.66 14.79
N ILE I 72 23.66 35.76 14.95
CA ILE I 72 23.05 36.54 16.02
C ILE I 72 22.59 35.56 17.10
N TYR I 73 23.26 35.60 18.25
CA TYR I 73 22.93 34.70 19.34
C TYR I 73 21.60 35.10 19.98
N PRO I 74 20.95 34.18 20.69
CA PRO I 74 19.64 34.50 21.29
C PRO I 74 19.68 35.63 22.29
N ASN I 75 20.82 35.93 22.91
CA ASN I 75 20.91 37.02 23.86
C ASN I 75 21.29 38.34 23.23
N GLY I 76 21.41 38.40 21.90
CA GLY I 76 21.72 39.63 21.20
C GLY I 76 23.15 39.76 20.72
N GLN I 77 24.06 38.91 21.22
CA GLN I 77 25.44 38.95 20.77
C GLN I 77 25.53 38.57 19.30
N VAL I 78 26.38 39.29 18.57
CA VAL I 78 26.58 39.04 17.14
C VAL I 78 28.03 38.64 16.90
N GLU I 79 28.21 37.73 15.95
CA GLU I 79 29.52 37.21 15.58
C GLU I 79 29.66 37.27 14.06
N LEU I 80 30.76 37.83 13.59
CA LEU I 80 31.03 37.95 12.16
C LEU I 80 32.09 36.93 11.77
N ILE I 81 31.79 36.09 10.79
CA ILE I 81 32.72 35.09 10.31
C ILE I 81 32.95 35.30 8.82
N SER I 82 34.22 35.36 8.42
CA SER I 82 34.58 35.63 7.03
C SER I 82 35.08 34.36 6.36
N VAL I 83 34.68 34.18 5.09
CA VAL I 83 35.08 32.99 4.36
C VAL I 83 36.35 33.18 3.54
N ARG I 84 36.80 34.42 3.36
CA ARG I 84 38.04 34.66 2.63
C ARG I 84 39.24 34.32 3.51
N LYS I 85 40.18 33.55 2.95
CA LYS I 85 41.34 33.13 3.73
C LYS I 85 42.27 34.30 4.05
N ILE I 86 42.54 35.15 3.05
CA ILE I 86 43.45 36.30 3.14
C ILE I 86 44.68 36.01 4.00
N MET J 1 30.69 1.96 -36.14
CA MET J 1 31.85 1.60 -35.33
C MET J 1 32.86 2.72 -35.27
N GLU J 2 32.97 3.36 -34.11
CA GLU J 2 33.88 4.48 -33.92
C GLU J 2 34.69 4.28 -32.65
N ILE J 3 35.98 4.58 -32.72
CA ILE J 3 36.86 4.41 -31.57
C ILE J 3 37.24 5.78 -31.03
N LYS J 4 37.53 5.83 -29.74
CA LYS J 4 38.07 7.03 -29.12
C LYS J 4 38.95 6.62 -27.96
N VAL J 5 39.85 7.52 -27.57
CA VAL J 5 40.83 7.26 -26.52
C VAL J 5 40.47 8.08 -25.30
N ILE J 6 40.27 7.40 -24.17
CA ILE J 6 39.98 8.10 -22.93
C ILE J 6 41.27 8.52 -22.24
N LYS J 7 42.19 7.58 -22.08
CA LYS J 7 43.51 7.85 -21.53
C LYS J 7 44.55 7.10 -22.35
N GLU J 8 45.78 7.61 -22.33
CA GLU J 8 46.85 6.98 -23.10
C GLU J 8 48.19 7.36 -22.51
N GLU J 9 49.02 6.34 -22.23
CA GLU J 9 50.39 6.53 -21.82
C GLU J 9 51.23 5.52 -22.58
N GLN J 10 52.50 5.39 -22.20
CA GLN J 10 53.36 4.40 -22.84
C GLN J 10 52.94 2.99 -22.48
N ASN J 11 52.51 2.78 -21.23
CA ASN J 11 52.13 1.45 -20.74
C ASN J 11 50.69 1.41 -20.27
N TYR J 12 49.84 2.26 -20.82
CA TYR J 12 48.43 2.27 -20.44
C TYR J 12 47.59 2.78 -21.61
N LEU J 13 46.48 2.10 -21.87
CA LEU J 13 45.53 2.54 -22.89
C LEU J 13 44.12 2.23 -22.43
N GLU J 14 43.22 3.19 -22.64
CA GLU J 14 41.79 3.03 -22.41
C GLU J 14 41.08 3.44 -23.68
N LEU J 15 40.47 2.47 -24.36
CA LEU J 15 39.86 2.70 -25.67
C LEU J 15 38.38 2.38 -25.61
N GLN J 16 37.55 3.32 -26.04
CA GLN J 16 36.11 3.13 -26.09
C GLN J 16 35.70 2.91 -27.53
N ILE J 17 35.04 1.78 -27.80
CA ILE J 17 34.61 1.40 -29.13
C ILE J 17 33.09 1.37 -29.15
N ASP J 18 32.49 2.15 -30.04
CA ASP J 18 31.05 2.22 -30.20
C ASP J 18 30.64 1.43 -31.43
N GLY J 19 29.64 0.57 -31.28
CA GLY J 19 29.23 -0.35 -32.31
C GLY J 19 29.65 -1.78 -32.10
N GLU J 20 30.20 -2.12 -30.93
CA GLU J 20 30.73 -3.45 -30.68
C GLU J 20 30.18 -3.97 -29.35
N GLU J 21 30.31 -5.27 -29.16
CA GLU J 21 29.76 -5.96 -27.99
C GLU J 21 30.66 -7.15 -27.67
N HIS J 22 30.15 -8.09 -26.87
CA HIS J 22 31.01 -9.13 -26.28
C HIS J 22 31.77 -9.92 -27.34
N THR J 23 31.23 -10.04 -28.55
CA THR J 23 31.84 -10.90 -29.57
C THR J 23 33.28 -10.50 -29.84
N ILE J 24 33.54 -9.20 -29.98
CA ILE J 24 34.89 -8.72 -30.26
C ILE J 24 35.65 -8.43 -28.98
N GLY J 25 34.98 -7.95 -27.95
CA GLY J 25 35.67 -7.62 -26.71
C GLY J 25 36.31 -8.82 -26.05
N ASN J 26 35.55 -9.92 -25.96
CA ASN J 26 36.10 -11.13 -25.33
C ASN J 26 37.27 -11.68 -26.13
N LEU J 27 37.14 -11.68 -27.46
CA LEU J 27 38.23 -12.15 -28.31
C LEU J 27 39.49 -11.31 -28.11
N LEU J 28 39.33 -9.98 -28.09
CA LEU J 28 40.48 -9.10 -27.92
C LEU J 28 41.11 -9.30 -26.54
N LYS J 29 40.30 -9.44 -25.50
CA LYS J 29 40.86 -9.66 -24.16
C LYS J 29 41.62 -10.99 -24.10
N GLY J 30 41.06 -12.05 -24.68
CA GLY J 30 41.73 -13.33 -24.68
C GLY J 30 43.03 -13.30 -25.45
N MET J 31 43.08 -12.56 -26.56
CA MET J 31 44.31 -12.46 -27.31
C MET J 31 45.34 -11.61 -26.60
N LEU J 32 44.89 -10.52 -25.95
CA LEU J 32 45.81 -9.65 -25.24
C LEU J 32 46.45 -10.37 -24.06
N LEU J 33 45.70 -11.23 -23.38
CA LEU J 33 46.28 -11.96 -22.27
C LEU J 33 47.37 -12.93 -22.69
N LYS J 34 47.51 -13.21 -23.99
CA LYS J 34 48.56 -14.09 -24.50
C LYS J 34 49.76 -13.34 -25.04
N VAL J 35 49.65 -12.04 -25.30
CA VAL J 35 50.79 -11.28 -25.81
C VAL J 35 51.81 -11.08 -24.70
N PRO J 36 53.08 -11.39 -24.91
CA PRO J 36 54.07 -11.17 -23.85
C PRO J 36 54.27 -9.69 -23.57
N GLY J 37 54.55 -9.38 -22.30
CA GLY J 37 54.75 -8.02 -21.87
C GLY J 37 53.50 -7.31 -21.40
N VAL J 38 52.33 -7.93 -21.50
CA VAL J 38 51.07 -7.34 -21.04
C VAL J 38 50.79 -7.85 -19.64
N LYS J 39 50.55 -6.93 -18.71
CA LYS J 39 50.30 -7.29 -17.33
C LYS J 39 48.82 -7.33 -16.97
N PHE J 40 48.01 -6.49 -17.59
CA PHE J 40 46.58 -6.48 -17.31
C PHE J 40 45.83 -6.13 -18.58
N ALA J 41 44.74 -6.86 -18.84
CA ALA J 41 43.89 -6.58 -19.99
C ALA J 41 42.46 -6.93 -19.62
N ALA J 42 41.54 -6.01 -19.89
CA ALA J 42 40.14 -6.26 -19.57
C ALA J 42 39.26 -5.48 -20.53
N TYR J 43 38.00 -5.91 -20.62
CA TYR J 43 36.99 -5.18 -21.36
C TYR J 43 35.73 -5.09 -20.51
N SER J 44 34.96 -4.04 -20.74
CA SER J 44 33.76 -3.77 -19.95
C SER J 44 32.65 -3.29 -20.87
N LEU J 45 31.42 -3.66 -20.50
CA LEU J 45 30.22 -3.19 -21.17
C LEU J 45 29.54 -2.20 -20.23
N PRO J 46 29.65 -0.89 -20.47
CA PRO J 46 29.15 0.08 -19.49
C PRO J 46 27.66 -0.05 -19.21
N HIS J 47 26.86 -0.41 -20.21
CA HIS J 47 25.43 -0.62 -19.99
C HIS J 47 24.90 -1.57 -21.05
N PRO J 48 24.10 -2.57 -20.65
CA PRO J 48 23.59 -3.53 -21.64
C PRO J 48 22.73 -2.91 -22.71
N LEU J 49 22.05 -1.80 -22.41
CA LEU J 49 21.19 -1.15 -23.39
C LEU J 49 21.97 -0.34 -24.42
N ILE J 50 23.28 -0.15 -24.23
CA ILE J 50 24.11 0.64 -25.12
C ILE J 50 25.14 -0.30 -25.75
N THR J 51 25.24 -0.26 -27.07
CA THR J 51 26.17 -1.11 -27.82
C THR J 51 27.51 -0.38 -27.89
N SER J 52 28.36 -0.62 -26.89
CA SER J 52 29.66 0.02 -26.78
C SER J 52 30.47 -0.68 -25.70
N ILE J 53 31.77 -0.78 -25.92
CA ILE J 53 32.66 -1.45 -24.98
C ILE J 53 33.85 -0.55 -24.67
N THR J 54 34.51 -0.85 -23.55
CA THR J 54 35.71 -0.15 -23.12
C THR J 54 36.79 -1.16 -22.82
N ILE J 55 37.96 -1.00 -23.46
CA ILE J 55 39.08 -1.91 -23.33
C ILE J 55 40.19 -1.19 -22.57
N LYS J 56 40.68 -1.84 -21.51
CA LYS J 56 41.77 -1.31 -20.68
C LYS J 56 42.97 -2.23 -20.80
N ILE J 57 44.11 -1.68 -21.20
CA ILE J 57 45.35 -2.42 -21.38
C ILE J 57 46.44 -1.75 -20.55
N LEU J 58 47.19 -2.55 -19.79
CA LEU J 58 48.29 -2.07 -18.98
C LEU J 58 49.46 -3.03 -19.15
N THR J 59 50.58 -2.52 -19.65
CA THR J 59 51.77 -3.31 -19.90
C THR J 59 52.85 -2.97 -18.87
N ASP J 60 54.02 -3.59 -19.05
CA ASP J 60 55.15 -3.38 -18.15
C ASP J 60 56.19 -2.43 -18.72
N GLY J 61 55.90 -1.76 -19.83
CA GLY J 61 56.79 -0.81 -20.45
C GLY J 61 57.65 -1.37 -21.56
N SER J 62 57.77 -2.69 -21.65
CA SER J 62 58.53 -3.29 -22.74
C SER J 62 57.88 -3.03 -24.10
N ILE J 63 56.54 -3.06 -24.15
CA ILE J 63 55.81 -2.87 -25.38
C ILE J 63 54.70 -1.86 -25.14
N SER J 64 54.50 -0.97 -26.10
CA SER J 64 53.42 0.02 -26.01
C SER J 64 52.07 -0.67 -26.05
N ALA J 65 51.08 -0.06 -25.39
CA ALA J 65 49.75 -0.65 -25.32
C ALA J 65 49.11 -0.74 -26.71
N ARG J 66 49.30 0.28 -27.54
CA ARG J 66 48.79 0.25 -28.89
C ARG J 66 49.42 -0.89 -29.69
N GLU J 67 50.72 -1.10 -29.52
CA GLU J 67 51.39 -2.22 -30.17
C GLU J 67 50.82 -3.54 -29.69
N ALA J 68 50.52 -3.65 -28.40
CA ALA J 68 49.91 -4.87 -27.88
C ALA J 68 48.55 -5.12 -28.51
N LEU J 69 47.75 -4.07 -28.66
CA LEU J 69 46.44 -4.22 -29.30
C LEU J 69 46.59 -4.66 -30.75
N ILE J 70 47.55 -4.08 -31.48
CA ILE J 70 47.78 -4.47 -32.86
C ILE J 70 48.20 -5.94 -32.95
N LYS J 71 49.08 -6.36 -32.03
CA LYS J 71 49.51 -7.77 -32.03
C LYS J 71 48.35 -8.69 -31.74
N ALA J 72 47.47 -8.32 -30.81
CA ALA J 72 46.30 -9.14 -30.53
C ALA J 72 45.40 -9.25 -31.75
N ILE J 73 45.20 -8.15 -32.46
CA ILE J 73 44.38 -8.19 -33.68
C ILE J 73 45.02 -9.10 -34.71
N GLU J 74 46.35 -9.04 -34.84
CA GLU J 74 47.04 -9.92 -35.77
C GLU J 74 46.82 -11.39 -35.42
N LEU J 75 46.94 -11.73 -34.13
CA LEU J 75 46.70 -13.11 -33.70
C LEU J 75 45.28 -13.56 -34.03
N ALA J 76 44.30 -12.70 -33.75
CA ALA J 76 42.91 -13.07 -34.03
C ALA J 76 42.68 -13.27 -35.52
N GLU J 77 43.26 -12.41 -36.35
CA GLU J 77 43.11 -12.56 -37.80
C GLU J 77 43.75 -13.84 -38.29
N ASN J 78 44.92 -14.19 -37.74
CA ASN J 78 45.57 -15.44 -38.11
C ASN J 78 44.70 -16.64 -37.77
N TYR J 79 44.11 -16.63 -36.56
CA TYR J 79 43.23 -17.72 -36.17
C TYR J 79 42.01 -17.82 -37.08
N ALA J 80 41.42 -16.68 -37.44
CA ALA J 80 40.25 -16.70 -38.32
C ALA J 80 40.60 -17.27 -39.69
N ASN J 81 41.73 -16.85 -40.26
CA ASN J 81 42.13 -17.37 -41.56
C ASN J 81 42.40 -18.87 -41.51
N LEU J 82 43.06 -19.33 -40.44
CA LEU J 82 43.30 -20.77 -40.30
C LEU J 82 41.99 -21.53 -40.19
N PHE J 83 41.03 -20.99 -39.44
CA PHE J 83 39.73 -21.65 -39.30
C PHE J 83 39.03 -21.76 -40.64
N ILE J 84 39.05 -20.70 -41.44
CA ILE J 84 38.42 -20.76 -42.76
C ILE J 84 39.09 -21.83 -43.62
N ASP J 85 40.42 -21.80 -43.69
CA ASP J 85 41.15 -22.75 -44.52
C ASP J 85 40.97 -24.19 -44.06
N GLU J 86 40.69 -24.44 -42.79
CA GLU J 86 40.47 -25.81 -42.33
C GLU J 86 39.02 -26.25 -42.47
N VAL J 87 38.05 -25.36 -42.28
CA VAL J 87 36.66 -25.72 -42.50
C VAL J 87 36.40 -25.99 -43.97
N LYS J 88 37.06 -25.25 -44.86
CA LYS J 88 36.87 -25.48 -46.29
C LYS J 88 37.31 -26.86 -46.74
N LYS J 89 38.12 -27.55 -45.94
CA LYS J 89 38.65 -28.86 -46.31
C LYS J 89 37.77 -30.02 -45.83
N ILE J 90 36.71 -29.75 -45.10
CA ILE J 90 35.81 -30.82 -44.68
C ILE J 90 34.39 -30.56 -45.19
N MET K 1 -3.84 -18.67 -31.26
CA MET K 1 -4.91 -18.72 -32.26
C MET K 1 -4.57 -19.76 -33.33
N ILE K 2 -3.37 -19.63 -33.90
CA ILE K 2 -2.87 -20.56 -34.89
C ILE K 2 -1.43 -20.90 -34.50
N ILE K 3 -0.95 -22.04 -35.00
CA ILE K 3 0.34 -22.57 -34.56
C ILE K 3 1.45 -21.57 -34.91
N PRO K 4 2.33 -21.23 -33.97
CA PRO K 4 3.44 -20.33 -34.29
C PRO K 4 4.37 -20.94 -35.33
N ILE K 5 4.97 -20.07 -36.14
CA ILE K 5 5.84 -20.53 -37.21
C ILE K 5 7.10 -21.17 -36.64
N ARG K 6 7.67 -20.60 -35.58
CA ARG K 6 8.91 -21.07 -35.01
C ARG K 6 8.76 -21.28 -33.52
N CYS K 7 9.57 -22.18 -32.99
CA CYS K 7 9.68 -22.36 -31.54
C CYS K 7 10.16 -21.05 -30.91
N PHE K 8 9.64 -20.75 -29.72
CA PHE K 8 9.97 -19.49 -29.09
C PHE K 8 11.42 -19.47 -28.59
N THR K 9 11.85 -20.55 -27.93
CA THR K 9 13.19 -20.57 -27.34
C THR K 9 14.27 -20.64 -28.41
N CYS K 10 14.25 -21.68 -29.23
CA CYS K 10 15.15 -21.81 -30.36
C CYS K 10 14.37 -21.57 -31.65
N GLY K 11 15.06 -21.05 -32.66
CA GLY K 11 14.37 -20.66 -33.88
C GLY K 11 13.99 -21.79 -34.80
N ALA K 12 13.75 -22.98 -34.24
CA ALA K 12 13.40 -24.14 -35.05
C ALA K 12 11.99 -24.02 -35.59
N VAL K 13 11.81 -24.32 -36.87
CA VAL K 13 10.50 -24.28 -37.49
C VAL K 13 9.66 -25.43 -36.97
N VAL K 14 8.46 -25.13 -36.50
CA VAL K 14 7.63 -26.15 -35.84
C VAL K 14 6.23 -26.12 -36.44
N ALA K 15 5.95 -25.12 -37.27
CA ALA K 15 4.61 -24.99 -37.84
C ALA K 15 4.29 -26.10 -38.83
N ASP K 16 5.29 -26.60 -39.54
CA ASP K 16 5.07 -27.64 -40.54
C ASP K 16 4.86 -29.02 -39.93
N LYS K 17 5.06 -29.17 -38.63
CA LYS K 17 4.92 -30.45 -37.95
C LYS K 17 3.63 -30.55 -37.14
N TRP K 18 2.69 -29.63 -37.34
CA TRP K 18 1.46 -29.61 -36.56
C TRP K 18 0.40 -30.53 -37.14
N GLU K 19 0.13 -30.43 -38.44
CA GLU K 19 -0.93 -31.24 -39.04
C GLU K 19 -0.60 -32.73 -39.09
N PRO K 20 0.67 -33.17 -39.15
CA PRO K 20 0.93 -34.60 -38.93
C PRO K 20 0.68 -35.00 -37.48
N PHE K 21 1.33 -34.30 -36.56
CA PHE K 21 1.23 -34.67 -35.13
C PHE K 21 -0.20 -34.62 -34.65
N SER K 22 -0.95 -33.60 -35.05
CA SER K 22 -2.33 -33.48 -34.61
C SER K 22 -3.19 -34.63 -35.13
N ASN K 23 -2.81 -35.25 -36.24
CA ASN K 23 -3.61 -36.33 -36.81
C ASN K 23 -3.25 -37.68 -36.21
N ARG K 24 -1.97 -38.03 -36.23
CA ARG K 24 -1.55 -39.36 -35.80
C ARG K 24 -1.81 -39.58 -34.31
N VAL K 25 -1.83 -38.51 -33.51
CA VAL K 25 -2.20 -38.66 -32.11
C VAL K 25 -3.69 -38.96 -31.99
N MET K 26 -4.52 -38.34 -32.84
CA MET K 26 -5.94 -38.66 -32.84
C MET K 26 -6.21 -40.06 -33.36
N GLY K 27 -5.26 -40.67 -34.05
CA GLY K 27 -5.37 -42.03 -34.53
C GLY K 27 -5.02 -43.09 -33.52
N GLY K 28 -4.70 -42.71 -32.29
CA GLY K 28 -4.39 -43.66 -31.25
C GLY K 28 -2.92 -43.86 -30.95
N GLU K 29 -2.04 -43.13 -31.62
CA GLU K 29 -0.61 -43.26 -31.41
C GLU K 29 -0.18 -42.36 -30.25
N ASP K 30 0.71 -42.88 -29.40
CA ASP K 30 1.16 -42.11 -28.25
C ASP K 30 1.99 -40.91 -28.70
N PRO K 31 1.85 -39.76 -28.04
CA PRO K 31 2.54 -38.56 -28.50
C PRO K 31 4.06 -38.66 -28.50
N GLU K 32 4.64 -39.41 -27.57
CA GLU K 32 6.10 -39.41 -27.43
C GLU K 32 6.77 -40.00 -28.67
N LYS K 33 6.27 -41.15 -29.13
CA LYS K 33 6.88 -41.80 -30.30
C LYS K 33 6.72 -40.94 -31.55
N VAL K 34 5.54 -40.36 -31.74
CA VAL K 34 5.31 -39.50 -32.91
C VAL K 34 6.23 -38.30 -32.88
N LEU K 35 6.38 -37.66 -31.71
CA LEU K 35 7.27 -36.52 -31.60
C LEU K 35 8.71 -36.91 -31.86
N THR K 36 9.14 -38.06 -31.34
CA THR K 36 10.52 -38.48 -31.54
C THR K 36 10.80 -38.78 -33.01
N GLU K 37 9.88 -39.46 -33.69
CA GLU K 37 10.12 -39.81 -35.09
C GLU K 37 9.85 -38.66 -36.06
N LEU K 38 9.16 -37.62 -35.61
CA LEU K 38 8.97 -36.44 -36.46
C LEU K 38 10.19 -35.53 -36.49
N GLY K 39 11.17 -35.76 -35.62
CA GLY K 39 12.35 -34.94 -35.56
C GLY K 39 12.37 -33.88 -34.47
N VAL K 40 11.50 -34.00 -33.46
CA VAL K 40 11.43 -33.04 -32.37
C VAL K 40 12.05 -33.70 -31.15
N ASN K 41 13.17 -33.16 -30.68
CA ASN K 41 13.92 -33.77 -29.60
C ASN K 41 14.15 -32.85 -28.40
N ARG K 42 14.29 -31.55 -28.60
CA ARG K 42 14.40 -30.62 -27.48
C ARG K 42 13.02 -30.37 -26.90
N TYR K 43 12.94 -30.36 -25.56
CA TYR K 43 11.62 -30.30 -24.94
C TYR K 43 10.95 -28.94 -25.09
N CYS K 44 11.67 -27.92 -25.56
CA CYS K 44 11.00 -26.65 -25.86
C CYS K 44 10.06 -26.80 -27.04
N CYS K 45 10.50 -27.46 -28.11
CA CYS K 45 9.63 -27.68 -29.25
C CYS K 45 8.52 -28.67 -28.92
N ARG K 46 8.80 -29.65 -28.06
CA ARG K 46 7.75 -30.52 -27.58
C ARG K 46 6.70 -29.75 -26.79
N ARG K 47 7.13 -28.80 -25.97
CA ARG K 47 6.18 -27.93 -25.28
C ARG K 47 5.35 -27.13 -26.29
N MET K 48 6.00 -26.63 -27.34
CA MET K 48 5.28 -25.85 -28.34
C MET K 48 4.20 -26.68 -29.01
N LEU K 49 4.51 -27.93 -29.36
CA LEU K 49 3.55 -28.75 -30.07
C LEU K 49 2.47 -29.34 -29.16
N LEU K 50 2.82 -29.66 -27.91
CA LEU K 50 1.91 -30.38 -27.03
C LEU K 50 0.83 -29.51 -26.42
N SER K 51 1.00 -28.20 -26.41
CA SER K 51 0.09 -27.31 -25.70
C SER K 51 -0.54 -26.28 -26.63
N HIS K 52 -0.70 -26.61 -27.89
CA HIS K 52 -1.42 -25.73 -28.83
C HIS K 52 -2.91 -25.99 -28.73
N VAL K 53 -3.69 -24.94 -28.96
CA VAL K 53 -5.13 -24.96 -28.75
C VAL K 53 -5.91 -24.82 -30.06
N ASN K 54 -5.40 -24.04 -31.01
CA ASN K 54 -6.01 -23.87 -32.33
C ASN K 54 -7.42 -23.31 -32.24
N ILE K 55 -7.51 -22.05 -31.81
CA ILE K 55 -8.79 -21.38 -31.69
C ILE K 55 -9.34 -20.89 -33.03
N ILE K 56 -8.48 -20.72 -34.04
CA ILE K 56 -8.90 -20.04 -35.27
C ILE K 56 -10.04 -20.79 -35.97
N ARG K 57 -10.13 -22.10 -35.76
CA ARG K 57 -11.23 -22.86 -36.34
C ARG K 57 -12.58 -22.43 -35.80
N GLU K 58 -12.62 -21.80 -34.63
CA GLU K 58 -13.85 -21.22 -34.11
C GLU K 58 -14.01 -19.76 -34.49
N ILE K 59 -12.91 -19.05 -34.68
CA ILE K 59 -12.98 -17.62 -34.98
C ILE K 59 -13.31 -17.36 -36.45
N ILE K 60 -13.07 -18.33 -37.33
CA ILE K 60 -13.45 -18.14 -38.74
C ILE K 60 -14.95 -17.94 -38.88
N HIS K 61 -15.75 -18.40 -37.93
CA HIS K 61 -17.18 -18.16 -37.96
C HIS K 61 -17.54 -16.74 -37.58
N TYR K 62 -16.75 -16.10 -36.72
CA TYR K 62 -17.04 -14.76 -36.21
C TYR K 62 -15.91 -13.85 -36.67
N THR K 63 -16.03 -13.32 -37.88
CA THR K 63 -14.96 -12.50 -38.47
C THR K 63 -15.48 -11.09 -38.70
N ARG K 64 -14.55 -10.13 -38.67
CA ARG K 64 -14.91 -8.73 -38.84
C ARG K 64 -15.63 -8.54 -40.18
N PRO K 65 -16.73 -7.81 -40.21
CA PRO K 65 -17.49 -7.66 -41.47
C PRO K 65 -16.91 -6.58 -42.39
N ILE K 66 -15.68 -6.17 -42.15
CA ILE K 66 -15.04 -5.16 -42.99
C ILE K 66 -14.84 -5.68 -44.40
N ALA L 2 -19.13 6.76 -48.27
CA ALA L 2 -18.36 5.83 -49.09
C ALA L 2 -19.19 4.61 -49.43
N LYS L 3 -18.61 3.43 -49.30
CA LYS L 3 -19.28 2.17 -49.58
C LYS L 3 -19.47 1.38 -48.31
N TYR L 4 -20.63 0.72 -48.19
CA TYR L 4 -20.96 -0.07 -47.03
C TYR L 4 -21.16 -1.53 -47.41
N ARG L 5 -21.41 -2.35 -46.38
CA ARG L 5 -21.65 -3.77 -46.55
C ARG L 5 -22.73 -4.20 -45.58
N CYS L 6 -23.69 -4.99 -46.07
CA CYS L 6 -24.77 -5.46 -45.22
C CYS L 6 -24.23 -6.40 -44.16
N GLY L 7 -24.73 -6.25 -42.93
CA GLY L 7 -24.21 -7.01 -41.80
C GLY L 7 -24.73 -8.42 -41.68
N LYS L 8 -25.91 -8.70 -42.25
CA LYS L 8 -26.50 -10.03 -42.12
C LYS L 8 -25.62 -11.07 -42.81
N CYS L 9 -25.39 -12.19 -42.10
CA CYS L 9 -24.52 -13.26 -42.58
C CYS L 9 -23.12 -12.75 -42.90
N TRP L 10 -22.62 -11.86 -42.03
CA TRP L 10 -21.26 -11.31 -42.13
C TRP L 10 -21.12 -10.58 -43.46
N LYS L 11 -20.23 -10.99 -44.35
CA LYS L 11 -20.00 -10.31 -45.63
C LYS L 11 -21.14 -10.66 -46.58
N GLU L 12 -22.24 -9.89 -46.51
CA GLU L 12 -23.39 -10.21 -47.35
C GLU L 12 -23.24 -9.64 -48.76
N LEU L 13 -23.33 -8.31 -48.88
CA LEU L 13 -23.34 -7.61 -50.16
C LEU L 13 -22.96 -6.15 -49.89
N ASP L 14 -22.74 -5.41 -50.97
CA ASP L 14 -22.21 -4.05 -50.89
C ASP L 14 -23.25 -3.03 -51.35
N ASP L 15 -23.26 -1.87 -50.69
CA ASP L 15 -24.09 -0.74 -51.09
C ASP L 15 -23.32 0.55 -50.83
N ASP L 16 -23.78 1.64 -51.44
CA ASP L 16 -23.06 2.91 -51.44
C ASP L 16 -23.89 4.01 -50.77
N GLN L 17 -23.42 5.26 -50.93
CA GLN L 17 -24.12 6.41 -50.40
C GLN L 17 -25.45 6.64 -51.11
N LEU L 18 -25.56 6.25 -52.37
CA LEU L 18 -26.68 6.68 -53.20
C LEU L 18 -28.00 6.06 -52.75
N LYS L 19 -27.98 5.00 -51.96
CA LYS L 19 -29.20 4.37 -51.49
C LYS L 19 -29.81 5.24 -50.41
N THR L 20 -30.70 6.16 -50.81
CA THR L 20 -31.36 7.07 -49.89
C THR L 20 -32.67 6.45 -49.42
N LEU L 21 -32.74 6.13 -48.15
CA LEU L 21 -33.89 5.49 -47.52
C LEU L 21 -34.27 6.26 -46.26
N PRO L 22 -35.51 6.11 -45.80
CA PRO L 22 -35.91 6.84 -44.57
C PRO L 22 -35.07 6.50 -43.36
N GLY L 23 -34.45 5.31 -43.31
CA GLY L 23 -33.61 4.92 -42.20
C GLY L 23 -32.41 4.11 -42.68
N VAL L 24 -31.52 3.85 -41.74
CA VAL L 24 -30.32 3.04 -42.00
C VAL L 24 -30.78 1.59 -42.16
N ARG L 25 -30.83 1.11 -43.39
CA ARG L 25 -31.35 -0.21 -43.68
C ARG L 25 -30.73 -0.76 -44.95
N CYS L 26 -30.46 -2.05 -44.97
CA CYS L 26 -29.97 -2.69 -46.18
C CYS L 26 -31.11 -2.78 -47.19
N PRO L 27 -30.96 -2.23 -48.39
CA PRO L 27 -32.07 -2.25 -49.35
C PRO L 27 -32.45 -3.65 -49.81
N TYR L 28 -31.57 -4.63 -49.63
CA TYR L 28 -31.78 -5.96 -50.17
C TYR L 28 -32.39 -6.92 -49.17
N CYS L 29 -31.89 -6.95 -47.94
CA CYS L 29 -32.38 -7.85 -46.91
C CYS L 29 -33.07 -7.14 -45.75
N GLY L 30 -33.12 -5.81 -45.77
CA GLY L 30 -33.79 -5.06 -44.71
C GLY L 30 -33.14 -5.18 -43.34
N TYR L 31 -31.82 -5.27 -43.29
CA TYR L 31 -31.09 -5.37 -42.04
C TYR L 31 -30.68 -3.97 -41.56
N ARG L 32 -30.71 -3.78 -40.24
CA ARG L 32 -30.52 -2.46 -39.66
C ARG L 32 -29.07 -2.15 -39.28
N ILE L 33 -28.13 -3.05 -39.56
CA ILE L 33 -26.74 -2.86 -39.21
C ILE L 33 -25.89 -2.99 -40.49
N ILE L 34 -25.08 -1.96 -40.77
CA ILE L 34 -24.17 -1.97 -41.90
C ILE L 34 -22.80 -1.51 -41.42
N TYR L 35 -21.78 -1.92 -42.15
CA TYR L 35 -20.39 -1.64 -41.83
C TYR L 35 -19.73 -0.89 -42.98
N MET L 36 -18.43 -0.64 -42.85
CA MET L 36 -17.67 0.13 -43.81
C MET L 36 -16.60 -0.73 -44.48
N VAL L 37 -16.30 -0.42 -45.74
CA VAL L 37 -15.34 -1.18 -46.52
C VAL L 37 -13.92 -0.73 -46.20
N ARG L 38 -12.93 -1.46 -46.69
CA ARG L 38 -11.53 -1.29 -46.37
C ARG L 38 -10.84 -0.19 -47.19
N LYS L 39 -11.59 0.65 -47.92
CA LYS L 39 -11.06 1.73 -48.75
C LYS L 39 -9.87 1.26 -49.59
N PRO L 40 -10.12 0.53 -50.68
CA PRO L 40 -9.01 -0.11 -51.42
C PRO L 40 -7.88 0.85 -51.78
N THR L 41 -6.73 0.62 -51.16
CA THR L 41 -5.55 1.47 -51.25
C THR L 41 -4.38 0.71 -50.66
N VAL L 42 -3.22 0.80 -51.30
CA VAL L 42 -2.06 0.05 -50.85
C VAL L 42 -1.65 0.54 -49.48
N LYS L 43 -1.55 -0.37 -48.52
CA LYS L 43 -1.15 -0.07 -47.16
C LYS L 43 0.16 -0.78 -46.87
N ILE L 44 1.14 -0.04 -46.35
CA ILE L 44 2.47 -0.56 -46.08
C ILE L 44 2.61 -0.83 -44.60
N VAL L 45 2.89 -2.08 -44.24
CA VAL L 45 3.11 -2.47 -42.86
C VAL L 45 4.47 -3.16 -42.77
N LYS L 46 5.23 -2.81 -41.75
CA LYS L 46 6.57 -3.38 -41.55
C LYS L 46 6.46 -4.69 -40.79
N ALA L 47 7.09 -5.73 -41.31
CA ALA L 47 7.05 -7.06 -40.70
C ALA L 47 8.09 -7.16 -39.58
N ILE L 48 7.92 -6.31 -38.57
CA ILE L 48 8.82 -6.27 -37.44
C ILE L 48 8.16 -6.93 -36.23
N VAL M 38 -10.23 32.21 45.05
CA VAL M 38 -9.12 31.30 44.91
C VAL M 38 -8.41 31.51 43.58
N THR M 39 -9.17 31.38 42.49
CA THR M 39 -8.59 31.56 41.15
C THR M 39 -8.12 32.98 40.94
N ILE M 40 -8.90 33.97 41.39
CA ILE M 40 -8.54 35.37 41.19
C ILE M 40 -7.29 35.71 42.00
N SER M 41 -7.18 35.16 43.21
CA SER M 41 -5.98 35.39 44.00
C SER M 41 -4.75 34.81 43.32
N ASP M 42 -4.88 33.64 42.69
CA ASP M 42 -3.77 33.06 41.95
C ASP M 42 -3.37 33.94 40.76
N ILE M 43 -4.36 34.48 40.06
CA ILE M 43 -4.07 35.35 38.92
C ILE M 43 -3.37 36.61 39.38
N GLU M 44 -3.81 37.19 40.50
CA GLU M 44 -3.13 38.37 41.04
C GLU M 44 -1.70 38.03 41.46
N MET M 45 -1.50 36.86 42.05
CA MET M 45 -0.16 36.41 42.40
C MET M 45 0.73 36.33 41.17
N LEU M 46 0.21 35.72 40.10
CA LEU M 46 0.99 35.60 38.86
C LEU M 46 1.33 36.96 38.28
N LEU M 47 0.34 37.87 38.26
CA LEU M 47 0.57 39.19 37.72
C LEU M 47 1.62 39.96 38.52
N LYS M 48 1.54 39.91 39.85
CA LYS M 48 2.51 40.61 40.67
C LYS M 48 3.90 40.01 40.55
N ASP M 49 3.99 38.67 40.45
CA ASP M 49 5.29 38.05 40.24
C ASP M 49 5.90 38.46 38.91
N THR M 50 5.08 38.52 37.86
CA THR M 50 5.58 38.98 36.56
C THR M 50 6.06 40.43 36.65
N GLU M 51 5.31 41.29 37.34
CA GLU M 51 5.73 42.68 37.48
C GLU M 51 7.04 42.80 38.24
N ILE M 52 7.19 42.03 39.32
CA ILE M 52 8.42 42.08 40.10
C ILE M 52 9.60 41.60 39.26
N TRP M 53 9.42 40.51 38.52
CA TRP M 53 10.51 40.02 37.66
C TRP M 53 10.87 41.04 36.59
N ASP M 54 9.87 41.68 35.99
CA ASP M 54 10.14 42.69 34.97
C ASP M 54 10.90 43.87 35.56
N LYS M 55 10.49 44.32 36.75
CA LYS M 55 11.20 45.42 37.39
C LYS M 55 12.63 45.04 37.74
N LEU M 56 12.85 43.82 38.22
CA LEU M 56 14.20 43.38 38.56
C LEU M 56 15.08 43.27 37.32
N LEU M 57 14.52 42.80 36.20
CA LEU M 57 15.30 42.65 34.98
C LEU M 57 15.72 43.98 34.38
N ARG M 58 15.00 45.07 34.67
CA ARG M 58 15.38 46.39 34.20
C ARG M 58 16.32 47.11 35.16
N ASN M 59 16.79 46.43 36.20
CA ASN M 59 17.69 46.99 37.21
C ASN M 59 17.05 48.13 37.99
N GLU M 60 15.71 48.18 38.01
CA GLU M 60 15.03 49.22 38.78
C GLU M 60 15.24 49.02 40.27
N LEU M 61 15.24 47.78 40.74
CA LEU M 61 15.47 47.47 42.14
C LEU M 61 16.48 46.33 42.24
N SER M 62 17.21 46.31 43.34
CA SER M 62 18.29 45.34 43.52
C SER M 62 17.71 43.99 43.96
N ILE M 63 18.59 43.08 44.38
CA ILE M 63 18.18 41.69 44.59
C ILE M 63 17.44 41.53 45.92
N GLU M 64 17.95 42.15 46.99
CA GLU M 64 17.40 41.89 48.31
C GLU M 64 15.97 42.42 48.44
N GLU M 65 15.69 43.63 47.92
CA GLU M 65 14.32 44.11 47.98
C GLU M 65 13.41 43.34 47.04
N ALA M 66 13.97 42.81 45.94
CA ALA M 66 13.18 41.92 45.09
C ALA M 66 12.78 40.66 45.84
N LYS M 67 13.70 40.08 46.61
CA LYS M 67 13.39 38.90 47.41
C LYS M 67 12.37 39.23 48.50
N LYS M 68 12.50 40.39 49.13
CA LYS M 68 11.52 40.79 50.14
C LYS M 68 10.14 40.95 49.51
N MET M 69 10.05 41.56 48.32
CA MET M 69 8.76 41.65 47.66
C MET M 69 8.22 40.27 47.31
N PHE M 70 9.10 39.38 46.82
CA PHE M 70 8.66 38.05 46.43
C PHE M 70 8.02 37.31 47.61
N ASP M 71 8.74 37.22 48.73
CA ASP M 71 8.20 36.45 49.84
C ASP M 71 7.11 37.21 50.59
N ASP M 72 7.08 38.54 50.52
CA ASP M 72 5.94 39.27 51.06
C ASP M 72 4.66 38.94 50.29
N VAL M 73 4.74 38.92 48.96
CA VAL M 73 3.57 38.54 48.16
C VAL M 73 3.19 37.10 48.44
N ALA M 74 4.19 36.22 48.57
CA ALA M 74 3.91 34.82 48.86
C ALA M 74 3.14 34.67 50.16
N ARG M 75 3.62 35.31 51.23
CA ARG M 75 2.93 35.22 52.51
C ARG M 75 1.56 35.87 52.46
N SER M 76 1.45 37.01 51.77
CA SER M 76 0.18 37.72 51.71
C SER M 76 -0.90 36.91 51.01
N TYR M 77 -0.56 36.24 49.91
CA TYR M 77 -1.54 35.46 49.17
C TYR M 77 -1.58 33.99 49.58
N SER M 78 -0.75 33.56 50.53
CA SER M 78 -0.89 32.21 51.06
C SER M 78 -2.00 32.09 52.09
N LYS M 79 -2.52 33.22 52.60
CA LYS M 79 -3.62 33.14 53.56
C LYS M 79 -4.88 32.55 52.94
N ALA M 80 -5.21 32.96 51.71
CA ALA M 80 -6.40 32.45 51.05
C ALA M 80 -6.28 30.97 50.75
N ASP M 81 -5.10 30.52 50.33
CA ASP M 81 -4.88 29.12 50.00
C ASP M 81 -4.87 28.25 51.24
MG MG N . 6.67 -2.88 -5.11
ZN ZN O . -12.55 44.60 -12.76
ZN ZN P . -29.39 47.00 33.98
ZN ZN Q . 34.01 -20.95 13.77
ZN ZN R . -7.78 51.25 1.40
FE1 F3S S . 29.31 -38.86 -15.09
FE3 F3S S . 28.52 -37.14 -17.49
FE4 F3S S . 27.04 -39.75 -16.96
S1 F3S S . 29.87 -36.83 -15.78
S2 F3S S . 27.74 -40.40 -14.99
S3 F3S S . 29.15 -39.23 -17.25
S4 F3S S . 26.73 -38.08 -18.37
ZN ZN T . 12.69 -25.36 -29.56
ZN ZN U . -28.24 -7.25 -47.13
#